data_1I41
#
_entry.id   1I41
#
_cell.length_a   312.200
_cell.length_b   166.000
_cell.length_c   161.800
_cell.angle_alpha   90.00
_cell.angle_beta   90.20
_cell.angle_gamma   90.00
#
_symmetry.space_group_name_H-M   'C 1 2 1'
#
loop_
_entity.id
_entity.type
_entity.pdbx_description
1 polymer 'CYSTATHIONINE GAMMA-SYNTHASE'
2 non-polymer '2-[(3-HYDROXY-2-METHYL-5-PHOSPHONOOXYMETHYL-PYRIDIN-4-YLMETHYL)-IMINO]-5-PHOSPHONO-PENT-3-ENOIC ACID'
#
_entity_poly.entity_id   1
_entity_poly.type   'polypeptide(L)'
_entity_poly.pdbx_seq_one_letter_code
;MAKAVDAAAAAAAAIAPVDTTVVNEDVALVENETCNDQNVQFDSLPSMKYASFLNSDGSVAIHAGERLGRGIVTDAITTP
VVNTSAYFFNKTSELIDFKEKRRASFEYGRYGNPTTVVLEEKISALEGAESTLLMASGMCASTVMLLALVPAGGHIVTTT
DCYRKTRIFIETILPKMGITATVIDPADVGALELALNQKKVNLFFTESPTNPFLRCVDIELVSKLCHEKGALVCIDGTFA
TPLNQKALALGADLVLHSATKFLGGHNDVLAGCISGPLKLVSEIRNLHHILGGALNPNAAYLIIRGMKTLHLRVQQQNST
ALRMAEILEAHPKVRHVYYPGLQSHPEHHIAKKQMTGFGGAVSFEVDGDLLTTAKFVDALKIPYIAPSFGGCESIVDQPA
IMSYWDLSQSDRAKYGIMDNLVRFSFGVEDFDDLKADILQALDSI
;
_entity_poly.pdbx_strand_id   A,B,C,D,E,F,G,H,I,J,K,L
#
# COMPACT_ATOMS: atom_id res chain seq x y z
N TYR A 50 -106.16 -61.95 35.06
CA TYR A 50 -105.62 -61.49 33.74
C TYR A 50 -104.10 -61.54 33.79
N ALA A 51 -103.52 -60.65 34.57
CA ALA A 51 -102.07 -60.59 34.68
C ALA A 51 -101.60 -60.76 36.10
N SER A 52 -100.34 -61.17 36.22
CA SER A 52 -99.71 -61.38 37.50
C SER A 52 -99.41 -60.01 38.10
N PHE A 53 -98.75 -59.16 37.32
CA PHE A 53 -98.37 -57.83 37.76
C PHE A 53 -99.52 -56.87 37.99
N LEU A 54 -100.75 -57.34 37.86
CA LEU A 54 -101.91 -56.49 38.09
C LEU A 54 -102.74 -57.12 39.20
N ASN A 55 -102.73 -56.49 40.37
CA ASN A 55 -103.44 -57.02 41.55
C ASN A 55 -104.60 -56.21 42.09
N SER A 56 -104.57 -54.90 41.91
CA SER A 56 -105.65 -54.07 42.42
C SER A 56 -106.78 -54.07 41.40
N ASP A 57 -108.03 -54.12 41.89
CA ASP A 57 -109.21 -54.12 41.03
C ASP A 57 -109.17 -53.00 39.99
N GLY A 58 -108.96 -51.78 40.47
CA GLY A 58 -108.92 -50.62 39.59
C GLY A 58 -108.01 -50.83 38.39
N SER A 59 -106.77 -51.23 38.65
CA SER A 59 -105.80 -51.46 37.59
C SER A 59 -106.36 -52.44 36.57
N VAL A 60 -107.06 -53.45 37.06
CA VAL A 60 -107.66 -54.43 36.17
C VAL A 60 -108.72 -53.75 35.30
N ALA A 61 -109.77 -53.24 35.94
CA ALA A 61 -110.85 -52.56 35.24
C ALA A 61 -110.32 -51.77 34.05
N ILE A 62 -109.16 -51.14 34.23
CA ILE A 62 -108.58 -50.36 33.15
C ILE A 62 -108.03 -51.24 32.07
N HIS A 63 -106.95 -51.95 32.37
CA HIS A 63 -106.28 -52.80 31.39
C HIS A 63 -106.83 -54.22 31.20
N ALA A 64 -107.89 -54.57 31.92
CA ALA A 64 -108.46 -55.91 31.81
C ALA A 64 -108.87 -56.26 30.39
N GLY A 65 -108.30 -57.33 29.86
CA GLY A 65 -108.62 -57.77 28.51
C GLY A 65 -108.25 -56.74 27.46
N GLU A 66 -107.13 -56.06 27.65
CA GLU A 66 -106.70 -55.05 26.69
C GLU A 66 -105.19 -54.94 26.61
N ARG A 67 -104.57 -54.55 27.71
CA ARG A 67 -103.13 -54.37 27.77
C ARG A 67 -102.32 -55.52 27.16
N LEU A 68 -102.76 -56.76 27.38
CA LEU A 68 -102.02 -57.90 26.86
C LEU A 68 -102.35 -58.30 25.42
N GLY A 69 -103.54 -57.97 24.97
CA GLY A 69 -103.94 -58.31 23.61
C GLY A 69 -105.43 -58.13 23.43
N ARG A 70 -105.89 -58.08 22.18
CA ARG A 70 -107.32 -57.88 21.94
C ARG A 70 -107.98 -58.87 20.97
N GLY A 71 -107.18 -59.48 20.10
CA GLY A 71 -107.76 -60.39 19.14
C GLY A 71 -107.99 -59.66 17.84
N ILE A 72 -107.89 -58.33 17.93
CA ILE A 72 -108.04 -57.44 16.78
C ILE A 72 -106.81 -56.51 16.81
N VAL A 73 -105.67 -57.08 16.44
CA VAL A 73 -104.39 -56.39 16.42
C VAL A 73 -104.39 -54.92 16.00
N THR A 74 -103.84 -54.07 16.88
CA THR A 74 -103.75 -52.64 16.64
C THR A 74 -102.69 -52.03 17.52
N ASP A 75 -101.99 -51.02 17.01
CA ASP A 75 -100.99 -50.33 17.78
C ASP A 75 -101.68 -49.12 18.36
N ALA A 76 -102.97 -49.25 18.61
CA ALA A 76 -103.79 -48.19 19.19
C ALA A 76 -103.98 -48.49 20.66
N ILE A 77 -104.11 -47.44 21.46
CA ILE A 77 -104.29 -47.62 22.90
C ILE A 77 -105.68 -48.17 23.21
N THR A 78 -106.70 -47.46 22.75
CA THR A 78 -108.07 -47.86 22.98
C THR A 78 -108.58 -49.00 22.11
N THR A 79 -109.73 -49.54 22.47
CA THR A 79 -110.36 -50.62 21.73
C THR A 79 -111.10 -50.05 20.53
N PRO A 80 -110.88 -50.64 19.35
CA PRO A 80 -111.54 -50.14 18.14
C PRO A 80 -112.99 -50.58 18.03
N VAL A 81 -113.87 -49.63 17.75
CA VAL A 81 -115.29 -49.90 17.58
C VAL A 81 -115.58 -50.50 16.21
N VAL A 82 -115.91 -51.78 16.19
CA VAL A 82 -116.21 -52.51 14.95
C VAL A 82 -117.72 -52.48 14.65
N ASN A 83 -118.08 -51.73 13.61
CA ASN A 83 -119.48 -51.59 13.21
C ASN A 83 -119.82 -52.51 12.05
N THR A 84 -119.89 -53.81 12.30
CA THR A 84 -120.21 -54.75 11.25
C THR A 84 -121.40 -55.61 11.64
N SER A 85 -122.17 -56.02 10.65
CA SER A 85 -123.35 -56.84 10.89
C SER A 85 -123.07 -58.29 10.54
N ALA A 86 -121.88 -58.52 9.99
CA ALA A 86 -121.48 -59.87 9.62
C ALA A 86 -119.98 -59.98 9.41
N TYR A 87 -119.49 -61.21 9.41
CA TYR A 87 -118.07 -61.46 9.23
C TYR A 87 -117.88 -62.40 8.05
N PHE A 88 -116.86 -62.11 7.24
CA PHE A 88 -116.59 -62.90 6.04
C PHE A 88 -115.48 -63.93 6.18
N PHE A 89 -115.31 -64.71 5.12
CA PHE A 89 -114.28 -65.75 5.06
C PHE A 89 -113.55 -65.63 3.74
N ASN A 90 -112.27 -66.01 3.72
CA ASN A 90 -111.47 -65.92 2.51
C ASN A 90 -111.81 -66.99 1.47
N LYS A 91 -112.27 -68.14 1.94
CA LYS A 91 -112.60 -69.24 1.04
C LYS A 91 -113.45 -70.28 1.76
N THR A 92 -114.30 -70.97 0.99
CA THR A 92 -115.16 -72.00 1.55
C THR A 92 -114.40 -72.89 2.51
N SER A 93 -113.19 -73.28 2.11
CA SER A 93 -112.36 -74.15 2.92
C SER A 93 -112.37 -73.71 4.39
N GLU A 94 -111.98 -72.46 4.63
CA GLU A 94 -111.94 -71.89 5.97
C GLU A 94 -113.32 -71.93 6.64
N LEU A 95 -114.33 -71.44 5.94
CA LEU A 95 -115.68 -71.43 6.49
C LEU A 95 -115.99 -72.79 7.10
N ILE A 96 -115.67 -73.83 6.35
CA ILE A 96 -115.89 -75.20 6.82
C ILE A 96 -115.14 -75.36 8.13
N ASP A 97 -113.82 -75.11 8.10
CA ASP A 97 -112.99 -75.22 9.30
C ASP A 97 -113.74 -74.64 10.49
N PHE A 98 -114.12 -73.37 10.37
CA PHE A 98 -114.86 -72.70 11.44
C PHE A 98 -116.05 -73.54 11.87
N LYS A 99 -116.92 -73.86 10.91
CA LYS A 99 -118.12 -74.65 11.19
C LYS A 99 -117.77 -75.94 11.90
N GLU A 100 -116.60 -76.49 11.59
CA GLU A 100 -116.15 -77.74 12.20
C GLU A 100 -115.31 -77.51 13.47
N LYS A 101 -115.37 -76.30 13.99
CA LYS A 101 -114.64 -75.92 15.22
C LYS A 101 -113.13 -76.05 15.15
N ARG A 102 -112.54 -75.62 14.04
CA ARG A 102 -111.10 -75.68 13.86
C ARG A 102 -110.55 -74.27 13.70
N ARG A 103 -111.47 -73.32 13.55
CA ARG A 103 -111.14 -71.90 13.37
C ARG A 103 -112.08 -71.07 14.23
N ALA A 104 -111.72 -69.81 14.48
CA ALA A 104 -112.56 -68.94 15.30
C ALA A 104 -113.18 -67.79 14.52
N SER A 105 -114.49 -67.61 14.66
CA SER A 105 -115.19 -66.52 13.97
C SER A 105 -116.57 -66.27 14.57
N PHE A 106 -116.97 -65.00 14.59
CA PHE A 106 -118.27 -64.62 15.14
C PHE A 106 -119.35 -64.96 14.13
N GLU A 107 -118.96 -65.02 12.85
CA GLU A 107 -119.89 -65.32 11.76
C GLU A 107 -120.90 -64.19 11.59
N TYR A 108 -121.84 -64.10 12.51
CA TYR A 108 -122.88 -63.08 12.48
C TYR A 108 -122.75 -62.15 13.67
N GLY A 109 -123.21 -60.91 13.52
CA GLY A 109 -123.10 -59.93 14.60
C GLY A 109 -123.90 -60.24 15.86
N ARG A 110 -124.98 -60.99 15.69
CA ARG A 110 -125.82 -61.37 16.82
C ARG A 110 -125.15 -62.42 17.71
N TYR A 111 -124.06 -62.98 17.21
CA TYR A 111 -123.36 -64.02 17.95
C TYR A 111 -122.10 -63.50 18.64
N GLY A 112 -121.63 -62.33 18.24
CA GLY A 112 -120.44 -61.79 18.85
C GLY A 112 -119.84 -60.60 18.12
N ASN A 113 -118.92 -59.91 18.78
CA ASN A 113 -118.26 -58.75 18.19
C ASN A 113 -116.93 -58.49 18.86
N PRO A 114 -115.90 -58.18 18.06
CA PRO A 114 -114.55 -57.91 18.57
C PRO A 114 -114.48 -56.78 19.59
N THR A 115 -115.30 -55.76 19.38
CA THR A 115 -115.34 -54.60 20.28
C THR A 115 -116.13 -54.87 21.53
N THR A 116 -116.84 -55.99 21.56
CA THR A 116 -117.64 -56.36 22.72
C THR A 116 -116.90 -57.35 23.60
N VAL A 117 -116.38 -58.41 23.00
CA VAL A 117 -115.66 -59.43 23.73
C VAL A 117 -114.69 -58.81 24.72
N VAL A 118 -114.06 -57.71 24.33
CA VAL A 118 -113.13 -57.02 25.21
C VAL A 118 -113.86 -56.80 26.51
N LEU A 119 -114.90 -55.98 26.46
CA LEU A 119 -115.70 -55.68 27.64
C LEU A 119 -116.09 -56.98 28.35
N GLU A 120 -116.37 -58.02 27.57
CA GLU A 120 -116.75 -59.30 28.16
C GLU A 120 -115.64 -59.79 29.07
N GLU A 121 -114.46 -60.01 28.49
CA GLU A 121 -113.31 -60.48 29.24
C GLU A 121 -113.01 -59.56 30.41
N LYS A 122 -113.09 -58.26 30.16
CA LYS A 122 -112.82 -57.28 31.20
C LYS A 122 -113.63 -57.64 32.43
N ILE A 123 -114.95 -57.57 32.32
CA ILE A 123 -115.82 -57.88 33.45
C ILE A 123 -115.52 -59.27 34.00
N SER A 124 -115.18 -60.20 33.13
CA SER A 124 -114.86 -61.55 33.57
C SER A 124 -113.74 -61.42 34.58
N ALA A 125 -112.70 -60.72 34.17
CA ALA A 125 -111.52 -60.50 35.02
C ALA A 125 -111.90 -59.95 36.38
N LEU A 126 -112.70 -58.88 36.39
CA LEU A 126 -113.14 -58.24 37.62
C LEU A 126 -113.82 -59.22 38.56
N GLU A 127 -114.97 -59.74 38.13
CA GLU A 127 -115.72 -60.69 38.94
C GLU A 127 -114.93 -61.96 39.14
N GLY A 128 -113.79 -62.07 38.46
CA GLY A 128 -112.97 -63.26 38.56
C GLY A 128 -113.74 -64.46 38.07
N ALA A 129 -114.49 -64.26 36.99
CA ALA A 129 -115.30 -65.31 36.41
C ALA A 129 -114.61 -66.05 35.27
N GLU A 130 -115.27 -67.09 34.79
CA GLU A 130 -114.76 -67.92 33.71
C GLU A 130 -115.17 -67.32 32.38
N SER A 131 -116.36 -66.75 32.33
CA SER A 131 -116.87 -66.13 31.11
C SER A 131 -118.08 -65.22 31.41
N THR A 132 -118.20 -64.14 30.66
CA THR A 132 -119.31 -63.20 30.86
C THR A 132 -120.09 -62.98 29.58
N LEU A 133 -121.37 -62.60 29.72
CA LEU A 133 -122.23 -62.33 28.58
C LEU A 133 -122.77 -60.91 28.68
N LEU A 134 -123.02 -60.29 27.52
CA LEU A 134 -123.53 -58.93 27.53
C LEU A 134 -124.80 -58.76 26.72
N MET A 135 -125.87 -58.34 27.39
CA MET A 135 -127.15 -58.13 26.73
C MET A 135 -127.36 -56.67 26.38
N ALA A 136 -128.55 -56.36 25.86
CA ALA A 136 -128.88 -55.01 25.47
C ALA A 136 -129.33 -54.20 26.66
N SER A 137 -129.70 -54.89 27.73
CA SER A 137 -130.14 -54.22 28.94
C SER A 137 -130.25 -55.21 30.10
N GLY A 138 -130.14 -54.70 31.32
CA GLY A 138 -130.25 -55.57 32.48
C GLY A 138 -131.41 -56.53 32.31
N MET A 139 -132.61 -55.98 32.24
CA MET A 139 -133.83 -56.76 32.08
C MET A 139 -133.65 -57.88 31.08
N CYS A 140 -132.94 -57.61 30.00
CA CYS A 140 -132.70 -58.62 28.99
C CYS A 140 -132.02 -59.81 29.67
N ALA A 141 -130.91 -59.52 30.35
CA ALA A 141 -130.12 -60.53 31.05
C ALA A 141 -130.99 -61.41 31.93
N SER A 142 -131.52 -60.85 33.01
CA SER A 142 -132.37 -61.61 33.91
C SER A 142 -133.35 -62.48 33.11
N THR A 143 -134.11 -61.82 32.24
CA THR A 143 -135.09 -62.47 31.40
C THR A 143 -134.52 -63.72 30.77
N VAL A 144 -133.54 -63.54 29.89
CA VAL A 144 -132.91 -64.66 29.22
C VAL A 144 -132.48 -65.74 30.20
N MET A 145 -131.58 -65.35 31.10
CA MET A 145 -131.05 -66.25 32.11
C MET A 145 -132.10 -67.15 32.73
N LEU A 146 -133.23 -66.58 33.10
CA LEU A 146 -134.32 -67.35 33.68
C LEU A 146 -134.83 -68.31 32.63
N LEU A 147 -135.34 -67.76 31.54
CA LEU A 147 -135.87 -68.56 30.45
C LEU A 147 -134.91 -69.62 29.97
N ALA A 148 -133.62 -69.40 30.23
CA ALA A 148 -132.58 -70.34 29.79
C ALA A 148 -132.28 -71.45 30.79
N LEU A 149 -132.21 -71.12 32.07
CA LEU A 149 -131.88 -72.11 33.09
C LEU A 149 -133.05 -72.87 33.72
N VAL A 150 -134.11 -72.15 34.06
CA VAL A 150 -135.28 -72.78 34.68
C VAL A 150 -136.09 -73.60 33.69
N PRO A 151 -136.12 -74.93 33.88
CA PRO A 151 -136.88 -75.80 32.99
C PRO A 151 -138.37 -75.56 33.10
N ALA A 152 -139.14 -76.12 32.17
CA ALA A 152 -140.58 -75.94 32.19
C ALA A 152 -141.16 -76.61 33.43
N GLY A 153 -142.08 -75.94 34.09
CA GLY A 153 -142.69 -76.50 35.29
C GLY A 153 -141.77 -76.53 36.49
N GLY A 154 -140.55 -76.00 36.32
CA GLY A 154 -139.60 -75.97 37.43
C GLY A 154 -139.97 -74.93 38.47
N HIS A 155 -139.28 -74.97 39.62
CA HIS A 155 -139.55 -74.02 40.69
C HIS A 155 -138.35 -73.11 40.93
N ILE A 156 -138.61 -71.90 41.39
CA ILE A 156 -137.56 -70.92 41.64
C ILE A 156 -137.83 -70.20 42.95
N VAL A 157 -136.78 -69.67 43.56
CA VAL A 157 -136.92 -68.94 44.80
C VAL A 157 -136.26 -67.58 44.74
N THR A 158 -137.04 -66.55 45.03
CA THR A 158 -136.55 -65.18 45.02
C THR A 158 -137.01 -64.48 46.27
N THR A 159 -136.47 -63.28 46.47
CA THR A 159 -136.78 -62.47 47.64
C THR A 159 -137.97 -61.55 47.39
N THR A 160 -138.41 -60.87 48.45
CA THR A 160 -139.54 -59.97 48.37
C THR A 160 -139.15 -58.59 47.86
N ASP A 161 -137.91 -58.20 48.11
CA ASP A 161 -137.44 -56.90 47.67
C ASP A 161 -136.86 -56.95 46.27
N CYS A 162 -137.62 -57.53 45.35
CA CYS A 162 -137.19 -57.62 43.96
C CYS A 162 -137.46 -56.27 43.28
N TYR A 163 -136.82 -56.03 42.15
CA TYR A 163 -137.05 -54.78 41.43
C TYR A 163 -138.35 -54.95 40.63
N ARG A 164 -139.26 -53.99 40.80
CA ARG A 164 -140.56 -54.00 40.13
C ARG A 164 -140.70 -54.92 38.92
N LYS A 165 -140.18 -54.48 37.78
CA LYS A 165 -140.27 -55.24 36.55
C LYS A 165 -139.78 -56.67 36.69
N THR A 166 -138.61 -56.86 37.30
CA THR A 166 -138.06 -58.19 37.47
C THR A 166 -139.13 -59.08 38.07
N ARG A 167 -139.91 -58.50 38.98
CA ARG A 167 -140.98 -59.21 39.64
C ARG A 167 -142.02 -59.66 38.62
N ILE A 168 -142.67 -58.68 37.99
CA ILE A 168 -143.70 -58.93 36.99
C ILE A 168 -143.39 -60.12 36.08
N PHE A 169 -142.21 -60.10 35.46
CA PHE A 169 -141.80 -61.18 34.56
C PHE A 169 -142.03 -62.52 35.22
N ILE A 170 -141.42 -62.68 36.39
CA ILE A 170 -141.52 -63.93 37.15
C ILE A 170 -142.96 -64.27 37.54
N GLU A 171 -143.78 -63.26 37.79
CA GLU A 171 -145.15 -63.46 38.20
C GLU A 171 -146.18 -63.57 37.07
N THR A 172 -145.80 -63.19 35.86
CA THR A 172 -146.75 -63.24 34.75
C THR A 172 -146.28 -64.07 33.57
N ILE A 173 -145.01 -63.94 33.19
CA ILE A 173 -144.50 -64.70 32.06
C ILE A 173 -144.15 -66.13 32.46
N LEU A 174 -143.13 -66.28 33.31
CA LEU A 174 -142.71 -67.59 33.75
C LEU A 174 -143.85 -68.58 34.03
N PRO A 175 -144.91 -68.14 34.72
CA PRO A 175 -146.02 -69.07 34.98
C PRO A 175 -146.55 -69.74 33.71
N LYS A 176 -146.44 -69.04 32.58
CA LYS A 176 -146.91 -69.56 31.31
C LYS A 176 -146.17 -70.85 30.99
N MET A 177 -144.94 -70.97 31.49
CA MET A 177 -144.14 -72.17 31.27
C MET A 177 -144.30 -73.11 32.46
N GLY A 178 -145.33 -72.83 33.27
CA GLY A 178 -145.59 -73.65 34.44
C GLY A 178 -144.51 -73.55 35.51
N ILE A 179 -143.70 -72.50 35.42
CA ILE A 179 -142.63 -72.28 36.39
C ILE A 179 -143.17 -71.53 37.59
N THR A 180 -143.20 -72.21 38.74
CA THR A 180 -143.70 -71.63 39.98
C THR A 180 -142.55 -71.05 40.79
N ALA A 181 -142.87 -70.08 41.65
CA ALA A 181 -141.85 -69.44 42.48
C ALA A 181 -142.27 -69.27 43.93
N THR A 182 -141.27 -69.16 44.79
CA THR A 182 -141.49 -68.95 46.21
C THR A 182 -140.81 -67.67 46.64
N VAL A 183 -141.59 -66.72 47.14
CA VAL A 183 -141.04 -65.45 47.55
C VAL A 183 -140.82 -65.37 49.07
N ILE A 184 -139.55 -65.34 49.47
CA ILE A 184 -139.18 -65.26 50.88
C ILE A 184 -138.50 -63.92 51.17
N ASP A 185 -138.38 -63.58 52.45
CA ASP A 185 -137.74 -62.34 52.85
C ASP A 185 -136.22 -62.53 52.77
N PRO A 186 -135.49 -61.49 52.36
CA PRO A 186 -134.02 -61.58 52.24
C PRO A 186 -133.34 -62.23 53.43
N ALA A 187 -133.73 -61.81 54.62
CA ALA A 187 -133.14 -62.33 55.84
C ALA A 187 -133.62 -63.74 56.15
N ASP A 188 -134.93 -63.94 56.09
CA ASP A 188 -135.55 -65.24 56.40
C ASP A 188 -134.86 -66.43 55.76
N VAL A 189 -133.75 -66.86 56.33
CA VAL A 189 -133.01 -67.99 55.82
C VAL A 189 -133.81 -69.28 56.04
N GLY A 190 -134.60 -69.29 57.12
CA GLY A 190 -135.41 -70.46 57.42
C GLY A 190 -136.32 -70.81 56.25
N ALA A 191 -137.14 -69.84 55.85
CA ALA A 191 -138.08 -70.02 54.74
C ALA A 191 -137.34 -70.67 53.57
N LEU A 192 -136.14 -70.16 53.26
CA LEU A 192 -135.35 -70.71 52.17
C LEU A 192 -135.06 -72.18 52.44
N GLU A 193 -134.40 -72.46 53.56
CA GLU A 193 -134.05 -73.83 53.92
C GLU A 193 -135.28 -74.74 53.86
N LEU A 194 -136.43 -74.20 54.24
CA LEU A 194 -137.66 -74.97 54.21
C LEU A 194 -138.02 -75.26 52.74
N ALA A 195 -138.27 -74.20 51.99
CA ALA A 195 -138.62 -74.31 50.58
C ALA A 195 -137.64 -75.25 49.89
N LEU A 196 -136.38 -75.14 50.27
CA LEU A 196 -135.36 -75.99 49.69
C LEU A 196 -135.75 -77.45 49.81
N ASN A 197 -136.41 -77.80 50.91
CA ASN A 197 -136.81 -79.18 51.14
C ASN A 197 -138.23 -79.49 50.67
N GLN A 198 -139.14 -78.53 50.86
CA GLN A 198 -140.52 -78.74 50.43
C GLN A 198 -140.55 -79.07 48.94
N LYS A 199 -140.32 -78.07 48.11
CA LYS A 199 -140.34 -78.26 46.65
C LYS A 199 -138.94 -78.55 46.11
N LYS A 200 -138.85 -78.69 44.79
CA LYS A 200 -137.58 -78.96 44.14
C LYS A 200 -137.10 -77.69 43.45
N VAL A 201 -136.36 -76.87 44.18
CA VAL A 201 -135.85 -75.61 43.65
C VAL A 201 -134.79 -75.80 42.57
N ASN A 202 -135.02 -75.14 41.44
CA ASN A 202 -134.11 -75.18 40.30
C ASN A 202 -133.03 -74.13 40.42
N LEU A 203 -133.39 -72.97 40.97
CA LEU A 203 -132.45 -71.87 41.13
C LEU A 203 -132.97 -70.81 42.08
N PHE A 204 -132.06 -70.30 42.92
CA PHE A 204 -132.40 -69.26 43.86
C PHE A 204 -131.87 -67.97 43.26
N PHE A 205 -132.72 -66.97 43.14
CA PHE A 205 -132.30 -65.72 42.54
C PHE A 205 -132.72 -64.49 43.32
N THR A 206 -131.78 -63.58 43.48
CA THR A 206 -132.06 -62.35 44.19
C THR A 206 -130.94 -61.34 43.99
N GLU A 207 -131.20 -60.10 44.39
CA GLU A 207 -130.21 -59.04 44.27
C GLU A 207 -129.71 -58.68 45.66
N SER A 208 -128.42 -58.39 45.77
CA SER A 208 -127.83 -58.02 47.05
C SER A 208 -126.69 -57.02 46.80
N PRO A 209 -126.82 -55.79 47.30
CA PRO A 209 -127.96 -55.26 48.06
C PRO A 209 -129.28 -55.35 47.30
N THR A 210 -130.37 -55.04 47.99
CA THR A 210 -131.69 -55.09 47.39
C THR A 210 -132.17 -53.70 46.96
N ASN A 211 -133.35 -53.65 46.34
CA ASN A 211 -133.92 -52.37 45.90
C ASN A 211 -135.34 -52.20 46.40
N PRO A 212 -135.63 -51.05 47.03
CA PRO A 212 -134.72 -49.94 47.29
C PRO A 212 -134.16 -49.90 48.71
N PHE A 213 -134.55 -50.87 49.53
CA PHE A 213 -134.11 -50.91 50.92
C PHE A 213 -132.73 -51.51 51.13
N LEU A 214 -131.99 -51.66 50.05
CA LEU A 214 -130.64 -52.20 50.11
C LEU A 214 -130.46 -53.33 51.12
N ARG A 215 -131.42 -54.24 51.19
CA ARG A 215 -131.31 -55.38 52.09
C ARG A 215 -130.23 -56.28 51.50
N CYS A 216 -129.52 -57.02 52.35
CA CYS A 216 -128.46 -57.89 51.86
C CYS A 216 -128.66 -59.34 52.25
N VAL A 217 -128.20 -60.23 51.37
CA VAL A 217 -128.34 -61.66 51.60
C VAL A 217 -126.99 -62.30 51.88
N ASP A 218 -126.90 -63.06 52.96
CA ASP A 218 -125.64 -63.73 53.29
C ASP A 218 -125.35 -64.73 52.18
N ILE A 219 -124.78 -64.21 51.10
CA ILE A 219 -124.44 -65.01 49.94
C ILE A 219 -123.77 -66.33 50.30
N GLU A 220 -122.65 -66.26 51.02
CA GLU A 220 -121.93 -67.48 51.41
C GLU A 220 -122.83 -68.53 52.03
N LEU A 221 -123.67 -68.11 52.96
CA LEU A 221 -124.59 -69.01 53.63
C LEU A 221 -125.56 -69.62 52.61
N VAL A 222 -126.39 -68.76 52.04
CA VAL A 222 -127.37 -69.18 51.06
C VAL A 222 -126.77 -70.14 50.05
N SER A 223 -125.69 -69.70 49.41
CA SER A 223 -125.00 -70.51 48.43
C SER A 223 -124.85 -71.94 48.94
N LYS A 224 -124.31 -72.07 50.15
CA LYS A 224 -124.10 -73.38 50.77
C LYS A 224 -125.38 -74.21 50.85
N LEU A 225 -126.43 -73.61 51.42
CA LEU A 225 -127.72 -74.29 51.56
C LEU A 225 -128.25 -74.78 50.23
N CYS A 226 -128.40 -73.87 49.29
CA CYS A 226 -128.91 -74.20 47.97
C CYS A 226 -128.10 -75.32 47.33
N HIS A 227 -126.79 -75.12 47.25
CA HIS A 227 -125.93 -76.12 46.63
C HIS A 227 -126.11 -77.51 47.23
N GLU A 228 -126.58 -77.56 48.46
CA GLU A 228 -126.79 -78.83 49.15
C GLU A 228 -127.97 -79.56 48.54
N LYS A 229 -128.91 -78.79 48.00
CA LYS A 229 -130.11 -79.36 47.39
C LYS A 229 -130.09 -79.29 45.87
N GLY A 230 -128.93 -78.98 45.29
CA GLY A 230 -128.81 -78.91 43.85
C GLY A 230 -129.34 -77.65 43.17
N ALA A 231 -129.85 -76.70 43.96
CA ALA A 231 -130.37 -75.47 43.39
C ALA A 231 -129.21 -74.59 42.96
N LEU A 232 -129.49 -73.64 42.07
CA LEU A 232 -128.47 -72.72 41.59
C LEU A 232 -128.68 -71.35 42.21
N VAL A 233 -127.61 -70.60 42.38
CA VAL A 233 -127.72 -69.28 42.98
C VAL A 233 -127.28 -68.17 42.05
N CYS A 234 -128.16 -67.21 41.83
CA CYS A 234 -127.85 -66.09 40.98
C CYS A 234 -128.05 -64.81 41.74
N ILE A 235 -126.98 -64.03 41.85
CA ILE A 235 -127.03 -62.78 42.58
C ILE A 235 -126.93 -61.56 41.68
N ASP A 236 -127.88 -60.65 41.88
CA ASP A 236 -127.92 -59.42 41.12
C ASP A 236 -127.19 -58.36 41.94
N GLY A 237 -125.87 -58.34 41.82
CA GLY A 237 -125.07 -57.38 42.55
C GLY A 237 -124.97 -56.02 41.88
N THR A 238 -126.01 -55.63 41.17
CA THR A 238 -126.02 -54.34 40.48
C THR A 238 -125.57 -53.24 41.42
N PHE A 239 -126.30 -53.05 42.51
CA PHE A 239 -125.98 -52.01 43.49
C PHE A 239 -124.58 -52.16 44.09
N ALA A 240 -124.18 -53.40 44.31
CA ALA A 240 -122.89 -53.69 44.90
C ALA A 240 -121.74 -53.28 44.02
N THR A 241 -121.71 -53.80 42.80
CA THR A 241 -120.65 -53.51 41.84
C THR A 241 -119.54 -54.52 42.12
N PRO A 242 -118.95 -55.11 41.06
CA PRO A 242 -117.88 -56.10 41.27
C PRO A 242 -116.76 -55.62 42.17
N LEU A 243 -116.69 -54.31 42.40
CA LEU A 243 -115.65 -53.76 43.26
C LEU A 243 -115.97 -53.86 44.74
N ASN A 244 -117.25 -53.64 45.08
CA ASN A 244 -117.66 -53.70 46.48
C ASN A 244 -117.96 -55.11 46.98
N GLN A 245 -118.01 -56.08 46.06
CA GLN A 245 -118.26 -57.46 46.45
C GLN A 245 -118.07 -58.46 45.32
N LYS A 246 -117.69 -59.68 45.69
CA LYS A 246 -117.46 -60.76 44.73
C LYS A 246 -118.38 -61.95 45.00
N ALA A 247 -119.64 -61.82 44.63
CA ALA A 247 -120.62 -62.87 44.83
C ALA A 247 -120.11 -64.21 44.34
N LEU A 248 -119.43 -64.21 43.19
CA LEU A 248 -118.92 -65.44 42.64
C LEU A 248 -117.93 -66.10 43.58
N ALA A 249 -117.10 -65.28 44.22
CA ALA A 249 -116.11 -65.77 45.17
C ALA A 249 -116.79 -66.27 46.43
N LEU A 250 -117.90 -65.63 46.80
CA LEU A 250 -118.64 -66.01 47.99
C LEU A 250 -119.39 -67.32 47.77
N GLY A 251 -119.25 -67.88 46.57
CA GLY A 251 -119.90 -69.15 46.27
C GLY A 251 -121.03 -69.12 45.26
N ALA A 252 -121.55 -67.92 44.96
CA ALA A 252 -122.65 -67.80 44.00
C ALA A 252 -122.33 -68.47 42.67
N ASP A 253 -123.37 -68.95 41.99
CA ASP A 253 -123.19 -69.62 40.70
C ASP A 253 -123.12 -68.60 39.57
N LEU A 254 -123.98 -67.58 39.67
CA LEU A 254 -124.04 -66.53 38.67
C LEU A 254 -124.31 -65.17 39.28
N VAL A 255 -123.57 -64.18 38.80
CA VAL A 255 -123.73 -62.81 39.26
C VAL A 255 -124.02 -62.00 38.01
N LEU A 256 -125.07 -61.20 38.06
CA LEU A 256 -125.44 -60.37 36.93
C LEU A 256 -125.56 -58.91 37.36
N HIS A 257 -125.29 -58.00 36.43
CA HIS A 257 -125.37 -56.57 36.71
C HIS A 257 -126.08 -55.83 35.60
N SER A 258 -126.53 -54.62 35.92
CA SER A 258 -127.18 -53.77 34.96
C SER A 258 -126.15 -52.69 34.67
N ALA A 259 -125.27 -52.96 33.72
CA ALA A 259 -124.22 -52.01 33.34
C ALA A 259 -124.78 -50.60 33.17
N THR A 260 -126.09 -50.52 32.96
CA THR A 260 -126.77 -49.25 32.79
C THR A 260 -126.40 -48.28 33.90
N LYS A 261 -126.22 -48.82 35.10
CA LYS A 261 -125.92 -48.03 36.29
C LYS A 261 -124.46 -47.64 36.57
N PHE A 262 -123.80 -48.44 37.41
CA PHE A 262 -122.42 -48.17 37.81
C PHE A 262 -121.36 -48.44 36.77
N LEU A 263 -121.44 -49.59 36.11
CA LEU A 263 -120.44 -49.93 35.10
C LEU A 263 -120.27 -48.82 34.07
N GLY A 264 -121.39 -48.40 33.48
CA GLY A 264 -121.33 -47.32 32.51
C GLY A 264 -121.17 -46.03 33.27
N GLY A 265 -121.89 -45.96 34.39
CA GLY A 265 -121.84 -44.82 35.29
C GLY A 265 -121.82 -43.42 34.71
N HIS A 266 -122.42 -43.24 33.55
CA HIS A 266 -122.43 -41.91 32.94
C HIS A 266 -123.84 -41.52 32.48
N ASN A 267 -124.79 -42.42 32.68
CA ASN A 267 -126.18 -42.17 32.33
C ASN A 267 -126.40 -41.92 30.85
N ASP A 268 -125.79 -42.73 30.00
CA ASP A 268 -125.93 -42.55 28.57
C ASP A 268 -125.94 -43.86 27.80
N VAL A 269 -126.32 -44.94 28.46
CA VAL A 269 -126.34 -46.25 27.80
C VAL A 269 -126.93 -47.35 28.66
N LEU A 270 -127.63 -48.28 28.03
CA LEU A 270 -128.24 -49.40 28.73
C LEU A 270 -127.42 -50.64 28.39
N ALA A 271 -127.34 -51.58 29.33
CA ALA A 271 -126.59 -52.79 29.11
C ALA A 271 -126.79 -53.83 30.19
N GLY A 272 -127.00 -55.07 29.76
CA GLY A 272 -127.18 -56.17 30.68
C GLY A 272 -125.85 -56.88 30.74
N CYS A 273 -125.61 -57.63 31.82
CA CYS A 273 -124.34 -58.32 31.96
C CYS A 273 -124.43 -59.48 32.94
N ILE A 274 -123.98 -60.66 32.52
CA ILE A 274 -124.01 -61.83 33.38
C ILE A 274 -122.68 -62.56 33.32
N SER A 275 -122.11 -62.84 34.49
CA SER A 275 -120.84 -63.54 34.56
C SER A 275 -120.99 -64.79 35.42
N GLY A 276 -120.12 -65.77 35.16
CA GLY A 276 -120.14 -67.03 35.90
C GLY A 276 -119.35 -68.11 35.21
N PRO A 277 -119.57 -69.40 35.55
CA PRO A 277 -118.85 -70.52 34.95
C PRO A 277 -119.28 -70.76 33.50
N LEU A 278 -118.34 -71.20 32.68
CA LEU A 278 -118.61 -71.44 31.26
C LEU A 278 -119.79 -72.38 31.03
N LYS A 279 -119.64 -73.62 31.46
CA LYS A 279 -120.70 -74.62 31.31
C LYS A 279 -122.08 -74.03 31.53
N LEU A 280 -122.14 -73.00 32.36
CA LEU A 280 -123.40 -72.35 32.67
C LEU A 280 -123.73 -71.17 31.75
N VAL A 281 -122.90 -70.12 31.81
CA VAL A 281 -123.11 -68.94 30.99
C VAL A 281 -123.35 -69.29 29.52
N SER A 282 -122.57 -70.22 29.00
CA SER A 282 -122.72 -70.64 27.62
C SER A 282 -124.16 -71.08 27.31
N GLU A 283 -124.75 -71.87 28.21
CA GLU A 283 -126.11 -72.35 28.00
C GLU A 283 -127.04 -71.18 27.78
N ILE A 284 -126.70 -70.04 28.37
CA ILE A 284 -127.52 -68.85 28.22
C ILE A 284 -127.20 -68.22 26.88
N ARG A 285 -125.92 -68.04 26.62
CA ARG A 285 -125.44 -67.44 25.37
C ARG A 285 -126.13 -68.09 24.18
N ASN A 286 -126.40 -69.38 24.29
CA ASN A 286 -127.06 -70.11 23.22
C ASN A 286 -128.46 -69.58 22.99
N LEU A 287 -129.25 -69.49 24.06
CA LEU A 287 -130.61 -68.98 23.94
C LEU A 287 -130.58 -67.50 23.56
N HIS A 288 -129.54 -66.80 24.00
CA HIS A 288 -129.39 -65.37 23.70
C HIS A 288 -129.21 -65.19 22.20
N HIS A 289 -128.53 -66.15 21.58
CA HIS A 289 -128.28 -66.10 20.16
C HIS A 289 -129.56 -66.20 19.35
N ILE A 290 -130.67 -66.46 20.04
CA ILE A 290 -131.95 -66.57 19.36
C ILE A 290 -132.90 -65.44 19.73
N LEU A 291 -133.01 -65.12 21.02
CA LEU A 291 -133.88 -64.04 21.46
C LEU A 291 -133.36 -62.73 20.92
N GLY A 292 -132.11 -62.77 20.43
CA GLY A 292 -131.46 -61.63 19.84
C GLY A 292 -131.50 -60.32 20.59
N GLY A 293 -130.90 -60.30 21.77
CA GLY A 293 -130.86 -59.07 22.56
C GLY A 293 -129.46 -58.52 22.48
N ALA A 294 -128.82 -58.73 21.34
CA ALA A 294 -127.46 -58.28 21.10
C ALA A 294 -127.20 -56.85 21.49
N LEU A 295 -126.02 -56.60 22.03
CA LEU A 295 -125.60 -55.27 22.45
C LEU A 295 -124.81 -54.64 21.32
N ASN A 296 -125.09 -53.37 21.03
CA ASN A 296 -124.40 -52.67 19.95
C ASN A 296 -122.97 -52.31 20.28
N PRO A 297 -122.06 -52.48 19.33
CA PRO A 297 -120.65 -52.16 19.52
C PRO A 297 -120.41 -50.81 20.14
N ASN A 298 -121.11 -49.80 19.65
CA ASN A 298 -120.96 -48.45 20.16
C ASN A 298 -121.27 -48.36 21.66
N ALA A 299 -122.33 -49.03 22.08
CA ALA A 299 -122.70 -49.05 23.48
C ALA A 299 -121.56 -49.73 24.24
N ALA A 300 -121.18 -50.90 23.77
CA ALA A 300 -120.11 -51.68 24.37
C ALA A 300 -118.93 -50.77 24.68
N TYR A 301 -118.42 -50.10 23.66
CA TYR A 301 -117.28 -49.22 23.86
C TYR A 301 -117.54 -48.22 24.98
N LEU A 302 -118.67 -47.54 24.90
CA LEU A 302 -119.03 -46.54 25.90
C LEU A 302 -118.88 -47.07 27.32
N ILE A 303 -119.15 -48.36 27.50
CA ILE A 303 -119.01 -48.97 28.82
C ILE A 303 -117.53 -49.18 29.10
N ILE A 304 -116.81 -49.71 28.11
CA ILE A 304 -115.38 -49.94 28.25
C ILE A 304 -114.73 -48.64 28.72
N ARG A 305 -115.17 -47.52 28.14
CA ARG A 305 -114.64 -46.20 28.48
C ARG A 305 -115.02 -45.82 29.90
N GLY A 306 -116.27 -46.08 30.26
CA GLY A 306 -116.74 -45.76 31.59
C GLY A 306 -115.99 -46.51 32.66
N MET A 307 -115.84 -47.82 32.48
CA MET A 307 -115.13 -48.65 33.43
C MET A 307 -113.67 -48.25 33.56
N LYS A 308 -113.18 -47.43 32.64
CA LYS A 308 -111.79 -46.98 32.68
C LYS A 308 -111.55 -46.23 33.99
N THR A 309 -112.62 -45.70 34.56
CA THR A 309 -112.53 -44.97 35.81
C THR A 309 -113.57 -45.52 36.78
N LEU A 310 -113.75 -46.84 36.76
CA LEU A 310 -114.72 -47.47 37.65
C LEU A 310 -114.43 -47.26 39.13
N HIS A 311 -113.28 -47.75 39.56
CA HIS A 311 -112.87 -47.62 40.96
C HIS A 311 -113.01 -46.17 41.40
N LEU A 312 -112.29 -45.28 40.72
CA LEU A 312 -112.33 -43.87 41.06
C LEU A 312 -113.75 -43.44 41.35
N ARG A 313 -114.67 -43.75 40.45
CA ARG A 313 -116.06 -43.36 40.63
C ARG A 313 -116.74 -44.03 41.81
N VAL A 314 -116.54 -45.34 41.95
CA VAL A 314 -117.15 -46.08 43.05
C VAL A 314 -116.64 -45.50 44.37
N GLN A 315 -115.32 -45.46 44.51
CA GLN A 315 -114.66 -44.94 45.71
C GLN A 315 -115.36 -43.72 46.30
N GLN A 316 -115.39 -42.64 45.53
CA GLN A 316 -116.02 -41.41 45.95
C GLN A 316 -117.48 -41.59 46.35
N GLN A 317 -118.23 -42.30 45.53
CA GLN A 317 -119.63 -42.53 45.81
C GLN A 317 -119.80 -43.29 47.11
N ASN A 318 -118.96 -44.30 47.31
CA ASN A 318 -119.01 -45.10 48.52
C ASN A 318 -118.93 -44.19 49.76
N SER A 319 -118.06 -43.18 49.69
CA SER A 319 -117.88 -42.24 50.79
C SER A 319 -119.10 -41.35 50.96
N THR A 320 -119.22 -40.37 50.07
CA THR A 320 -120.33 -39.44 50.10
C THR A 320 -121.59 -40.10 50.64
N ALA A 321 -121.97 -41.22 50.03
CA ALA A 321 -123.15 -41.97 50.45
C ALA A 321 -123.12 -42.19 51.96
N LEU A 322 -122.17 -43.01 52.40
CA LEU A 322 -121.99 -43.32 53.80
C LEU A 322 -122.07 -42.08 54.70
N ARG A 323 -121.14 -41.16 54.50
CA ARG A 323 -121.10 -39.92 55.28
C ARG A 323 -122.44 -39.20 55.25
N MET A 324 -123.00 -39.03 54.06
CA MET A 324 -124.27 -38.35 53.93
C MET A 324 -125.34 -39.12 54.68
N ALA A 325 -125.25 -40.44 54.62
CA ALA A 325 -126.19 -41.32 55.30
C ALA A 325 -126.29 -40.94 56.77
N GLU A 326 -125.18 -41.10 57.48
CA GLU A 326 -125.14 -40.78 58.90
C GLU A 326 -125.73 -39.41 59.18
N ILE A 327 -125.23 -38.40 58.47
CA ILE A 327 -125.72 -37.04 58.65
C ILE A 327 -127.23 -37.02 58.56
N LEU A 328 -127.76 -37.85 57.68
CA LEU A 328 -129.20 -37.95 57.47
C LEU A 328 -129.87 -38.61 58.66
N GLU A 329 -129.35 -39.77 59.05
CA GLU A 329 -129.92 -40.49 60.18
C GLU A 329 -130.05 -39.57 61.41
N ALA A 330 -129.02 -38.76 61.63
CA ALA A 330 -129.00 -37.84 62.77
C ALA A 330 -129.99 -36.69 62.60
N HIS A 331 -130.26 -36.30 61.37
CA HIS A 331 -131.18 -35.20 61.11
C HIS A 331 -132.55 -35.47 61.73
N PRO A 332 -133.19 -34.42 62.28
CA PRO A 332 -134.50 -34.56 62.92
C PRO A 332 -135.64 -34.84 61.95
N LYS A 333 -135.60 -34.20 60.80
CA LYS A 333 -136.63 -34.36 59.80
C LYS A 333 -136.54 -35.68 59.03
N VAL A 334 -135.48 -36.43 59.25
CA VAL A 334 -135.30 -37.71 58.57
C VAL A 334 -135.77 -38.85 59.46
N ARG A 335 -136.98 -39.32 59.21
CA ARG A 335 -137.58 -40.39 59.98
C ARG A 335 -136.77 -41.68 60.00
N HIS A 336 -136.32 -42.14 58.85
CA HIS A 336 -135.53 -43.37 58.76
C HIS A 336 -134.54 -43.36 57.61
N VAL A 337 -133.47 -44.14 57.73
CA VAL A 337 -132.45 -44.21 56.68
C VAL A 337 -132.00 -45.65 56.44
N TYR A 338 -132.05 -46.06 55.19
CA TYR A 338 -131.66 -47.41 54.82
C TYR A 338 -130.30 -47.36 54.13
N TYR A 339 -129.35 -48.14 54.63
CA TYR A 339 -128.01 -48.19 54.07
C TYR A 339 -127.19 -49.24 54.79
N PRO A 340 -126.63 -50.21 54.06
CA PRO A 340 -125.82 -51.27 54.65
C PRO A 340 -124.68 -50.75 55.50
N GLY A 341 -124.16 -49.58 55.15
CA GLY A 341 -123.07 -49.00 55.90
C GLY A 341 -123.41 -48.65 57.34
N LEU A 342 -124.65 -48.24 57.58
CA LEU A 342 -125.10 -47.86 58.92
C LEU A 342 -125.25 -49.06 59.85
N GLN A 343 -125.11 -48.82 61.14
CA GLN A 343 -125.24 -49.86 62.15
C GLN A 343 -126.72 -50.18 62.35
N SER A 344 -127.56 -49.25 61.93
CA SER A 344 -129.00 -49.41 62.06
C SER A 344 -129.58 -50.38 61.04
N HIS A 345 -128.82 -50.67 59.98
CA HIS A 345 -129.28 -51.58 58.94
C HIS A 345 -129.38 -53.01 59.42
N PRO A 346 -130.53 -53.66 59.20
CA PRO A 346 -130.80 -55.05 59.60
C PRO A 346 -129.69 -56.07 59.32
N GLU A 347 -129.09 -56.01 58.13
CA GLU A 347 -128.02 -56.98 57.81
C GLU A 347 -126.63 -56.37 57.75
N HIS A 348 -126.43 -55.29 58.51
CA HIS A 348 -125.15 -54.59 58.55
C HIS A 348 -123.99 -55.51 58.88
N HIS A 349 -124.23 -56.49 59.73
CA HIS A 349 -123.19 -57.43 60.12
C HIS A 349 -122.81 -58.28 58.92
N ILE A 350 -123.79 -58.55 58.05
CA ILE A 350 -123.51 -59.33 56.85
C ILE A 350 -122.78 -58.41 55.88
N ALA A 351 -123.37 -57.24 55.65
CA ALA A 351 -122.79 -56.25 54.75
C ALA A 351 -121.30 -56.06 55.07
N LYS A 352 -121.03 -55.88 56.35
CA LYS A 352 -119.68 -55.68 56.84
C LYS A 352 -118.81 -56.90 56.59
N LYS A 353 -119.44 -58.07 56.50
CA LYS A 353 -118.73 -59.32 56.30
C LYS A 353 -118.45 -59.73 54.85
N GLN A 354 -119.34 -59.38 53.93
CA GLN A 354 -119.13 -59.76 52.53
C GLN A 354 -118.83 -58.60 51.59
N MET A 355 -119.00 -57.37 52.08
CA MET A 355 -118.75 -56.20 51.26
C MET A 355 -117.52 -55.42 51.73
N THR A 356 -117.07 -54.48 50.90
CA THR A 356 -115.92 -53.63 51.21
C THR A 356 -116.36 -52.17 51.15
N GLY A 357 -117.52 -51.95 50.56
CA GLY A 357 -118.09 -50.62 50.43
C GLY A 357 -119.59 -50.82 50.52
N PHE A 358 -120.37 -49.78 50.37
CA PHE A 358 -121.82 -49.97 50.45
C PHE A 358 -122.62 -49.24 49.40
N GLY A 359 -122.03 -49.08 48.21
CA GLY A 359 -122.73 -48.40 47.12
C GLY A 359 -122.87 -46.91 47.38
N GLY A 360 -123.53 -46.21 46.45
CA GLY A 360 -123.71 -44.78 46.59
C GLY A 360 -125.20 -44.45 46.64
N ALA A 361 -126.00 -45.50 46.68
CA ALA A 361 -127.44 -45.32 46.74
C ALA A 361 -127.87 -45.34 48.20
N VAL A 362 -128.72 -44.39 48.56
CA VAL A 362 -129.21 -44.30 49.93
C VAL A 362 -130.68 -43.95 49.93
N SER A 363 -131.48 -44.77 50.60
CA SER A 363 -132.91 -44.54 50.71
C SER A 363 -133.22 -44.07 52.11
N PHE A 364 -134.26 -43.26 52.23
CA PHE A 364 -134.65 -42.77 53.54
C PHE A 364 -136.04 -42.19 53.51
N GLU A 365 -136.77 -42.40 54.59
CA GLU A 365 -138.12 -41.89 54.69
C GLU A 365 -138.03 -40.51 55.35
N VAL A 366 -138.80 -39.56 54.82
CA VAL A 366 -138.82 -38.21 55.36
C VAL A 366 -140.02 -38.03 56.26
N ASP A 367 -139.81 -37.29 57.35
CA ASP A 367 -140.87 -37.04 58.32
C ASP A 367 -141.96 -36.12 57.75
N GLY A 368 -142.82 -36.72 56.92
CA GLY A 368 -143.90 -35.97 56.30
C GLY A 368 -144.80 -36.92 55.53
N ASP A 369 -145.48 -36.38 54.53
CA ASP A 369 -146.35 -37.20 53.73
C ASP A 369 -146.00 -37.02 52.26
N LEU A 370 -146.83 -37.56 51.38
CA LEU A 370 -146.59 -37.46 49.94
C LEU A 370 -146.18 -36.04 49.53
N LEU A 371 -147.14 -35.13 49.55
CA LEU A 371 -146.89 -33.74 49.18
C LEU A 371 -145.69 -33.12 49.89
N THR A 372 -145.49 -33.50 51.15
CA THR A 372 -144.38 -32.97 51.93
C THR A 372 -143.07 -33.51 51.38
N THR A 373 -142.96 -34.82 51.31
CA THR A 373 -141.76 -35.44 50.80
C THR A 373 -141.45 -34.81 49.45
N ALA A 374 -142.46 -34.73 48.59
CA ALA A 374 -142.29 -34.15 47.26
C ALA A 374 -141.65 -32.77 47.39
N LYS A 375 -142.26 -31.91 48.19
CA LYS A 375 -141.74 -30.57 48.40
C LYS A 375 -140.24 -30.64 48.65
N PHE A 376 -139.79 -31.66 49.37
CA PHE A 376 -138.37 -31.81 49.66
C PHE A 376 -137.59 -31.95 48.35
N VAL A 377 -137.81 -33.06 47.65
CA VAL A 377 -137.10 -33.30 46.40
C VAL A 377 -137.17 -32.12 45.43
N ASP A 378 -138.31 -31.45 45.38
CA ASP A 378 -138.48 -30.31 44.49
C ASP A 378 -137.51 -29.21 44.84
N ALA A 379 -137.14 -29.14 46.11
CA ALA A 379 -136.22 -28.12 46.59
C ALA A 379 -134.79 -28.36 46.12
N LEU A 380 -134.38 -29.62 46.11
CA LEU A 380 -133.03 -29.98 45.69
C LEU A 380 -132.68 -29.27 44.39
N LYS A 381 -131.41 -28.91 44.23
CA LYS A 381 -130.99 -28.21 43.03
C LYS A 381 -129.95 -28.93 42.19
N ILE A 382 -129.26 -29.90 42.77
CA ILE A 382 -128.24 -30.62 42.03
C ILE A 382 -128.74 -31.91 41.40
N PRO A 383 -129.31 -32.82 42.21
CA PRO A 383 -129.79 -34.06 41.61
C PRO A 383 -130.94 -33.86 40.64
N TYR A 384 -131.03 -34.76 39.65
CA TYR A 384 -132.09 -34.72 38.67
C TYR A 384 -133.18 -35.60 39.23
N ILE A 385 -134.43 -35.33 38.85
CA ILE A 385 -135.55 -36.16 39.30
C ILE A 385 -135.81 -37.15 38.17
N ALA A 386 -135.41 -38.40 38.37
CA ALA A 386 -135.59 -39.41 37.34
C ALA A 386 -135.19 -40.80 37.85
N PRO A 387 -135.47 -41.85 37.07
CA PRO A 387 -135.11 -43.22 37.47
C PRO A 387 -133.61 -43.45 37.34
N SER A 388 -133.20 -44.71 37.32
CA SER A 388 -131.78 -45.04 37.20
C SER A 388 -130.92 -44.52 38.35
N PHE A 389 -129.64 -44.86 38.33
CA PHE A 389 -128.69 -44.44 39.36
C PHE A 389 -127.29 -44.98 39.07
N GLY A 390 -126.31 -44.45 39.76
CA GLY A 390 -124.94 -44.92 39.58
C GLY A 390 -124.10 -44.09 38.64
N GLY A 391 -124.63 -42.98 38.15
CA GLY A 391 -123.85 -42.16 37.25
C GLY A 391 -123.24 -40.95 37.94
N CYS A 392 -122.24 -40.36 37.30
CA CYS A 392 -121.57 -39.19 37.84
C CYS A 392 -122.59 -38.16 38.28
N GLU A 393 -123.70 -38.08 37.55
CA GLU A 393 -124.75 -37.13 37.88
C GLU A 393 -125.59 -37.71 39.02
N SER A 394 -125.96 -36.87 39.97
CA SER A 394 -126.77 -37.29 41.11
C SER A 394 -128.24 -37.33 40.74
N ILE A 395 -128.94 -38.38 41.18
CA ILE A 395 -130.35 -38.55 40.87
C ILE A 395 -131.20 -38.87 42.10
N VAL A 396 -132.43 -38.37 42.10
CA VAL A 396 -133.38 -38.60 43.19
C VAL A 396 -134.73 -38.97 42.63
N ASP A 397 -135.53 -39.68 43.42
CA ASP A 397 -136.86 -40.09 42.99
C ASP A 397 -137.68 -40.61 44.16
N GLN A 398 -139.00 -40.56 44.00
CA GLN A 398 -139.92 -41.02 45.03
C GLN A 398 -140.57 -42.31 44.55
N PRO A 399 -139.86 -43.44 44.67
CA PRO A 399 -140.34 -44.76 44.25
C PRO A 399 -141.85 -44.88 44.21
N ALA A 400 -142.51 -44.40 45.27
CA ALA A 400 -143.96 -44.47 45.36
C ALA A 400 -144.58 -43.95 44.07
N ILE A 401 -144.11 -42.78 43.64
CA ILE A 401 -144.60 -42.16 42.41
C ILE A 401 -143.80 -42.65 41.21
N MET A 402 -142.49 -42.51 41.32
CA MET A 402 -141.57 -42.90 40.27
C MET A 402 -141.85 -44.26 39.63
N SER A 403 -142.14 -45.27 40.43
CA SER A 403 -142.37 -46.59 39.85
C SER A 403 -143.48 -47.43 40.51
N TYR A 404 -144.40 -46.76 41.20
CA TYR A 404 -145.48 -47.47 41.87
C TYR A 404 -146.78 -46.68 41.90
N TRP A 405 -146.78 -45.54 41.23
CA TRP A 405 -147.98 -44.71 41.19
C TRP A 405 -149.16 -45.39 40.52
N ASP A 406 -148.90 -46.48 39.81
CA ASP A 406 -149.97 -47.21 39.14
C ASP A 406 -150.78 -48.02 40.14
N LEU A 407 -150.33 -48.05 41.39
CA LEU A 407 -151.00 -48.82 42.43
C LEU A 407 -151.71 -47.92 43.45
N SER A 408 -152.55 -48.52 44.29
CA SER A 408 -153.28 -47.79 45.30
C SER A 408 -152.44 -47.59 46.54
N GLN A 409 -152.75 -46.55 47.31
CA GLN A 409 -152.02 -46.25 48.53
C GLN A 409 -151.84 -47.50 49.38
N SER A 410 -152.87 -48.33 49.39
CA SER A 410 -152.85 -49.56 50.17
C SER A 410 -151.96 -50.62 49.53
N ASP A 411 -152.22 -50.89 48.24
CA ASP A 411 -151.43 -51.88 47.52
C ASP A 411 -149.96 -51.46 47.48
N ARG A 412 -149.70 -50.17 47.62
CA ARG A 412 -148.34 -49.66 47.62
C ARG A 412 -147.63 -50.10 48.89
N ALA A 413 -148.22 -49.75 50.03
CA ALA A 413 -147.68 -50.11 51.33
C ALA A 413 -147.50 -51.61 51.43
N LYS A 414 -148.18 -52.35 50.55
CA LYS A 414 -148.08 -53.79 50.55
C LYS A 414 -146.62 -54.23 50.47
N TYR A 415 -145.75 -53.32 50.02
CA TYR A 415 -144.33 -53.62 49.90
C TYR A 415 -143.40 -52.52 50.38
N GLY A 416 -143.65 -52.06 51.60
CA GLY A 416 -142.82 -51.03 52.21
C GLY A 416 -142.76 -49.68 51.50
N ILE A 417 -143.21 -49.63 50.25
CA ILE A 417 -143.18 -48.38 49.52
C ILE A 417 -144.04 -47.30 50.15
N MET A 418 -143.39 -46.43 50.91
CA MET A 418 -144.06 -45.34 51.59
C MET A 418 -143.97 -44.06 50.79
N ASP A 419 -144.94 -43.17 51.00
CA ASP A 419 -144.94 -41.90 50.28
C ASP A 419 -143.76 -41.06 50.75
N ASN A 420 -143.17 -41.42 51.89
CA ASN A 420 -142.01 -40.68 52.43
C ASN A 420 -140.75 -41.15 51.75
N LEU A 421 -140.60 -42.47 51.68
CA LEU A 421 -139.45 -43.10 51.09
C LEU A 421 -138.86 -42.31 49.93
N VAL A 422 -137.59 -41.95 50.07
CA VAL A 422 -136.87 -41.22 49.02
C VAL A 422 -135.59 -41.98 48.73
N ARG A 423 -135.29 -42.13 47.44
CA ARG A 423 -134.10 -42.85 47.01
C ARG A 423 -133.09 -41.89 46.42
N PHE A 424 -131.97 -41.71 47.11
CA PHE A 424 -130.94 -40.80 46.63
C PHE A 424 -129.74 -41.53 46.08
N SER A 425 -129.49 -41.30 44.79
CA SER A 425 -128.35 -41.90 44.12
C SER A 425 -127.31 -40.81 44.08
N PHE A 426 -126.35 -40.89 45.00
CA PHE A 426 -125.31 -39.88 45.06
C PHE A 426 -124.40 -39.95 43.85
N GLY A 427 -124.23 -38.80 43.21
CA GLY A 427 -123.40 -38.73 42.03
C GLY A 427 -121.94 -38.76 42.38
N VAL A 428 -121.18 -37.88 41.76
CA VAL A 428 -119.75 -37.78 41.98
C VAL A 428 -119.38 -36.32 42.29
N GLU A 429 -120.38 -35.44 42.28
CA GLU A 429 -120.15 -34.04 42.60
C GLU A 429 -119.47 -33.97 43.97
N ASP A 430 -118.89 -32.81 44.29
CA ASP A 430 -118.21 -32.66 45.58
C ASP A 430 -119.15 -32.91 46.74
N PHE A 431 -118.64 -33.56 47.77
CA PHE A 431 -119.45 -33.87 48.95
C PHE A 431 -120.15 -32.63 49.52
N ASP A 432 -119.35 -31.67 49.97
CA ASP A 432 -119.89 -30.46 50.55
C ASP A 432 -121.02 -29.87 49.71
N ASP A 433 -120.80 -29.79 48.40
CA ASP A 433 -121.82 -29.24 47.50
C ASP A 433 -123.13 -29.98 47.67
N LEU A 434 -123.06 -31.32 47.64
CA LEU A 434 -124.25 -32.14 47.79
C LEU A 434 -124.87 -31.95 49.18
N LYS A 435 -124.07 -32.16 50.21
CA LYS A 435 -124.54 -32.02 51.58
C LYS A 435 -125.29 -30.69 51.74
N ALA A 436 -124.61 -29.58 51.44
CA ALA A 436 -125.22 -28.27 51.56
C ALA A 436 -126.57 -28.27 50.85
N ASP A 437 -126.62 -28.90 49.68
CA ASP A 437 -127.84 -28.99 48.90
C ASP A 437 -128.92 -29.71 49.70
N ILE A 438 -128.69 -31.00 49.96
CA ILE A 438 -129.63 -31.82 50.71
C ILE A 438 -130.13 -31.10 51.95
N LEU A 439 -129.21 -30.60 52.77
CA LEU A 439 -129.57 -29.91 54.00
C LEU A 439 -130.46 -28.69 53.73
N GLN A 440 -129.96 -27.79 52.88
CA GLN A 440 -130.70 -26.59 52.53
C GLN A 440 -132.08 -26.99 52.04
N ALA A 441 -132.18 -28.19 51.51
CA ALA A 441 -133.46 -28.68 51.02
C ALA A 441 -134.40 -28.97 52.20
N LEU A 442 -134.00 -29.90 53.07
CA LEU A 442 -134.80 -30.26 54.23
C LEU A 442 -135.16 -28.99 54.99
N ASP A 443 -134.31 -27.98 54.84
CA ASP A 443 -134.47 -26.70 55.49
C ASP A 443 -135.88 -26.09 55.35
N SER A 444 -136.53 -26.36 54.23
CA SER A 444 -137.86 -25.81 53.95
C SER A 444 -139.06 -26.66 54.37
N ILE A 445 -138.84 -27.95 54.61
CA ILE A 445 -139.93 -28.83 55.02
C ILE A 445 -140.41 -28.42 56.41
N TYR B 50 -106.82 -49.16 -8.78
CA TYR B 50 -107.12 -49.99 -7.58
C TYR B 50 -107.01 -51.49 -7.87
N ALA B 51 -108.14 -52.05 -8.30
CA ALA B 51 -108.22 -53.47 -8.63
C ALA B 51 -108.68 -53.64 -10.08
N SER B 52 -108.78 -54.89 -10.52
CA SER B 52 -109.21 -55.20 -11.88
C SER B 52 -110.73 -55.39 -11.91
N PHE B 53 -111.24 -56.21 -11.01
CA PHE B 53 -112.65 -56.51 -10.91
C PHE B 53 -113.48 -55.28 -10.50
N LEU B 54 -112.87 -54.11 -10.59
CA LEU B 54 -113.58 -52.89 -10.25
C LEU B 54 -113.29 -51.84 -11.31
N ASN B 55 -114.13 -51.84 -12.35
CA ASN B 55 -113.99 -50.91 -13.47
C ASN B 55 -114.87 -49.66 -13.38
N SER B 56 -116.07 -49.80 -12.83
CA SER B 56 -116.98 -48.67 -12.70
C SER B 56 -116.65 -47.84 -11.46
N ASP B 57 -116.82 -46.54 -11.55
CA ASP B 57 -116.53 -45.65 -10.42
C ASP B 57 -117.30 -46.10 -9.19
N GLY B 58 -118.61 -46.26 -9.34
CA GLY B 58 -119.44 -46.69 -8.23
C GLY B 58 -118.90 -47.90 -7.50
N SER B 59 -118.56 -48.94 -8.27
CA SER B 59 -118.03 -50.16 -7.68
C SER B 59 -116.80 -49.80 -6.87
N VAL B 60 -115.99 -48.89 -7.40
CA VAL B 60 -114.79 -48.46 -6.70
C VAL B 60 -115.19 -47.76 -5.41
N ALA B 61 -115.96 -46.69 -5.54
CA ALA B 61 -116.42 -45.92 -4.38
C ALA B 61 -116.80 -46.83 -3.23
N ILE B 62 -117.43 -47.97 -3.55
CA ILE B 62 -117.85 -48.91 -2.53
C ILE B 62 -116.70 -49.70 -1.93
N HIS B 63 -116.03 -50.49 -2.74
CA HIS B 63 -114.92 -51.31 -2.25
C HIS B 63 -113.53 -50.69 -2.35
N ALA B 64 -113.46 -49.42 -2.69
CA ALA B 64 -112.15 -48.78 -2.81
C ALA B 64 -111.43 -48.69 -1.46
N GLY B 65 -110.28 -49.35 -1.38
CA GLY B 65 -109.49 -49.34 -0.16
C GLY B 65 -110.13 -50.11 0.98
N GLU B 66 -110.83 -51.19 0.66
CA GLU B 66 -111.49 -51.99 1.70
C GLU B 66 -111.52 -53.46 1.34
N ARG B 67 -112.18 -53.79 0.24
CA ARG B 67 -112.34 -55.17 -0.22
C ARG B 67 -111.06 -56.01 -0.25
N LEU B 68 -109.96 -55.42 -0.69
CA LEU B 68 -108.70 -56.16 -0.77
C LEU B 68 -107.89 -56.20 0.52
N GLY B 69 -108.01 -55.17 1.34
CA GLY B 69 -107.27 -55.13 2.60
C GLY B 69 -107.40 -53.79 3.28
N ARG B 70 -107.12 -53.72 4.57
CA ARG B 70 -107.26 -52.46 5.28
C ARG B 70 -106.03 -52.02 6.07
N GLY B 71 -105.19 -52.98 6.45
CA GLY B 71 -104.02 -52.63 7.23
C GLY B 71 -104.36 -52.79 8.70
N ILE B 72 -105.65 -53.02 8.96
CA ILE B 72 -106.17 -53.23 10.31
C ILE B 72 -107.06 -54.48 10.22
N VAL B 73 -106.40 -55.63 10.11
CA VAL B 73 -107.06 -56.93 9.98
C VAL B 73 -108.32 -57.21 10.79
N THR B 74 -109.39 -57.58 10.10
CA THR B 74 -110.67 -57.92 10.71
C THR B 74 -111.50 -58.72 9.73
N ASP B 75 -112.30 -59.64 10.25
CA ASP B 75 -113.15 -60.43 9.38
C ASP B 75 -114.48 -59.67 9.35
N ALA B 76 -114.38 -58.36 9.50
CA ALA B 76 -115.55 -57.49 9.49
C ALA B 76 -115.75 -56.96 8.08
N ILE B 77 -117.00 -56.65 7.75
CA ILE B 77 -117.31 -56.11 6.43
C ILE B 77 -116.93 -54.64 6.38
N THR B 78 -117.46 -53.88 7.31
CA THR B 78 -117.20 -52.45 7.38
C THR B 78 -115.84 -52.14 7.98
N THR B 79 -115.43 -50.88 7.88
CA THR B 79 -114.16 -50.46 8.45
C THR B 79 -114.42 -50.11 9.92
N PRO B 80 -113.52 -50.53 10.81
CA PRO B 80 -113.66 -50.27 12.24
C PRO B 80 -113.23 -48.89 12.65
N VAL B 81 -114.09 -48.21 13.40
CA VAL B 81 -113.81 -46.85 13.87
C VAL B 81 -112.82 -46.92 15.03
N VAL B 82 -111.62 -46.38 14.81
CA VAL B 82 -110.57 -46.37 15.82
C VAL B 82 -110.50 -45.04 16.54
N ASN B 83 -110.96 -45.05 17.80
CA ASN B 83 -110.98 -43.86 18.64
C ASN B 83 -109.78 -43.80 19.59
N THR B 84 -108.60 -43.47 19.06
CA THR B 84 -107.42 -43.37 19.89
C THR B 84 -106.74 -42.04 19.67
N SER B 85 -106.01 -41.59 20.67
CA SER B 85 -105.31 -40.31 20.58
C SER B 85 -103.85 -40.57 20.35
N ALA B 86 -103.44 -41.83 20.44
CA ALA B 86 -102.05 -42.17 20.23
C ALA B 86 -101.83 -43.66 19.99
N TYR B 87 -100.68 -43.99 19.39
CA TYR B 87 -100.32 -45.36 19.06
C TYR B 87 -99.06 -45.77 19.82
N PHE B 88 -99.06 -46.98 20.36
CA PHE B 88 -97.94 -47.46 21.15
C PHE B 88 -96.98 -48.35 20.42
N PHE B 89 -95.98 -48.83 21.16
CA PHE B 89 -94.95 -49.73 20.64
C PHE B 89 -94.70 -50.78 21.70
N ASN B 90 -94.22 -51.95 21.26
CA ASN B 90 -93.94 -53.04 22.17
C ASN B 90 -92.60 -52.93 22.87
N LYS B 91 -91.69 -52.14 22.29
CA LYS B 91 -90.36 -51.98 22.88
C LYS B 91 -89.58 -50.88 22.17
N THR B 92 -88.68 -50.24 22.90
CA THR B 92 -87.86 -49.16 22.35
C THR B 92 -87.26 -49.54 21.01
N SER B 93 -86.76 -50.76 20.91
CA SER B 93 -86.17 -51.25 19.68
C SER B 93 -87.06 -50.90 18.49
N GLU B 94 -88.31 -51.37 18.51
CA GLU B 94 -89.23 -51.11 17.42
C GLU B 94 -89.40 -49.61 17.17
N LEU B 95 -89.71 -48.87 18.24
CA LEU B 95 -89.89 -47.42 18.12
C LEU B 95 -88.79 -46.82 17.26
N ILE B 96 -87.56 -47.21 17.57
CA ILE B 96 -86.41 -46.72 16.83
C ILE B 96 -86.62 -47.07 15.37
N ASP B 97 -86.92 -48.33 15.11
CA ASP B 97 -87.16 -48.79 13.75
C ASP B 97 -88.10 -47.80 13.06
N PHE B 98 -89.25 -47.56 13.67
CA PHE B 98 -90.21 -46.63 13.11
C PHE B 98 -89.58 -45.27 12.85
N LYS B 99 -88.98 -44.71 13.89
CA LYS B 99 -88.32 -43.41 13.80
C LYS B 99 -87.25 -43.37 12.71
N GLU B 100 -86.68 -44.53 12.40
CA GLU B 100 -85.64 -44.64 11.37
C GLU B 100 -86.21 -45.09 10.03
N LYS B 101 -87.53 -44.99 9.88
CA LYS B 101 -88.23 -45.37 8.66
C LYS B 101 -88.02 -46.84 8.26
N ARG B 102 -88.12 -47.73 9.24
CA ARG B 102 -87.96 -49.17 9.00
C ARG B 102 -89.26 -49.89 9.37
N ARG B 103 -90.15 -49.15 10.03
CA ARG B 103 -91.44 -49.67 10.46
C ARG B 103 -92.49 -48.61 10.13
N ALA B 104 -93.77 -48.96 10.25
CA ALA B 104 -94.85 -48.02 9.95
C ALA B 104 -95.75 -47.79 11.16
N SER B 105 -96.08 -46.53 11.43
CA SER B 105 -96.93 -46.19 12.57
C SER B 105 -97.33 -44.72 12.53
N PHE B 106 -98.58 -44.44 12.91
CA PHE B 106 -99.07 -43.07 12.92
C PHE B 106 -98.48 -42.30 14.08
N GLU B 107 -97.96 -43.04 15.06
CA GLU B 107 -97.38 -42.45 16.25
C GLU B 107 -98.42 -41.65 17.03
N TYR B 108 -98.78 -40.48 16.50
CA TYR B 108 -99.78 -39.62 17.13
C TYR B 108 -101.01 -39.53 16.24
N GLY B 109 -102.18 -39.39 16.86
CA GLY B 109 -103.42 -39.30 16.11
C GLY B 109 -103.47 -38.16 15.11
N ARG B 110 -102.84 -37.04 15.44
CA ARG B 110 -102.83 -35.88 14.56
C ARG B 110 -102.08 -36.18 13.26
N TYR B 111 -101.32 -37.26 13.27
CA TYR B 111 -100.53 -37.63 12.10
C TYR B 111 -101.18 -38.72 11.25
N GLY B 112 -102.22 -39.36 11.79
CA GLY B 112 -102.89 -40.39 11.04
C GLY B 112 -103.83 -41.26 11.87
N ASN B 113 -104.65 -42.05 11.18
CA ASN B 113 -105.59 -42.93 11.85
C ASN B 113 -105.98 -44.04 10.90
N PRO B 114 -105.97 -45.29 11.37
CA PRO B 114 -106.32 -46.44 10.52
C PRO B 114 -107.70 -46.31 9.92
N THR B 115 -108.62 -45.71 10.68
CA THR B 115 -109.98 -45.56 10.21
C THR B 115 -110.12 -44.43 9.18
N THR B 116 -109.11 -43.57 9.14
CA THR B 116 -109.11 -42.46 8.20
C THR B 116 -108.46 -42.86 6.89
N VAL B 117 -107.22 -43.33 6.96
CA VAL B 117 -106.48 -43.73 5.78
C VAL B 117 -107.35 -44.46 4.76
N VAL B 118 -108.30 -45.26 5.24
CA VAL B 118 -109.20 -45.98 4.34
C VAL B 118 -109.84 -44.99 3.39
N LEU B 119 -110.62 -44.07 3.94
CA LEU B 119 -111.28 -43.05 3.14
C LEU B 119 -110.26 -42.34 2.27
N GLU B 120 -109.06 -42.15 2.81
CA GLU B 120 -107.99 -41.49 2.05
C GLU B 120 -107.75 -42.24 0.74
N GLU B 121 -107.33 -43.49 0.86
CA GLU B 121 -107.06 -44.31 -0.32
C GLU B 121 -108.30 -44.45 -1.19
N LYS B 122 -109.46 -44.53 -0.55
CA LYS B 122 -110.70 -44.66 -1.28
C LYS B 122 -110.80 -43.52 -2.29
N ILE B 123 -110.84 -42.29 -1.78
CA ILE B 123 -110.94 -41.12 -2.64
C ILE B 123 -109.80 -41.15 -3.64
N SER B 124 -108.60 -41.44 -3.17
CA SER B 124 -107.43 -41.52 -4.06
C SER B 124 -107.80 -42.32 -5.29
N ALA B 125 -108.30 -43.52 -5.07
CA ALA B 125 -108.68 -44.41 -6.15
C ALA B 125 -109.67 -43.72 -7.07
N LEU B 126 -110.73 -43.17 -6.50
CA LEU B 126 -111.76 -42.50 -7.28
C LEU B 126 -111.16 -41.44 -8.22
N GLU B 127 -110.51 -40.44 -7.66
CA GLU B 127 -109.92 -39.40 -8.48
C GLU B 127 -108.72 -39.93 -9.25
N GLY B 128 -108.35 -41.17 -8.95
CA GLY B 128 -107.21 -41.78 -9.61
C GLY B 128 -105.92 -41.04 -9.29
N ALA B 129 -105.81 -40.61 -8.04
CA ALA B 129 -104.66 -39.86 -7.56
C ALA B 129 -103.59 -40.77 -6.96
N GLU B 130 -102.46 -40.17 -6.63
CA GLU B 130 -101.36 -40.91 -6.03
C GLU B 130 -101.62 -41.01 -4.53
N SER B 131 -102.11 -39.93 -3.95
CA SER B 131 -102.41 -39.88 -2.52
C SER B 131 -103.43 -38.78 -2.22
N THR B 132 -104.15 -38.92 -1.11
CA THR B 132 -105.15 -37.94 -0.74
C THR B 132 -105.00 -37.56 0.73
N LEU B 133 -105.36 -36.32 1.05
CA LEU B 133 -105.29 -35.84 2.43
C LEU B 133 -106.69 -35.46 2.89
N LEU B 134 -106.95 -35.57 4.19
CA LEU B 134 -108.26 -35.23 4.72
C LEU B 134 -108.20 -34.27 5.89
N MET B 135 -108.79 -33.09 5.71
CA MET B 135 -108.80 -32.07 6.75
C MET B 135 -110.10 -32.13 7.52
N ALA B 136 -110.28 -31.20 8.45
CA ALA B 136 -111.47 -31.16 9.28
C ALA B 136 -112.63 -30.49 8.54
N SER B 137 -112.30 -29.73 7.50
CA SER B 137 -113.31 -29.03 6.72
C SER B 137 -112.70 -28.53 5.42
N GLY B 138 -113.54 -28.33 4.41
CA GLY B 138 -113.03 -27.86 3.13
C GLY B 138 -112.13 -26.66 3.31
N MET B 139 -112.67 -25.61 3.92
CA MET B 139 -111.91 -24.39 4.16
C MET B 139 -110.52 -24.69 4.66
N CYS B 140 -110.41 -25.62 5.62
CA CYS B 140 -109.12 -25.99 6.17
C CYS B 140 -108.18 -26.38 5.05
N ALA B 141 -108.64 -27.30 4.21
CA ALA B 141 -107.88 -27.79 3.07
C ALA B 141 -107.31 -26.66 2.22
N SER B 142 -108.18 -25.90 1.57
CA SER B 142 -107.73 -24.79 0.75
C SER B 142 -106.70 -23.99 1.53
N THR B 143 -107.11 -23.59 2.73
CA THR B 143 -106.26 -22.81 3.61
C THR B 143 -104.87 -23.41 3.73
N VAL B 144 -104.80 -24.60 4.31
CA VAL B 144 -103.52 -25.27 4.47
C VAL B 144 -102.77 -25.35 3.14
N MET B 145 -103.47 -25.83 2.13
CA MET B 145 -102.91 -25.98 0.79
C MET B 145 -102.18 -24.71 0.34
N LEU B 146 -102.86 -23.56 0.42
CA LEU B 146 -102.25 -22.32 0.00
C LEU B 146 -101.02 -22.03 0.85
N LEU B 147 -101.23 -21.94 2.16
CA LEU B 147 -100.16 -21.66 3.10
C LEU B 147 -98.97 -22.59 2.91
N ALA B 148 -99.23 -23.79 2.43
CA ALA B 148 -98.19 -24.79 2.23
C ALA B 148 -97.43 -24.70 0.91
N LEU B 149 -98.11 -24.38 -0.17
CA LEU B 149 -97.45 -24.31 -1.48
C LEU B 149 -96.96 -22.94 -1.90
N VAL B 150 -97.78 -21.92 -1.68
CA VAL B 150 -97.39 -20.57 -2.05
C VAL B 150 -96.30 -20.02 -1.15
N PRO B 151 -95.11 -19.75 -1.71
CA PRO B 151 -94.01 -19.23 -0.91
C PRO B 151 -94.32 -17.80 -0.51
N ALA B 152 -93.50 -17.25 0.38
CA ALA B 152 -93.68 -15.88 0.84
C ALA B 152 -93.42 -14.91 -0.30
N GLY B 153 -94.27 -13.89 -0.43
CA GLY B 153 -94.09 -12.93 -1.50
C GLY B 153 -94.48 -13.46 -2.87
N GLY B 154 -94.81 -14.75 -2.94
CA GLY B 154 -95.20 -15.34 -4.19
C GLY B 154 -96.52 -14.80 -4.74
N HIS B 155 -96.82 -15.13 -5.98
CA HIS B 155 -98.04 -14.66 -6.60
C HIS B 155 -98.96 -15.83 -6.87
N ILE B 156 -100.26 -15.56 -6.97
CA ILE B 156 -101.26 -16.59 -7.23
C ILE B 156 -102.32 -16.04 -8.16
N VAL B 157 -103.00 -16.93 -8.87
CA VAL B 157 -104.06 -16.52 -9.80
C VAL B 157 -105.35 -17.29 -9.55
N THR B 158 -106.43 -16.55 -9.31
CA THR B 158 -107.70 -17.20 -9.08
C THR B 158 -108.77 -16.53 -9.89
N THR B 159 -109.95 -17.13 -9.92
CA THR B 159 -111.08 -16.63 -10.68
C THR B 159 -111.92 -15.67 -9.84
N THR B 160 -112.88 -15.01 -10.50
CA THR B 160 -113.75 -14.04 -9.84
C THR B 160 -114.91 -14.67 -9.08
N ASP B 161 -115.35 -15.85 -9.52
CA ASP B 161 -116.47 -16.53 -8.88
C ASP B 161 -116.02 -17.47 -7.75
N CYS B 162 -115.09 -17.00 -6.93
CA CYS B 162 -114.61 -17.81 -5.82
C CYS B 162 -115.70 -17.88 -4.77
N TYR B 163 -115.58 -18.82 -3.84
CA TYR B 163 -116.55 -18.94 -2.78
C TYR B 163 -116.22 -17.87 -1.75
N ARG B 164 -117.24 -17.13 -1.32
CA ARG B 164 -117.06 -16.05 -0.34
C ARG B 164 -115.82 -16.16 0.54
N LYS B 165 -115.89 -16.98 1.58
CA LYS B 165 -114.79 -17.17 2.52
C LYS B 165 -113.43 -17.40 1.85
N THR B 166 -113.39 -18.34 0.93
CA THR B 166 -112.14 -18.65 0.22
C THR B 166 -111.53 -17.35 -0.28
N ARG B 167 -112.37 -16.44 -0.76
CA ARG B 167 -111.91 -15.15 -1.25
C ARG B 167 -111.18 -14.38 -0.17
N ILE B 168 -111.92 -14.01 0.87
CA ILE B 168 -111.38 -13.26 1.99
C ILE B 168 -109.98 -13.72 2.41
N PHE B 169 -109.84 -15.01 2.74
CA PHE B 169 -108.54 -15.54 3.15
C PHE B 169 -107.46 -15.02 2.20
N ILE B 170 -107.68 -15.26 0.91
CA ILE B 170 -106.74 -14.83 -0.12
C ILE B 170 -106.55 -13.34 -0.15
N GLU B 171 -107.60 -12.60 0.19
CA GLU B 171 -107.53 -11.15 0.15
C GLU B 171 -107.11 -10.47 1.45
N THR B 172 -107.12 -11.20 2.56
CA THR B 172 -106.74 -10.61 3.83
C THR B 172 -105.59 -11.30 4.54
N ILE B 173 -105.57 -12.63 4.54
CA ILE B 173 -104.50 -13.33 5.21
C ILE B 173 -103.24 -13.39 4.35
N LEU B 174 -103.33 -14.09 3.22
CA LEU B 174 -102.19 -14.25 2.31
C LEU B 174 -101.34 -12.98 2.16
N PRO B 175 -101.98 -11.82 1.97
CA PRO B 175 -101.19 -10.59 1.81
C PRO B 175 -100.25 -10.35 3.00
N LYS B 176 -100.55 -10.94 4.15
CA LYS B 176 -99.70 -10.79 5.33
C LYS B 176 -98.36 -11.45 5.05
N MET B 177 -98.37 -12.45 4.17
CA MET B 177 -97.15 -13.17 3.81
C MET B 177 -96.61 -12.59 2.51
N GLY B 178 -97.09 -11.41 2.14
CA GLY B 178 -96.65 -10.76 0.93
C GLY B 178 -97.09 -11.47 -0.34
N ILE B 179 -98.06 -12.38 -0.21
CA ILE B 179 -98.56 -13.13 -1.36
C ILE B 179 -99.63 -12.35 -2.10
N THR B 180 -99.28 -11.82 -3.28
CA THR B 180 -100.21 -11.06 -4.09
C THR B 180 -100.95 -11.98 -5.05
N ALA B 181 -102.14 -11.56 -5.48
CA ALA B 181 -102.94 -12.38 -6.37
C ALA B 181 -103.56 -11.59 -7.51
N THR B 182 -103.93 -12.31 -8.57
CA THR B 182 -104.58 -11.73 -9.74
C THR B 182 -105.93 -12.42 -9.91
N VAL B 183 -106.97 -11.62 -10.02
CA VAL B 183 -108.32 -12.17 -10.16
C VAL B 183 -108.87 -11.98 -11.58
N ILE B 184 -108.90 -13.08 -12.33
CA ILE B 184 -109.39 -13.08 -13.70
C ILE B 184 -110.75 -13.77 -13.77
N ASP B 185 -111.45 -13.59 -14.88
CA ASP B 185 -112.76 -14.22 -15.08
C ASP B 185 -112.53 -15.67 -15.50
N PRO B 186 -113.41 -16.60 -15.08
CA PRO B 186 -113.26 -18.02 -15.43
C PRO B 186 -112.97 -18.27 -16.91
N ALA B 187 -113.73 -17.61 -17.78
CA ALA B 187 -113.59 -17.78 -19.22
C ALA B 187 -112.37 -17.07 -19.80
N ASP B 188 -112.15 -15.84 -19.36
CA ASP B 188 -111.02 -15.03 -19.85
C ASP B 188 -109.66 -15.72 -19.75
N VAL B 189 -109.36 -16.57 -20.73
CA VAL B 189 -108.10 -17.27 -20.76
C VAL B 189 -106.99 -16.29 -21.09
N GLY B 190 -107.33 -15.28 -21.88
CA GLY B 190 -106.35 -14.28 -22.24
C GLY B 190 -105.70 -13.71 -21.01
N ALA B 191 -106.52 -13.22 -20.09
CA ALA B 191 -106.02 -12.63 -18.85
C ALA B 191 -105.06 -13.61 -18.19
N LEU B 192 -105.45 -14.87 -18.14
CA LEU B 192 -104.60 -15.88 -17.54
C LEU B 192 -103.27 -15.94 -18.29
N GLU B 193 -103.34 -16.16 -19.60
CA GLU B 193 -102.13 -16.24 -20.40
C GLU B 193 -101.26 -15.00 -20.19
N LEU B 194 -101.89 -13.85 -20.00
CA LEU B 194 -101.14 -12.61 -19.80
C LEU B 194 -100.46 -12.62 -18.44
N ALA B 195 -101.26 -12.77 -17.39
CA ALA B 195 -100.73 -12.81 -16.04
C ALA B 195 -99.56 -13.79 -15.98
N LEU B 196 -99.73 -14.92 -16.65
CA LEU B 196 -98.70 -15.95 -16.68
C LEU B 196 -97.35 -15.37 -17.08
N ASN B 197 -97.38 -14.42 -18.00
CA ASN B 197 -96.15 -13.78 -18.49
C ASN B 197 -95.78 -12.52 -17.73
N GLN B 198 -96.77 -11.77 -17.28
CA GLN B 198 -96.52 -10.55 -16.54
C GLN B 198 -95.75 -10.85 -15.27
N LYS B 199 -96.40 -11.50 -14.31
CA LYS B 199 -95.76 -11.86 -13.06
C LYS B 199 -95.31 -13.32 -13.06
N LYS B 200 -94.78 -13.77 -11.93
CA LYS B 200 -94.33 -15.14 -11.77
C LYS B 200 -95.34 -15.89 -10.90
N VAL B 201 -96.33 -16.49 -11.56
CA VAL B 201 -97.39 -17.22 -10.88
C VAL B 201 -96.91 -18.52 -10.25
N ASN B 202 -97.14 -18.65 -8.94
CA ASN B 202 -96.74 -19.85 -8.21
C ASN B 202 -97.79 -20.95 -8.33
N LEU B 203 -99.04 -20.55 -8.45
CA LEU B 203 -100.11 -21.52 -8.57
C LEU B 203 -101.42 -20.88 -9.00
N PHE B 204 -102.13 -21.55 -9.88
CA PHE B 204 -103.43 -21.09 -10.35
C PHE B 204 -104.45 -21.90 -9.60
N PHE B 205 -105.41 -21.23 -8.97
CA PHE B 205 -106.41 -21.92 -8.19
C PHE B 205 -107.81 -21.45 -8.52
N THR B 206 -108.73 -22.40 -8.65
CA THR B 206 -110.11 -22.08 -8.94
C THR B 206 -111.00 -23.29 -8.81
N GLU B 207 -112.30 -23.04 -8.79
CA GLU B 207 -113.28 -24.12 -8.70
C GLU B 207 -114.03 -24.23 -10.01
N SER B 208 -114.32 -25.46 -10.41
CA SER B 208 -115.05 -25.71 -11.64
C SER B 208 -115.86 -26.98 -11.48
N PRO B 209 -117.19 -26.89 -11.51
CA PRO B 209 -117.96 -25.65 -11.69
C PRO B 209 -117.67 -24.62 -10.60
N THR B 210 -118.14 -23.41 -10.81
CA THR B 210 -117.94 -22.31 -9.88
C THR B 210 -119.17 -22.12 -8.99
N ASN B 211 -119.08 -21.19 -8.06
CA ASN B 211 -120.20 -20.90 -7.17
C ASN B 211 -120.52 -19.41 -7.21
N PRO B 212 -121.80 -19.08 -7.36
CA PRO B 212 -122.92 -20.00 -7.49
C PRO B 212 -123.39 -20.12 -8.93
N PHE B 213 -122.69 -19.45 -9.84
CA PHE B 213 -123.08 -19.47 -11.25
C PHE B 213 -122.55 -20.68 -11.99
N LEU B 214 -121.99 -21.62 -11.24
CA LEU B 214 -121.46 -22.84 -11.81
C LEU B 214 -120.67 -22.65 -13.09
N ARG B 215 -119.88 -21.58 -13.17
CA ARG B 215 -119.06 -21.34 -14.35
C ARG B 215 -118.03 -22.46 -14.43
N CYS B 216 -117.55 -22.77 -15.64
CA CYS B 216 -116.56 -23.84 -15.78
C CYS B 216 -115.26 -23.39 -16.42
N VAL B 217 -114.16 -24.02 -16.01
CA VAL B 217 -112.85 -23.70 -16.55
C VAL B 217 -112.32 -24.86 -17.38
N ASP B 218 -111.90 -24.57 -18.60
CA ASP B 218 -111.38 -25.60 -19.48
C ASP B 218 -110.09 -26.14 -18.89
N ILE B 219 -110.24 -26.94 -17.84
CA ILE B 219 -109.11 -27.51 -17.12
C ILE B 219 -107.92 -27.89 -17.99
N GLU B 220 -108.16 -28.76 -18.96
CA GLU B 220 -107.10 -29.22 -19.85
C GLU B 220 -106.31 -28.03 -20.40
N LEU B 221 -107.02 -27.08 -20.98
CA LEU B 221 -106.38 -25.92 -21.54
C LEU B 221 -105.53 -25.21 -20.51
N VAL B 222 -106.20 -24.62 -19.53
CA VAL B 222 -105.53 -23.90 -18.45
C VAL B 222 -104.31 -24.66 -17.96
N SER B 223 -104.51 -25.92 -17.58
CA SER B 223 -103.41 -26.74 -17.11
C SER B 223 -102.21 -26.60 -18.05
N LYS B 224 -102.46 -26.76 -19.35
CA LYS B 224 -101.42 -26.66 -20.36
C LYS B 224 -100.66 -25.35 -20.26
N LEU B 225 -101.40 -24.24 -20.30
CA LEU B 225 -100.78 -22.93 -20.21
C LEU B 225 -99.94 -22.77 -18.95
N CYS B 226 -100.57 -22.91 -17.80
CA CYS B 226 -99.89 -22.76 -16.52
C CYS B 226 -98.62 -23.59 -16.42
N HIS B 227 -98.71 -24.87 -16.80
CA HIS B 227 -97.56 -25.76 -16.75
C HIS B 227 -96.41 -25.29 -17.63
N GLU B 228 -96.72 -24.47 -18.62
CA GLU B 228 -95.72 -23.94 -19.53
C GLU B 228 -94.89 -22.89 -18.81
N LYS B 229 -95.49 -22.24 -17.83
CA LYS B 229 -94.81 -21.20 -17.07
C LYS B 229 -94.40 -21.61 -15.67
N GLY B 230 -94.50 -22.91 -15.37
CA GLY B 230 -94.12 -23.40 -14.07
C GLY B 230 -95.15 -23.27 -12.96
N ALA B 231 -96.32 -22.73 -13.28
CA ALA B 231 -97.36 -22.57 -12.28
C ALA B 231 -98.06 -23.90 -11.96
N LEU B 232 -98.63 -23.97 -10.77
CA LEU B 232 -99.34 -25.17 -10.33
C LEU B 232 -100.83 -24.93 -10.46
N VAL B 233 -101.58 -25.98 -10.80
CA VAL B 233 -103.01 -25.83 -10.94
C VAL B 233 -103.80 -26.59 -9.91
N CYS B 234 -104.71 -25.89 -9.23
CA CYS B 234 -105.53 -26.53 -8.24
C CYS B 234 -106.99 -26.25 -8.56
N ILE B 235 -107.76 -27.32 -8.71
CA ILE B 235 -109.18 -27.19 -9.02
C ILE B 235 -110.03 -27.65 -7.85
N ASP B 236 -111.05 -26.86 -7.54
CA ASP B 236 -111.96 -27.19 -6.46
C ASP B 236 -113.20 -27.81 -7.09
N GLY B 237 -113.08 -29.11 -7.40
CA GLY B 237 -114.17 -29.82 -8.04
C GLY B 237 -115.35 -30.14 -7.15
N THR B 238 -115.47 -29.44 -6.03
CA THR B 238 -116.55 -29.69 -5.09
C THR B 238 -117.89 -29.94 -5.79
N PHE B 239 -118.35 -28.95 -6.56
CA PHE B 239 -119.62 -29.05 -7.26
C PHE B 239 -119.68 -30.20 -8.25
N ALA B 240 -118.53 -30.47 -8.85
CA ALA B 240 -118.45 -31.54 -9.84
C ALA B 240 -118.62 -32.92 -9.22
N THR B 241 -117.66 -33.31 -8.38
CA THR B 241 -117.66 -34.62 -7.74
C THR B 241 -116.75 -35.49 -8.58
N PRO B 242 -115.89 -36.31 -7.94
CA PRO B 242 -114.99 -37.18 -8.71
C PRO B 242 -115.69 -38.08 -9.71
N LEU B 243 -117.02 -38.09 -9.70
CA LEU B 243 -117.79 -38.92 -10.61
C LEU B 243 -118.15 -38.18 -11.91
N ASN B 244 -118.39 -36.88 -11.80
CA ASN B 244 -118.75 -36.08 -12.98
C ASN B 244 -117.54 -35.49 -13.71
N GLN B 245 -116.35 -35.70 -13.18
CA GLN B 245 -115.14 -35.19 -13.81
C GLN B 245 -113.87 -35.58 -13.05
N LYS B 246 -112.77 -35.69 -13.78
CA LYS B 246 -111.49 -36.06 -13.19
C LYS B 246 -110.48 -34.97 -13.51
N ALA B 247 -110.49 -33.90 -12.73
CA ALA B 247 -109.58 -32.79 -12.94
C ALA B 247 -108.14 -33.26 -13.11
N LEU B 248 -107.73 -34.18 -12.25
CA LEU B 248 -106.37 -34.71 -12.29
C LEU B 248 -106.03 -35.32 -13.65
N ALA B 249 -107.00 -36.02 -14.24
CA ALA B 249 -106.81 -36.64 -15.54
C ALA B 249 -106.68 -35.58 -16.62
N LEU B 250 -107.50 -34.54 -16.50
CA LEU B 250 -107.48 -33.45 -17.47
C LEU B 250 -106.17 -32.67 -17.38
N GLY B 251 -105.33 -33.02 -16.41
CA GLY B 251 -104.05 -32.35 -16.26
C GLY B 251 -103.82 -31.57 -14.97
N ALA B 252 -104.88 -31.23 -14.26
CA ALA B 252 -104.74 -30.48 -13.02
C ALA B 252 -103.69 -31.09 -12.10
N ASP B 253 -103.00 -30.25 -11.33
CA ASP B 253 -101.98 -30.73 -10.40
C ASP B 253 -102.63 -31.27 -9.15
N LEU B 254 -103.59 -30.53 -8.61
CA LEU B 254 -104.28 -30.94 -7.38
C LEU B 254 -105.78 -30.67 -7.47
N VAL B 255 -106.56 -31.61 -6.98
CA VAL B 255 -108.01 -31.47 -6.96
C VAL B 255 -108.48 -31.60 -5.52
N LEU B 256 -109.24 -30.62 -5.05
CA LEU B 256 -109.74 -30.67 -3.68
C LEU B 256 -111.25 -30.62 -3.64
N HIS B 257 -111.82 -31.16 -2.56
CA HIS B 257 -113.25 -31.19 -2.39
C HIS B 257 -113.66 -30.83 -0.97
N SER B 258 -114.94 -30.52 -0.83
CA SER B 258 -115.52 -30.20 0.45
C SER B 258 -116.45 -31.37 0.73
N ALA B 259 -115.89 -32.47 1.22
CA ALA B 259 -116.68 -33.66 1.50
C ALA B 259 -117.93 -33.36 2.30
N THR B 260 -118.01 -32.14 2.81
CA THR B 260 -119.17 -31.70 3.58
C THR B 260 -120.42 -31.82 2.75
N LYS B 261 -120.25 -31.64 1.44
CA LYS B 261 -121.36 -31.67 0.48
C LYS B 261 -121.78 -33.02 -0.08
N PHE B 262 -121.29 -33.34 -1.27
CA PHE B 262 -121.64 -34.59 -1.95
C PHE B 262 -121.03 -35.85 -1.36
N LEU B 263 -119.71 -35.86 -1.17
CA LEU B 263 -119.02 -37.03 -0.65
C LEU B 263 -119.73 -37.62 0.57
N GLY B 264 -120.06 -36.77 1.54
CA GLY B 264 -120.77 -37.25 2.71
C GLY B 264 -122.23 -37.35 2.32
N GLY B 265 -122.68 -36.36 1.57
CA GLY B 265 -124.05 -36.32 1.08
C GLY B 265 -125.22 -36.56 2.02
N HIS B 266 -125.03 -36.37 3.32
CA HIS B 266 -126.12 -36.59 4.26
C HIS B 266 -126.36 -35.40 5.19
N ASN B 267 -125.64 -34.32 4.95
CA ASN B 267 -125.78 -33.11 5.74
C ASN B 267 -125.58 -33.36 7.21
N ASP B 268 -124.51 -34.06 7.56
CA ASP B 268 -124.25 -34.35 8.97
C ASP B 268 -122.77 -34.50 9.29
N VAL B 269 -121.92 -33.82 8.52
CA VAL B 269 -120.49 -33.91 8.76
C VAL B 269 -119.69 -33.00 7.82
N LEU B 270 -118.67 -32.36 8.38
CA LEU B 270 -117.81 -31.48 7.60
C LEU B 270 -116.52 -32.23 7.37
N ALA B 271 -115.83 -31.91 6.29
CA ALA B 271 -114.56 -32.56 5.98
C ALA B 271 -113.95 -32.00 4.72
N GLY B 272 -112.67 -31.67 4.81
CA GLY B 272 -111.96 -31.16 3.65
C GLY B 272 -111.24 -32.33 3.03
N CYS B 273 -110.80 -32.20 1.79
CA CYS B 273 -110.12 -33.30 1.14
C CYS B 273 -109.32 -32.82 -0.06
N ILE B 274 -108.07 -33.25 -0.14
CA ILE B 274 -107.19 -32.87 -1.25
C ILE B 274 -106.47 -34.09 -1.80
N SER B 275 -106.53 -34.27 -3.11
CA SER B 275 -105.89 -35.40 -3.76
C SER B 275 -104.95 -34.90 -4.82
N GLY B 276 -103.90 -35.67 -5.10
CA GLY B 276 -102.92 -35.29 -6.11
C GLY B 276 -101.65 -36.12 -6.01
N PRO B 277 -100.56 -35.70 -6.67
CA PRO B 277 -99.30 -36.44 -6.65
C PRO B 277 -98.64 -36.39 -5.28
N LEU B 278 -97.99 -37.49 -4.90
CA LEU B 278 -97.32 -37.59 -3.60
C LEU B 278 -96.39 -36.42 -3.31
N LYS B 279 -95.33 -36.30 -4.11
CA LYS B 279 -94.36 -35.23 -3.96
C LYS B 279 -95.02 -33.92 -3.57
N LEU B 280 -96.26 -33.72 -4.02
CA LEU B 280 -96.99 -32.50 -3.72
C LEU B 280 -97.80 -32.62 -2.43
N VAL B 281 -98.88 -33.38 -2.47
CA VAL B 281 -99.75 -33.57 -1.31
C VAL B 281 -98.96 -33.75 0.00
N SER B 282 -97.89 -34.54 -0.04
CA SER B 282 -97.08 -34.77 1.14
C SER B 282 -96.60 -33.45 1.73
N GLU B 283 -96.12 -32.55 0.88
CA GLU B 283 -95.64 -31.26 1.35
C GLU B 283 -96.73 -30.56 2.16
N ILE B 284 -97.99 -30.86 1.85
CA ILE B 284 -99.10 -30.26 2.56
C ILE B 284 -99.36 -31.00 3.86
N ARG B 285 -99.31 -32.32 3.79
CA ARG B 285 -99.53 -33.16 4.96
C ARG B 285 -98.59 -32.78 6.09
N ASN B 286 -97.41 -32.29 5.73
CA ASN B 286 -96.44 -31.89 6.71
C ASN B 286 -96.93 -30.66 7.46
N LEU B 287 -97.26 -29.61 6.73
CA LEU B 287 -97.75 -28.39 7.36
C LEU B 287 -99.05 -28.71 8.11
N HIS B 288 -99.79 -29.68 7.59
CA HIS B 288 -101.05 -30.08 8.20
C HIS B 288 -100.78 -30.72 9.55
N HIS B 289 -99.63 -31.36 9.68
CA HIS B 289 -99.25 -32.02 10.93
C HIS B 289 -98.90 -31.02 12.00
N ILE B 290 -98.98 -29.74 11.66
CA ILE B 290 -98.69 -28.68 12.62
C ILE B 290 -99.93 -27.83 12.87
N LEU B 291 -100.56 -27.35 11.82
CA LEU B 291 -101.76 -26.55 11.98
C LEU B 291 -102.81 -27.37 12.70
N GLY B 292 -102.56 -28.67 12.77
CA GLY B 292 -103.45 -29.59 13.46
C GLY B 292 -104.92 -29.46 13.16
N GLY B 293 -105.30 -29.75 11.92
CA GLY B 293 -106.70 -29.66 11.53
C GLY B 293 -107.17 -31.08 11.29
N ALA B 294 -106.73 -31.97 12.16
CA ALA B 294 -107.08 -33.39 12.06
C ALA B 294 -108.56 -33.66 11.99
N LEU B 295 -108.92 -34.67 11.20
CA LEU B 295 -110.31 -35.07 11.05
C LEU B 295 -110.57 -36.19 12.06
N ASN B 296 -111.70 -36.14 12.75
CA ASN B 296 -112.02 -37.18 13.72
C ASN B 296 -112.44 -38.49 13.07
N PRO B 297 -112.01 -39.62 13.63
CA PRO B 297 -112.34 -40.94 13.07
C PRO B 297 -113.82 -41.12 12.79
N ASN B 298 -114.66 -40.87 13.78
CA ASN B 298 -116.10 -41.01 13.61
C ASN B 298 -116.55 -40.31 12.34
N ALA B 299 -116.14 -39.06 12.18
CA ALA B 299 -116.49 -38.28 10.98
C ALA B 299 -116.02 -39.02 9.73
N ALA B 300 -114.77 -39.47 9.76
CA ALA B 300 -114.20 -40.20 8.64
C ALA B 300 -115.12 -41.34 8.23
N TYR B 301 -115.56 -42.11 9.22
CA TYR B 301 -116.43 -43.24 8.93
C TYR B 301 -117.69 -42.81 8.21
N LEU B 302 -118.38 -41.82 8.77
CA LEU B 302 -119.62 -41.33 8.18
C LEU B 302 -119.46 -41.05 6.69
N ILE B 303 -118.30 -40.53 6.30
CA ILE B 303 -118.05 -40.24 4.89
C ILE B 303 -117.90 -41.56 4.13
N ILE B 304 -117.11 -42.46 4.70
CA ILE B 304 -116.89 -43.76 4.10
C ILE B 304 -118.26 -44.39 3.84
N ARG B 305 -119.12 -44.34 4.84
CA ARG B 305 -120.45 -44.91 4.75
C ARG B 305 -121.29 -44.17 3.70
N GLY B 306 -121.14 -42.85 3.66
CA GLY B 306 -121.89 -42.06 2.71
C GLY B 306 -121.47 -42.37 1.28
N MET B 307 -120.18 -42.46 1.05
CA MET B 307 -119.65 -42.75 -0.28
C MET B 307 -120.01 -44.14 -0.77
N LYS B 308 -120.56 -44.95 0.12
CA LYS B 308 -120.99 -46.30 -0.21
C LYS B 308 -122.07 -46.23 -1.29
N THR B 309 -122.80 -45.12 -1.30
CA THR B 309 -123.85 -44.91 -2.28
C THR B 309 -123.64 -43.58 -3.01
N LEU B 310 -122.37 -43.25 -3.25
CA LEU B 310 -122.02 -42.01 -3.93
C LEU B 310 -122.65 -41.93 -5.30
N HIS B 311 -122.25 -42.85 -6.19
CA HIS B 311 -122.77 -42.88 -7.53
C HIS B 311 -124.28 -42.80 -7.56
N LEU B 312 -124.94 -43.71 -6.85
CA LEU B 312 -126.40 -43.73 -6.80
C LEU B 312 -126.96 -42.33 -6.56
N ARG B 313 -126.44 -41.67 -5.53
CA ARG B 313 -126.91 -40.35 -5.20
C ARG B 313 -126.66 -39.33 -6.33
N VAL B 314 -125.41 -39.20 -6.76
CA VAL B 314 -125.05 -38.27 -7.83
C VAL B 314 -125.93 -38.47 -9.04
N GLN B 315 -125.98 -39.71 -9.53
CA GLN B 315 -126.78 -40.07 -10.69
C GLN B 315 -128.13 -39.35 -10.65
N GLN B 316 -128.92 -39.67 -9.63
CA GLN B 316 -130.26 -39.10 -9.44
C GLN B 316 -130.23 -37.58 -9.45
N GLN B 317 -129.36 -36.99 -8.66
CA GLN B 317 -129.27 -35.53 -8.59
C GLN B 317 -128.90 -34.96 -9.95
N ASN B 318 -127.95 -35.59 -10.62
CA ASN B 318 -127.53 -35.13 -11.93
C ASN B 318 -128.73 -34.96 -12.86
N SER B 319 -129.67 -35.90 -12.79
CA SER B 319 -130.88 -35.87 -13.62
C SER B 319 -131.79 -34.75 -13.12
N THR B 320 -132.44 -34.99 -11.98
CA THR B 320 -133.36 -34.02 -11.39
C THR B 320 -132.93 -32.60 -11.70
N ALA B 321 -131.69 -32.26 -11.37
CA ALA B 321 -131.18 -30.92 -11.62
C ALA B 321 -131.45 -30.53 -13.08
N LEU B 322 -130.77 -31.22 -13.99
CA LEU B 322 -130.93 -30.97 -15.42
C LEU B 322 -132.40 -30.78 -15.79
N ARG B 323 -133.16 -31.86 -15.74
CA ARG B 323 -134.58 -31.81 -16.07
C ARG B 323 -135.26 -30.61 -15.45
N MET B 324 -135.03 -30.41 -14.14
CA MET B 324 -135.63 -29.28 -13.45
C MET B 324 -135.10 -27.98 -14.01
N ALA B 325 -133.83 -27.99 -14.39
CA ALA B 325 -133.21 -26.80 -14.95
C ALA B 325 -134.06 -26.40 -16.15
N GLU B 326 -134.05 -27.24 -17.17
CA GLU B 326 -134.80 -27.00 -18.40
C GLU B 326 -136.19 -26.47 -18.09
N ILE B 327 -136.95 -27.21 -17.30
CA ILE B 327 -138.30 -26.80 -16.96
C ILE B 327 -138.34 -25.35 -16.48
N LEU B 328 -137.38 -24.99 -15.62
CA LEU B 328 -137.31 -23.64 -15.09
C LEU B 328 -137.07 -22.61 -16.18
N GLU B 329 -136.02 -22.83 -16.98
CA GLU B 329 -135.70 -21.90 -18.06
C GLU B 329 -136.90 -21.56 -18.92
N ALA B 330 -137.74 -22.57 -19.16
CA ALA B 330 -138.94 -22.41 -19.98
C ALA B 330 -140.04 -21.68 -19.21
N HIS B 331 -139.92 -21.63 -17.90
CA HIS B 331 -140.91 -20.96 -17.07
C HIS B 331 -140.90 -19.45 -17.30
N PRO B 332 -142.10 -18.85 -17.37
CA PRO B 332 -142.23 -17.41 -17.60
C PRO B 332 -141.74 -16.57 -16.43
N LYS B 333 -141.97 -17.04 -15.22
CA LYS B 333 -141.55 -16.32 -14.02
C LYS B 333 -140.05 -16.42 -13.75
N VAL B 334 -139.37 -17.31 -14.47
CA VAL B 334 -137.94 -17.49 -14.30
C VAL B 334 -137.18 -16.66 -15.34
N ARG B 335 -136.56 -15.59 -14.86
CA ARG B 335 -135.81 -14.69 -15.71
C ARG B 335 -134.55 -15.31 -16.33
N HIS B 336 -133.79 -16.05 -15.53
CA HIS B 336 -132.57 -16.67 -16.02
C HIS B 336 -132.24 -17.95 -15.25
N VAL B 337 -131.46 -18.83 -15.87
CA VAL B 337 -131.08 -20.09 -15.23
C VAL B 337 -129.62 -20.44 -15.51
N TYR B 338 -128.89 -20.76 -14.45
CA TYR B 338 -127.48 -21.11 -14.56
C TYR B 338 -127.29 -22.60 -14.29
N TYR B 339 -126.72 -23.30 -15.28
CA TYR B 339 -126.47 -24.74 -15.18
C TYR B 339 -125.60 -25.17 -16.36
N PRO B 340 -124.45 -25.80 -16.08
CA PRO B 340 -123.57 -26.23 -17.17
C PRO B 340 -124.24 -27.15 -18.16
N GLY B 341 -125.33 -27.79 -17.73
CA GLY B 341 -126.05 -28.71 -18.59
C GLY B 341 -126.89 -28.04 -19.67
N LEU B 342 -127.35 -26.82 -19.39
CA LEU B 342 -128.16 -26.09 -20.34
C LEU B 342 -127.28 -25.55 -21.48
N GLN B 343 -127.89 -25.38 -22.65
CA GLN B 343 -127.18 -24.87 -23.82
C GLN B 343 -126.94 -23.38 -23.64
N SER B 344 -127.79 -22.76 -22.85
CA SER B 344 -127.68 -21.33 -22.59
C SER B 344 -126.43 -20.99 -21.77
N HIS B 345 -125.88 -21.97 -21.07
CA HIS B 345 -124.71 -21.72 -20.23
C HIS B 345 -123.47 -21.36 -21.03
N PRO B 346 -122.81 -20.25 -20.65
CA PRO B 346 -121.59 -19.74 -21.27
C PRO B 346 -120.53 -20.78 -21.63
N GLU B 347 -120.23 -21.70 -20.70
CA GLU B 347 -119.22 -22.71 -20.98
C GLU B 347 -119.79 -24.10 -21.19
N HIS B 348 -121.02 -24.18 -21.68
CA HIS B 348 -121.67 -25.45 -21.93
C HIS B 348 -120.82 -26.38 -22.81
N HIS B 349 -120.15 -25.81 -23.80
CA HIS B 349 -119.33 -26.62 -24.68
C HIS B 349 -118.14 -27.22 -23.95
N ILE B 350 -117.68 -26.53 -22.90
CA ILE B 350 -116.55 -27.03 -22.10
C ILE B 350 -117.07 -28.07 -21.12
N ALA B 351 -118.18 -27.75 -20.46
CA ALA B 351 -118.78 -28.67 -19.51
C ALA B 351 -119.03 -29.98 -20.24
N LYS B 352 -119.60 -29.87 -21.44
CA LYS B 352 -119.91 -31.02 -22.28
C LYS B 352 -118.67 -31.81 -22.67
N LYS B 353 -117.53 -31.14 -22.69
CA LYS B 353 -116.30 -31.80 -23.10
C LYS B 353 -115.48 -32.41 -21.97
N GLN B 354 -115.58 -31.85 -20.76
CA GLN B 354 -114.81 -32.37 -19.64
C GLN B 354 -115.62 -33.05 -18.53
N MET B 355 -116.93 -32.87 -18.57
CA MET B 355 -117.81 -33.47 -17.58
C MET B 355 -118.63 -34.61 -18.20
N THR B 356 -119.27 -35.39 -17.35
CA THR B 356 -120.14 -36.48 -17.78
C THR B 356 -121.48 -36.20 -17.14
N GLY B 357 -121.48 -35.25 -16.21
CA GLY B 357 -122.69 -34.86 -15.51
C GLY B 357 -122.59 -33.37 -15.18
N PHE B 358 -123.62 -32.81 -14.56
CA PHE B 358 -123.56 -31.39 -14.24
C PHE B 358 -124.02 -31.05 -12.81
N GLY B 359 -123.72 -31.95 -11.88
CA GLY B 359 -124.07 -31.73 -10.49
C GLY B 359 -125.56 -31.70 -10.23
N GLY B 360 -125.92 -31.31 -9.02
CA GLY B 360 -127.32 -31.24 -8.65
C GLY B 360 -127.65 -29.83 -8.20
N ALA B 361 -126.69 -28.93 -8.35
CA ALA B 361 -126.88 -27.55 -7.96
C ALA B 361 -127.36 -26.72 -9.13
N VAL B 362 -128.46 -25.98 -8.93
CA VAL B 362 -129.03 -25.15 -9.97
C VAL B 362 -129.34 -23.73 -9.47
N SER B 363 -128.73 -22.74 -10.11
CA SER B 363 -128.92 -21.34 -9.75
C SER B 363 -129.82 -20.68 -10.78
N PHE B 364 -130.70 -19.80 -10.33
CA PHE B 364 -131.60 -19.11 -11.24
C PHE B 364 -132.20 -17.85 -10.61
N GLU B 365 -132.27 -16.79 -11.41
CA GLU B 365 -132.84 -15.52 -10.96
C GLU B 365 -134.32 -15.55 -11.22
N VAL B 366 -135.10 -14.99 -10.31
CA VAL B 366 -136.54 -14.95 -10.44
C VAL B 366 -136.99 -13.59 -10.96
N ASP B 367 -138.11 -13.57 -11.67
CA ASP B 367 -138.64 -12.33 -12.22
C ASP B 367 -139.38 -11.54 -11.15
N GLY B 368 -138.62 -10.95 -10.24
CA GLY B 368 -139.21 -10.16 -9.17
C GLY B 368 -138.09 -9.44 -8.43
N ASP B 369 -138.31 -9.16 -7.15
CA ASP B 369 -137.28 -8.48 -6.37
C ASP B 369 -137.03 -9.21 -5.05
N LEU B 370 -136.17 -8.63 -4.23
CA LEU B 370 -135.83 -9.21 -2.94
C LEU B 370 -137.06 -9.84 -2.32
N LEU B 371 -137.97 -9.01 -1.83
CA LEU B 371 -139.19 -9.48 -1.19
C LEU B 371 -139.99 -10.46 -2.02
N THR B 372 -139.94 -10.33 -3.33
CA THR B 372 -140.65 -11.23 -4.21
C THR B 372 -139.96 -12.59 -4.24
N THR B 373 -138.66 -12.59 -4.51
CA THR B 373 -137.90 -13.83 -4.54
C THR B 373 -138.03 -14.57 -3.20
N ALA B 374 -137.96 -13.82 -2.11
CA ALA B 374 -138.09 -14.39 -0.79
C ALA B 374 -139.43 -15.09 -0.69
N LYS B 375 -140.48 -14.41 -1.12
CA LYS B 375 -141.82 -14.98 -1.09
C LYS B 375 -141.80 -16.37 -1.73
N PHE B 376 -141.03 -16.51 -2.80
CA PHE B 376 -140.92 -17.77 -3.52
C PHE B 376 -140.38 -18.87 -2.63
N VAL B 377 -139.12 -18.75 -2.22
CA VAL B 377 -138.49 -19.74 -1.36
C VAL B 377 -139.33 -20.04 -0.12
N ASP B 378 -139.97 -19.02 0.44
CA ASP B 378 -140.79 -19.20 1.61
C ASP B 378 -141.93 -20.16 1.30
N ALA B 379 -142.37 -20.17 0.04
CA ALA B 379 -143.47 -21.03 -0.39
C ALA B 379 -143.08 -22.48 -0.52
N LEU B 380 -141.81 -22.73 -0.81
CA LEU B 380 -141.33 -24.09 -0.96
C LEU B 380 -141.66 -24.89 0.30
N LYS B 381 -142.00 -26.16 0.11
CA LYS B 381 -142.36 -27.02 1.24
C LYS B 381 -141.35 -28.12 1.52
N ILE B 382 -140.62 -28.54 0.51
CA ILE B 382 -139.66 -29.61 0.69
C ILE B 382 -138.24 -29.19 1.06
N PRO B 383 -137.61 -28.34 0.26
CA PRO B 383 -136.26 -27.95 0.63
C PRO B 383 -136.17 -27.15 1.92
N TYR B 384 -135.03 -27.24 2.60
CA TYR B 384 -134.79 -26.50 3.83
C TYR B 384 -134.10 -25.22 3.38
N ILE B 385 -134.39 -24.12 4.05
CA ILE B 385 -133.72 -22.86 3.71
C ILE B 385 -132.45 -22.83 4.54
N ALA B 386 -131.31 -23.08 3.92
CA ALA B 386 -130.07 -23.07 4.66
C ALA B 386 -128.88 -23.15 3.71
N PRO B 387 -127.66 -22.95 4.22
CA PRO B 387 -126.49 -23.02 3.35
C PRO B 387 -126.21 -24.48 2.99
N SER B 388 -125.00 -24.76 2.49
CA SER B 388 -124.60 -26.11 2.11
C SER B 388 -125.44 -26.66 0.96
N PHE B 389 -125.08 -27.87 0.52
CA PHE B 389 -125.76 -28.51 -0.61
C PHE B 389 -125.16 -29.88 -0.89
N GLY B 390 -125.91 -30.73 -1.60
CA GLY B 390 -125.39 -32.04 -1.94
C GLY B 390 -125.87 -33.23 -1.12
N GLY B 391 -126.64 -32.96 -0.07
CA GLY B 391 -127.13 -34.05 0.75
C GLY B 391 -128.47 -34.54 0.23
N CYS B 392 -128.90 -35.71 0.72
CA CYS B 392 -130.18 -36.27 0.30
C CYS B 392 -131.31 -35.27 0.47
N GLU B 393 -131.23 -34.45 1.51
CA GLU B 393 -132.27 -33.45 1.75
C GLU B 393 -132.04 -32.26 0.82
N SER B 394 -133.11 -31.77 0.21
CA SER B 394 -133.01 -30.64 -0.70
C SER B 394 -132.87 -29.34 0.09
N ILE B 395 -132.06 -28.43 -0.44
CA ILE B 395 -131.82 -27.16 0.23
C ILE B 395 -131.87 -25.97 -0.75
N VAL B 396 -132.38 -24.84 -0.27
CA VAL B 396 -132.48 -23.62 -1.07
C VAL B 396 -131.95 -22.46 -0.27
N ASP B 397 -131.55 -21.39 -0.95
CA ASP B 397 -131.06 -20.20 -0.27
C ASP B 397 -130.95 -19.02 -1.23
N GLN B 398 -130.99 -17.82 -0.67
CA GLN B 398 -130.89 -16.61 -1.45
C GLN B 398 -129.52 -16.02 -1.18
N PRO B 399 -128.51 -16.45 -1.92
CA PRO B 399 -127.13 -15.98 -1.77
C PRO B 399 -127.02 -14.53 -1.30
N ALA B 400 -127.88 -13.68 -1.85
CA ALA B 400 -127.88 -12.26 -1.49
C ALA B 400 -127.93 -12.07 0.04
N ILE B 401 -128.88 -12.76 0.66
CA ILE B 401 -129.07 -12.70 2.09
C ILE B 401 -128.22 -13.77 2.79
N MET B 402 -128.38 -15.01 2.35
CA MET B 402 -127.68 -16.14 2.90
C MET B 402 -126.19 -15.96 3.13
N SER B 403 -125.52 -15.25 2.23
CA SER B 403 -124.07 -15.07 2.41
C SER B 403 -123.49 -13.77 1.88
N TYR B 404 -124.32 -12.74 1.79
CA TYR B 404 -123.86 -11.43 1.29
C TYR B 404 -124.67 -10.28 1.88
N TRP B 405 -125.49 -10.57 2.87
CA TRP B 405 -126.31 -9.54 3.47
C TRP B 405 -125.47 -8.52 4.23
N ASP B 406 -124.21 -8.86 4.47
CA ASP B 406 -123.32 -7.96 5.20
C ASP B 406 -122.84 -6.84 4.30
N LEU B 407 -123.21 -6.89 3.03
CA LEU B 407 -122.80 -5.88 2.07
C LEU B 407 -123.97 -5.03 1.58
N SER B 408 -123.65 -3.92 0.93
CA SER B 408 -124.66 -3.01 0.40
C SER B 408 -125.21 -3.49 -0.93
N GLN B 409 -126.44 -3.09 -1.25
CA GLN B 409 -127.07 -3.49 -2.50
C GLN B 409 -126.13 -3.28 -3.69
N SER B 410 -125.33 -2.21 -3.61
CA SER B 410 -124.39 -1.90 -4.68
C SER B 410 -123.17 -2.81 -4.64
N ASP B 411 -122.57 -2.93 -3.46
CA ASP B 411 -121.40 -3.78 -3.29
C ASP B 411 -121.74 -5.24 -3.59
N ARG B 412 -123.01 -5.58 -3.44
CA ARG B 412 -123.50 -6.94 -3.70
C ARG B 412 -123.47 -7.22 -5.20
N ALA B 413 -124.08 -6.32 -5.96
CA ALA B 413 -124.13 -6.43 -7.40
C ALA B 413 -122.72 -6.43 -7.97
N LYS B 414 -121.77 -5.93 -7.19
CA LYS B 414 -120.38 -5.88 -7.60
C LYS B 414 -119.91 -7.26 -8.06
N TYR B 415 -120.67 -8.29 -7.70
CA TYR B 415 -120.31 -9.64 -8.08
C TYR B 415 -121.48 -10.51 -8.51
N GLY B 416 -122.28 -9.99 -9.44
CA GLY B 416 -123.42 -10.73 -9.96
C GLY B 416 -124.48 -11.12 -8.97
N ILE B 417 -124.17 -11.02 -7.67
CA ILE B 417 -125.15 -11.40 -6.66
C ILE B 417 -126.36 -10.49 -6.74
N MET B 418 -127.49 -11.06 -7.17
CA MET B 418 -128.72 -10.31 -7.30
C MET B 418 -129.73 -10.74 -6.24
N ASP B 419 -130.71 -9.88 -5.98
CA ASP B 419 -131.73 -10.20 -5.00
C ASP B 419 -132.68 -11.25 -5.54
N ASN B 420 -132.59 -11.53 -6.83
CA ASN B 420 -133.45 -12.53 -7.44
C ASN B 420 -132.76 -13.88 -7.38
N LEU B 421 -131.44 -13.87 -7.53
CA LEU B 421 -130.63 -15.08 -7.52
C LEU B 421 -131.02 -16.10 -6.45
N VAL B 422 -131.34 -17.31 -6.89
CA VAL B 422 -131.72 -18.39 -5.99
C VAL B 422 -130.86 -19.60 -6.34
N ARG B 423 -130.32 -20.26 -5.32
CA ARG B 423 -129.50 -21.43 -5.55
C ARG B 423 -130.21 -22.66 -5.00
N PHE B 424 -130.64 -23.53 -5.91
CA PHE B 424 -131.36 -24.73 -5.51
C PHE B 424 -130.47 -25.96 -5.58
N SER B 425 -130.27 -26.60 -4.43
CA SER B 425 -129.48 -27.82 -4.38
C SER B 425 -130.46 -28.98 -4.28
N PHE B 426 -130.79 -29.56 -5.42
CA PHE B 426 -131.74 -30.65 -5.43
C PHE B 426 -131.26 -31.83 -4.61
N GLY B 427 -132.15 -32.32 -3.77
CA GLY B 427 -131.84 -33.46 -2.92
C GLY B 427 -131.87 -34.77 -3.68
N VAL B 428 -132.55 -35.76 -3.12
CA VAL B 428 -132.66 -37.07 -3.74
C VAL B 428 -134.13 -37.51 -3.78
N GLU B 429 -134.98 -36.68 -3.19
CA GLU B 429 -136.42 -36.92 -3.16
C GLU B 429 -136.89 -37.17 -4.59
N ASP B 430 -138.10 -37.71 -4.73
CA ASP B 430 -138.63 -38.01 -6.06
C ASP B 430 -138.79 -36.76 -6.91
N PHE B 431 -138.44 -36.88 -8.19
CA PHE B 431 -138.51 -35.75 -9.11
C PHE B 431 -139.87 -35.05 -9.16
N ASP B 432 -140.90 -35.81 -9.48
CA ASP B 432 -142.24 -35.25 -9.57
C ASP B 432 -142.57 -34.48 -8.30
N ASP B 433 -142.25 -35.10 -7.16
CA ASP B 433 -142.50 -34.48 -5.86
C ASP B 433 -141.87 -33.10 -5.79
N LEU B 434 -140.59 -33.02 -6.16
CA LEU B 434 -139.85 -31.77 -6.15
C LEU B 434 -140.44 -30.78 -7.14
N LYS B 435 -140.54 -31.21 -8.39
CA LYS B 435 -141.09 -30.37 -9.46
C LYS B 435 -142.39 -29.71 -9.01
N ALA B 436 -143.35 -30.55 -8.63
CA ALA B 436 -144.65 -30.08 -8.18
C ALA B 436 -144.46 -28.96 -7.18
N ASP B 437 -143.58 -29.19 -6.20
CA ASP B 437 -143.30 -28.19 -5.17
C ASP B 437 -142.84 -26.89 -5.81
N ILE B 438 -141.69 -26.95 -6.47
CA ILE B 438 -141.12 -25.78 -7.13
C ILE B 438 -142.21 -25.09 -7.93
N LEU B 439 -142.94 -25.85 -8.74
CA LEU B 439 -144.01 -25.26 -9.53
C LEU B 439 -145.00 -24.53 -8.64
N GLN B 440 -145.71 -25.28 -7.81
CA GLN B 440 -146.70 -24.70 -6.91
C GLN B 440 -146.08 -23.47 -6.27
N ALA B 441 -144.78 -23.52 -6.03
CA ALA B 441 -144.06 -22.41 -5.41
C ALA B 441 -144.12 -21.17 -6.32
N LEU B 442 -143.50 -21.29 -7.49
CA LEU B 442 -143.46 -20.23 -8.50
C LEU B 442 -144.77 -19.47 -8.67
N ASP B 443 -145.89 -20.19 -8.57
CA ASP B 443 -147.20 -19.59 -8.72
C ASP B 443 -147.50 -18.47 -7.73
N SER B 444 -147.14 -18.68 -6.46
CA SER B 444 -147.38 -17.69 -5.42
C SER B 444 -147.11 -16.26 -5.90
N ILE B 445 -146.29 -16.14 -6.93
CA ILE B 445 -145.96 -14.85 -7.51
C ILE B 445 -146.83 -14.64 -8.75
N TYR C 50 -148.46 -38.80 5.80
CA TYR C 50 -147.57 -37.80 6.46
C TYR C 50 -147.81 -36.41 5.89
N ALA C 51 -147.33 -36.19 4.67
CA ALA C 51 -147.47 -34.91 3.99
C ALA C 51 -148.25 -35.02 2.68
N SER C 52 -148.96 -33.95 2.33
CA SER C 52 -149.74 -33.90 1.11
C SER C 52 -148.84 -33.66 -0.10
N PHE C 53 -147.64 -33.15 0.16
CA PHE C 53 -146.71 -32.86 -0.92
C PHE C 53 -145.76 -34.01 -1.24
N LEU C 54 -145.51 -34.89 -0.28
CA LEU C 54 -144.64 -36.03 -0.51
C LEU C 54 -145.47 -37.26 -0.86
N ASN C 55 -145.44 -37.63 -2.14
CA ASN C 55 -146.23 -38.75 -2.62
C ASN C 55 -145.41 -39.97 -3.04
N SER C 56 -144.11 -39.79 -3.21
CA SER C 56 -143.26 -40.90 -3.58
C SER C 56 -142.64 -41.51 -2.34
N ASP C 57 -142.54 -42.83 -2.30
CA ASP C 57 -141.95 -43.49 -1.15
C ASP C 57 -140.57 -42.91 -0.90
N GLY C 58 -139.73 -42.90 -1.93
CA GLY C 58 -138.39 -42.36 -1.77
C GLY C 58 -138.36 -41.03 -1.03
N SER C 59 -139.20 -40.10 -1.45
CA SER C 59 -139.26 -38.80 -0.81
C SER C 59 -139.57 -38.95 0.66
N VAL C 60 -140.54 -39.82 0.97
CA VAL C 60 -140.92 -40.08 2.35
C VAL C 60 -139.71 -40.59 3.12
N ALA C 61 -139.27 -41.79 2.77
CA ALA C 61 -138.12 -42.42 3.40
C ALA C 61 -137.12 -41.37 3.87
N ILE C 62 -136.92 -40.34 3.06
CA ILE C 62 -135.99 -39.29 3.42
C ILE C 62 -136.53 -38.37 4.51
N HIS C 63 -137.58 -37.62 4.22
CA HIS C 63 -138.15 -36.68 5.17
C HIS C 63 -139.28 -37.21 6.06
N ALA C 64 -139.47 -38.51 6.07
CA ALA C 64 -140.53 -39.09 6.89
C ALA C 64 -140.17 -38.93 8.35
N GLY C 65 -141.10 -38.33 9.10
CA GLY C 65 -140.87 -38.10 10.53
C GLY C 65 -139.68 -37.20 10.80
N GLU C 66 -139.50 -36.16 10.00
CA GLU C 66 -138.38 -35.24 10.20
C GLU C 66 -138.68 -33.84 9.69
N ARG C 67 -138.76 -33.69 8.37
CA ARG C 67 -139.01 -32.40 7.75
C ARG C 67 -140.03 -31.51 8.47
N LEU C 68 -141.14 -32.11 8.90
CA LEU C 68 -142.19 -31.34 9.57
C LEU C 68 -141.95 -31.04 11.04
N GLY C 69 -141.30 -31.96 11.73
CA GLY C 69 -141.02 -31.77 13.14
C GLY C 69 -140.47 -33.03 13.76
N ARG C 70 -139.73 -32.90 14.86
CA ARG C 70 -139.14 -34.08 15.48
C ARG C 70 -139.60 -34.31 16.91
N GLY C 71 -139.97 -33.25 17.61
CA GLY C 71 -140.37 -33.40 19.00
C GLY C 71 -139.18 -33.00 19.84
N ILE C 72 -138.03 -32.88 19.18
CA ILE C 72 -136.79 -32.47 19.80
C ILE C 72 -136.27 -31.28 18.99
N VAL C 73 -136.89 -30.13 19.22
CA VAL C 73 -136.56 -28.89 18.53
C VAL C 73 -135.09 -28.60 18.26
N THR C 74 -134.77 -28.37 16.99
CA THR C 74 -133.41 -28.05 16.56
C THR C 74 -133.46 -27.43 15.18
N ASP C 75 -132.56 -26.49 14.94
CA ASP C 75 -132.49 -25.86 13.63
C ASP C 75 -131.48 -26.66 12.83
N ALA C 76 -131.37 -27.94 13.17
CA ALA C 76 -130.45 -28.82 12.49
C ALA C 76 -131.18 -29.61 11.41
N ILE C 77 -130.47 -30.02 10.38
CA ILE C 77 -131.09 -30.76 9.30
C ILE C 77 -131.34 -32.20 9.74
N THR C 78 -130.30 -32.85 10.25
CA THR C 78 -130.40 -34.23 10.69
C THR C 78 -130.98 -34.40 12.08
N THR C 79 -131.20 -35.65 12.45
CA THR C 79 -131.73 -35.97 13.77
C THR C 79 -130.56 -36.08 14.74
N PRO C 80 -130.72 -35.48 15.94
CA PRO C 80 -129.65 -35.54 16.94
C PRO C 80 -129.68 -36.84 17.70
N VAL C 81 -128.52 -37.48 17.83
CA VAL C 81 -128.39 -38.74 18.55
C VAL C 81 -128.41 -38.45 20.04
N VAL C 82 -129.43 -38.94 20.72
CA VAL C 82 -129.58 -38.72 22.15
C VAL C 82 -129.06 -39.91 22.96
N ASN C 83 -127.90 -39.74 23.57
CA ASN C 83 -127.28 -40.79 24.37
C ASN C 83 -127.61 -40.65 25.86
N THR C 84 -128.83 -41.00 26.23
CA THR C 84 -129.22 -40.90 27.63
C THR C 84 -129.83 -42.19 28.11
N SER C 85 -129.64 -42.49 29.39
CA SER C 85 -130.18 -43.70 29.98
C SER C 85 -131.50 -43.42 30.68
N ALA C 86 -131.79 -42.13 30.88
CA ALA C 86 -133.02 -41.75 31.54
C ALA C 86 -133.44 -40.31 31.25
N TYR C 87 -134.69 -39.98 31.56
CA TYR C 87 -135.22 -38.65 31.32
C TYR C 87 -135.73 -38.07 32.63
N PHE C 88 -135.42 -36.80 32.88
CA PHE C 88 -135.80 -36.13 34.11
C PHE C 88 -137.09 -35.31 34.08
N PHE C 89 -137.35 -34.66 35.21
CA PHE C 89 -138.52 -33.82 35.39
C PHE C 89 -138.11 -32.59 36.21
N ASN C 90 -138.76 -31.46 35.96
CA ASN C 90 -138.44 -30.23 36.66
C ASN C 90 -139.05 -30.13 38.06
N LYS C 91 -139.98 -31.01 38.37
CA LYS C 91 -140.62 -31.00 39.68
C LYS C 91 -141.63 -32.13 39.81
N THR C 92 -141.76 -32.65 41.02
CA THR C 92 -142.69 -33.75 41.30
C THR C 92 -144.05 -33.53 40.64
N SER C 93 -144.57 -32.32 40.74
CA SER C 93 -145.86 -32.00 40.15
C SER C 93 -145.94 -32.57 38.72
N GLU C 94 -144.98 -32.18 37.89
CA GLU C 94 -144.92 -32.64 36.50
C GLU C 94 -144.87 -34.17 36.44
N LEU C 95 -143.91 -34.76 37.13
CA LEU C 95 -143.77 -36.21 37.13
C LEU C 95 -145.14 -36.87 37.29
N ILE C 96 -145.92 -36.38 38.26
CA ILE C 96 -147.26 -36.91 38.49
C ILE C 96 -148.06 -36.78 37.21
N ASP C 97 -148.10 -35.56 36.66
CA ASP C 97 -148.82 -35.31 35.42
C ASP C 97 -148.53 -36.45 34.45
N PHE C 98 -147.25 -36.63 34.12
CA PHE C 98 -146.84 -37.68 33.20
C PHE C 98 -147.42 -39.03 33.61
N LYS C 99 -147.18 -39.40 34.86
CA LYS C 99 -147.67 -40.68 35.39
C LYS C 99 -149.18 -40.80 35.29
N GLU C 100 -149.87 -39.66 35.28
CA GLU C 100 -151.33 -39.64 35.19
C GLU C 100 -151.79 -39.42 33.75
N LYS C 101 -150.87 -39.60 32.80
CA LYS C 101 -151.16 -39.44 31.39
C LYS C 101 -151.64 -38.04 31.00
N ARG C 102 -150.95 -37.02 31.50
CA ARG C 102 -151.30 -35.63 31.19
C ARG C 102 -150.12 -34.94 30.50
N ARG C 103 -148.97 -35.60 30.52
CA ARG C 103 -147.75 -35.09 29.90
C ARG C 103 -147.07 -36.23 29.16
N ALA C 104 -146.04 -35.92 28.38
CA ALA C 104 -145.34 -36.96 27.63
C ALA C 104 -143.87 -37.07 28.00
N SER C 105 -143.41 -38.30 28.19
CA SER C 105 -142.02 -38.54 28.55
C SER C 105 -141.70 -40.02 28.41
N PHE C 106 -140.46 -40.33 28.04
CA PHE C 106 -140.06 -41.72 27.90
C PHE C 106 -139.70 -42.30 29.26
N GLU C 107 -139.46 -41.41 30.22
CA GLU C 107 -139.09 -41.80 31.57
C GLU C 107 -137.75 -42.51 31.56
N TYR C 108 -137.75 -43.77 31.15
CA TYR C 108 -136.53 -44.56 31.10
C TYR C 108 -136.15 -44.86 29.67
N GLY C 109 -134.85 -44.98 29.40
CA GLY C 109 -134.40 -45.27 28.06
C GLY C 109 -135.01 -46.55 27.49
N ARG C 110 -135.15 -47.57 28.33
CA ARG C 110 -135.70 -48.83 27.86
C ARG C 110 -137.12 -48.70 27.36
N TYR C 111 -137.73 -47.54 27.62
CA TYR C 111 -139.11 -47.33 27.20
C TYR C 111 -139.23 -46.46 25.96
N GLY C 112 -138.18 -45.72 25.66
CA GLY C 112 -138.20 -44.86 24.49
C GLY C 112 -137.00 -43.95 24.37
N ASN C 113 -136.87 -43.32 23.21
CA ASN C 113 -135.77 -42.40 22.96
C ASN C 113 -136.16 -41.51 21.79
N PRO C 114 -135.90 -40.21 21.91
CA PRO C 114 -136.22 -39.21 20.89
C PRO C 114 -135.58 -39.51 19.54
N THR C 115 -134.34 -39.97 19.59
CA THR C 115 -133.59 -40.30 18.39
C THR C 115 -134.10 -41.57 17.74
N THR C 116 -134.87 -42.35 18.49
CA THR C 116 -135.41 -43.59 17.96
C THR C 116 -136.79 -43.38 17.35
N VAL C 117 -137.68 -42.77 18.11
CA VAL C 117 -139.04 -42.53 17.65
C VAL C 117 -139.08 -42.06 16.20
N VAL C 118 -138.13 -41.19 15.82
CA VAL C 118 -138.07 -40.66 14.47
C VAL C 118 -138.13 -41.83 13.50
N LEU C 119 -137.11 -42.67 13.53
CA LEU C 119 -137.04 -43.85 12.68
C LEU C 119 -138.34 -44.65 12.80
N GLU C 120 -138.91 -44.67 14.00
CA GLU C 120 -140.15 -45.40 14.23
C GLU C 120 -141.26 -44.86 13.34
N GLU C 121 -141.49 -43.55 13.43
CA GLU C 121 -142.54 -42.90 12.62
C GLU C 121 -142.19 -43.01 11.16
N LYS C 122 -140.91 -42.82 10.85
CA LYS C 122 -140.44 -42.90 9.47
C LYS C 122 -140.92 -44.20 8.84
N ILE C 123 -140.53 -45.31 9.43
CA ILE C 123 -140.93 -46.61 8.91
C ILE C 123 -142.44 -46.71 8.88
N SER C 124 -143.08 -46.18 9.92
CA SER C 124 -144.54 -46.22 10.01
C SER C 124 -145.11 -45.61 8.72
N ALA C 125 -144.64 -44.42 8.38
CA ALA C 125 -145.09 -43.72 7.18
C ALA C 125 -144.89 -44.58 5.95
N LEU C 126 -143.68 -45.10 5.78
CA LEU C 126 -143.36 -45.94 4.64
C LEU C 126 -144.38 -47.06 4.50
N GLU C 127 -144.44 -47.94 5.49
CA GLU C 127 -145.37 -49.04 5.45
C GLU C 127 -146.82 -48.55 5.59
N GLY C 128 -146.97 -47.25 5.84
CA GLY C 128 -148.30 -46.69 5.98
C GLY C 128 -149.02 -47.35 7.14
N ALA C 129 -148.31 -47.53 8.24
CA ALA C 129 -148.87 -48.15 9.43
C ALA C 129 -149.33 -47.12 10.45
N GLU C 130 -149.97 -47.61 11.50
CA GLU C 130 -150.47 -46.76 12.57
C GLU C 130 -149.32 -46.48 13.53
N SER C 131 -148.50 -47.50 13.75
CA SER C 131 -147.36 -47.38 14.65
C SER C 131 -146.29 -48.43 14.37
N THR C 132 -145.06 -48.14 14.75
CA THR C 132 -143.95 -49.08 14.53
C THR C 132 -143.09 -49.22 15.78
N LEU C 133 -142.53 -50.41 15.98
CA LEU C 133 -141.65 -50.69 17.12
C LEU C 133 -140.29 -51.11 16.61
N LEU C 134 -139.26 -50.86 17.41
CA LEU C 134 -137.90 -51.21 17.00
C LEU C 134 -137.15 -51.96 18.08
N MET C 135 -136.75 -53.18 17.76
CA MET C 135 -136.01 -54.00 18.71
C MET C 135 -134.51 -53.89 18.42
N ALA C 136 -133.72 -54.72 19.10
CA ALA C 136 -132.27 -54.72 18.91
C ALA C 136 -131.88 -55.56 17.73
N SER C 137 -132.78 -56.41 17.26
CA SER C 137 -132.50 -57.27 16.12
C SER C 137 -133.76 -57.92 15.57
N GLY C 138 -133.68 -58.38 14.33
CA GLY C 138 -134.82 -59.01 13.70
C GLY C 138 -135.40 -60.09 14.59
N MET C 139 -134.56 -61.07 14.91
CA MET C 139 -134.95 -62.18 15.77
C MET C 139 -135.69 -61.69 17.00
N CYS C 140 -135.17 -60.64 17.63
CA CYS C 140 -135.83 -60.12 18.81
C CYS C 140 -137.30 -59.88 18.50
N ALA C 141 -137.55 -59.04 17.50
CA ALA C 141 -138.91 -58.71 17.09
C ALA C 141 -139.83 -59.91 17.00
N SER C 142 -139.52 -60.85 16.09
CA SER C 142 -140.34 -62.04 15.92
C SER C 142 -140.55 -62.69 17.29
N THR C 143 -139.44 -62.91 17.98
CA THR C 143 -139.46 -63.52 19.30
C THR C 143 -140.51 -62.85 20.19
N VAL C 144 -140.29 -61.56 20.45
CA VAL C 144 -141.19 -60.80 21.28
C VAL C 144 -142.61 -60.90 20.76
N MET C 145 -142.78 -60.55 19.49
CA MET C 145 -144.08 -60.59 18.85
C MET C 145 -144.86 -61.87 19.21
N LEU C 146 -144.24 -63.02 18.98
CA LEU C 146 -144.91 -64.28 19.28
C LEU C 146 -145.28 -64.36 20.75
N LEU C 147 -144.28 -64.29 21.62
CA LEU C 147 -144.48 -64.34 23.06
C LEU C 147 -145.55 -63.38 23.55
N ALA C 148 -145.74 -62.29 22.80
CA ALA C 148 -146.71 -61.27 23.16
C ALA C 148 -148.13 -61.54 22.68
N LEU C 149 -148.27 -61.97 21.43
CA LEU C 149 -149.60 -62.19 20.88
C LEU C 149 -150.20 -63.57 21.07
N VAL C 150 -149.38 -64.61 20.93
CA VAL C 150 -149.87 -65.97 21.09
C VAL C 150 -150.05 -66.34 22.55
N PRO C 151 -151.29 -66.59 22.98
CA PRO C 151 -151.54 -66.96 24.38
C PRO C 151 -150.93 -68.32 24.66
N ALA C 152 -151.05 -68.79 25.89
CA ALA C 152 -150.50 -70.08 26.27
C ALA C 152 -151.42 -71.19 25.77
N GLY C 153 -150.82 -72.25 25.24
CA GLY C 153 -151.61 -73.37 24.73
C GLY C 153 -152.23 -73.04 23.39
N GLY C 154 -152.08 -71.80 22.95
CA GLY C 154 -152.64 -71.39 21.68
C GLY C 154 -151.97 -72.08 20.50
N HIS C 155 -152.55 -71.90 19.32
CA HIS C 155 -152.02 -72.53 18.09
C HIS C 155 -151.56 -71.49 17.06
N ILE C 156 -150.57 -71.87 16.26
CA ILE C 156 -150.04 -70.97 15.27
C ILE C 156 -149.80 -71.71 13.96
N VAL C 157 -149.78 -70.98 12.85
CA VAL C 157 -149.56 -71.57 11.53
C VAL C 157 -148.48 -70.82 10.78
N THR C 158 -147.45 -71.54 10.38
CA THR C 158 -146.35 -70.94 9.64
C THR C 158 -146.08 -71.72 8.37
N THR C 159 -145.11 -71.26 7.59
CA THR C 159 -144.77 -71.90 6.35
C THR C 159 -143.61 -72.81 6.58
N THR C 160 -143.23 -73.56 5.56
CA THR C 160 -142.13 -74.50 5.65
C THR C 160 -140.80 -73.81 5.40
N ASP C 161 -140.82 -72.79 4.54
CA ASP C 161 -139.61 -72.06 4.21
C ASP C 161 -139.28 -70.94 5.20
N CYS C 162 -139.35 -71.25 6.48
CA CYS C 162 -139.03 -70.25 7.50
C CYS C 162 -137.51 -70.10 7.56
N TYR C 163 -137.05 -69.09 8.27
CA TYR C 163 -135.62 -68.87 8.42
C TYR C 163 -135.14 -69.72 9.60
N ARG C 164 -134.08 -70.48 9.38
CA ARG C 164 -133.49 -71.38 10.37
C ARG C 164 -133.88 -71.11 11.82
N LYS C 165 -133.25 -70.10 12.42
CA LYS C 165 -133.52 -69.75 13.81
C LYS C 165 -134.99 -69.52 14.14
N THR C 166 -135.66 -68.70 13.33
CA THR C 166 -137.07 -68.42 13.56
C THR C 166 -137.79 -69.75 13.77
N ARG C 167 -137.35 -70.76 13.03
CA ARG C 167 -137.94 -72.09 13.12
C ARG C 167 -137.72 -72.68 14.51
N ILE C 168 -136.46 -72.85 14.88
CA ILE C 168 -136.08 -73.39 16.17
C ILE C 168 -136.88 -72.76 17.32
N PHE C 169 -136.95 -71.44 17.37
CA PHE C 169 -137.71 -70.78 18.43
C PHE C 169 -139.08 -71.43 18.52
N ILE C 170 -139.83 -71.32 17.43
CA ILE C 170 -141.18 -71.86 17.35
C ILE C 170 -141.29 -73.35 17.67
N GLU C 171 -140.24 -74.10 17.35
CA GLU C 171 -140.24 -75.55 17.57
C GLU C 171 -139.70 -76.01 18.92
N THR C 172 -138.95 -75.14 19.61
CA THR C 172 -138.39 -75.52 20.89
C THR C 172 -138.83 -74.68 22.08
N ILE C 173 -138.95 -73.37 21.90
CA ILE C 173 -139.37 -72.52 23.01
C ILE C 173 -140.87 -72.49 23.16
N LEU C 174 -141.55 -71.94 22.17
CA LEU C 174 -143.00 -71.84 22.20
C LEU C 174 -143.72 -73.06 22.78
N PRO C 175 -143.29 -74.28 22.42
CA PRO C 175 -143.98 -75.46 22.97
C PRO C 175 -143.97 -75.49 24.50
N LYS C 176 -142.97 -74.86 25.11
CA LYS C 176 -142.86 -74.79 26.57
C LYS C 176 -144.08 -74.08 27.12
N MET C 177 -144.66 -73.22 26.30
CA MET C 177 -145.85 -72.47 26.66
C MET C 177 -147.07 -73.21 26.14
N GLY C 178 -146.87 -74.47 25.75
CA GLY C 178 -147.95 -75.26 25.24
C GLY C 178 -148.52 -74.74 23.94
N ILE C 179 -147.73 -73.93 23.25
CA ILE C 179 -148.16 -73.37 21.98
C ILE C 179 -147.79 -74.31 20.84
N THR C 180 -148.80 -74.92 20.24
CA THR C 180 -148.57 -75.85 19.14
C THR C 180 -148.65 -75.11 17.82
N ALA C 181 -148.01 -75.66 16.79
CA ALA C 181 -148.00 -75.03 15.47
C ALA C 181 -148.21 -76.01 14.33
N THR C 182 -148.65 -75.47 13.19
CA THR C 182 -148.89 -76.26 11.98
C THR C 182 -148.02 -75.69 10.86
N VAL C 183 -147.24 -76.54 10.22
CA VAL C 183 -146.35 -76.11 9.15
C VAL C 183 -146.85 -76.52 7.77
N ILE C 184 -147.35 -75.53 7.03
CA ILE C 184 -147.87 -75.75 5.69
C ILE C 184 -146.91 -75.15 4.65
N ASP C 185 -147.02 -75.60 3.41
CA ASP C 185 -146.18 -75.07 2.35
C ASP C 185 -146.73 -73.70 1.99
N PRO C 186 -145.84 -72.75 1.65
CA PRO C 186 -146.27 -71.39 1.29
C PRO C 186 -147.45 -71.34 0.34
N ALA C 187 -147.37 -72.13 -0.73
CA ALA C 187 -148.42 -72.18 -1.74
C ALA C 187 -149.70 -72.85 -1.24
N ASP C 188 -149.55 -74.06 -0.72
CA ASP C 188 -150.69 -74.83 -0.21
C ASP C 188 -151.68 -74.00 0.57
N VAL C 189 -152.61 -73.36 -0.12
CA VAL C 189 -153.63 -72.56 0.54
C VAL C 189 -154.64 -73.50 1.18
N GLY C 190 -154.82 -74.66 0.56
CA GLY C 190 -155.75 -75.64 1.10
C GLY C 190 -155.41 -75.99 2.54
N ALA C 191 -154.17 -76.39 2.77
CA ALA C 191 -153.69 -76.75 4.10
C ALA C 191 -154.08 -75.67 5.08
N LEU C 192 -153.84 -74.42 4.70
CA LEU C 192 -154.16 -73.29 5.55
C LEU C 192 -155.66 -73.29 5.86
N GLU C 193 -156.48 -73.22 4.81
CA GLU C 193 -157.92 -73.20 4.98
C GLU C 193 -158.36 -74.34 5.89
N LEU C 194 -157.76 -75.51 5.69
CA LEU C 194 -158.09 -76.66 6.50
C LEU C 194 -157.74 -76.40 7.95
N ALA C 195 -156.44 -76.19 8.20
CA ALA C 195 -155.95 -75.93 9.55
C ALA C 195 -156.78 -74.86 10.21
N LEU C 196 -157.20 -73.87 9.42
CA LEU C 196 -158.01 -72.78 9.93
C LEU C 196 -159.26 -73.31 10.61
N ASN C 197 -159.84 -74.35 10.03
CA ASN C 197 -161.05 -74.96 10.57
C ASN C 197 -160.76 -76.03 11.63
N GLN C 198 -159.77 -76.87 11.35
CA GLN C 198 -159.40 -77.93 12.28
C GLN C 198 -159.16 -77.36 13.67
N LYS C 199 -158.04 -76.68 13.85
CA LYS C 199 -157.71 -76.09 15.14
C LYS C 199 -158.12 -74.62 15.20
N LYS C 200 -157.90 -73.99 16.35
CA LYS C 200 -158.24 -72.59 16.54
C LYS C 200 -156.98 -71.75 16.43
N VAL C 201 -156.65 -71.34 15.21
CA VAL C 201 -155.45 -70.55 14.96
C VAL C 201 -155.49 -69.16 15.59
N ASN C 202 -154.44 -68.82 16.32
CA ASN C 202 -154.32 -67.53 16.98
C ASN C 202 -153.66 -66.55 16.04
N LEU C 203 -152.74 -67.05 15.22
CA LEU C 203 -152.04 -66.20 14.30
C LEU C 203 -151.25 -66.97 13.25
N PHE C 204 -151.32 -66.49 12.02
CA PHE C 204 -150.61 -67.10 10.91
C PHE C 204 -149.38 -66.23 10.72
N PHE C 205 -148.22 -66.87 10.60
CA PHE C 205 -147.00 -66.11 10.44
C PHE C 205 -146.10 -66.67 9.36
N THR C 206 -145.60 -65.78 8.50
CA THR C 206 -144.71 -66.20 7.43
C THR C 206 -144.02 -65.03 6.75
N GLU C 207 -142.92 -65.34 6.07
CA GLU C 207 -142.14 -64.33 5.38
C GLU C 207 -142.41 -64.45 3.88
N SER C 208 -142.58 -63.31 3.21
CA SER C 208 -142.84 -63.31 1.79
C SER C 208 -142.23 -62.09 1.14
N PRO C 209 -141.22 -62.28 0.28
CA PRO C 209 -140.64 -63.57 -0.12
C PRO C 209 -140.12 -64.40 1.05
N THR C 210 -139.87 -65.67 0.76
CA THR C 210 -139.39 -66.64 1.72
C THR C 210 -137.87 -66.73 1.64
N ASN C 211 -137.28 -67.56 2.48
CA ASN C 211 -135.83 -67.75 2.50
C ASN C 211 -135.52 -69.25 2.47
N PRO C 212 -134.61 -69.68 1.59
CA PRO C 212 -133.86 -68.86 0.63
C PRO C 212 -134.45 -68.96 -0.77
N PHE C 213 -135.56 -69.68 -0.91
CA PHE C 213 -136.19 -69.87 -2.20
C PHE C 213 -137.14 -68.74 -2.60
N LEU C 214 -137.10 -67.66 -1.82
CA LEU C 214 -137.95 -66.51 -2.10
C LEU C 214 -139.38 -66.85 -2.51
N ARG C 215 -139.95 -67.88 -1.89
CA ARG C 215 -141.34 -68.27 -2.19
C ARG C 215 -142.25 -67.16 -1.70
N CYS C 216 -143.36 -66.93 -2.37
CA CYS C 216 -144.27 -65.88 -1.94
C CYS C 216 -145.66 -66.34 -1.58
N VAL C 217 -146.28 -65.61 -0.68
CA VAL C 217 -147.63 -65.95 -0.22
C VAL C 217 -148.61 -64.91 -0.71
N ASP C 218 -149.73 -65.37 -1.26
CA ASP C 218 -150.75 -64.44 -1.74
C ASP C 218 -151.35 -63.76 -0.53
N ILE C 219 -150.61 -62.80 0.02
CA ILE C 219 -151.01 -62.05 1.20
C ILE C 219 -152.50 -61.73 1.25
N GLU C 220 -152.98 -61.02 0.24
CA GLU C 220 -154.38 -60.63 0.19
C GLU C 220 -155.31 -61.82 0.43
N LEU C 221 -155.03 -62.92 -0.26
CA LEU C 221 -155.86 -64.13 -0.13
C LEU C 221 -155.81 -64.67 1.29
N VAL C 222 -154.62 -65.11 1.70
CA VAL C 222 -154.43 -65.63 3.04
C VAL C 222 -155.12 -64.71 4.01
N SER C 223 -154.70 -63.44 4.03
CA SER C 223 -155.28 -62.43 4.91
C SER C 223 -156.78 -62.65 5.04
N LYS C 224 -157.44 -62.78 3.90
CA LYS C 224 -158.88 -62.97 3.87
C LYS C 224 -159.31 -64.22 4.62
N LEU C 225 -158.72 -65.35 4.25
CA LEU C 225 -159.05 -66.61 4.88
C LEU C 225 -158.90 -66.54 6.40
N CYS C 226 -157.70 -66.20 6.85
CA CYS C 226 -157.42 -66.09 8.29
C CYS C 226 -158.42 -65.22 9.04
N HIS C 227 -158.57 -63.98 8.58
CA HIS C 227 -159.47 -63.03 9.23
C HIS C 227 -160.89 -63.56 9.35
N GLU C 228 -161.24 -64.52 8.51
CA GLU C 228 -162.57 -65.09 8.54
C GLU C 228 -162.71 -66.00 9.75
N LYS C 229 -161.57 -66.49 10.24
CA LYS C 229 -161.56 -67.37 11.39
C LYS C 229 -160.97 -66.71 12.62
N GLY C 230 -160.77 -65.40 12.56
CA GLY C 230 -160.24 -64.67 13.68
C GLY C 230 -158.73 -64.76 13.85
N ALA C 231 -158.06 -65.38 12.91
CA ALA C 231 -156.61 -65.52 12.98
C ALA C 231 -155.92 -64.22 12.62
N LEU C 232 -154.71 -64.02 13.14
CA LEU C 232 -153.94 -62.81 12.86
C LEU C 232 -152.87 -63.12 11.83
N VAL C 233 -152.54 -62.15 11.00
CA VAL C 233 -151.54 -62.38 9.98
C VAL C 233 -150.32 -61.48 10.09
N CYS C 234 -149.16 -62.11 10.17
CA CYS C 234 -147.91 -61.39 10.28
C CYS C 234 -147.01 -61.83 9.13
N ILE C 235 -146.57 -60.86 8.34
CA ILE C 235 -145.69 -61.15 7.22
C ILE C 235 -144.33 -60.55 7.44
N ASP C 236 -143.31 -61.37 7.29
CA ASP C 236 -141.94 -60.92 7.45
C ASP C 236 -141.50 -60.47 6.06
N GLY C 237 -141.74 -59.20 5.76
CA GLY C 237 -141.37 -58.70 4.44
C GLY C 237 -139.94 -58.25 4.33
N THR C 238 -139.06 -58.85 5.12
CA THR C 238 -137.65 -58.48 5.11
C THR C 238 -137.09 -58.40 3.68
N PHE C 239 -137.12 -59.52 2.98
CA PHE C 239 -136.61 -59.61 1.62
C PHE C 239 -137.26 -58.61 0.68
N ALA C 240 -138.57 -58.40 0.85
CA ALA C 240 -139.32 -57.49 0.00
C ALA C 240 -138.90 -56.04 0.15
N THR C 241 -139.03 -55.51 1.36
CA THR C 241 -138.72 -54.13 1.68
C THR C 241 -140.03 -53.37 1.53
N PRO C 242 -140.30 -52.40 2.42
CA PRO C 242 -141.55 -51.64 2.31
C PRO C 242 -141.73 -50.99 0.94
N LEU C 243 -140.66 -50.93 0.17
CA LEU C 243 -140.73 -50.33 -1.14
C LEU C 243 -141.27 -51.26 -2.22
N ASN C 244 -140.92 -52.54 -2.16
CA ASN C 244 -141.38 -53.49 -3.16
C ASN C 244 -142.75 -54.10 -2.88
N GLN C 245 -143.33 -53.76 -1.74
CA GLN C 245 -144.66 -54.27 -1.36
C GLN C 245 -145.13 -53.66 -0.06
N LYS C 246 -146.44 -53.69 0.17
CA LYS C 246 -147.05 -53.13 1.37
C LYS C 246 -147.97 -54.16 2.02
N ALA C 247 -147.37 -55.12 2.71
CA ALA C 247 -148.12 -56.19 3.36
C ALA C 247 -149.36 -55.70 4.09
N LEU C 248 -149.20 -54.60 4.81
CA LEU C 248 -150.31 -54.03 5.57
C LEU C 248 -151.46 -53.64 4.66
N ALA C 249 -151.12 -53.07 3.51
CA ALA C 249 -152.11 -52.63 2.54
C ALA C 249 -152.86 -53.81 1.95
N LEU C 250 -152.15 -54.91 1.74
CA LEU C 250 -152.76 -56.10 1.19
C LEU C 250 -153.69 -56.78 2.20
N GLY C 251 -153.75 -56.24 3.41
CA GLY C 251 -154.62 -56.82 4.43
C GLY C 251 -153.93 -57.38 5.65
N ALA C 252 -152.64 -57.68 5.53
CA ALA C 252 -151.88 -58.23 6.64
C ALA C 252 -152.07 -57.41 7.91
N ASP C 253 -152.08 -58.08 9.05
CA ASP C 253 -152.25 -57.40 10.31
C ASP C 253 -150.95 -56.75 10.75
N LEU C 254 -149.86 -57.52 10.72
CA LEU C 254 -148.57 -57.00 11.13
C LEU C 254 -147.50 -57.38 10.12
N VAL C 255 -146.57 -56.46 9.91
CA VAL C 255 -145.47 -56.68 9.01
C VAL C 255 -144.19 -56.29 9.74
N LEU C 256 -143.22 -57.19 9.75
CA LEU C 256 -141.97 -56.94 10.44
C LEU C 256 -140.79 -57.13 9.50
N HIS C 257 -139.72 -56.42 9.79
CA HIS C 257 -138.51 -56.48 8.97
C HIS C 257 -137.27 -56.59 9.84
N SER C 258 -136.19 -57.02 9.23
CA SER C 258 -134.91 -57.13 9.90
C SER C 258 -134.09 -56.00 9.29
N ALA C 259 -134.24 -54.80 9.86
CA ALA C 259 -133.52 -53.63 9.37
C ALA C 259 -132.05 -53.88 9.21
N THR C 260 -131.58 -55.00 9.73
CA THR C 260 -130.17 -55.36 9.62
C THR C 260 -129.77 -55.49 8.16
N LYS C 261 -130.73 -55.88 7.33
CA LYS C 261 -130.49 -56.08 5.90
C LYS C 261 -130.62 -54.84 5.00
N PHE C 262 -131.78 -54.65 4.39
CA PHE C 262 -132.01 -53.54 3.48
C PHE C 262 -132.15 -52.15 4.12
N LEU C 263 -133.08 -52.01 5.06
CA LEU C 263 -133.30 -50.73 5.73
C LEU C 263 -132.00 -50.01 6.12
N GLY C 264 -131.12 -50.71 6.81
CA GLY C 264 -129.84 -50.10 7.18
C GLY C 264 -128.94 -50.18 5.97
N GLY C 265 -129.18 -51.21 5.16
CA GLY C 265 -128.43 -51.45 3.94
C GLY C 265 -126.95 -51.09 3.86
N HIS C 266 -126.22 -51.18 4.96
CA HIS C 266 -124.80 -50.85 4.92
C HIS C 266 -123.94 -51.88 5.63
N ASN C 267 -124.57 -52.98 6.02
CA ASN C 267 -123.88 -54.08 6.71
C ASN C 267 -123.06 -53.61 7.91
N ASP C 268 -123.66 -52.82 8.80
CA ASP C 268 -122.92 -52.34 9.95
C ASP C 268 -123.79 -52.12 11.19
N VAL C 269 -124.98 -52.73 11.18
CA VAL C 269 -125.90 -52.57 12.29
C VAL C 269 -127.02 -53.61 12.28
N LEU C 270 -127.42 -54.05 13.47
CA LEU C 270 -128.49 -55.03 13.62
C LEU C 270 -129.70 -54.28 14.15
N ALA C 271 -130.89 -54.76 13.84
CA ALA C 271 -132.09 -54.10 14.34
C ALA C 271 -133.36 -54.77 13.86
N GLY C 272 -134.31 -54.90 14.79
CA GLY C 272 -135.59 -55.50 14.49
C GLY C 272 -136.56 -54.38 14.20
N CYS C 273 -137.75 -54.72 13.73
CA CYS C 273 -138.73 -53.69 13.44
C CYS C 273 -140.09 -54.30 13.14
N ILE C 274 -141.12 -53.82 13.82
CA ILE C 274 -142.46 -54.34 13.62
C ILE C 274 -143.43 -53.18 13.46
N SER C 275 -144.27 -53.25 12.42
CA SER C 275 -145.23 -52.18 12.18
C SER C 275 -146.64 -52.73 12.01
N GLY C 276 -147.64 -51.94 12.40
CA GLY C 276 -149.02 -52.38 12.29
C GLY C 276 -149.97 -51.47 13.02
N PRO C 277 -151.18 -51.96 13.36
CA PRO C 277 -152.18 -51.16 14.09
C PRO C 277 -151.77 -50.93 15.53
N LEU C 278 -152.10 -49.75 16.06
CA LEU C 278 -151.76 -49.41 17.44
C LEU C 278 -152.22 -50.47 18.44
N LYS C 279 -153.53 -50.64 18.56
CA LYS C 279 -154.12 -51.61 19.48
C LYS C 279 -153.33 -52.93 19.50
N LEU C 280 -152.62 -53.19 18.41
CA LEU C 280 -151.82 -54.41 18.30
C LEU C 280 -150.37 -54.20 18.69
N VAL C 281 -149.68 -53.34 17.94
CA VAL C 281 -148.27 -53.08 18.21
C VAL C 281 -147.98 -52.68 19.65
N SER C 282 -148.92 -51.95 20.26
CA SER C 282 -148.73 -51.52 21.65
C SER C 282 -148.61 -52.72 22.58
N GLU C 283 -149.50 -53.68 22.44
CA GLU C 283 -149.49 -54.88 23.28
C GLU C 283 -148.10 -55.52 23.27
N ILE C 284 -147.38 -55.36 22.17
CA ILE C 284 -146.04 -55.93 22.06
C ILE C 284 -145.05 -55.02 22.78
N ARG C 285 -145.12 -53.72 22.48
CA ARG C 285 -144.24 -52.74 23.11
C ARG C 285 -144.20 -52.97 24.62
N ASN C 286 -145.37 -53.26 25.20
CA ASN C 286 -145.46 -53.49 26.63
C ASN C 286 -144.53 -54.62 27.02
N LEU C 287 -144.71 -55.78 26.41
CA LEU C 287 -143.86 -56.92 26.72
C LEU C 287 -142.41 -56.56 26.44
N HIS C 288 -142.20 -55.77 25.40
CA HIS C 288 -140.85 -55.35 25.02
C HIS C 288 -140.20 -54.58 26.16
N HIS C 289 -141.02 -53.78 26.84
CA HIS C 289 -140.53 -52.97 27.95
C HIS C 289 -140.02 -53.81 29.11
N ILE C 290 -140.23 -55.12 29.04
CA ILE C 290 -139.80 -56.00 30.11
C ILE C 290 -138.66 -56.88 29.63
N LEU C 291 -138.79 -57.44 28.43
CA LEU C 291 -137.75 -58.30 27.90
C LEU C 291 -136.49 -57.49 27.66
N GLY C 292 -136.65 -56.16 27.63
CA GLY C 292 -135.53 -55.26 27.46
C GLY C 292 -134.57 -55.48 26.30
N GLY C 293 -135.13 -55.45 25.08
CA GLY C 293 -134.30 -55.62 23.90
C GLY C 293 -134.21 -54.28 23.20
N ALA C 294 -134.24 -53.21 23.97
CA ALA C 294 -134.18 -51.85 23.45
C ALA C 294 -133.07 -51.65 22.42
N LEU C 295 -133.29 -50.73 21.49
CA LEU C 295 -132.30 -50.44 20.46
C LEU C 295 -131.53 -49.18 20.80
N ASN C 296 -130.21 -49.26 20.72
CA ASN C 296 -129.37 -48.11 21.04
C ASN C 296 -129.58 -46.97 20.06
N PRO C 297 -129.53 -45.73 20.55
CA PRO C 297 -129.71 -44.56 19.70
C PRO C 297 -128.78 -44.57 18.51
N ASN C 298 -127.49 -44.72 18.78
CA ASN C 298 -126.48 -44.74 17.72
C ASN C 298 -126.90 -45.67 16.59
N ALA C 299 -127.44 -46.83 16.94
CA ALA C 299 -127.89 -47.78 15.94
C ALA C 299 -129.03 -47.12 15.19
N ALA C 300 -130.05 -46.71 15.93
CA ALA C 300 -131.22 -46.06 15.35
C ALA C 300 -130.80 -45.08 14.28
N TYR C 301 -129.95 -44.13 14.66
CA TYR C 301 -129.48 -43.13 13.72
C TYR C 301 -128.90 -43.74 12.45
N LEU C 302 -127.99 -44.68 12.61
CA LEU C 302 -127.37 -45.31 11.45
C LEU C 302 -128.41 -45.81 10.46
N ILE C 303 -129.55 -46.26 10.97
CA ILE C 303 -130.62 -46.76 10.11
C ILE C 303 -131.29 -45.58 9.41
N ILE C 304 -131.59 -44.54 10.17
CA ILE C 304 -132.21 -43.36 9.62
C ILE C 304 -131.36 -42.90 8.44
N ARG C 305 -130.07 -42.76 8.67
CA ARG C 305 -129.13 -42.32 7.64
C ARG C 305 -129.14 -43.26 6.45
N GLY C 306 -129.15 -44.56 6.73
CA GLY C 306 -129.15 -45.53 5.65
C GLY C 306 -130.43 -45.49 4.85
N MET C 307 -131.53 -45.16 5.52
CA MET C 307 -132.83 -45.09 4.86
C MET C 307 -132.95 -43.81 4.04
N LYS C 308 -132.00 -42.91 4.21
CA LYS C 308 -132.00 -41.66 3.46
C LYS C 308 -131.87 -41.98 1.97
N THR C 309 -131.27 -43.11 1.66
CA THR C 309 -131.08 -43.53 0.28
C THR C 309 -131.65 -44.93 0.09
N LEU C 310 -132.77 -45.20 0.73
CA LEU C 310 -133.39 -46.50 0.64
C LEU C 310 -133.79 -46.82 -0.81
N HIS C 311 -134.69 -46.01 -1.36
CA HIS C 311 -135.18 -46.19 -2.73
C HIS C 311 -134.03 -46.37 -3.71
N LEU C 312 -133.11 -45.42 -3.69
CA LEU C 312 -131.96 -45.49 -4.59
C LEU C 312 -131.33 -46.88 -4.57
N ARG C 313 -131.02 -47.36 -3.37
CA ARG C 313 -130.38 -48.67 -3.22
C ARG C 313 -131.25 -49.83 -3.71
N VAL C 314 -132.52 -49.84 -3.32
CA VAL C 314 -133.43 -50.91 -3.74
C VAL C 314 -133.54 -50.95 -5.26
N GLN C 315 -133.88 -49.81 -5.84
CA GLN C 315 -134.02 -49.66 -7.28
C GLN C 315 -132.92 -50.42 -7.99
N GLN C 316 -131.68 -49.99 -7.75
CA GLN C 316 -130.52 -50.61 -8.38
C GLN C 316 -130.45 -52.11 -8.14
N GLN C 317 -130.61 -52.53 -6.89
CA GLN C 317 -130.53 -53.95 -6.57
C GLN C 317 -131.66 -54.70 -7.25
N ASN C 318 -132.85 -54.13 -7.24
CA ASN C 318 -133.99 -54.75 -7.88
C ASN C 318 -133.63 -55.10 -9.33
N SER C 319 -132.94 -54.18 -10.00
CA SER C 319 -132.52 -54.41 -11.38
C SER C 319 -131.46 -55.49 -11.43
N THR C 320 -130.22 -55.10 -11.14
CA THR C 320 -129.09 -56.02 -11.13
C THR C 320 -129.54 -57.46 -10.93
N ALA C 321 -130.27 -57.69 -9.84
CA ALA C 321 -130.75 -59.02 -9.51
C ALA C 321 -131.49 -59.62 -10.71
N LEU C 322 -132.65 -59.06 -11.01
CA LEU C 322 -133.48 -59.54 -12.12
C LEU C 322 -132.64 -59.85 -13.35
N ARG C 323 -131.94 -58.84 -13.88
CA ARG C 323 -131.11 -59.03 -15.05
C ARG C 323 -130.14 -60.18 -14.84
N MET C 324 -129.44 -60.17 -13.71
CA MET C 324 -128.49 -61.24 -13.39
C MET C 324 -129.22 -62.56 -13.27
N ALA C 325 -130.46 -62.51 -12.81
CA ALA C 325 -131.26 -63.72 -12.66
C ALA C 325 -131.40 -64.39 -14.00
N GLU C 326 -132.03 -63.67 -14.94
CA GLU C 326 -132.24 -64.16 -16.28
C GLU C 326 -130.94 -64.70 -16.85
N ILE C 327 -129.88 -63.89 -16.79
CA ILE C 327 -128.60 -64.32 -17.31
C ILE C 327 -128.18 -65.68 -16.77
N LEU C 328 -128.39 -65.88 -15.47
CA LEU C 328 -128.02 -67.13 -14.82
C LEU C 328 -128.87 -68.31 -15.31
N GLU C 329 -130.19 -68.12 -15.32
CA GLU C 329 -131.10 -69.17 -15.77
C GLU C 329 -130.64 -69.70 -17.14
N ALA C 330 -130.34 -68.80 -18.05
CA ALA C 330 -129.89 -69.15 -19.39
C ALA C 330 -128.54 -69.85 -19.36
N HIS C 331 -127.70 -69.54 -18.38
CA HIS C 331 -126.39 -70.16 -18.28
C HIS C 331 -126.52 -71.68 -18.19
N PRO C 332 -125.67 -72.40 -18.92
CA PRO C 332 -125.67 -73.86 -18.95
C PRO C 332 -125.26 -74.49 -17.62
N LYS C 333 -124.22 -73.94 -17.01
CA LYS C 333 -123.72 -74.47 -15.75
C LYS C 333 -124.67 -74.21 -14.58
N VAL C 334 -125.71 -73.43 -14.82
CA VAL C 334 -126.66 -73.13 -13.76
C VAL C 334 -127.87 -74.03 -13.88
N ARG C 335 -127.96 -75.01 -12.98
CA ARG C 335 -129.06 -75.97 -13.00
C ARG C 335 -130.43 -75.35 -12.79
N HIS C 336 -130.55 -74.50 -11.79
CA HIS C 336 -131.83 -73.87 -11.49
C HIS C 336 -131.67 -72.48 -10.87
N VAL C 337 -132.69 -71.63 -11.02
CA VAL C 337 -132.65 -70.28 -10.48
C VAL C 337 -133.98 -69.91 -9.81
N TYR C 338 -133.89 -69.39 -8.59
CA TYR C 338 -135.06 -68.99 -7.82
C TYR C 338 -135.14 -67.47 -7.71
N TYR C 339 -136.23 -66.90 -8.22
CA TYR C 339 -136.43 -65.45 -8.19
C TYR C 339 -137.86 -65.13 -8.61
N PRO C 340 -138.62 -64.41 -7.77
CA PRO C 340 -139.99 -64.06 -8.08
C PRO C 340 -140.15 -63.32 -9.41
N GLY C 341 -139.08 -62.65 -9.83
CA GLY C 341 -139.13 -61.92 -11.08
C GLY C 341 -139.26 -62.82 -12.29
N LEU C 342 -138.53 -63.94 -12.28
CA LEU C 342 -138.57 -64.88 -13.39
C LEU C 342 -139.94 -65.52 -13.56
N GLN C 343 -140.23 -65.96 -14.78
CA GLN C 343 -141.51 -66.59 -15.07
C GLN C 343 -141.49 -68.02 -14.57
N SER C 344 -140.28 -68.56 -14.42
CA SER C 344 -140.07 -69.92 -13.95
C SER C 344 -140.45 -70.09 -12.49
N HIS C 345 -140.47 -68.98 -11.75
CA HIS C 345 -140.81 -69.03 -10.32
C HIS C 345 -142.27 -69.45 -10.09
N PRO C 346 -142.48 -70.44 -9.21
CA PRO C 346 -143.79 -71.00 -8.84
C PRO C 346 -144.90 -69.99 -8.60
N GLU C 347 -144.62 -68.92 -7.85
CA GLU C 347 -145.64 -67.93 -7.56
C GLU C 347 -145.37 -66.59 -8.27
N HIS C 348 -144.71 -66.66 -9.42
CA HIS C 348 -144.40 -65.45 -10.17
C HIS C 348 -145.64 -64.62 -10.45
N HIS C 349 -146.77 -65.28 -10.66
CA HIS C 349 -148.01 -64.58 -10.93
C HIS C 349 -148.46 -63.79 -9.71
N ILE C 350 -148.13 -64.31 -8.53
CA ILE C 350 -148.48 -63.64 -7.28
C ILE C 350 -147.53 -62.47 -7.07
N ALA C 351 -146.25 -62.75 -7.24
CA ALA C 351 -145.22 -61.73 -7.08
C ALA C 351 -145.60 -60.55 -7.97
N LYS C 352 -145.95 -60.86 -9.21
CA LYS C 352 -146.32 -59.83 -10.18
C LYS C 352 -147.56 -59.06 -9.77
N LYS C 353 -148.42 -59.70 -9.00
CA LYS C 353 -149.65 -59.07 -8.57
C LYS C 353 -149.54 -58.23 -7.30
N GLN C 354 -148.70 -58.65 -6.35
CA GLN C 354 -148.57 -57.90 -5.10
C GLN C 354 -147.26 -57.13 -4.90
N MET C 355 -146.29 -57.33 -5.78
CA MET C 355 -145.02 -56.62 -5.67
C MET C 355 -144.80 -55.68 -6.84
N THR C 356 -143.78 -54.84 -6.71
CA THR C 356 -143.44 -53.89 -7.76
C THR C 356 -141.96 -54.07 -8.07
N GLY C 357 -141.32 -54.88 -7.25
CA GLY C 357 -139.90 -55.18 -7.39
C GLY C 357 -139.71 -56.59 -6.87
N PHE C 358 -138.54 -57.17 -7.05
CA PHE C 358 -138.34 -58.54 -6.59
C PHE C 358 -137.12 -58.75 -5.72
N GLY C 359 -136.72 -57.71 -4.98
CA GLY C 359 -135.58 -57.82 -4.10
C GLY C 359 -134.23 -57.85 -4.81
N GLY C 360 -133.17 -57.99 -4.03
CA GLY C 360 -131.83 -58.03 -4.59
C GLY C 360 -131.18 -59.35 -4.29
N ALA C 361 -131.94 -60.28 -3.74
CA ALA C 361 -131.42 -61.61 -3.42
C ALA C 361 -131.84 -62.61 -4.49
N VAL C 362 -130.88 -63.41 -4.94
CA VAL C 362 -131.14 -64.42 -5.96
C VAL C 362 -130.51 -65.75 -5.58
N SER C 363 -131.31 -66.80 -5.57
CA SER C 363 -130.82 -68.14 -5.23
C SER C 363 -130.80 -69.01 -6.48
N PHE C 364 -129.79 -69.85 -6.60
CA PHE C 364 -129.69 -70.72 -7.76
C PHE C 364 -128.76 -71.91 -7.50
N GLU C 365 -129.17 -73.08 -7.97
CA GLU C 365 -128.37 -74.28 -7.79
C GLU C 365 -127.38 -74.36 -8.93
N VAL C 366 -126.17 -74.82 -8.63
CA VAL C 366 -125.13 -74.95 -9.65
C VAL C 366 -125.04 -76.40 -10.13
N ASP C 367 -124.66 -76.58 -11.40
CA ASP C 367 -124.55 -77.92 -11.98
C ASP C 367 -123.28 -78.65 -11.53
N GLY C 368 -123.28 -79.07 -10.27
CA GLY C 368 -122.14 -79.78 -9.72
C GLY C 368 -122.48 -80.29 -8.33
N ASP C 369 -121.48 -80.43 -7.48
CA ASP C 369 -121.72 -80.90 -6.13
C ASP C 369 -121.09 -79.95 -5.11
N LEU C 370 -121.12 -80.36 -3.84
CA LEU C 370 -120.57 -79.56 -2.75
C LEU C 370 -119.27 -78.87 -3.17
N LEU C 371 -118.20 -79.66 -3.25
CA LEU C 371 -116.89 -79.14 -3.61
C LEU C 371 -116.90 -78.32 -4.89
N THR C 372 -117.71 -78.72 -5.87
CA THR C 372 -117.81 -77.98 -7.13
C THR C 372 -118.40 -76.60 -6.88
N THR C 373 -119.60 -76.58 -6.30
CA THR C 373 -120.26 -75.33 -5.99
C THR C 373 -119.28 -74.43 -5.22
N ALA C 374 -118.63 -75.03 -4.23
CA ALA C 374 -117.65 -74.31 -3.42
C ALA C 374 -116.65 -73.62 -4.33
N LYS C 375 -116.05 -74.41 -5.21
CA LYS C 375 -115.06 -73.90 -6.15
C LYS C 375 -115.57 -72.62 -6.80
N PHE C 376 -116.86 -72.60 -7.10
CA PHE C 376 -117.49 -71.45 -7.72
C PHE C 376 -117.36 -70.21 -6.85
N VAL C 377 -118.05 -70.22 -5.73
CA VAL C 377 -118.02 -69.09 -4.80
C VAL C 377 -116.59 -68.66 -4.49
N ASP C 378 -115.70 -69.63 -4.36
CA ASP C 378 -114.31 -69.35 -4.05
C ASP C 378 -113.66 -68.50 -5.14
N ALA C 379 -114.14 -68.67 -6.37
CA ALA C 379 -113.62 -67.93 -7.52
C ALA C 379 -114.09 -66.49 -7.54
N LEU C 380 -115.30 -66.23 -7.06
CA LEU C 380 -115.84 -64.87 -7.04
C LEU C 380 -114.82 -63.94 -6.40
N LYS C 381 -114.77 -62.70 -6.88
CA LYS C 381 -113.81 -61.73 -6.36
C LYS C 381 -114.43 -60.53 -5.68
N ILE C 382 -115.64 -60.18 -6.08
CA ILE C 382 -116.32 -59.02 -5.51
C ILE C 382 -117.12 -59.29 -4.24
N PRO C 383 -118.10 -60.21 -4.30
CA PRO C 383 -118.88 -60.47 -3.08
C PRO C 383 -118.09 -61.10 -1.93
N TYR C 384 -118.55 -60.85 -0.71
CA TYR C 384 -117.94 -61.37 0.50
C TYR C 384 -118.66 -62.68 0.82
N ILE C 385 -117.92 -63.68 1.24
CA ILE C 385 -118.55 -64.93 1.60
C ILE C 385 -118.94 -64.75 3.06
N ALA C 386 -120.24 -64.65 3.32
CA ALA C 386 -120.71 -64.47 4.69
C ALA C 386 -122.22 -64.45 4.75
N PRO C 387 -122.79 -64.47 5.97
CA PRO C 387 -124.26 -64.45 6.08
C PRO C 387 -124.78 -63.06 5.74
N SER C 388 -126.03 -62.78 6.12
CA SER C 388 -126.64 -61.49 5.86
C SER C 388 -126.77 -61.15 4.37
N PHE C 389 -127.42 -60.01 4.10
CA PHE C 389 -127.66 -59.55 2.73
C PHE C 389 -128.42 -58.22 2.76
N GLY C 390 -128.42 -57.51 1.63
CA GLY C 390 -129.14 -56.25 1.58
C GLY C 390 -128.30 -55.00 1.59
N GLY C 391 -127.00 -55.14 1.83
CA GLY C 391 -126.13 -53.97 1.85
C GLY C 391 -125.48 -53.65 0.52
N CYS C 392 -124.88 -52.47 0.42
CA CYS C 392 -124.21 -52.05 -0.79
C CYS C 392 -123.15 -53.08 -1.22
N GLU C 393 -122.52 -53.71 -0.24
CA GLU C 393 -121.51 -54.73 -0.49
C GLU C 393 -122.20 -56.05 -0.86
N SER C 394 -121.77 -56.65 -1.96
CA SER C 394 -122.36 -57.90 -2.42
C SER C 394 -121.91 -59.09 -1.57
N ILE C 395 -122.84 -59.99 -1.28
CA ILE C 395 -122.53 -61.15 -0.47
C ILE C 395 -123.03 -62.46 -1.06
N VAL C 396 -122.28 -63.53 -0.81
CA VAL C 396 -122.63 -64.86 -1.30
C VAL C 396 -122.41 -65.87 -0.19
N ASP C 397 -123.11 -67.00 -0.26
CA ASP C 397 -122.98 -68.04 0.75
C ASP C 397 -123.64 -69.33 0.27
N GLN C 398 -123.20 -70.46 0.81
CA GLN C 398 -123.75 -71.76 0.46
C GLN C 398 -124.57 -72.24 1.65
N PRO C 399 -125.84 -71.80 1.72
CA PRO C 399 -126.75 -72.17 2.80
C PRO C 399 -126.46 -73.53 3.44
N ALA C 400 -126.22 -74.53 2.60
CA ALA C 400 -125.93 -75.87 3.09
C ALA C 400 -124.82 -75.86 4.13
N ILE C 401 -123.81 -75.04 3.88
CA ILE C 401 -122.68 -74.92 4.79
C ILE C 401 -122.85 -73.73 5.71
N MET C 402 -123.22 -72.60 5.12
CA MET C 402 -123.40 -71.39 5.89
C MET C 402 -124.33 -71.48 7.09
N SER C 403 -125.45 -72.18 6.95
CA SER C 403 -126.40 -72.26 8.05
C SER C 403 -127.07 -73.61 8.26
N TYR C 404 -126.45 -74.68 7.79
CA TYR C 404 -127.05 -76.01 7.95
C TYR C 404 -126.00 -77.12 8.05
N TRP C 405 -124.72 -76.75 8.10
CA TRP C 405 -123.65 -77.73 8.17
C TRP C 405 -123.76 -78.62 9.40
N ASP C 406 -124.50 -78.14 10.40
CA ASP C 406 -124.68 -78.88 11.63
C ASP C 406 -125.61 -80.08 11.44
N LEU C 407 -126.07 -80.28 10.21
CA LEU C 407 -126.96 -81.40 9.93
C LEU C 407 -126.36 -82.38 8.94
N SER C 408 -127.02 -83.53 8.79
CA SER C 408 -126.56 -84.57 7.88
C SER C 408 -127.05 -84.31 6.48
N GLN C 409 -126.31 -84.83 5.50
CA GLN C 409 -126.67 -84.66 4.09
C GLN C 409 -128.14 -84.97 3.87
N SER C 410 -128.63 -86.00 4.55
CA SER C 410 -130.02 -86.39 4.43
C SER C 410 -130.93 -85.37 5.11
N ASP C 411 -130.67 -85.11 6.38
CA ASP C 411 -131.48 -84.16 7.15
C ASP C 411 -131.47 -82.80 6.49
N ARG C 412 -130.43 -82.52 5.71
CA ARG C 412 -130.30 -81.24 5.01
C ARG C 412 -131.33 -81.20 3.88
N ALA C 413 -131.24 -82.18 2.98
CA ALA C 413 -132.17 -82.25 1.86
C ALA C 413 -133.59 -82.25 2.38
N LYS C 414 -133.76 -82.58 3.66
CA LYS C 414 -135.08 -82.63 4.26
C LYS C 414 -135.82 -81.32 4.01
N TYR C 415 -135.08 -80.28 3.65
CA TYR C 415 -135.70 -78.99 3.39
C TYR C 415 -135.16 -78.27 2.17
N GLY C 416 -135.08 -79.00 1.07
CA GLY C 416 -134.61 -78.43 -0.18
C GLY C 416 -133.17 -77.95 -0.21
N ILE C 417 -132.57 -77.79 0.98
CA ILE C 417 -131.21 -77.31 1.05
C ILE C 417 -130.28 -78.29 0.35
N MET C 418 -129.77 -77.88 -0.81
CA MET C 418 -128.88 -78.70 -1.61
C MET C 418 -127.47 -78.18 -1.47
N ASP C 419 -126.50 -79.02 -1.81
CA ASP C 419 -125.10 -78.62 -1.74
C ASP C 419 -124.75 -77.71 -2.93
N ASN C 420 -125.66 -77.64 -3.90
CA ASN C 420 -125.45 -76.80 -5.09
C ASN C 420 -125.98 -75.40 -4.79
N LEU C 421 -127.15 -75.35 -4.16
CA LEU C 421 -127.81 -74.10 -3.82
C LEU C 421 -126.86 -73.00 -3.39
N VAL C 422 -126.94 -71.88 -4.09
CA VAL C 422 -126.12 -70.73 -3.78
C VAL C 422 -127.03 -69.52 -3.65
N ARG C 423 -126.76 -68.68 -2.66
CA ARG C 423 -127.57 -67.50 -2.43
C ARG C 423 -126.72 -66.28 -2.73
N PHE C 424 -127.16 -65.50 -3.71
CA PHE C 424 -126.44 -64.28 -4.09
C PHE C 424 -127.23 -63.03 -3.74
N SER C 425 -126.64 -62.22 -2.86
CA SER C 425 -127.26 -60.97 -2.45
C SER C 425 -126.49 -59.90 -3.18
N PHE C 426 -127.03 -59.49 -4.32
CA PHE C 426 -126.38 -58.47 -5.12
C PHE C 426 -126.31 -57.15 -4.36
N GLY C 427 -125.11 -56.59 -4.29
CA GLY C 427 -124.89 -55.34 -3.60
C GLY C 427 -125.41 -54.16 -4.40
N VAL C 428 -124.57 -53.15 -4.58
CA VAL C 428 -124.96 -51.96 -5.33
C VAL C 428 -123.89 -51.65 -6.38
N GLU C 429 -122.85 -52.48 -6.40
CA GLU C 429 -121.76 -52.32 -7.35
C GLU C 429 -122.34 -52.28 -8.76
N ASP C 430 -121.58 -51.74 -9.70
CA ASP C 430 -122.04 -51.64 -11.07
C ASP C 430 -122.40 -53.02 -11.59
N PHE C 431 -123.47 -53.09 -12.36
CA PHE C 431 -123.92 -54.36 -12.93
C PHE C 431 -122.81 -55.08 -13.71
N ASP C 432 -122.33 -54.45 -14.77
CA ASP C 432 -121.28 -55.05 -15.59
C ASP C 432 -120.16 -55.64 -14.74
N ASP C 433 -119.71 -54.87 -13.76
CA ASP C 433 -118.64 -55.34 -12.87
C ASP C 433 -119.05 -56.65 -12.24
N LEU C 434 -120.28 -56.71 -11.74
CA LEU C 434 -120.79 -57.90 -11.11
C LEU C 434 -120.88 -59.06 -12.08
N LYS C 435 -121.69 -58.87 -13.12
CA LYS C 435 -121.89 -59.90 -14.12
C LYS C 435 -120.57 -60.54 -14.51
N ALA C 436 -119.62 -59.70 -14.94
CA ALA C 436 -118.30 -60.17 -15.36
C ALA C 436 -117.68 -61.08 -14.33
N ASP C 437 -117.83 -60.71 -13.06
CA ASP C 437 -117.28 -61.50 -11.97
C ASP C 437 -118.00 -62.83 -11.92
N ILE C 438 -119.32 -62.78 -11.78
CA ILE C 438 -120.12 -63.99 -11.73
C ILE C 438 -119.77 -64.90 -12.91
N LEU C 439 -119.76 -64.35 -14.11
CA LEU C 439 -119.44 -65.14 -15.30
C LEU C 439 -118.06 -65.75 -15.20
N GLN C 440 -117.06 -64.89 -15.02
CA GLN C 440 -115.68 -65.33 -14.90
C GLN C 440 -115.61 -66.47 -13.88
N ALA C 441 -116.63 -66.54 -13.03
CA ALA C 441 -116.69 -67.58 -12.00
C ALA C 441 -117.23 -68.90 -12.55
N LEU C 442 -118.51 -68.91 -12.94
CA LEU C 442 -119.12 -70.12 -13.47
C LEU C 442 -118.18 -70.79 -14.47
N ASP C 443 -117.24 -70.02 -14.99
CA ASP C 443 -116.27 -70.52 -15.94
C ASP C 443 -115.28 -71.46 -15.28
N SER C 444 -114.72 -71.02 -14.16
CA SER C 444 -113.75 -71.79 -13.39
C SER C 444 -114.25 -73.20 -13.05
N ILE C 445 -115.51 -73.47 -13.36
CA ILE C 445 -116.12 -74.78 -13.09
C ILE C 445 -116.22 -75.58 -14.38
N TYR D 50 -121.58 -19.76 37.41
CA TYR D 50 -122.74 -20.61 37.04
C TYR D 50 -123.80 -20.50 38.13
N ALA D 51 -123.84 -21.48 39.02
CA ALA D 51 -124.82 -21.49 40.10
C ALA D 51 -124.22 -21.20 41.48
N SER D 52 -125.09 -21.06 42.46
CA SER D 52 -124.69 -20.77 43.82
C SER D 52 -124.48 -22.05 44.63
N PHE D 53 -125.25 -23.08 44.32
CA PHE D 53 -125.15 -24.34 45.06
C PHE D 53 -123.88 -25.14 44.77
N LEU D 54 -123.25 -24.86 43.63
CA LEU D 54 -122.03 -25.55 43.26
C LEU D 54 -120.84 -24.64 43.58
N ASN D 55 -119.93 -25.13 44.40
CA ASN D 55 -118.77 -24.35 44.80
C ASN D 55 -117.44 -25.05 44.49
N SER D 56 -117.46 -26.37 44.36
CA SER D 56 -116.25 -27.10 44.04
C SER D 56 -116.12 -27.35 42.52
N ASP D 57 -114.91 -27.17 42.00
CA ASP D 57 -114.62 -27.36 40.59
C ASP D 57 -115.19 -28.66 40.05
N GLY D 58 -114.99 -29.74 40.79
CA GLY D 58 -115.49 -31.03 40.35
C GLY D 58 -116.98 -30.98 40.07
N SER D 59 -117.72 -30.38 40.99
CA SER D 59 -119.15 -30.26 40.83
C SER D 59 -119.44 -29.49 39.55
N VAL D 60 -118.67 -28.44 39.32
CA VAL D 60 -118.84 -27.63 38.11
C VAL D 60 -118.57 -28.48 36.87
N ALA D 61 -117.34 -28.95 36.75
CA ALA D 61 -116.93 -29.78 35.62
C ALA D 61 -118.04 -30.72 35.23
N ILE D 62 -118.82 -31.17 36.21
CA ILE D 62 -119.92 -32.09 35.93
C ILE D 62 -121.15 -31.41 35.35
N HIS D 63 -121.75 -30.51 36.11
CA HIS D 63 -122.95 -29.82 35.64
C HIS D 63 -122.73 -28.49 34.96
N ALA D 64 -121.48 -28.15 34.68
CA ALA D 64 -121.17 -26.88 34.03
C ALA D 64 -121.79 -26.80 32.64
N GLY D 65 -122.66 -25.81 32.44
CA GLY D 65 -123.32 -25.63 31.16
C GLY D 65 -124.21 -26.79 30.77
N GLU D 66 -124.98 -27.29 31.74
CA GLU D 66 -125.87 -28.41 31.48
C GLU D 66 -127.05 -28.45 32.44
N ARG D 67 -126.76 -28.60 33.73
CA ARG D 67 -127.79 -28.68 34.76
C ARG D 67 -128.86 -27.62 34.70
N LEU D 68 -128.46 -26.39 34.39
CA LEU D 68 -129.41 -25.28 34.33
C LEU D 68 -130.13 -25.13 32.99
N GLY D 69 -129.45 -25.48 31.91
CA GLY D 69 -130.07 -25.37 30.60
C GLY D 69 -129.05 -25.62 29.51
N ARG D 70 -129.51 -26.02 28.32
CA ARG D 70 -128.58 -26.31 27.24
C ARG D 70 -128.77 -25.52 25.98
N GLY D 71 -129.97 -24.97 25.78
CA GLY D 71 -130.23 -24.21 24.57
C GLY D 71 -130.79 -25.15 23.53
N ILE D 72 -130.73 -26.44 23.84
CA ILE D 72 -131.28 -27.48 22.99
C ILE D 72 -132.13 -28.34 23.91
N VAL D 73 -133.25 -27.74 24.33
CA VAL D 73 -134.21 -28.36 25.24
C VAL D 73 -134.40 -29.87 25.09
N THR D 74 -134.28 -30.58 26.21
CA THR D 74 -134.46 -32.02 26.26
C THR D 74 -134.66 -32.44 27.70
N ASP D 75 -135.40 -33.52 27.90
CA ASP D 75 -135.64 -34.03 29.23
C ASP D 75 -134.64 -35.16 29.48
N ALA D 76 -133.54 -35.13 28.74
CA ALA D 76 -132.51 -36.15 28.87
C ALA D 76 -131.41 -35.62 29.78
N ILE D 77 -130.76 -36.52 30.49
CA ILE D 77 -129.70 -36.13 31.39
C ILE D 77 -128.48 -35.62 30.62
N THR D 78 -127.96 -36.45 29.74
CA THR D 78 -126.78 -36.09 28.97
C THR D 78 -127.05 -35.14 27.82
N THR D 79 -125.98 -34.66 27.23
CA THR D 79 -126.05 -33.74 26.11
C THR D 79 -126.22 -34.54 24.81
N PRO D 80 -127.15 -34.10 23.95
CA PRO D 80 -127.38 -34.78 22.67
C PRO D 80 -126.35 -34.40 21.62
N VAL D 81 -125.76 -35.41 20.98
CA VAL D 81 -124.77 -35.18 19.94
C VAL D 81 -125.51 -34.84 18.64
N VAL D 82 -125.37 -33.58 18.22
CA VAL D 82 -126.03 -33.11 16.99
C VAL D 82 -125.10 -33.24 15.80
N ASN D 83 -125.41 -34.21 14.94
CA ASN D 83 -124.60 -34.46 13.75
C ASN D 83 -125.16 -33.74 12.52
N THR D 84 -124.99 -32.42 12.45
CA THR D 84 -125.49 -31.66 11.31
C THR D 84 -124.41 -30.81 10.68
N SER D 85 -124.46 -30.66 9.37
CA SER D 85 -123.47 -29.86 8.68
C SER D 85 -123.95 -28.42 8.51
N ALA D 86 -125.24 -28.20 8.74
CA ALA D 86 -125.79 -26.86 8.59
C ALA D 86 -127.08 -26.72 9.37
N TYR D 87 -127.57 -25.50 9.50
CA TYR D 87 -128.79 -25.24 10.22
C TYR D 87 -129.75 -24.46 9.33
N PHE D 88 -131.02 -24.76 9.44
CA PHE D 88 -132.04 -24.13 8.61
C PHE D 88 -132.81 -23.01 9.27
N PHE D 89 -133.75 -22.45 8.51
CA PHE D 89 -134.61 -21.36 8.97
C PHE D 89 -136.03 -21.66 8.48
N ASN D 90 -137.02 -21.11 9.18
CA ASN D 90 -138.41 -21.36 8.80
C ASN D 90 -138.90 -20.45 7.69
N LYS D 91 -138.23 -19.32 7.50
CA LYS D 91 -138.60 -18.37 6.46
C LYS D 91 -137.54 -17.30 6.29
N THR D 92 -137.51 -16.70 5.10
CA THR D 92 -136.54 -15.65 4.78
C THR D 92 -136.52 -14.59 5.86
N SER D 93 -137.71 -14.17 6.29
CA SER D 93 -137.85 -13.16 7.32
C SER D 93 -136.89 -13.42 8.47
N GLU D 94 -137.01 -14.60 9.08
CA GLU D 94 -136.13 -14.97 10.19
C GLU D 94 -134.67 -14.91 9.79
N LEU D 95 -134.31 -15.64 8.74
CA LEU D 95 -132.93 -15.65 8.26
C LEU D 95 -132.39 -14.22 8.32
N ILE D 96 -133.16 -13.29 7.79
CA ILE D 96 -132.75 -11.88 7.80
C ILE D 96 -132.47 -11.46 9.24
N ASP D 97 -133.45 -11.67 10.10
CA ASP D 97 -133.31 -11.33 11.51
C ASP D 97 -131.94 -11.77 11.99
N PHE D 98 -131.66 -13.05 11.88
CA PHE D 98 -130.36 -13.59 12.30
C PHE D 98 -129.23 -12.78 11.67
N LYS D 99 -129.28 -12.63 10.36
CA LYS D 99 -128.25 -11.89 9.65
C LYS D 99 -128.11 -10.47 10.21
N GLU D 100 -129.21 -9.94 10.74
CA GLU D 100 -129.22 -8.59 11.30
C GLU D 100 -129.02 -8.58 12.83
N LYS D 101 -128.54 -9.71 13.35
CA LYS D 101 -128.27 -9.85 14.78
C LYS D 101 -129.51 -9.65 15.68
N ARG D 102 -130.64 -10.21 15.27
CA ARG D 102 -131.88 -10.11 16.04
C ARG D 102 -132.31 -11.52 16.44
N ARG D 103 -131.67 -12.51 15.85
CA ARG D 103 -131.94 -13.92 16.13
C ARG D 103 -130.61 -14.66 16.31
N ALA D 104 -130.67 -15.86 16.89
CA ALA D 104 -129.45 -16.64 17.11
C ALA D 104 -129.43 -17.91 16.27
N SER D 105 -128.29 -18.20 15.66
CA SER D 105 -128.14 -19.40 14.86
C SER D 105 -126.69 -19.62 14.46
N PHE D 106 -126.30 -20.89 14.41
CA PHE D 106 -124.93 -21.24 14.04
C PHE D 106 -124.79 -21.19 12.52
N GLU D 107 -125.93 -21.21 11.82
CA GLU D 107 -125.95 -21.15 10.37
C GLU D 107 -125.25 -22.37 9.78
N TYR D 108 -123.92 -22.35 9.82
CA TYR D 108 -123.12 -23.43 9.27
C TYR D 108 -122.40 -24.13 10.41
N GLY D 109 -122.15 -25.42 10.22
CA GLY D 109 -121.48 -26.18 11.25
C GLY D 109 -120.10 -25.66 11.58
N ARG D 110 -119.40 -25.14 10.58
CA ARG D 110 -118.05 -24.64 10.79
C ARG D 110 -118.03 -23.42 11.70
N TYR D 111 -119.20 -22.89 12.01
CA TYR D 111 -119.29 -21.71 12.87
C TYR D 111 -119.81 -22.04 14.27
N GLY D 112 -120.28 -23.27 14.46
CA GLY D 112 -120.78 -23.64 15.77
C GLY D 112 -121.57 -24.93 15.79
N ASN D 113 -121.93 -25.37 16.99
CA ASN D 113 -122.71 -26.59 17.16
C ASN D 113 -123.28 -26.69 18.57
N PRO D 114 -124.57 -27.04 18.67
CA PRO D 114 -125.25 -27.15 19.96
C PRO D 114 -124.54 -28.08 20.94
N THR D 115 -124.05 -29.18 20.40
CA THR D 115 -123.37 -30.17 21.22
C THR D 115 -121.96 -29.74 21.61
N THR D 116 -121.45 -28.71 20.93
CA THR D 116 -120.10 -28.23 21.23
C THR D 116 -120.15 -27.11 22.25
N VAL D 117 -120.96 -26.10 21.98
CA VAL D 117 -121.07 -24.95 22.87
C VAL D 117 -121.12 -25.38 24.35
N VAL D 118 -121.82 -26.46 24.62
CA VAL D 118 -121.92 -26.97 25.98
C VAL D 118 -120.51 -27.06 26.53
N LEU D 119 -119.71 -27.94 25.94
CA LEU D 119 -118.33 -28.14 26.34
C LEU D 119 -117.58 -26.81 26.41
N GLU D 120 -118.01 -25.86 25.58
CA GLU D 120 -117.40 -24.53 25.54
C GLU D 120 -117.70 -23.75 26.83
N GLU D 121 -118.97 -23.75 27.22
CA GLU D 121 -119.39 -23.04 28.43
C GLU D 121 -118.86 -23.75 29.66
N LYS D 122 -118.79 -25.07 29.59
CA LYS D 122 -118.31 -25.88 30.69
C LYS D 122 -116.87 -25.51 31.04
N ILE D 123 -116.00 -25.52 30.04
CA ILE D 123 -114.61 -25.17 30.25
C ILE D 123 -114.54 -23.72 30.70
N SER D 124 -115.34 -22.87 30.07
CA SER D 124 -115.36 -21.46 30.44
C SER D 124 -115.50 -21.37 31.96
N ALA D 125 -116.58 -21.97 32.47
CA ALA D 125 -116.86 -21.96 33.91
C ALA D 125 -115.70 -22.45 34.76
N LEU D 126 -115.07 -23.53 34.34
CA LEU D 126 -113.94 -24.08 35.07
C LEU D 126 -112.81 -23.06 35.18
N GLU D 127 -112.36 -22.53 34.06
CA GLU D 127 -111.29 -21.55 34.07
C GLU D 127 -111.80 -20.18 34.52
N GLY D 128 -113.10 -20.09 34.74
CA GLY D 128 -113.69 -18.83 35.17
C GLY D 128 -113.47 -17.75 34.13
N ALA D 129 -113.59 -18.14 32.86
CA ALA D 129 -113.40 -17.22 31.74
C ALA D 129 -114.70 -16.62 31.25
N GLU D 130 -114.56 -15.69 30.31
CA GLU D 130 -115.70 -15.02 29.70
C GLU D 130 -116.26 -15.90 28.60
N SER D 131 -115.36 -16.52 27.84
CA SER D 131 -115.75 -17.40 26.75
C SER D 131 -114.58 -18.28 26.33
N THR D 132 -114.89 -19.45 25.79
CA THR D 132 -113.88 -20.41 25.36
C THR D 132 -114.12 -20.89 23.92
N LEU D 133 -113.05 -21.30 23.25
CA LEU D 133 -113.14 -21.78 21.88
C LEU D 133 -112.62 -23.21 21.80
N LEU D 134 -113.10 -23.98 20.82
CA LEU D 134 -112.66 -25.35 20.67
C LEU D 134 -112.25 -25.71 19.26
N MET D 135 -110.96 -26.00 19.09
CA MET D 135 -110.42 -26.37 17.80
C MET D 135 -110.41 -27.88 17.65
N ALA D 136 -109.79 -28.35 16.57
CA ALA D 136 -109.71 -29.77 16.31
C ALA D 136 -108.56 -30.41 17.08
N SER D 137 -107.56 -29.60 17.44
CA SER D 137 -106.42 -30.11 18.16
C SER D 137 -105.64 -28.99 18.83
N GLY D 138 -104.98 -29.31 19.94
CA GLY D 138 -104.20 -28.31 20.66
C GLY D 138 -103.43 -27.43 19.71
N MET D 139 -102.55 -28.06 18.93
CA MET D 139 -101.73 -27.36 17.95
C MET D 139 -102.54 -26.35 17.16
N CYS D 140 -103.71 -26.76 16.68
CA CYS D 140 -104.56 -25.84 15.93
C CYS D 140 -104.74 -24.56 16.73
N ALA D 141 -105.17 -24.72 17.98
CA ALA D 141 -105.38 -23.61 18.88
C ALA D 141 -104.22 -22.64 18.90
N SER D 142 -103.07 -23.08 19.39
CA SER D 142 -101.90 -22.20 19.43
C SER D 142 -101.71 -21.56 18.07
N THR D 143 -101.71 -22.39 17.04
CA THR D 143 -101.54 -21.93 15.66
C THR D 143 -102.48 -20.77 15.36
N VAL D 144 -103.77 -21.05 15.37
CA VAL D 144 -104.76 -20.03 15.09
C VAL D 144 -104.54 -18.81 15.97
N MET D 145 -104.49 -19.05 17.28
CA MET D 145 -104.29 -18.00 18.25
C MET D 145 -103.17 -17.03 17.84
N LEU D 146 -102.02 -17.57 17.48
CA LEU D 146 -100.88 -16.75 17.09
C LEU D 146 -101.20 -15.95 15.81
N LEU D 147 -101.57 -16.67 14.75
CA LEU D 147 -101.90 -16.05 13.47
C LEU D 147 -102.97 -14.98 13.62
N ALA D 148 -103.81 -15.14 14.63
CA ALA D 148 -104.90 -14.21 14.90
C ALA D 148 -104.55 -12.95 15.65
N LEU D 149 -103.77 -13.08 16.71
CA LEU D 149 -103.42 -11.93 17.53
C LEU D 149 -102.16 -11.18 17.11
N VAL D 150 -101.10 -11.92 16.77
CA VAL D 150 -99.84 -11.29 16.37
C VAL D 150 -99.93 -10.68 14.98
N PRO D 151 -99.78 -9.34 14.90
CA PRO D 151 -99.85 -8.66 13.60
C PRO D 151 -98.63 -8.97 12.76
N ALA D 152 -98.68 -8.59 11.49
CA ALA D 152 -97.55 -8.83 10.59
C ALA D 152 -96.34 -8.02 11.04
N GLY D 153 -95.18 -8.67 11.05
CA GLY D 153 -93.96 -7.99 11.45
C GLY D 153 -93.84 -7.81 12.95
N GLY D 154 -94.88 -8.17 13.69
CA GLY D 154 -94.87 -8.03 15.13
C GLY D 154 -93.85 -8.92 15.82
N HIS D 155 -93.67 -8.71 17.12
CA HIS D 155 -92.71 -9.48 17.90
C HIS D 155 -93.43 -10.30 18.97
N ILE D 156 -92.83 -11.41 19.37
CA ILE D 156 -93.41 -12.28 20.38
C ILE D 156 -92.32 -12.84 21.30
N VAL D 157 -92.70 -13.21 22.51
CA VAL D 157 -91.75 -13.76 23.46
C VAL D 157 -92.24 -15.06 24.05
N THR D 158 -91.41 -16.09 23.93
CA THR D 158 -91.74 -17.40 24.45
C THR D 158 -90.56 -17.94 25.24
N THR D 159 -90.79 -19.07 25.91
CA THR D 159 -89.76 -19.69 26.72
C THR D 159 -88.94 -20.68 25.90
N THR D 160 -87.89 -21.20 26.50
CA THR D 160 -87.01 -22.15 25.83
C THR D 160 -87.57 -23.55 25.83
N ASP D 161 -88.28 -23.91 26.91
CA ASP D 161 -88.87 -25.23 27.04
C ASP D 161 -90.19 -25.40 26.31
N CYS D 162 -90.24 -24.94 25.07
CA CYS D 162 -91.45 -25.05 24.26
C CYS D 162 -91.65 -26.47 23.79
N TYR D 163 -92.88 -26.80 23.38
CA TYR D 163 -93.19 -28.13 22.87
C TYR D 163 -92.72 -28.21 21.42
N ARG D 164 -91.84 -29.17 21.15
CA ARG D 164 -91.27 -29.37 19.82
C ARG D 164 -91.95 -28.62 18.69
N LYS D 165 -93.09 -29.14 18.24
CA LYS D 165 -93.83 -28.52 17.15
C LYS D 165 -94.18 -27.05 17.37
N THR D 166 -94.76 -26.72 18.52
CA THR D 166 -95.14 -25.35 18.81
C THR D 166 -93.95 -24.46 18.50
N ARG D 167 -92.75 -24.99 18.72
CA ARG D 167 -91.51 -24.28 18.46
C ARG D 167 -91.35 -24.05 16.96
N ILE D 168 -91.28 -25.15 16.22
CA ILE D 168 -91.11 -25.10 14.77
C ILE D 168 -92.04 -24.07 14.12
N PHE D 169 -93.33 -24.14 14.45
CA PHE D 169 -94.28 -23.19 13.87
C PHE D 169 -93.76 -21.78 14.02
N ILE D 170 -93.53 -21.39 15.26
CA ILE D 170 -93.03 -20.07 15.57
C ILE D 170 -91.71 -19.75 14.88
N GLU D 171 -90.87 -20.77 14.70
CA GLU D 171 -89.56 -20.60 14.08
C GLU D 171 -89.51 -20.71 12.56
N THR D 172 -90.55 -21.28 11.96
CA THR D 172 -90.56 -21.45 10.51
C THR D 172 -91.71 -20.78 9.78
N ILE D 173 -92.90 -20.78 10.39
CA ILE D 173 -94.06 -20.19 9.76
C ILE D 173 -94.18 -18.67 10.01
N LEU D 174 -94.36 -18.31 11.27
CA LEU D 174 -94.50 -16.91 11.66
C LEU D 174 -93.48 -15.97 10.99
N PRO D 175 -92.21 -16.40 10.85
CA PRO D 175 -91.24 -15.51 10.21
C PRO D 175 -91.68 -15.09 8.81
N LYS D 176 -92.52 -15.92 8.19
CA LYS D 176 -93.03 -15.63 6.86
C LYS D 176 -93.83 -14.35 6.92
N MET D 177 -94.47 -14.11 8.06
CA MET D 177 -95.26 -12.90 8.24
C MET D 177 -94.39 -11.84 8.89
N GLY D 178 -93.08 -12.06 8.85
CA GLY D 178 -92.15 -11.12 9.43
C GLY D 178 -92.27 -10.99 10.93
N ILE D 179 -92.89 -11.97 11.57
CA ILE D 179 -93.03 -11.95 13.02
C ILE D 179 -91.79 -12.56 13.67
N THR D 180 -91.04 -11.72 14.39
CA THR D 180 -89.83 -12.15 15.06
C THR D 180 -90.15 -12.58 16.49
N ALA D 181 -89.27 -13.37 17.10
CA ALA D 181 -89.49 -13.85 18.46
C ALA D 181 -88.23 -13.85 19.32
N THR D 182 -88.43 -13.76 20.62
CA THR D 182 -87.32 -13.78 21.58
C THR D 182 -87.55 -14.97 22.52
N VAL D 183 -86.56 -15.85 22.58
CA VAL D 183 -86.65 -17.01 23.42
C VAL D 183 -85.87 -16.84 24.70
N ILE D 184 -86.59 -16.71 25.81
CA ILE D 184 -85.99 -16.54 27.12
C ILE D 184 -86.21 -17.77 27.99
N ASP D 185 -85.44 -17.88 29.08
CA ASP D 185 -85.59 -19.02 29.97
C ASP D 185 -86.80 -18.78 30.87
N PRO D 186 -87.58 -19.84 31.14
CA PRO D 186 -88.78 -19.71 31.99
C PRO D 186 -88.55 -18.86 33.23
N ALA D 187 -87.48 -19.17 33.96
CA ALA D 187 -87.15 -18.45 35.19
C ALA D 187 -86.65 -17.02 34.95
N ASP D 188 -85.73 -16.89 34.00
CA ASP D 188 -85.12 -15.60 33.64
C ASP D 188 -86.11 -14.45 33.42
N VAL D 189 -86.59 -13.86 34.52
CA VAL D 189 -87.54 -12.74 34.45
C VAL D 189 -86.84 -11.48 33.99
N GLY D 190 -85.53 -11.43 34.18
CA GLY D 190 -84.77 -10.26 33.75
C GLY D 190 -84.86 -10.15 32.25
N ALA D 191 -84.51 -11.24 31.55
CA ALA D 191 -84.55 -11.29 30.09
C ALA D 191 -85.90 -10.77 29.60
N LEU D 192 -86.97 -11.25 30.23
CA LEU D 192 -88.31 -10.82 29.86
C LEU D 192 -88.44 -9.30 30.01
N GLU D 193 -88.19 -8.81 31.23
CA GLU D 193 -88.28 -7.38 31.51
C GLU D 193 -87.45 -6.58 30.52
N LEU D 194 -86.31 -7.14 30.14
CA LEU D 194 -85.42 -6.48 29.19
C LEU D 194 -86.10 -6.40 27.83
N ALA D 195 -86.34 -7.56 27.23
CA ALA D 195 -86.98 -7.65 25.92
C ALA D 195 -88.21 -6.75 25.88
N LEU D 196 -88.98 -6.77 26.98
CA LEU D 196 -90.18 -5.96 27.10
C LEU D 196 -89.90 -4.51 26.74
N ASN D 197 -88.70 -4.06 27.09
CA ASN D 197 -88.29 -2.68 26.82
C ASN D 197 -87.55 -2.53 25.49
N GLN D 198 -86.72 -3.52 25.16
CA GLN D 198 -85.96 -3.49 23.92
C GLN D 198 -86.89 -3.37 22.71
N LYS D 199 -87.58 -4.46 22.40
CA LYS D 199 -88.50 -4.46 21.27
C LYS D 199 -89.92 -4.16 21.73
N LYS D 200 -90.85 -4.17 20.79
CA LYS D 200 -92.25 -3.93 21.09
C LYS D 200 -92.96 -5.27 21.05
N VAL D 201 -93.05 -5.90 22.22
CA VAL D 201 -93.69 -7.21 22.35
C VAL D 201 -95.21 -7.17 22.19
N ASN D 202 -95.71 -7.97 21.26
CA ASN D 202 -97.15 -8.05 20.99
C ASN D 202 -97.81 -9.02 21.97
N LEU D 203 -97.13 -10.14 22.22
CA LEU D 203 -97.67 -11.14 23.14
C LEU D 203 -96.59 -12.07 23.69
N PHE D 204 -96.72 -12.40 24.97
CA PHE D 204 -95.80 -13.31 25.61
C PHE D 204 -96.56 -14.61 25.66
N PHE D 205 -95.91 -15.69 25.25
CA PHE D 205 -96.56 -16.98 25.25
C PHE D 205 -95.65 -18.07 25.79
N THR D 206 -96.18 -18.84 26.73
CA THR D 206 -95.48 -19.95 27.35
C THR D 206 -96.41 -20.89 28.10
N GLU D 207 -95.93 -22.11 28.29
CA GLU D 207 -96.68 -23.15 28.97
C GLU D 207 -96.13 -23.34 30.38
N SER D 208 -97.02 -23.50 31.35
CA SER D 208 -96.61 -23.70 32.73
C SER D 208 -97.60 -24.61 33.44
N PRO D 209 -97.15 -25.79 33.89
CA PRO D 209 -95.77 -26.28 33.74
C PRO D 209 -95.33 -26.40 32.29
N THR D 210 -94.02 -26.55 32.11
CA THR D 210 -93.38 -26.68 30.81
C THR D 210 -93.20 -28.14 30.40
N ASN D 211 -92.74 -28.35 29.18
CA ASN D 211 -92.51 -29.70 28.68
C ASN D 211 -91.06 -29.84 28.23
N PRO D 212 -90.38 -30.91 28.66
CA PRO D 212 -90.86 -31.98 29.54
C PRO D 212 -90.36 -31.81 30.97
N PHE D 213 -89.60 -30.74 31.22
CA PHE D 213 -89.05 -30.50 32.54
C PHE D 213 -90.01 -29.78 33.46
N LEU D 214 -91.27 -29.74 33.07
CA LEU D 214 -92.32 -29.12 33.86
C LEU D 214 -91.96 -27.79 34.56
N ARG D 215 -91.06 -27.02 33.97
CA ARG D 215 -90.68 -25.73 34.56
C ARG D 215 -91.95 -24.93 34.76
N CYS D 216 -91.89 -23.91 35.61
CA CYS D 216 -93.07 -23.09 35.86
C CYS D 216 -92.78 -21.60 35.80
N VAL D 217 -93.74 -20.84 35.31
CA VAL D 217 -93.59 -19.40 35.20
C VAL D 217 -94.45 -18.69 36.23
N ASP D 218 -93.87 -17.74 36.94
CA ASP D 218 -94.62 -16.99 37.94
C ASP D 218 -95.63 -16.14 37.20
N ILE D 219 -96.71 -16.78 36.77
CA ILE D 219 -97.76 -16.12 36.03
C ILE D 219 -98.06 -14.70 36.52
N GLU D 220 -98.53 -14.61 37.75
CA GLU D 220 -98.87 -13.32 38.35
C GLU D 220 -97.81 -12.25 38.05
N LEU D 221 -96.56 -12.60 38.30
CA LEU D 221 -95.45 -11.68 38.08
C LEU D 221 -95.34 -11.29 36.60
N VAL D 222 -95.07 -12.27 35.76
CA VAL D 222 -94.95 -12.04 34.33
C VAL D 222 -96.12 -11.22 33.82
N SER D 223 -97.33 -11.66 34.14
CA SER D 223 -98.52 -10.95 33.73
C SER D 223 -98.36 -9.47 34.01
N LYS D 224 -97.98 -9.15 35.24
CA LYS D 224 -97.80 -7.76 35.63
C LYS D 224 -96.82 -7.03 34.74
N LEU D 225 -95.63 -7.58 34.59
CA LEU D 225 -94.60 -6.96 33.75
C LEU D 225 -95.10 -6.68 32.33
N CYS D 226 -95.51 -7.74 31.64
CA CYS D 226 -95.98 -7.63 30.27
C CYS D 226 -97.07 -6.56 30.10
N HIS D 227 -98.15 -6.66 30.88
CA HIS D 227 -99.25 -5.70 30.80
C HIS D 227 -98.79 -4.25 30.98
N GLU D 228 -97.65 -4.07 31.63
CA GLU D 228 -97.12 -2.74 31.85
C GLU D 228 -96.64 -2.20 30.52
N LYS D 229 -96.28 -3.11 29.61
CA LYS D 229 -95.79 -2.72 28.31
C LYS D 229 -96.80 -3.01 27.20
N GLY D 230 -98.04 -3.28 27.59
CA GLY D 230 -99.09 -3.54 26.63
C GLY D 230 -99.09 -4.92 25.98
N ALA D 231 -98.12 -5.76 26.35
CA ALA D 231 -98.02 -7.10 25.79
C ALA D 231 -99.13 -8.00 26.32
N LEU D 232 -99.45 -9.03 25.55
CA LEU D 232 -100.49 -9.97 25.94
C LEU D 232 -99.84 -11.22 26.50
N VAL D 233 -100.55 -11.91 27.38
CA VAL D 233 -100.00 -13.11 27.96
C VAL D 233 -100.90 -14.32 27.68
N CYS D 234 -100.27 -15.39 27.21
CA CYS D 234 -101.00 -16.61 26.93
C CYS D 234 -100.25 -17.75 27.59
N ILE D 235 -100.95 -18.50 28.44
CA ILE D 235 -100.34 -19.61 29.14
C ILE D 235 -100.96 -20.95 28.71
N ASP D 236 -100.11 -21.89 28.36
CA ASP D 236 -100.57 -23.21 27.96
C ASP D 236 -100.56 -24.09 29.20
N GLY D 237 -101.64 -24.04 29.95
CA GLY D 237 -101.72 -24.82 31.17
C GLY D 237 -102.12 -26.26 30.96
N THR D 238 -101.81 -26.79 29.78
CA THR D 238 -102.15 -28.16 29.45
C THR D 238 -101.82 -29.10 30.60
N PHE D 239 -100.55 -29.16 30.94
CA PHE D 239 -100.06 -30.02 32.00
C PHE D 239 -100.73 -29.70 33.33
N ALA D 240 -100.95 -28.41 33.57
CA ALA D 240 -101.56 -27.99 34.80
C ALA D 240 -103.00 -28.47 34.99
N THR D 241 -103.85 -28.14 34.02
CA THR D 241 -105.26 -28.49 34.08
C THR D 241 -105.94 -27.36 34.83
N PRO D 242 -107.15 -26.98 34.42
CA PRO D 242 -107.88 -25.90 35.07
C PRO D 242 -108.10 -26.13 36.56
N LEU D 243 -107.88 -27.37 37.01
CA LEU D 243 -108.08 -27.70 38.41
C LEU D 243 -106.86 -27.42 39.29
N ASN D 244 -105.67 -27.63 38.76
CA ASN D 244 -104.46 -27.40 39.54
C ASN D 244 -103.97 -25.95 39.53
N GLN D 245 -104.67 -25.09 38.78
CA GLN D 245 -104.30 -23.68 38.70
C GLN D 245 -105.26 -22.89 37.80
N LYS D 246 -105.35 -21.58 38.03
CA LYS D 246 -106.21 -20.72 37.23
C LYS D 246 -105.40 -19.57 36.66
N ALA D 247 -104.66 -19.83 35.58
CA ALA D 247 -103.83 -18.82 34.95
C ALA D 247 -104.57 -17.51 34.71
N LEU D 248 -105.84 -17.62 34.32
CA LEU D 248 -106.65 -16.43 34.07
C LEU D 248 -106.78 -15.62 35.34
N ALA D 249 -106.97 -16.31 36.46
CA ALA D 249 -107.12 -15.66 37.74
C ALA D 249 -105.80 -15.03 38.19
N LEU D 250 -104.69 -15.65 37.80
CA LEU D 250 -103.38 -15.13 38.16
C LEU D 250 -103.00 -13.94 37.29
N GLY D 251 -103.91 -13.55 36.40
CA GLY D 251 -103.67 -12.40 35.54
C GLY D 251 -103.52 -12.66 34.05
N ALA D 252 -103.18 -13.88 33.68
CA ALA D 252 -103.01 -14.21 32.26
C ALA D 252 -104.18 -13.73 31.41
N ASP D 253 -103.89 -13.36 30.17
CA ASP D 253 -104.92 -12.88 29.24
C ASP D 253 -105.67 -14.06 28.63
N LEU D 254 -104.93 -15.05 28.18
CA LEU D 254 -105.52 -16.23 27.58
C LEU D 254 -104.87 -17.49 28.09
N VAL D 255 -105.68 -18.53 28.26
CA VAL D 255 -105.16 -19.81 28.72
C VAL D 255 -105.66 -20.86 27.73
N LEU D 256 -104.76 -21.68 27.22
CA LEU D 256 -105.13 -22.71 26.29
C LEU D 256 -104.68 -24.08 26.78
N HIS D 257 -105.44 -25.09 26.40
CA HIS D 257 -105.15 -26.47 26.79
C HIS D 257 -105.26 -27.39 25.59
N SER D 258 -104.70 -28.58 25.72
CA SER D 258 -104.76 -29.59 24.69
C SER D 258 -105.68 -30.66 25.29
N ALA D 259 -106.98 -30.48 25.11
CA ALA D 259 -107.97 -31.41 25.64
C ALA D 259 -107.65 -32.85 25.31
N THR D 260 -106.72 -33.05 24.38
CA THR D 260 -106.30 -34.38 23.98
C THR D 260 -105.76 -35.16 25.16
N LYS D 261 -105.17 -34.45 26.12
CA LYS D 261 -104.58 -35.07 27.30
C LYS D 261 -105.50 -35.35 28.48
N PHE D 262 -105.56 -34.38 29.41
CA PHE D 262 -106.36 -34.52 30.63
C PHE D 262 -107.86 -34.31 30.48
N LEU D 263 -108.25 -33.18 29.94
CA LEU D 263 -109.67 -32.90 29.78
C LEU D 263 -110.40 -34.13 29.27
N GLY D 264 -109.92 -34.69 28.17
CA GLY D 264 -110.56 -35.89 27.63
C GLY D 264 -110.15 -37.08 28.47
N GLY D 265 -108.89 -37.06 28.90
CA GLY D 265 -108.32 -38.11 29.75
C GLY D 265 -108.63 -39.56 29.48
N HIS D 266 -108.88 -39.93 28.23
CA HIS D 266 -109.18 -41.33 27.90
C HIS D 266 -108.40 -41.79 26.68
N ASN D 267 -107.42 -41.00 26.26
CA ASN D 267 -106.59 -41.33 25.12
C ASN D 267 -107.35 -41.79 23.88
N ASP D 268 -108.46 -41.12 23.55
CA ASP D 268 -109.23 -41.52 22.39
C ASP D 268 -109.79 -40.35 21.60
N VAL D 269 -109.22 -39.17 21.80
CA VAL D 269 -109.71 -37.99 21.09
C VAL D 269 -108.74 -36.83 21.17
N LEU D 270 -108.68 -36.03 20.09
CA LEU D 270 -107.81 -34.84 20.02
C LEU D 270 -108.69 -33.60 20.03
N ALA D 271 -108.19 -32.52 20.61
CA ALA D 271 -108.96 -31.28 20.65
C ALA D 271 -108.18 -30.09 21.18
N GLY D 272 -108.37 -28.95 20.52
CA GLY D 272 -107.72 -27.73 20.94
C GLY D 272 -108.71 -27.04 21.86
N CYS D 273 -108.27 -26.03 22.59
CA CYS D 273 -109.17 -25.33 23.50
C CYS D 273 -108.52 -24.06 24.05
N ILE D 274 -109.17 -22.93 23.84
CA ILE D 274 -108.65 -21.64 24.31
C ILE D 274 -109.73 -20.86 25.05
N SER D 275 -109.42 -20.43 26.27
CA SER D 275 -110.38 -19.68 27.07
C SER D 275 -109.82 -18.31 27.44
N GLY D 276 -110.69 -17.31 27.49
CA GLY D 276 -110.24 -15.98 27.83
C GLY D 276 -111.35 -14.96 27.70
N PRO D 277 -111.01 -13.66 27.75
CA PRO D 277 -112.01 -12.58 27.64
C PRO D 277 -112.63 -12.58 26.26
N LEU D 278 -113.89 -12.15 26.18
CA LEU D 278 -114.61 -12.11 24.92
C LEU D 278 -113.89 -11.32 23.83
N LYS D 279 -113.77 -10.01 24.06
CA LYS D 279 -113.11 -9.12 23.11
C LYS D 279 -111.86 -9.74 22.48
N LEU D 280 -111.25 -10.69 23.17
CA LEU D 280 -110.05 -11.35 22.66
C LEU D 280 -110.37 -12.63 21.91
N VAL D 281 -110.88 -13.62 22.64
CA VAL D 281 -111.20 -14.92 22.05
C VAL D 281 -111.98 -14.79 20.76
N SER D 282 -112.96 -13.88 20.74
CA SER D 282 -113.78 -13.67 19.55
C SER D 282 -112.92 -13.37 18.32
N GLU D 283 -111.93 -12.51 18.50
CA GLU D 283 -111.04 -12.15 17.40
C GLU D 283 -110.42 -13.41 16.80
N ILE D 284 -110.26 -14.43 17.62
CA ILE D 284 -109.67 -15.69 17.18
C ILE D 284 -110.72 -16.57 16.51
N ARG D 285 -111.90 -16.64 17.13
CA ARG D 285 -112.99 -17.44 16.60
C ARG D 285 -113.26 -17.03 15.14
N ASN D 286 -113.13 -15.74 14.86
CA ASN D 286 -113.36 -15.22 13.52
C ASN D 286 -112.40 -15.87 12.54
N LEU D 287 -111.11 -15.74 12.83
CA LEU D 287 -110.10 -16.34 11.97
C LEU D 287 -110.37 -17.84 11.89
N HIS D 288 -110.76 -18.43 13.02
CA HIS D 288 -111.06 -19.86 13.09
C HIS D 288 -112.17 -20.23 12.11
N HIS D 289 -113.11 -19.31 11.91
CA HIS D 289 -114.21 -19.56 11.00
C HIS D 289 -113.77 -19.65 9.56
N ILE D 290 -112.49 -19.43 9.32
CA ILE D 290 -111.94 -19.49 7.98
C ILE D 290 -110.96 -20.66 7.83
N LEU D 291 -110.00 -20.74 8.74
CA LEU D 291 -109.02 -21.82 8.68
C LEU D 291 -109.72 -23.17 8.79
N GLY D 292 -110.98 -23.10 9.21
CA GLY D 292 -111.79 -24.31 9.33
C GLY D 292 -111.22 -25.49 10.09
N GLY D 293 -110.89 -25.26 11.36
CA GLY D 293 -110.37 -26.34 12.18
C GLY D 293 -111.44 -26.82 13.14
N ALA D 294 -112.69 -26.69 12.72
CA ALA D 294 -113.85 -27.07 13.53
C ALA D 294 -113.70 -28.42 14.18
N LEU D 295 -114.28 -28.57 15.36
CA LEU D 295 -114.22 -29.83 16.09
C LEU D 295 -115.52 -30.59 15.85
N ASN D 296 -115.40 -31.88 15.59
CA ASN D 296 -116.57 -32.72 15.34
C ASN D 296 -117.38 -32.93 16.61
N PRO D 297 -118.72 -32.91 16.49
CA PRO D 297 -119.60 -33.10 17.64
C PRO D 297 -119.22 -34.33 18.45
N ASN D 298 -119.17 -35.49 17.80
CA ASN D 298 -118.81 -36.72 18.48
C ASN D 298 -117.59 -36.52 19.39
N ALA D 299 -116.60 -35.83 18.87
CA ALA D 299 -115.38 -35.56 19.63
C ALA D 299 -115.76 -34.75 20.87
N ALA D 300 -116.46 -33.64 20.63
CA ALA D 300 -116.90 -32.77 21.71
C ALA D 300 -117.54 -33.55 22.84
N TYR D 301 -118.58 -34.32 22.52
CA TYR D 301 -119.27 -35.11 23.52
C TYR D 301 -118.29 -35.95 24.34
N LEU D 302 -117.47 -36.74 23.67
CA LEU D 302 -116.49 -37.59 24.35
C LEU D 302 -115.69 -36.81 25.38
N ILE D 303 -115.46 -35.54 25.11
CA ILE D 303 -114.72 -34.72 26.06
C ILE D 303 -115.64 -34.42 27.22
N ILE D 304 -116.85 -33.94 26.93
CA ILE D 304 -117.80 -33.62 27.97
C ILE D 304 -117.95 -34.83 28.88
N ARG D 305 -118.01 -36.01 28.28
CA ARG D 305 -118.15 -37.24 29.05
C ARG D 305 -116.89 -37.44 29.86
N GLY D 306 -115.75 -37.21 29.22
CA GLY D 306 -114.50 -37.38 29.92
C GLY D 306 -114.39 -36.46 31.11
N MET D 307 -114.82 -35.21 30.92
CA MET D 307 -114.75 -34.23 31.99
C MET D 307 -115.73 -34.49 33.12
N LYS D 308 -116.64 -35.43 32.92
CA LYS D 308 -117.62 -35.75 33.95
C LYS D 308 -116.89 -36.31 35.17
N THR D 309 -115.66 -36.77 34.96
CA THR D 309 -114.84 -37.32 36.05
C THR D 309 -113.47 -36.68 36.02
N LEU D 310 -113.43 -35.39 35.74
CA LEU D 310 -112.16 -34.69 35.68
C LEU D 310 -111.45 -34.69 37.03
N HIS D 311 -112.07 -34.07 38.02
CA HIS D 311 -111.49 -34.00 39.35
C HIS D 311 -110.99 -35.35 39.79
N LEU D 312 -111.89 -36.33 39.87
CA LEU D 312 -111.53 -37.67 40.29
C LEU D 312 -110.21 -38.16 39.68
N ARG D 313 -110.10 -38.08 38.35
CA ARG D 313 -108.90 -38.53 37.67
C ARG D 313 -107.66 -37.73 38.08
N VAL D 314 -107.75 -36.40 38.00
CA VAL D 314 -106.63 -35.54 38.37
C VAL D 314 -106.17 -35.86 39.80
N GLN D 315 -107.11 -35.72 40.74
CA GLN D 315 -106.85 -35.97 42.15
C GLN D 315 -105.91 -37.17 42.29
N GLN D 316 -106.35 -38.31 41.79
CA GLN D 316 -105.58 -39.54 41.88
C GLN D 316 -104.21 -39.40 41.24
N GLN D 317 -104.16 -38.89 40.02
CA GLN D 317 -102.89 -38.72 39.32
C GLN D 317 -101.97 -37.77 40.08
N ASN D 318 -102.53 -36.65 40.54
CA ASN D 318 -101.76 -35.67 41.32
C ASN D 318 -101.01 -36.34 42.48
N SER D 319 -101.62 -37.37 43.05
CA SER D 319 -101.02 -38.11 44.15
C SER D 319 -99.97 -39.08 43.62
N THR D 320 -100.42 -40.15 43.02
CA THR D 320 -99.53 -41.16 42.47
C THR D 320 -98.21 -40.53 42.01
N ALA D 321 -98.30 -39.52 41.16
CA ALA D 321 -97.12 -38.84 40.63
C ALA D 321 -96.21 -38.39 41.77
N LEU D 322 -96.68 -37.40 42.53
CA LEU D 322 -95.92 -36.87 43.65
C LEU D 322 -95.26 -37.98 44.44
N ARG D 323 -96.08 -38.84 45.03
CA ARG D 323 -95.57 -39.96 45.82
C ARG D 323 -94.49 -40.73 45.06
N MET D 324 -94.83 -41.13 43.84
CA MET D 324 -93.90 -41.87 43.00
C MET D 324 -92.65 -41.06 42.76
N ALA D 325 -92.82 -39.75 42.61
CA ALA D 325 -91.68 -38.88 42.37
C ALA D 325 -90.68 -39.06 43.50
N GLU D 326 -91.08 -38.66 44.71
CA GLU D 326 -90.22 -38.78 45.87
C GLU D 326 -89.53 -40.14 45.86
N ILE D 327 -90.33 -41.20 45.80
CA ILE D 327 -89.77 -42.55 45.78
C ILE D 327 -88.63 -42.61 44.78
N LEU D 328 -88.85 -42.05 43.60
CA LEU D 328 -87.86 -42.07 42.53
C LEU D 328 -86.59 -41.30 42.87
N GLU D 329 -86.77 -40.08 43.38
CA GLU D 329 -85.63 -39.24 43.75
C GLU D 329 -84.70 -40.00 44.68
N ALA D 330 -85.31 -40.66 45.65
CA ALA D 330 -84.57 -41.43 46.64
C ALA D 330 -83.85 -42.62 46.02
N HIS D 331 -84.47 -43.22 45.01
CA HIS D 331 -83.87 -44.38 44.35
C HIS D 331 -82.45 -44.09 43.90
N PRO D 332 -81.54 -45.06 44.09
CA PRO D 332 -80.12 -44.94 43.71
C PRO D 332 -79.87 -44.86 42.21
N LYS D 333 -80.62 -45.66 41.46
CA LYS D 333 -80.47 -45.68 40.01
C LYS D 333 -81.08 -44.45 39.32
N VAL D 334 -81.83 -43.65 40.08
CA VAL D 334 -82.46 -42.45 39.52
C VAL D 334 -81.57 -41.22 39.69
N ARG D 335 -80.87 -40.87 38.62
CA ARG D 335 -79.96 -39.72 38.63
C ARG D 335 -80.63 -38.41 39.06
N HIS D 336 -81.73 -38.07 38.40
CA HIS D 336 -82.44 -36.81 38.69
C HIS D 336 -83.95 -36.94 38.48
N VAL D 337 -84.72 -36.08 39.16
CA VAL D 337 -86.16 -36.10 39.02
C VAL D 337 -86.74 -34.71 38.86
N TYR D 338 -87.59 -34.54 37.84
CA TYR D 338 -88.23 -33.25 37.56
C TYR D 338 -89.72 -33.28 37.91
N TYR D 339 -90.11 -32.44 38.85
CA TYR D 339 -91.50 -32.36 39.29
C TYR D 339 -91.69 -31.15 40.21
N PRO D 340 -92.58 -30.23 39.84
CA PRO D 340 -92.82 -29.05 40.66
C PRO D 340 -93.14 -29.36 42.12
N GLY D 341 -93.76 -30.51 42.36
CA GLY D 341 -94.10 -30.88 43.72
C GLY D 341 -92.90 -31.07 44.64
N LEU D 342 -91.79 -31.55 44.08
CA LEU D 342 -90.57 -31.77 44.86
C LEU D 342 -89.91 -30.46 45.24
N GLN D 343 -89.16 -30.49 46.34
CA GLN D 343 -88.46 -29.30 46.82
C GLN D 343 -87.25 -29.06 45.96
N SER D 344 -86.78 -30.11 45.30
CA SER D 344 -85.61 -30.02 44.45
C SER D 344 -85.88 -29.24 43.17
N HIS D 345 -87.15 -29.11 42.80
CA HIS D 345 -87.51 -28.39 41.57
C HIS D 345 -87.20 -26.90 41.67
N PRO D 346 -86.55 -26.36 40.63
CA PRO D 346 -86.16 -24.95 40.54
C PRO D 346 -87.25 -23.94 40.94
N GLU D 347 -88.45 -24.11 40.42
CA GLU D 347 -89.53 -23.19 40.75
C GLU D 347 -90.57 -23.79 41.67
N HIS D 348 -90.13 -24.68 42.55
CA HIS D 348 -91.03 -25.32 43.50
C HIS D 348 -91.76 -24.26 44.33
N HIS D 349 -91.06 -23.21 44.70
CA HIS D 349 -91.67 -22.16 45.50
C HIS D 349 -92.78 -21.45 44.74
N ILE D 350 -92.64 -21.38 43.41
CA ILE D 350 -93.65 -20.73 42.57
C ILE D 350 -94.82 -21.69 42.40
N ALA D 351 -94.49 -22.93 42.07
CA ALA D 351 -95.49 -23.98 41.90
C ALA D 351 -96.35 -23.99 43.15
N LYS D 352 -95.69 -24.04 44.30
CA LYS D 352 -96.37 -24.07 45.59
C LYS D 352 -97.24 -22.84 45.81
N LYS D 353 -96.89 -21.76 45.13
CA LYS D 353 -97.63 -20.52 45.30
C LYS D 353 -98.80 -20.33 44.34
N GLN D 354 -98.70 -20.85 43.11
CA GLN D 354 -99.79 -20.67 42.16
C GLN D 354 -100.62 -21.91 41.84
N MET D 355 -100.12 -23.08 42.19
CA MET D 355 -100.86 -24.31 41.92
C MET D 355 -101.42 -24.92 43.19
N THR D 356 -102.24 -25.95 43.03
CA THR D 356 -102.82 -26.64 44.16
C THR D 356 -102.51 -28.13 43.97
N GLY D 357 -102.02 -28.44 42.77
CA GLY D 357 -101.64 -29.79 42.41
C GLY D 357 -100.43 -29.69 41.51
N PHE D 358 -99.79 -30.81 41.19
CA PHE D 358 -98.61 -30.77 40.33
C PHE D 358 -98.66 -31.71 39.14
N GLY D 359 -99.87 -31.91 38.61
CA GLY D 359 -100.05 -32.78 37.45
C GLY D 359 -99.78 -34.23 37.74
N GLY D 360 -99.73 -35.04 36.69
CA GLY D 360 -99.49 -36.45 36.85
C GLY D 360 -98.27 -36.88 36.07
N ALA D 361 -97.65 -35.91 35.40
CA ALA D 361 -96.46 -36.19 34.60
C ALA D 361 -95.21 -36.03 35.43
N VAL D 362 -94.30 -36.98 35.29
CA VAL D 362 -93.05 -36.95 36.04
C VAL D 362 -91.89 -37.31 35.13
N SER D 363 -90.91 -36.42 35.03
CA SER D 363 -89.75 -36.67 34.20
C SER D 363 -88.56 -36.97 35.11
N PHE D 364 -87.66 -37.83 34.65
CA PHE D 364 -86.49 -38.17 35.43
C PHE D 364 -85.43 -38.85 34.59
N GLU D 365 -84.18 -38.52 34.88
CA GLU D 365 -83.06 -39.11 34.16
C GLU D 365 -82.61 -40.35 34.90
N VAL D 366 -82.30 -41.40 34.13
CA VAL D 366 -81.86 -42.65 34.71
C VAL D 366 -80.34 -42.73 34.68
N ASP D 367 -79.76 -43.35 35.71
CA ASP D 367 -78.31 -43.49 35.82
C ASP D 367 -77.75 -44.52 34.82
N GLY D 368 -77.79 -44.16 33.53
CA GLY D 368 -77.29 -45.06 32.50
C GLY D 368 -77.16 -44.31 31.19
N ASP D 369 -77.30 -45.00 30.07
CA ASP D 369 -77.21 -44.35 28.78
C ASP D 369 -78.40 -44.74 27.91
N LEU D 370 -78.37 -44.34 26.64
CA LEU D 370 -79.44 -44.64 25.71
C LEU D 370 -79.96 -46.06 25.90
N LEU D 371 -79.17 -47.02 25.44
CA LEU D 371 -79.52 -48.43 25.54
C LEU D 371 -79.96 -48.85 26.95
N THR D 372 -79.31 -48.31 27.97
CA THR D 372 -79.66 -48.64 29.34
C THR D 372 -81.05 -48.11 29.70
N THR D 373 -81.25 -46.81 29.49
CA THR D 373 -82.53 -46.19 29.76
C THR D 373 -83.60 -46.97 29.01
N ALA D 374 -83.31 -47.32 27.76
CA ALA D 374 -84.25 -48.07 26.94
C ALA D 374 -84.60 -49.36 27.68
N LYS D 375 -83.56 -50.10 28.06
CA LYS D 375 -83.75 -51.36 28.78
C LYS D 375 -84.75 -51.19 29.93
N PHE D 376 -84.72 -50.01 30.56
CA PHE D 376 -85.62 -49.71 31.66
C PHE D 376 -87.06 -49.71 31.20
N VAL D 377 -87.37 -48.77 30.30
CA VAL D 377 -88.73 -48.65 29.78
C VAL D 377 -89.23 -49.97 29.18
N ASP D 378 -88.33 -50.72 28.55
CA ASP D 378 -88.72 -51.99 27.94
C ASP D 378 -89.18 -53.01 29.01
N ALA D 379 -88.63 -52.88 30.21
CA ALA D 379 -88.97 -53.77 31.31
C ALA D 379 -90.34 -53.49 31.91
N LEU D 380 -90.75 -52.22 31.90
CA LEU D 380 -92.05 -51.84 32.45
C LEU D 380 -93.14 -52.72 31.85
N LYS D 381 -94.17 -53.00 32.64
CA LYS D 381 -95.25 -53.86 32.17
C LYS D 381 -96.61 -53.17 32.01
N ILE D 382 -96.84 -52.12 32.79
CA ILE D 382 -98.12 -51.43 32.74
C ILE D 382 -98.25 -50.29 31.73
N PRO D 383 -97.35 -49.29 31.79
CA PRO D 383 -97.49 -48.21 30.82
C PRO D 383 -97.24 -48.63 29.38
N TYR D 384 -97.80 -47.84 28.47
CA TYR D 384 -97.67 -48.06 27.03
C TYR D 384 -96.57 -47.13 26.54
N ILE D 385 -95.66 -47.65 25.73
CA ILE D 385 -94.60 -46.82 25.19
C ILE D 385 -95.22 -46.00 24.07
N ALA D 386 -95.42 -44.71 24.29
CA ALA D 386 -96.02 -43.85 23.29
C ALA D 386 -96.03 -42.37 23.69
N PRO D 387 -96.39 -41.48 22.75
CA PRO D 387 -96.44 -40.06 23.09
C PRO D 387 -97.70 -39.81 23.90
N SER D 388 -98.14 -38.56 23.96
CA SER D 388 -99.33 -38.19 24.72
C SER D 388 -99.21 -38.48 26.22
N PHE D 389 -100.25 -38.11 26.96
CA PHE D 389 -100.29 -38.30 28.40
C PHE D 389 -101.59 -37.74 28.97
N GLY D 390 -101.89 -38.08 30.22
CA GLY D 390 -103.09 -37.55 30.84
C GLY D 390 -104.27 -38.50 30.85
N GLY D 391 -104.11 -39.66 30.23
CA GLY D 391 -105.20 -40.60 30.20
C GLY D 391 -105.14 -41.58 31.34
N CYS D 392 -106.27 -42.25 31.59
CA CYS D 392 -106.34 -43.23 32.65
C CYS D 392 -105.24 -44.28 32.47
N GLU D 393 -104.91 -44.58 31.22
CA GLU D 393 -103.86 -45.55 30.93
C GLU D 393 -102.52 -44.86 31.16
N SER D 394 -101.56 -45.60 31.70
CA SER D 394 -100.24 -45.02 31.95
C SER D 394 -99.41 -45.09 30.68
N ILE D 395 -98.57 -44.08 30.48
CA ILE D 395 -97.71 -44.02 29.30
C ILE D 395 -96.31 -43.56 29.62
N VAL D 396 -95.34 -44.07 28.86
CA VAL D 396 -93.95 -43.71 29.04
C VAL D 396 -93.28 -43.49 27.69
N ASP D 397 -92.21 -42.71 27.69
CA ASP D 397 -91.48 -42.44 26.48
C ASP D 397 -90.13 -41.82 26.78
N GLN D 398 -89.21 -41.97 25.83
CA GLN D 398 -87.87 -41.43 25.94
C GLN D 398 -87.82 -40.29 24.93
N PRO D 399 -88.23 -39.08 25.35
CA PRO D 399 -88.25 -37.89 24.49
C PRO D 399 -87.12 -37.89 23.47
N ALA D 400 -85.91 -38.21 23.93
CA ALA D 400 -84.72 -38.24 23.10
C ALA D 400 -85.00 -38.98 21.80
N ILE D 401 -85.72 -40.09 21.92
CA ILE D 401 -86.07 -40.88 20.75
C ILE D 401 -87.49 -40.52 20.30
N MET D 402 -88.42 -40.60 21.24
CA MET D 402 -89.82 -40.31 20.98
C MET D 402 -90.11 -39.06 20.16
N SER D 403 -89.40 -37.96 20.43
CA SER D 403 -89.68 -36.75 19.67
C SER D 403 -88.45 -35.91 19.34
N TYR D 404 -87.30 -36.55 19.21
CA TYR D 404 -86.07 -35.83 18.91
C TYR D 404 -85.04 -36.70 18.19
N TRP D 405 -85.43 -37.92 17.84
CA TRP D 405 -84.51 -38.81 17.18
C TRP D 405 -84.06 -38.28 15.82
N ASP D 406 -84.76 -37.29 15.30
CA ASP D 406 -84.40 -36.72 14.01
C ASP D 406 -83.18 -35.81 14.12
N LEU D 407 -82.72 -35.58 15.35
CA LEU D 407 -81.55 -34.72 15.59
C LEU D 407 -80.31 -35.49 16.05
N SER D 408 -79.16 -34.83 15.99
CA SER D 408 -77.89 -35.43 16.39
C SER D 408 -77.72 -35.37 17.90
N GLN D 409 -76.98 -36.33 18.45
CA GLN D 409 -76.71 -36.41 19.89
C GLN D 409 -76.35 -35.05 20.45
N SER D 410 -75.60 -34.27 19.66
CA SER D 410 -75.17 -32.95 20.06
C SER D 410 -76.35 -31.98 19.98
N ASP D 411 -76.97 -31.89 18.81
CA ASP D 411 -78.10 -31.00 18.63
C ASP D 411 -79.21 -31.32 19.62
N ARG D 412 -79.21 -32.56 20.09
CA ARG D 412 -80.22 -32.99 21.06
C ARG D 412 -79.95 -32.34 22.39
N ALA D 413 -78.74 -32.53 22.91
CA ALA D 413 -78.34 -31.95 24.18
C ALA D 413 -78.49 -30.44 24.15
N LYS D 414 -78.57 -29.89 22.95
CA LYS D 414 -78.72 -28.46 22.79
C LYS D 414 -79.90 -27.96 23.62
N TYR D 415 -80.80 -28.88 23.97
CA TYR D 415 -81.98 -28.50 24.75
C TYR D 415 -82.31 -29.45 25.89
N GLY D 416 -81.29 -29.73 26.71
CA GLY D 416 -81.47 -30.61 27.85
C GLY D 416 -81.88 -32.03 27.56
N ILE D 417 -82.46 -32.28 26.39
CA ILE D 417 -82.89 -33.63 26.06
C ILE D 417 -81.74 -34.62 26.15
N MET D 418 -81.78 -35.46 27.17
CA MET D 418 -80.75 -36.46 27.39
C MET D 418 -81.26 -37.85 27.03
N ASP D 419 -80.33 -38.76 26.80
CA ASP D 419 -80.69 -40.14 26.46
C ASP D 419 -81.20 -40.86 27.70
N ASN D 420 -81.02 -40.25 28.87
CA ASN D 420 -81.47 -40.84 30.13
C ASN D 420 -82.88 -40.37 30.45
N LEU D 421 -83.16 -39.12 30.08
CA LEU D 421 -84.45 -38.52 30.32
C LEU D 421 -85.64 -39.42 30.01
N VAL D 422 -86.47 -39.62 31.03
CA VAL D 422 -87.67 -40.44 30.89
C VAL D 422 -88.88 -39.64 31.31
N ARG D 423 -89.94 -39.74 30.52
CA ARG D 423 -91.17 -39.01 30.83
C ARG D 423 -92.27 -40.00 31.19
N PHE D 424 -92.60 -40.05 32.48
CA PHE D 424 -93.64 -40.96 32.94
C PHE D 424 -94.96 -40.26 33.20
N SER D 425 -95.96 -40.62 32.42
CA SER D 425 -97.28 -40.03 32.57
C SER D 425 -98.12 -41.04 33.33
N PHE D 426 -98.16 -40.89 34.64
CA PHE D 426 -98.92 -41.79 35.47
C PHE D 426 -100.40 -41.80 35.12
N GLY D 427 -100.94 -43.00 34.98
CA GLY D 427 -102.34 -43.15 34.65
C GLY D 427 -103.22 -43.00 35.89
N VAL D 428 -104.16 -43.91 36.04
CA VAL D 428 -105.05 -43.88 37.18
C VAL D 428 -105.07 -45.24 37.86
N GLU D 429 -104.27 -46.17 37.33
CA GLU D 429 -104.15 -47.51 37.89
C GLU D 429 -103.72 -47.39 39.36
N ASP D 430 -103.93 -48.45 40.13
CA ASP D 430 -103.57 -48.43 41.54
C ASP D 430 -102.11 -48.08 41.76
N PHE D 431 -101.86 -47.24 42.76
CA PHE D 431 -100.50 -46.81 43.06
C PHE D 431 -99.56 -47.98 43.22
N ASP D 432 -99.80 -48.79 44.25
CA ASP D 432 -98.97 -49.95 44.52
C ASP D 432 -98.65 -50.72 43.25
N ASP D 433 -99.68 -50.97 42.45
CA ASP D 433 -99.50 -51.70 41.21
C ASP D 433 -98.49 -51.01 40.31
N LEU D 434 -98.55 -49.67 40.27
CA LEU D 434 -97.64 -48.90 39.44
C LEU D 434 -96.23 -48.92 40.01
N LYS D 435 -96.12 -48.62 41.30
CA LYS D 435 -94.85 -48.59 41.99
C LYS D 435 -94.10 -49.92 41.84
N ALA D 436 -94.77 -51.00 42.19
CA ALA D 436 -94.18 -52.32 42.06
C ALA D 436 -93.58 -52.45 40.68
N ASP D 437 -94.35 -52.09 39.67
CA ASP D 437 -93.88 -52.17 38.29
C ASP D 437 -92.62 -51.36 38.10
N ILE D 438 -92.71 -50.06 38.36
CA ILE D 438 -91.57 -49.17 38.20
C ILE D 438 -90.33 -49.73 38.89
N LEU D 439 -90.45 -50.06 40.17
CA LEU D 439 -89.33 -50.60 40.91
C LEU D 439 -88.81 -51.87 40.26
N GLN D 440 -89.72 -52.78 39.97
CA GLN D 440 -89.35 -54.04 39.35
C GLN D 440 -88.47 -53.81 38.13
N ALA D 441 -88.56 -52.61 37.54
CA ALA D 441 -87.74 -52.30 36.39
C ALA D 441 -86.48 -51.57 36.86
N LEU D 442 -86.67 -50.62 37.77
CA LEU D 442 -85.57 -49.85 38.33
C LEU D 442 -84.53 -50.77 38.97
N ASP D 443 -84.69 -52.07 38.80
CA ASP D 443 -83.79 -53.06 39.37
C ASP D 443 -83.17 -53.94 38.30
N SER D 444 -83.83 -54.03 37.15
CA SER D 444 -83.32 -54.85 36.06
C SER D 444 -82.26 -54.10 35.28
N ILE D 445 -81.64 -53.13 35.93
CA ILE D 445 -80.60 -52.31 35.30
C ILE D 445 -79.29 -52.44 36.08
N TYR E 50 66.15 10.61 75.44
CA TYR E 50 64.79 10.33 74.89
C TYR E 50 63.76 10.50 75.99
N ALA E 51 63.35 9.38 76.57
CA ALA E 51 62.36 9.37 77.64
C ALA E 51 63.02 9.29 79.00
N SER E 52 62.29 9.76 80.01
CA SER E 52 62.77 9.77 81.38
C SER E 52 62.41 8.47 82.07
N PHE E 53 61.22 7.95 81.77
CA PHE E 53 60.76 6.72 82.41
C PHE E 53 61.45 5.43 81.96
N LEU E 54 62.23 5.52 80.89
CA LEU E 54 62.95 4.35 80.38
C LEU E 54 64.42 4.46 80.74
N ASN E 55 64.85 3.69 81.72
CA ASN E 55 66.23 3.73 82.16
C ASN E 55 67.11 2.65 81.55
N SER E 56 66.62 1.41 81.55
CA SER E 56 67.38 0.30 80.98
C SER E 56 67.53 0.41 79.47
N ASP E 57 68.73 0.11 78.98
CA ASP E 57 69.01 0.17 77.55
C ASP E 57 68.04 -0.68 76.74
N GLY E 58 67.83 -1.93 77.19
CA GLY E 58 66.92 -2.82 76.49
C GLY E 58 65.57 -2.19 76.20
N SER E 59 65.02 -1.52 77.21
CA SER E 59 63.73 -0.86 77.05
C SER E 59 63.81 0.20 75.97
N VAL E 60 64.92 0.94 75.97
CA VAL E 60 65.14 2.00 74.98
C VAL E 60 65.20 1.39 73.58
N ALA E 61 66.20 0.55 73.35
CA ALA E 61 66.35 -0.11 72.06
C ALA E 61 64.99 -0.48 71.49
N ILE E 62 64.04 -0.83 72.36
CA ILE E 62 62.71 -1.20 71.90
C ILE E 62 61.86 0.00 71.51
N HIS E 63 61.56 0.84 72.48
CA HIS E 63 60.72 2.01 72.22
C HIS E 63 61.47 3.27 71.88
N ALA E 64 62.76 3.17 71.65
CA ALA E 64 63.56 4.34 71.32
C ALA E 64 63.09 4.95 70.00
N GLY E 65 62.73 6.23 70.05
CA GLY E 65 62.28 6.94 68.86
C GLY E 65 61.08 6.29 68.20
N GLU E 66 60.07 5.93 68.99
CA GLU E 66 58.87 5.28 68.48
C GLU E 66 57.67 5.47 69.40
N ARG E 67 57.79 4.97 70.63
CA ARG E 67 56.72 5.06 71.62
C ARG E 67 56.14 6.43 71.79
N LEU E 68 57.00 7.44 71.75
CA LEU E 68 56.57 8.82 71.94
C LEU E 68 56.07 9.50 70.67
N GLY E 69 56.49 9.00 69.51
CA GLY E 69 56.07 9.58 68.26
C GLY E 69 57.03 9.22 67.15
N ARG E 70 56.60 9.36 65.91
CA ARG E 70 57.46 9.01 64.79
C ARG E 70 57.71 10.10 63.76
N GLY E 71 56.76 11.02 63.62
CA GLY E 71 56.90 12.09 62.64
C GLY E 71 56.06 11.71 61.44
N ILE E 72 55.60 10.47 61.45
CA ILE E 72 54.75 9.92 60.41
C ILE E 72 53.59 9.28 61.15
N VAL E 73 52.67 10.14 61.60
CA VAL E 73 51.49 9.74 62.37
C VAL E 73 50.76 8.46 61.93
N THR E 74 50.65 7.52 62.88
CA THR E 74 49.94 6.25 62.66
C THR E 74 49.53 5.67 63.98
N ASP E 75 48.36 5.04 64.00
CA ASP E 75 47.89 4.40 65.21
C ASP E 75 48.44 2.99 65.23
N ALA E 76 49.47 2.76 64.42
CA ALA E 76 50.10 1.46 64.33
C ALA E 76 51.22 1.31 65.34
N ILE E 77 51.46 0.08 65.77
CA ILE E 77 52.51 -0.20 66.74
C ILE E 77 53.90 -0.03 66.13
N THR E 78 54.15 -0.77 65.05
CA THR E 78 55.43 -0.74 64.34
C THR E 78 55.63 0.48 63.45
N THR E 79 56.84 0.59 62.90
CA THR E 79 57.17 1.70 62.01
C THR E 79 56.79 1.31 60.58
N PRO E 80 56.12 2.21 59.85
CA PRO E 80 55.73 1.92 58.47
C PRO E 80 56.87 2.07 57.50
N VAL E 81 57.08 1.05 56.68
CA VAL E 81 58.13 1.08 55.68
C VAL E 81 57.69 1.96 54.53
N VAL E 82 58.31 3.14 54.44
CA VAL E 82 57.99 4.08 53.39
C VAL E 82 58.89 3.85 52.18
N ASN E 83 58.29 3.35 51.10
CA ASN E 83 59.02 3.05 49.88
C ASN E 83 58.89 4.13 48.82
N THR E 84 59.57 5.25 49.01
CA THR E 84 59.50 6.32 48.03
C THR E 84 60.88 6.80 47.63
N SER E 85 60.97 7.32 46.42
CA SER E 85 62.23 7.83 45.88
C SER E 85 62.27 9.34 46.02
N ALA E 86 61.13 9.94 46.34
CA ALA E 86 61.07 11.38 46.47
C ALA E 86 59.87 11.81 47.28
N TYR E 87 59.86 13.07 47.68
CA TYR E 87 58.77 13.61 48.46
C TYR E 87 58.26 14.86 47.78
N PHE E 88 56.94 15.02 47.76
CA PHE E 88 56.30 16.16 47.11
C PHE E 88 55.92 17.31 48.01
N PHE E 89 55.39 18.35 47.37
CA PHE E 89 54.95 19.55 48.07
C PHE E 89 53.56 19.91 47.57
N ASN E 90 52.79 20.61 48.39
CA ASN E 90 51.44 20.99 48.01
C ASN E 90 51.38 22.22 47.11
N LYS E 91 52.38 23.09 47.24
CA LYS E 91 52.45 24.30 46.42
C LYS E 91 53.84 24.90 46.48
N THR E 92 54.21 25.62 45.43
CA THR E 92 55.52 26.24 45.34
C THR E 92 55.83 27.02 46.60
N SER E 93 54.80 27.64 47.17
CA SER E 93 54.95 28.44 48.38
C SER E 93 55.70 27.64 49.46
N GLU E 94 55.16 26.48 49.81
CA GLU E 94 55.79 25.62 50.81
C GLU E 94 57.20 25.23 50.37
N LEU E 95 57.32 24.69 49.17
CA LEU E 95 58.62 24.29 48.66
C LEU E 95 59.65 25.35 49.03
N ILE E 96 59.31 26.61 48.77
CA ILE E 96 60.20 27.72 49.09
C ILE E 96 60.55 27.68 50.57
N ASP E 97 59.51 27.66 51.41
CA ASP E 97 59.69 27.61 52.85
C ASP E 97 60.78 26.59 53.20
N PHE E 98 60.57 25.34 52.80
CA PHE E 98 61.54 24.29 53.08
C PHE E 98 62.93 24.72 52.63
N LYS E 99 63.03 25.16 51.38
CA LYS E 99 64.30 25.59 50.82
C LYS E 99 64.89 26.70 51.66
N GLU E 100 64.01 27.49 52.28
CA GLU E 100 64.43 28.61 53.12
C GLU E 100 64.49 28.23 54.60
N LYS E 101 64.55 26.92 54.85
CA LYS E 101 64.64 26.40 56.21
C LYS E 101 63.52 26.89 57.14
N ARG E 102 62.29 26.83 56.66
CA ARG E 102 61.14 27.23 57.47
C ARG E 102 60.22 26.01 57.61
N ARG E 103 60.47 25.00 56.77
CA ARG E 103 59.70 23.76 56.75
C ARG E 103 60.66 22.55 56.78
N ALA E 104 60.12 21.38 57.11
CA ALA E 104 60.93 20.17 57.17
C ALA E 104 60.56 19.17 56.08
N SER E 105 61.56 18.71 55.34
CA SER E 105 61.32 17.74 54.28
C SER E 105 62.60 17.08 53.79
N PHE E 106 62.50 15.81 53.49
CA PHE E 106 63.65 15.06 53.01
C PHE E 106 63.93 15.39 51.56
N GLU E 107 62.92 15.91 50.88
CA GLU E 107 63.03 16.28 49.46
C GLU E 107 63.23 15.05 48.58
N TYR E 108 64.46 14.54 48.61
CA TYR E 108 64.84 13.37 47.84
C TYR E 108 65.11 12.19 48.78
N GLY E 109 65.01 10.97 48.27
CA GLY E 109 65.23 9.80 49.09
C GLY E 109 66.67 9.61 49.52
N ARG E 110 67.61 10.10 48.72
CA ARG E 110 69.02 9.97 49.03
C ARG E 110 69.41 10.89 50.18
N TYR E 111 68.49 11.77 50.56
CA TYR E 111 68.75 12.71 51.65
C TYR E 111 68.07 12.33 52.96
N GLY E 112 67.08 11.44 52.89
CA GLY E 112 66.40 11.05 54.11
C GLY E 112 65.20 10.16 53.85
N ASN E 113 64.66 9.57 54.91
CA ASN E 113 63.50 8.70 54.80
C ASN E 113 62.86 8.52 56.17
N PRO E 114 61.53 8.71 56.25
CA PRO E 114 60.79 8.58 57.49
C PRO E 114 61.02 7.25 58.20
N THR E 115 61.08 6.18 57.42
CA THR E 115 61.26 4.85 57.95
C THR E 115 62.67 4.63 58.47
N THR E 116 63.60 5.49 58.05
CA THR E 116 65.00 5.36 58.47
C THR E 116 65.27 6.17 59.72
N VAL E 117 64.95 7.46 59.66
CA VAL E 117 65.18 8.36 60.78
C VAL E 117 64.84 7.71 62.10
N VAL E 118 63.82 6.86 62.08
CA VAL E 118 63.44 6.18 63.30
C VAL E 118 64.66 5.44 63.80
N LEU E 119 65.22 4.59 62.94
CA LEU E 119 66.39 3.82 63.31
C LEU E 119 67.53 4.77 63.71
N GLU E 120 67.57 5.93 63.09
CA GLU E 120 68.61 6.90 63.41
C GLU E 120 68.48 7.38 64.85
N GLU E 121 67.31 7.90 65.21
CA GLU E 121 67.07 8.40 66.56
C GLU E 121 67.23 7.28 67.58
N LYS E 122 66.79 6.09 67.22
CA LYS E 122 66.86 4.93 68.11
C LYS E 122 68.28 4.70 68.57
N ILE E 123 69.19 4.44 67.62
CA ILE E 123 70.59 4.21 67.94
C ILE E 123 71.14 5.41 68.68
N SER E 124 70.77 6.60 68.22
CA SER E 124 71.24 7.82 68.86
C SER E 124 70.97 7.66 70.35
N ALA E 125 69.70 7.48 70.68
CA ALA E 125 69.31 7.29 72.07
C ALA E 125 70.20 6.29 72.76
N LEU E 126 70.39 5.14 72.13
CA LEU E 126 71.21 4.09 72.70
C LEU E 126 72.59 4.58 73.08
N GLU E 127 73.39 4.97 72.09
CA GLU E 127 74.73 5.45 72.36
C GLU E 127 74.70 6.78 73.10
N GLY E 128 73.51 7.31 73.31
CA GLY E 128 73.39 8.58 74.00
C GLY E 128 74.04 9.71 73.22
N ALA E 129 73.91 9.66 71.89
CA ALA E 129 74.52 10.66 71.02
C ALA E 129 73.58 11.81 70.71
N GLU E 130 74.10 12.77 69.92
CA GLU E 130 73.31 13.93 69.53
C GLU E 130 72.58 13.63 68.24
N SER E 131 73.18 12.78 67.41
CA SER E 131 72.59 12.41 66.13
C SER E 131 73.34 11.21 65.53
N THR E 132 72.67 10.45 64.68
CA THR E 132 73.27 9.27 64.06
C THR E 132 73.00 9.21 62.56
N LEU E 133 73.92 8.60 61.82
CA LEU E 133 73.78 8.48 60.38
C LEU E 133 73.73 7.01 60.01
N LEU E 134 73.14 6.70 58.86
CA LEU E 134 73.05 5.31 58.45
C LEU E 134 73.41 5.10 56.98
N MET E 135 74.50 4.38 56.75
CA MET E 135 74.96 4.11 55.39
C MET E 135 74.41 2.77 54.88
N ALA E 136 74.87 2.37 53.72
CA ALA E 136 74.43 1.12 53.11
C ALA E 136 75.21 -0.06 53.69
N SER E 137 76.36 0.22 54.28
CA SER E 137 77.19 -0.83 54.86
C SER E 137 78.28 -0.23 55.73
N GLY E 138 78.69 -0.97 56.75
CA GLY E 138 79.73 -0.48 57.65
C GLY E 138 80.84 0.19 56.87
N MET E 139 81.44 -0.55 55.93
CA MET E 139 82.51 -0.04 55.10
C MET E 139 82.18 1.35 54.55
N CYS E 140 80.95 1.52 54.06
CA CYS E 140 80.54 2.81 53.53
C CYS E 140 80.83 3.89 54.57
N ALA E 141 80.30 3.68 55.77
CA ALA E 141 80.48 4.59 56.90
C ALA E 141 81.94 5.02 57.06
N SER E 142 82.76 4.12 57.60
CA SER E 142 84.16 4.42 57.80
C SER E 142 84.70 5.19 56.61
N THR E 143 84.44 4.64 55.43
CA THR E 143 84.87 5.22 54.17
C THR E 143 84.47 6.68 54.12
N VAL E 144 83.17 6.92 54.09
CA VAL E 144 82.68 8.29 54.02
C VAL E 144 83.32 9.15 55.10
N MET E 145 83.08 8.75 56.35
CA MET E 145 83.59 9.47 57.50
C MET E 145 85.04 9.92 57.34
N LEU E 146 85.91 9.04 56.86
CA LEU E 146 87.31 9.39 56.66
C LEU E 146 87.43 10.48 55.60
N LEU E 147 86.86 10.23 54.44
CA LEU E 147 86.90 11.18 53.35
C LEU E 147 86.25 12.50 53.74
N ALA E 148 85.40 12.46 54.75
CA ALA E 148 84.68 13.64 55.21
C ALA E 148 85.39 14.53 56.23
N LEU E 149 86.07 13.91 57.18
CA LEU E 149 86.76 14.66 58.22
C LEU E 149 88.25 14.90 58.00
N VAL E 150 88.94 13.95 57.40
CA VAL E 150 90.38 14.11 57.17
C VAL E 150 90.66 15.00 55.96
N PRO E 151 91.22 16.20 56.20
CA PRO E 151 91.53 17.14 55.11
C PRO E 151 92.62 16.59 54.20
N ALA E 152 92.78 17.21 53.03
CA ALA E 152 93.78 16.77 52.08
C ALA E 152 95.17 16.94 52.68
N GLY E 153 96.03 15.93 52.50
CA GLY E 153 97.38 15.99 53.03
C GLY E 153 97.43 15.73 54.51
N GLY E 154 96.25 15.66 55.13
CA GLY E 154 96.15 15.40 56.56
C GLY E 154 96.74 14.07 56.98
N HIS E 155 96.93 13.92 58.29
CA HIS E 155 97.48 12.69 58.85
C HIS E 155 96.46 12.04 59.75
N ILE E 156 96.52 10.71 59.84
CA ILE E 156 95.59 9.97 60.67
C ILE E 156 96.34 8.88 61.43
N VAL E 157 95.81 8.49 62.58
CA VAL E 157 96.44 7.46 63.40
C VAL E 157 95.49 6.32 63.69
N THR E 158 95.89 5.10 63.35
CA THR E 158 95.05 3.95 63.59
C THR E 158 95.89 2.86 64.21
N THR E 159 95.22 1.77 64.57
CA THR E 159 95.90 0.66 65.21
C THR E 159 96.39 -0.36 64.19
N THR E 160 97.10 -1.38 64.69
CA THR E 160 97.62 -2.42 63.83
C THR E 160 96.58 -3.49 63.56
N ASP E 161 95.71 -3.73 64.52
CA ASP E 161 94.68 -4.76 64.36
C ASP E 161 93.41 -4.22 63.69
N CYS E 162 93.58 -3.52 62.58
CA CYS E 162 92.46 -2.98 61.82
C CYS E 162 91.81 -4.12 61.06
N TYR E 163 90.60 -3.89 60.55
CA TYR E 163 89.91 -4.91 59.77
C TYR E 163 90.46 -4.86 58.33
N ARG E 164 90.84 -6.01 57.81
CA ARG E 164 91.40 -6.14 56.46
C ARG E 164 91.08 -4.95 55.56
N LYS E 165 89.88 -4.95 54.98
CA LYS E 165 89.45 -3.90 54.09
C LYS E 165 89.68 -2.48 54.60
N THR E 166 89.24 -2.22 55.84
CA THR E 166 89.41 -0.89 56.42
C THR E 166 90.86 -0.47 56.28
N ARG E 167 91.76 -1.43 56.33
CA ARG E 167 93.19 -1.16 56.20
C ARG E 167 93.52 -0.67 54.80
N ILE E 168 93.22 -1.53 53.83
CA ILE E 168 93.47 -1.25 52.43
C ILE E 168 93.03 0.15 52.02
N PHE E 169 91.80 0.52 52.36
CA PHE E 169 91.32 1.86 52.00
C PHE E 169 92.32 2.90 52.47
N ILE E 170 92.59 2.90 53.76
CA ILE E 170 93.52 3.84 54.36
C ILE E 170 94.91 3.78 53.74
N GLU E 171 95.34 2.59 53.32
CA GLU E 171 96.65 2.43 52.72
C GLU E 171 96.75 2.61 51.21
N THR E 172 95.62 2.57 50.50
CA THR E 172 95.65 2.71 49.05
C THR E 172 94.85 3.86 48.47
N ILE E 173 93.75 4.22 49.11
CA ILE E 173 92.94 5.32 48.60
C ILE E 173 93.35 6.66 49.21
N LEU E 174 93.20 6.77 50.53
CA LEU E 174 93.55 7.99 51.24
C LEU E 174 94.87 8.59 50.77
N PRO E 175 95.89 7.75 50.54
CA PRO E 175 97.17 8.31 50.08
C PRO E 175 97.05 9.16 48.81
N LYS E 176 95.99 8.89 48.04
CA LYS E 176 95.74 9.62 46.81
C LYS E 176 95.40 11.08 47.13
N MET E 177 94.93 11.31 48.35
CA MET E 177 94.60 12.67 48.80
C MET E 177 95.74 13.18 49.68
N GLY E 178 96.89 12.53 49.56
CA GLY E 178 98.05 12.92 50.34
C GLY E 178 97.82 12.72 51.83
N ILE E 179 96.88 11.86 52.18
CA ILE E 179 96.58 11.62 53.58
C ILE E 179 97.47 10.51 54.12
N THR E 180 98.42 10.89 54.95
CA THR E 180 99.35 9.94 55.55
C THR E 180 98.84 9.41 56.90
N ALA E 181 99.20 8.17 57.22
CA ALA E 181 98.76 7.57 58.47
C ALA E 181 99.88 6.90 59.27
N THR E 182 99.65 6.80 60.58
CA THR E 182 100.60 6.16 61.47
C THR E 182 99.91 4.97 62.11
N VAL E 183 100.56 3.81 62.02
CA VAL E 183 99.97 2.60 62.58
C VAL E 183 100.67 2.18 63.86
N ILE E 184 99.95 2.28 64.96
CA ILE E 184 100.47 1.90 66.28
C ILE E 184 99.71 0.71 66.83
N ASP E 185 100.29 0.09 67.86
CA ASP E 185 99.66 -1.05 68.50
C ASP E 185 98.61 -0.56 69.49
N PRO E 186 97.47 -1.26 69.58
CA PRO E 186 96.38 -0.89 70.48
C PRO E 186 96.84 -0.41 71.84
N ALA E 187 97.65 -1.23 72.50
CA ALA E 187 98.16 -0.92 73.83
C ALA E 187 99.16 0.23 73.84
N ASP E 188 100.18 0.13 73.00
CA ASP E 188 101.23 1.16 72.94
C ASP E 188 100.69 2.58 72.99
N VAL E 189 100.48 3.09 74.20
CA VAL E 189 99.97 4.43 74.37
C VAL E 189 101.08 5.42 74.07
N GLY E 190 102.32 5.02 74.37
CA GLY E 190 103.45 5.89 74.12
C GLY E 190 103.50 6.32 72.66
N ALA E 191 103.52 5.34 71.76
CA ALA E 191 103.55 5.61 70.33
C ALA E 191 102.51 6.66 69.98
N LEU E 192 101.29 6.46 70.47
CA LEU E 192 100.23 7.40 70.21
C LEU E 192 100.64 8.79 70.68
N GLU E 193 100.98 8.90 71.96
CA GLU E 193 101.39 10.16 72.54
C GLU E 193 102.56 10.76 71.79
N LEU E 194 103.40 9.90 71.23
CA LEU E 194 104.55 10.37 70.47
C LEU E 194 104.05 10.99 69.17
N ALA E 195 103.43 10.15 68.35
CA ALA E 195 102.88 10.57 67.07
C ALA E 195 102.08 11.85 67.23
N LEU E 196 101.38 11.97 68.36
CA LEU E 196 100.58 13.16 68.63
C LEU E 196 101.41 14.42 68.57
N ASN E 197 102.65 14.34 69.03
CA ASN E 197 103.54 15.49 69.04
C ASN E 197 104.38 15.62 67.76
N GLN E 198 104.82 14.49 67.23
CA GLN E 198 105.64 14.48 66.01
C GLN E 198 104.94 15.16 64.84
N LYS E 199 103.84 14.56 64.39
CA LYS E 199 103.09 15.10 63.27
C LYS E 199 101.83 15.78 63.80
N LYS E 200 101.03 16.29 62.87
CA LYS E 200 99.78 16.96 63.23
C LYS E 200 98.61 16.05 62.91
N VAL E 201 98.25 15.21 63.88
CA VAL E 201 97.14 14.27 63.70
C VAL E 201 95.77 14.96 63.61
N ASN E 202 95.00 14.56 62.61
CA ASN E 202 93.68 15.12 62.39
C ASN E 202 92.62 14.28 63.09
N LEU E 203 92.83 12.97 63.12
CA LEU E 203 91.90 12.07 63.74
C LEU E 203 92.51 10.71 64.04
N PHE E 204 92.20 10.18 65.22
CA PHE E 204 92.69 8.88 65.63
C PHE E 204 91.52 7.95 65.44
N PHE E 205 91.75 6.81 64.84
CA PHE E 205 90.67 5.89 64.58
C PHE E 205 91.03 4.45 64.82
N THR E 206 90.12 3.72 65.45
CA THR E 206 90.35 2.31 65.73
C THR E 206 89.07 1.67 66.21
N GLU E 207 89.09 0.34 66.26
CA GLU E 207 87.94 -0.42 66.74
C GLU E 207 88.35 -1.01 68.07
N SER E 208 87.40 -1.12 68.99
CA SER E 208 87.64 -1.69 70.31
C SER E 208 86.35 -2.27 70.82
N PRO E 209 86.30 -3.61 71.02
CA PRO E 209 87.41 -4.54 70.76
C PRO E 209 87.90 -4.52 69.31
N THR E 210 89.05 -5.14 69.09
CA THR E 210 89.69 -5.21 67.78
C THR E 210 89.39 -6.53 67.08
N ASN E 211 89.78 -6.62 65.82
CA ASN E 211 89.56 -7.83 65.02
C ASN E 211 90.87 -8.42 64.51
N PRO E 212 91.07 -9.73 64.72
CA PRO E 212 90.16 -10.65 65.38
C PRO E 212 90.60 -10.97 66.79
N PHE E 213 91.67 -10.32 67.25
CA PHE E 213 92.20 -10.59 68.58
C PHE E 213 91.50 -9.82 69.69
N LEU E 214 90.36 -9.22 69.35
CA LEU E 214 89.57 -8.47 70.31
C LEU E 214 90.39 -7.65 71.30
N ARG E 215 91.44 -6.99 70.82
CA ARG E 215 92.27 -6.14 71.66
C ARG E 215 91.41 -4.94 72.05
N CYS E 216 91.75 -4.26 73.14
CA CYS E 216 90.96 -3.10 73.53
C CYS E 216 91.81 -1.89 73.78
N VAL E 217 91.23 -0.72 73.55
CA VAL E 217 91.92 0.54 73.74
C VAL E 217 91.29 1.33 74.87
N ASP E 218 92.10 1.79 75.80
CA ASP E 218 91.60 2.58 76.91
C ASP E 218 91.02 3.86 76.35
N ILE E 219 89.80 3.77 75.83
CA ILE E 219 89.12 4.92 75.24
C ILE E 219 89.31 6.20 76.03
N GLU E 220 88.89 6.19 77.30
CA GLU E 220 88.99 7.38 78.13
C GLU E 220 90.37 8.00 78.07
N LEU E 221 91.40 7.19 78.27
CA LEU E 221 92.77 7.66 78.24
C LEU E 221 93.11 8.29 76.88
N VAL E 222 93.04 7.48 75.83
CA VAL E 222 93.33 7.95 74.49
C VAL E 222 92.59 9.25 74.23
N SER E 223 91.27 9.21 74.33
CA SER E 223 90.42 10.39 74.12
C SER E 223 91.04 11.64 74.71
N LYS E 224 91.50 11.52 75.95
CA LYS E 224 92.13 12.60 76.67
C LYS E 224 93.40 13.08 75.97
N LEU E 225 94.27 12.13 75.62
CA LEU E 225 95.52 12.46 74.95
C LEU E 225 95.28 13.17 73.64
N CYS E 226 94.47 12.55 72.79
CA CYS E 226 94.14 13.12 71.49
C CYS E 226 93.58 14.53 71.57
N HIS E 227 92.54 14.70 72.39
CA HIS E 227 91.89 16.00 72.54
C HIS E 227 92.83 17.10 72.99
N GLU E 228 93.95 16.73 73.59
CA GLU E 228 94.91 17.72 74.06
C GLU E 228 95.65 18.30 72.86
N LYS E 229 95.72 17.54 71.77
CA LYS E 229 96.41 17.97 70.56
C LYS E 229 95.47 18.30 69.40
N GLY E 230 94.17 18.33 69.66
CA GLY E 230 93.21 18.68 68.63
C GLY E 230 92.76 17.53 67.73
N ALA E 231 93.30 16.35 67.97
CA ALA E 231 92.91 15.22 67.15
C ALA E 231 91.50 14.78 67.52
N LEU E 232 90.84 14.12 66.58
CA LEU E 232 89.50 13.62 66.80
C LEU E 232 89.60 12.12 67.08
N VAL E 233 88.62 11.55 67.78
CA VAL E 233 88.69 10.12 68.08
C VAL E 233 87.46 9.35 67.62
N CYS E 234 87.68 8.34 66.78
CA CYS E 234 86.58 7.52 66.30
C CYS E 234 86.78 6.06 66.65
N ILE E 235 85.82 5.50 67.35
CA ILE E 235 85.91 4.10 67.76
C ILE E 235 84.87 3.23 67.09
N ASP E 236 85.37 2.17 66.44
CA ASP E 236 84.49 1.24 65.77
C ASP E 236 84.11 0.19 66.79
N GLY E 237 83.10 0.50 67.60
CA GLY E 237 82.69 -0.44 68.63
C GLY E 237 81.80 -1.55 68.11
N THR E 238 81.97 -1.92 66.84
CA THR E 238 81.15 -2.97 66.27
C THR E 238 81.01 -4.16 67.21
N PHE E 239 82.13 -4.82 67.48
CA PHE E 239 82.16 -5.98 68.36
C PHE E 239 81.52 -5.73 69.72
N ALA E 240 81.80 -4.57 70.28
CA ALA E 240 81.27 -4.23 71.59
C ALA E 240 79.76 -4.16 71.61
N THR E 241 79.19 -3.28 70.79
CA THR E 241 77.75 -3.06 70.73
C THR E 241 77.47 -1.95 71.72
N PRO E 242 76.59 -1.00 71.36
CA PRO E 242 76.28 0.09 72.29
C PRO E 242 75.88 -0.39 73.68
N LEU E 243 75.57 -1.68 73.81
CA LEU E 243 75.14 -2.24 75.09
C LEU E 243 76.29 -2.58 76.03
N ASN E 244 77.39 -3.08 75.49
CA ASN E 244 78.53 -3.44 76.32
C ASN E 244 79.49 -2.31 76.60
N GLN E 245 79.26 -1.16 75.99
CA GLN E 245 80.13 -0.01 76.20
C GLN E 245 79.62 1.23 75.50
N LYS E 246 79.95 2.39 76.06
CA LYS E 246 79.52 3.66 75.48
C LYS E 246 80.71 4.55 75.16
N ALA E 247 81.37 4.25 74.04
CA ALA E 247 82.54 5.01 73.61
C ALA E 247 82.33 6.50 73.70
N LEU E 248 81.16 6.96 73.28
CA LEU E 248 80.85 8.38 73.32
C LEU E 248 80.94 8.89 74.76
N ALA E 249 80.46 8.09 75.70
CA ALA E 249 80.49 8.46 77.11
C ALA E 249 81.92 8.51 77.63
N LEU E 250 82.74 7.56 77.17
CA LEU E 250 84.14 7.50 77.60
C LEU E 250 84.96 8.63 77.01
N GLY E 251 84.31 9.51 76.25
CA GLY E 251 85.00 10.64 75.67
C GLY E 251 85.17 10.65 74.17
N ALA E 252 84.98 9.51 73.52
CA ALA E 252 85.14 9.42 72.07
C ALA E 252 84.31 10.48 71.35
N ASP E 253 84.83 10.96 70.23
CA ASP E 253 84.13 11.98 69.44
C ASP E 253 83.07 11.32 68.56
N LEU E 254 83.44 10.20 67.93
CA LEU E 254 82.53 9.47 67.05
C LEU E 254 82.65 7.97 67.24
N VAL E 255 81.49 7.30 67.30
CA VAL E 255 81.46 5.86 67.47
C VAL E 255 80.66 5.30 66.31
N LEU E 256 81.24 4.33 65.61
CA LEU E 256 80.54 3.73 64.49
C LEU E 256 80.43 2.22 64.64
N HIS E 257 79.42 1.66 63.97
CA HIS E 257 79.16 0.24 64.03
C HIS E 257 78.81 -0.30 62.66
N SER E 258 78.82 -1.62 62.57
CA SER E 258 78.46 -2.30 61.34
C SER E 258 77.18 -3.06 61.67
N ALA E 259 76.05 -2.38 61.60
CA ALA E 259 74.75 -2.98 61.90
C ALA E 259 74.61 -4.38 61.29
N THR E 260 75.36 -4.64 60.23
CA THR E 260 75.31 -5.93 59.56
C THR E 260 75.41 -7.02 60.61
N LYS E 261 76.27 -6.80 61.60
CA LYS E 261 76.50 -7.77 62.64
C LYS E 261 75.45 -7.88 63.73
N PHE E 262 75.76 -7.32 64.90
CA PHE E 262 74.90 -7.39 66.06
C PHE E 262 73.59 -6.64 65.97
N LEU E 263 73.66 -5.36 65.63
CA LEU E 263 72.46 -4.55 65.54
C LEU E 263 71.35 -5.27 64.78
N GLY E 264 71.65 -5.74 63.57
CA GLY E 264 70.66 -6.47 62.81
C GLY E 264 70.53 -7.83 63.46
N GLY E 265 71.67 -8.42 63.79
CA GLY E 265 71.71 -9.71 64.45
C GLY E 265 70.93 -10.87 63.87
N HIS E 266 70.62 -10.84 62.59
CA HIS E 266 69.87 -11.95 61.99
C HIS E 266 70.51 -12.45 60.71
N ASN E 267 71.71 -11.94 60.42
CA ASN E 267 72.45 -12.34 59.24
C ASN E 267 71.64 -12.22 57.94
N ASP E 268 70.91 -11.12 57.80
CA ASP E 268 70.10 -10.92 56.61
C ASP E 268 70.04 -9.46 56.17
N VAL E 269 71.10 -8.70 56.43
CA VAL E 269 71.11 -7.30 56.02
C VAL E 269 72.42 -6.60 56.36
N LEU E 270 72.85 -5.71 55.46
CA LEU E 270 74.07 -4.95 55.66
C LEU E 270 73.67 -3.50 55.93
N ALA E 271 74.43 -2.82 56.77
CA ALA E 271 74.14 -1.45 57.09
C ALA E 271 75.25 -0.82 57.90
N GLY E 272 75.57 0.42 57.55
CA GLY E 272 76.61 1.14 58.26
C GLY E 272 75.92 2.05 59.24
N CYS E 273 76.66 2.59 60.20
CA CYS E 273 76.05 3.47 61.19
C CYS E 273 77.08 4.27 61.96
N ILE E 274 76.88 5.58 62.02
CA ILE E 274 77.80 6.47 62.74
C ILE E 274 77.02 7.41 63.65
N SER E 275 77.41 7.47 64.91
CA SER E 275 76.73 8.34 65.87
C SER E 275 77.74 9.28 66.52
N GLY E 276 77.26 10.45 66.95
CA GLY E 276 78.13 11.41 67.57
C GLY E 276 77.52 12.80 67.66
N PRO E 277 78.35 13.83 67.88
CA PRO E 277 77.84 15.21 67.97
C PRO E 277 77.35 15.71 66.63
N LEU E 278 76.32 16.54 66.66
CA LEU E 278 75.74 17.10 65.44
C LEU E 278 76.79 17.80 64.58
N LYS E 279 77.39 18.84 65.13
CA LYS E 279 78.40 19.62 64.41
C LYS E 279 79.34 18.74 63.59
N LEU E 280 79.56 17.52 64.07
CA LEU E 280 80.45 16.59 63.39
C LEU E 280 79.72 15.72 62.37
N VAL E 281 78.84 14.87 62.87
CA VAL E 281 78.07 13.95 62.03
C VAL E 281 77.44 14.63 60.82
N SER E 282 76.90 15.83 61.01
CA SER E 282 76.26 16.56 59.93
C SER E 282 77.22 16.81 58.76
N GLU E 283 78.47 17.09 59.09
CA GLU E 283 79.49 17.34 58.08
C GLU E 283 79.67 16.10 57.21
N ILE E 284 79.45 14.93 57.79
CA ILE E 284 79.56 13.66 57.07
C ILE E 284 78.32 13.45 56.21
N ARG E 285 77.16 13.60 56.86
CA ARG E 285 75.88 13.47 56.19
C ARG E 285 75.91 14.24 54.88
N ASN E 286 76.55 15.40 54.92
CA ASN E 286 76.65 16.24 53.74
C ASN E 286 77.37 15.48 52.63
N LEU E 287 78.56 14.99 52.91
CA LEU E 287 79.31 14.26 51.91
C LEU E 287 78.54 12.99 51.52
N HIS E 288 77.81 12.42 52.49
CA HIS E 288 77.02 11.22 52.23
C HIS E 288 75.93 11.49 51.20
N HIS E 289 75.42 12.72 51.21
CA HIS E 289 74.38 13.12 50.29
C HIS E 289 74.89 13.19 48.85
N ILE E 290 76.17 12.95 48.69
CA ILE E 290 76.78 12.98 47.37
C ILE E 290 77.27 11.60 46.94
N LEU E 291 78.08 10.95 47.76
CA LEU E 291 78.58 9.63 47.39
C LEU E 291 77.41 8.64 47.24
N GLY E 292 76.22 9.08 47.64
CA GLY E 292 75.03 8.27 47.54
C GLY E 292 75.06 6.85 48.06
N GLY E 293 75.39 6.66 49.33
CA GLY E 293 75.41 5.31 49.86
C GLY E 293 74.15 5.04 50.65
N ALA E 294 73.09 5.76 50.32
CA ALA E 294 71.81 5.65 51.01
C ALA E 294 71.43 4.23 51.40
N LEU E 295 70.69 4.10 52.50
CA LEU E 295 70.25 2.79 52.97
C LEU E 295 68.79 2.63 52.62
N ASN E 296 68.43 1.47 52.09
CA ASN E 296 67.04 1.21 51.69
C ASN E 296 66.10 1.04 52.89
N PRO E 297 64.91 1.64 52.81
CA PRO E 297 63.92 1.57 53.88
C PRO E 297 63.74 0.15 54.41
N ASN E 298 63.50 -0.78 53.50
CA ASN E 298 63.30 -2.18 53.89
C ASN E 298 64.43 -2.65 54.78
N ALA E 299 65.66 -2.33 54.42
CA ALA E 299 66.82 -2.71 55.20
C ALA E 299 66.69 -2.10 56.59
N ALA E 300 66.50 -0.78 56.63
CA ALA E 300 66.35 -0.08 57.89
C ALA E 300 65.37 -0.81 58.80
N TYR E 301 64.14 -0.99 58.33
CA TYR E 301 63.13 -1.67 59.13
C TYR E 301 63.64 -2.96 59.73
N LEU E 302 64.18 -3.81 58.89
CA LEU E 302 64.71 -5.08 59.35
C LEU E 302 65.63 -4.87 60.53
N ILE E 303 66.36 -3.76 60.54
CA ILE E 303 67.26 -3.48 61.65
C ILE E 303 66.46 -3.06 62.86
N ILE E 304 65.46 -2.23 62.63
CA ILE E 304 64.59 -1.76 63.69
C ILE E 304 63.98 -2.97 64.39
N ARG E 305 63.54 -3.92 63.58
CA ARG E 305 62.93 -5.15 64.05
C ARG E 305 63.95 -5.95 64.85
N GLY E 306 65.16 -6.02 64.32
CA GLY E 306 66.21 -6.78 64.98
C GLY E 306 66.62 -6.21 66.33
N MET E 307 66.64 -4.90 66.43
CA MET E 307 67.03 -4.24 67.66
C MET E 307 65.92 -4.35 68.71
N LYS E 308 64.75 -4.82 68.28
CA LYS E 308 63.62 -4.97 69.21
C LYS E 308 64.00 -5.97 70.29
N THR E 309 64.98 -6.82 69.99
CA THR E 309 65.45 -7.82 70.94
C THR E 309 66.97 -7.76 70.99
N LEU E 310 67.52 -6.55 70.93
CA LEU E 310 68.97 -6.40 70.96
C LEU E 310 69.53 -6.91 72.26
N HIS E 311 69.10 -6.33 73.38
CA HIS E 311 69.60 -6.76 74.67
C HIS E 311 69.54 -8.27 74.79
N LEU E 312 68.34 -8.81 74.78
CA LEU E 312 68.15 -10.25 74.90
C LEU E 312 69.20 -11.05 74.14
N ARG E 313 69.44 -10.69 72.89
CA ARG E 313 70.42 -11.41 72.09
C ARG E 313 71.83 -11.24 72.64
N VAL E 314 72.24 -10.00 72.88
CA VAL E 314 73.57 -9.73 73.39
C VAL E 314 73.79 -10.48 74.70
N GLN E 315 72.88 -10.28 75.64
CA GLN E 315 72.95 -10.92 76.94
C GLN E 315 73.39 -12.37 76.82
N GLN E 316 72.60 -13.16 76.12
CA GLN E 316 72.86 -14.57 75.93
C GLN E 316 74.22 -14.84 75.29
N GLN E 317 74.57 -14.05 74.28
CA GLN E 317 75.85 -14.23 73.60
C GLN E 317 77.00 -13.87 74.53
N ASN E 318 76.84 -12.77 75.27
CA ASN E 318 77.88 -12.34 76.18
C ASN E 318 78.24 -13.48 77.13
N SER E 319 77.24 -14.25 77.53
CA SER E 319 77.45 -15.39 78.43
C SER E 319 78.10 -16.55 77.69
N THR E 320 77.30 -17.24 76.88
CA THR E 320 77.79 -18.37 76.09
C THR E 320 79.27 -18.19 75.78
N ALA E 321 79.60 -17.08 75.14
CA ALA E 321 80.98 -16.76 74.75
C ALA E 321 81.94 -16.89 75.92
N LEU E 322 81.76 -16.05 76.93
CA LEU E 322 82.61 -16.07 78.11
C LEU E 322 82.79 -17.49 78.67
N ARG E 323 81.67 -18.13 79.01
CA ARG E 323 81.69 -19.49 79.55
C ARG E 323 82.45 -20.42 78.63
N MET E 324 82.07 -20.41 77.36
CA MET E 324 82.74 -21.25 76.39
C MET E 324 84.22 -20.94 76.35
N ALA E 325 84.56 -19.65 76.42
CA ALA E 325 85.95 -19.22 76.40
C ALA E 325 86.75 -19.98 77.45
N GLU E 326 86.40 -19.76 78.73
CA GLU E 326 87.09 -20.44 79.82
C GLU E 326 87.26 -21.92 79.52
N ILE E 327 86.15 -22.60 79.23
CA ILE E 327 86.21 -24.01 78.92
C ILE E 327 87.27 -24.27 77.86
N LEU E 328 87.33 -23.41 76.85
CA LEU E 328 88.29 -23.56 75.76
C LEU E 328 89.72 -23.39 76.24
N GLU E 329 89.96 -22.37 77.05
CA GLU E 329 91.30 -22.10 77.57
C GLU E 329 91.83 -23.32 78.32
N ALA E 330 90.98 -23.90 79.14
CA ALA E 330 91.34 -25.07 79.94
C ALA E 330 91.63 -26.30 79.08
N HIS E 331 90.90 -26.43 77.97
CA HIS E 331 91.09 -27.56 77.07
C HIS E 331 92.56 -27.71 76.68
N PRO E 332 93.02 -28.96 76.59
CA PRO E 332 94.42 -29.26 76.22
C PRO E 332 94.74 -29.03 74.75
N LYS E 333 93.79 -29.30 73.87
CA LYS E 333 94.02 -29.11 72.44
C LYS E 333 93.92 -27.65 72.02
N VAL E 334 93.56 -26.77 72.96
CA VAL E 334 93.45 -25.34 72.67
C VAL E 334 94.70 -24.59 73.11
N ARG E 335 95.57 -24.27 72.15
CA ARG E 335 96.82 -23.57 72.42
C ARG E 335 96.67 -22.20 73.10
N HIS E 336 95.74 -21.40 72.60
CA HIS E 336 95.54 -20.06 73.15
C HIS E 336 94.11 -19.60 72.92
N VAL E 337 93.66 -18.65 73.74
CA VAL E 337 92.31 -18.13 73.61
C VAL E 337 92.29 -16.62 73.78
N TYR E 338 91.67 -15.94 72.82
CA TYR E 338 91.57 -14.49 72.86
C TYR E 338 90.17 -14.04 73.23
N TYR E 339 90.07 -13.32 74.34
CA TYR E 339 88.78 -12.81 74.81
C TYR E 339 88.96 -11.83 75.96
N PRO E 340 88.46 -10.60 75.80
CA PRO E 340 88.58 -9.57 76.83
C PRO E 340 88.05 -10.01 78.19
N GLY E 341 87.17 -10.99 78.19
CA GLY E 341 86.60 -11.47 79.44
C GLY E 341 87.61 -12.22 80.28
N LEU E 342 88.47 -13.01 79.63
CA LEU E 342 89.48 -13.79 80.33
C LEU E 342 90.54 -12.91 80.98
N GLN E 343 91.11 -13.43 82.07
CA GLN E 343 92.15 -12.70 82.79
C GLN E 343 93.44 -12.77 81.99
N SER E 344 93.52 -13.76 81.11
CA SER E 344 94.69 -13.95 80.27
C SER E 344 94.83 -12.87 79.20
N HIS E 345 93.71 -12.27 78.83
CA HIS E 345 93.72 -11.23 77.81
C HIS E 345 94.52 -10.00 78.23
N PRO E 346 95.42 -9.54 77.34
CA PRO E 346 96.29 -8.37 77.54
C PRO E 346 95.63 -7.14 78.16
N GLU E 347 94.48 -6.74 77.61
CA GLU E 347 93.78 -5.56 78.12
C GLU E 347 92.52 -5.91 78.91
N HIS E 348 92.54 -7.03 79.61
CA HIS E 348 91.39 -7.45 80.40
C HIS E 348 91.06 -6.43 81.49
N HIS E 349 92.08 -5.76 82.04
CA HIS E 349 91.84 -4.76 83.08
C HIS E 349 91.10 -3.56 82.51
N ILE E 350 91.42 -3.19 81.28
CA ILE E 350 90.75 -2.07 80.62
C ILE E 350 89.34 -2.52 80.28
N ALA E 351 89.25 -3.68 79.64
CA ALA E 351 87.97 -4.27 79.26
C ALA E 351 87.03 -4.21 80.47
N LYS E 352 87.55 -4.70 81.59
CA LYS E 352 86.81 -4.75 82.84
C LYS E 352 86.41 -3.37 83.34
N LYS E 353 87.14 -2.35 82.91
CA LYS E 353 86.88 -0.99 83.36
C LYS E 353 85.99 -0.14 82.46
N GLN E 354 85.94 -0.44 81.17
CA GLN E 354 85.11 0.36 80.28
C GLN E 354 83.95 -0.38 79.66
N MET E 355 83.93 -1.70 79.80
CA MET E 355 82.86 -2.50 79.25
C MET E 355 82.00 -3.10 80.37
N THR E 356 80.91 -3.74 79.97
CA THR E 356 80.02 -4.39 80.92
C THR E 356 79.79 -5.81 80.42
N GLY E 357 80.22 -6.04 79.19
CA GLY E 357 80.09 -7.34 78.56
C GLY E 357 81.33 -7.54 77.70
N PHE E 358 81.46 -8.69 77.04
CA PHE E 358 82.63 -8.90 76.21
C PHE E 358 82.32 -9.50 74.85
N GLY E 359 81.17 -9.14 74.31
CA GLY E 359 80.78 -9.64 72.99
C GLY E 359 80.56 -11.13 72.96
N GLY E 360 80.21 -11.65 71.79
CA GLY E 360 79.96 -13.07 71.65
C GLY E 360 80.97 -13.70 70.73
N ALA E 361 81.96 -12.91 70.33
CA ALA E 361 83.01 -13.39 69.44
C ALA E 361 84.21 -13.88 70.24
N VAL E 362 84.69 -15.07 69.86
CA VAL E 362 85.83 -15.69 70.53
C VAL E 362 86.82 -16.24 69.52
N SER E 363 88.08 -15.80 69.63
CA SER E 363 89.13 -16.27 68.73
C SER E 363 90.09 -17.10 69.57
N PHE E 364 90.61 -18.16 68.98
CA PHE E 364 91.55 -19.01 69.68
C PHE E 364 92.32 -19.86 68.69
N GLU E 365 93.59 -20.12 69.02
CA GLU E 365 94.45 -20.93 68.17
C GLU E 365 94.36 -22.38 68.62
N VAL E 366 94.33 -23.29 67.64
CA VAL E 366 94.25 -24.71 67.93
C VAL E 366 95.65 -25.32 67.90
N ASP E 367 95.85 -26.36 68.71
CA ASP E 367 97.14 -27.04 68.77
C ASP E 367 97.32 -27.96 67.57
N GLY E 368 97.64 -27.34 66.43
CA GLY E 368 97.85 -28.09 65.21
C GLY E 368 98.33 -27.15 64.12
N ASP E 369 97.99 -27.47 62.89
CA ASP E 369 98.38 -26.65 61.75
C ASP E 369 97.18 -26.40 60.85
N LEU E 370 97.45 -25.79 59.70
CA LEU E 370 96.40 -25.50 58.73
C LEU E 370 95.41 -26.66 58.64
N LEU E 371 95.79 -27.69 57.90
CA LEU E 371 94.95 -28.87 57.70
C LEU E 371 94.30 -29.37 58.98
N THR E 372 95.07 -29.35 60.08
CA THR E 372 94.54 -29.81 61.35
C THR E 372 93.41 -28.90 61.80
N THR E 373 93.71 -27.62 62.00
CA THR E 373 92.70 -26.66 62.42
C THR E 373 91.48 -26.79 61.52
N ALA E 374 91.73 -26.95 60.22
CA ALA E 374 90.65 -27.12 59.25
C ALA E 374 89.78 -28.31 59.65
N LYS E 375 90.43 -29.44 59.92
CA LYS E 375 89.73 -30.65 60.32
C LYS E 375 88.77 -30.36 61.47
N PHE E 376 89.19 -29.47 62.37
CA PHE E 376 88.37 -29.10 63.51
C PHE E 376 87.07 -28.47 63.03
N VAL E 377 87.17 -27.28 62.46
CA VAL E 377 86.00 -26.55 61.98
C VAL E 377 85.08 -27.42 61.14
N ASP E 378 85.67 -28.26 60.31
CA ASP E 378 84.89 -29.14 59.43
C ASP E 378 84.02 -30.09 60.26
N ALA E 379 84.51 -30.46 61.43
CA ALA E 379 83.79 -31.36 62.31
C ALA E 379 82.55 -30.71 62.91
N LEU E 380 82.66 -29.42 63.19
CA LEU E 380 81.56 -28.67 63.78
C LEU E 380 80.28 -28.92 63.01
N LYS E 381 79.17 -29.03 63.73
CA LYS E 381 77.89 -29.30 63.11
C LYS E 381 76.90 -28.14 63.13
N ILE E 382 76.95 -27.31 64.16
CA ILE E 382 76.01 -26.20 64.28
C ILE E 382 76.39 -24.93 63.54
N PRO E 383 77.59 -24.37 63.83
CA PRO E 383 77.96 -23.14 63.14
C PRO E 383 78.12 -23.26 61.63
N TYR E 384 77.92 -22.14 60.93
CA TYR E 384 78.07 -22.12 59.48
C TYR E 384 79.48 -21.63 59.21
N ILE E 385 80.14 -22.17 58.19
CA ILE E 385 81.50 -21.72 57.86
C ILE E 385 81.37 -20.53 56.91
N ALA E 386 81.55 -19.33 57.43
CA ALA E 386 81.42 -18.14 56.61
C ALA E 386 81.92 -16.91 57.35
N PRO E 387 81.97 -15.77 56.65
CA PRO E 387 82.43 -14.54 57.31
C PRO E 387 81.32 -13.99 58.21
N SER E 388 81.40 -12.72 58.55
CA SER E 388 80.38 -12.08 59.40
C SER E 388 80.24 -12.74 60.77
N PHE E 389 79.44 -12.12 61.63
CA PHE E 389 79.21 -12.61 62.99
C PHE E 389 78.16 -11.74 63.69
N GLY E 390 77.65 -12.22 64.81
CA GLY E 390 76.67 -11.44 65.55
C GLY E 390 75.23 -11.88 65.42
N GLY E 391 74.96 -12.76 64.48
CA GLY E 391 73.60 -13.22 64.29
C GLY E 391 73.23 -14.40 65.16
N CYS E 392 71.93 -14.63 65.29
CA CYS E 392 71.43 -15.74 66.09
C CYS E 392 72.10 -17.04 65.68
N GLU E 393 72.36 -17.18 64.39
CA GLU E 393 73.00 -18.39 63.88
C GLU E 393 74.48 -18.29 64.21
N SER E 394 75.09 -19.42 64.60
CA SER E 394 76.50 -19.40 64.94
C SER E 394 77.38 -19.51 63.70
N ILE E 395 78.51 -18.79 63.70
CA ILE E 395 79.43 -18.80 62.57
C ILE E 395 80.89 -18.95 62.97
N VAL E 396 81.63 -19.72 62.18
CA VAL E 396 83.04 -19.97 62.39
C VAL E 396 83.83 -19.71 61.12
N ASP E 397 85.12 -19.47 61.27
CA ASP E 397 85.95 -19.22 60.12
C ASP E 397 87.43 -19.21 60.49
N GLN E 398 88.26 -19.59 59.53
CA GLN E 398 89.69 -19.61 59.70
C GLN E 398 90.28 -18.38 59.00
N PRO E 399 90.33 -17.24 59.72
CA PRO E 399 90.86 -15.98 59.21
C PRO E 399 91.95 -16.13 58.14
N ALA E 400 92.97 -16.93 58.47
CA ALA E 400 94.08 -17.19 57.56
C ALA E 400 93.54 -17.41 56.16
N ILE E 401 92.57 -18.31 56.03
CA ILE E 401 91.95 -18.63 54.74
C ILE E 401 90.81 -17.69 54.44
N MET E 402 89.88 -17.61 55.38
CA MET E 402 88.69 -16.78 55.22
C MET E 402 88.94 -15.38 54.67
N SER E 403 90.01 -14.74 55.11
CA SER E 403 90.27 -13.38 54.62
C SER E 403 91.74 -13.00 54.49
N TYR E 404 92.60 -14.00 54.31
CA TYR E 404 94.03 -13.72 54.17
C TYR E 404 94.74 -14.71 53.25
N TRP E 405 93.97 -15.59 52.61
CA TRP E 405 94.53 -16.59 51.72
C TRP E 405 95.22 -16.00 50.49
N ASP E 406 94.91 -14.74 50.17
CA ASP E 406 95.53 -14.10 49.02
C ASP E 406 96.99 -13.75 49.33
N LEU E 407 97.41 -14.03 50.57
CA LEU E 407 98.77 -13.73 51.01
C LEU E 407 99.62 -14.97 51.29
N SER E 408 100.93 -14.74 51.40
CA SER E 408 101.90 -15.78 51.65
C SER E 408 101.99 -16.13 53.14
N GLN E 409 102.30 -17.40 53.42
CA GLN E 409 102.43 -17.89 54.79
C GLN E 409 103.23 -16.93 55.66
N SER E 410 104.24 -16.31 55.08
CA SER E 410 105.09 -15.35 55.79
C SER E 410 104.39 -14.01 55.91
N ASP E 411 103.84 -13.53 54.80
CA ASP E 411 103.14 -12.24 54.79
C ASP E 411 101.90 -12.31 55.68
N ARG E 412 101.40 -13.53 55.88
CA ARG E 412 100.23 -13.76 56.71
C ARG E 412 100.64 -13.51 58.16
N ALA E 413 101.63 -14.27 58.62
CA ALA E 413 102.13 -14.14 59.99
C ALA E 413 102.59 -12.73 60.27
N LYS E 414 102.73 -11.92 59.23
CA LYS E 414 103.17 -10.55 59.39
C LYS E 414 102.20 -9.82 60.31
N TYR E 415 101.02 -10.40 60.48
CA TYR E 415 100.01 -9.81 61.34
C TYR E 415 99.26 -10.83 62.20
N GLY E 416 100.03 -11.62 62.95
CA GLY E 416 99.48 -12.62 63.84
C GLY E 416 98.60 -13.70 63.24
N ILE E 417 98.04 -13.43 62.05
CA ILE E 417 97.18 -14.41 61.41
C ILE E 417 97.84 -15.77 61.30
N MET E 418 97.48 -16.67 62.20
CA MET E 418 98.03 -18.01 62.22
C MET E 418 97.07 -18.99 61.56
N ASP E 419 97.60 -20.09 61.07
CA ASP E 419 96.78 -21.10 60.44
C ASP E 419 95.93 -21.78 61.49
N ASN E 420 96.34 -21.68 62.74
CA ASN E 420 95.60 -22.29 63.84
C ASN E 420 94.42 -21.41 64.23
N LEU E 421 94.70 -20.10 64.30
CA LEU E 421 93.70 -19.13 64.67
C LEU E 421 92.31 -19.47 64.14
N VAL E 422 91.36 -19.52 65.06
CA VAL E 422 89.98 -19.80 64.72
C VAL E 422 89.12 -18.70 65.34
N ARG E 423 88.13 -18.24 64.58
CA ARG E 423 87.23 -17.21 65.04
C ARG E 423 85.83 -17.80 65.16
N PHE E 424 85.34 -17.90 66.38
CA PHE E 424 84.02 -18.45 66.61
C PHE E 424 83.07 -17.35 67.04
N SER E 425 82.02 -17.17 66.24
CA SER E 425 81.00 -16.16 66.53
C SER E 425 79.81 -16.91 67.12
N PHE E 426 79.76 -16.99 68.44
CA PHE E 426 78.66 -17.70 69.08
C PHE E 426 77.30 -17.11 68.75
N GLY E 427 76.39 -17.99 68.35
CA GLY E 427 75.06 -17.55 68.01
C GLY E 427 74.22 -17.28 69.25
N VAL E 428 73.05 -17.90 69.29
CA VAL E 428 72.13 -17.73 70.39
C VAL E 428 71.57 -19.10 70.75
N GLU E 429 72.01 -20.11 70.00
CA GLU E 429 71.58 -21.48 70.24
C GLU E 429 71.87 -21.78 71.70
N ASP E 430 71.24 -22.83 72.23
CA ASP E 430 71.45 -23.19 73.62
C ASP E 430 72.91 -23.49 73.91
N PHE E 431 73.40 -23.01 75.05
CA PHE E 431 74.79 -23.21 75.43
C PHE E 431 75.23 -24.66 75.35
N ASP E 432 74.61 -25.51 76.16
CA ASP E 432 74.96 -26.92 76.18
C ASP E 432 75.07 -27.49 74.79
N ASP E 433 74.12 -27.13 73.93
CA ASP E 433 74.11 -27.61 72.55
C ASP E 433 75.40 -27.24 71.84
N LEU E 434 75.78 -25.97 71.95
CA LEU E 434 76.99 -25.47 71.33
C LEU E 434 78.23 -26.14 71.90
N LYS E 435 78.36 -26.08 73.23
CA LYS E 435 79.48 -26.69 73.93
C LYS E 435 79.67 -28.11 73.43
N ALA E 436 78.63 -28.93 73.57
CA ALA E 436 78.69 -30.32 73.14
C ALA E 436 79.27 -30.40 71.74
N ASP E 437 78.82 -29.52 70.86
CA ASP E 437 79.30 -29.50 69.48
C ASP E 437 80.80 -29.27 69.51
N ILE E 438 81.20 -28.09 69.98
CA ILE E 438 82.61 -27.71 70.04
C ILE E 438 83.49 -28.81 70.64
N LEU E 439 83.12 -29.29 71.82
CA LEU E 439 83.89 -30.34 72.50
C LEU E 439 84.07 -31.55 71.59
N GLN E 440 82.96 -32.22 71.29
CA GLN E 440 82.96 -33.41 70.45
C GLN E 440 83.79 -33.15 69.19
N ALA E 441 83.96 -31.87 68.88
CA ALA E 441 84.71 -31.47 67.70
C ALA E 441 86.23 -31.51 67.95
N LEU E 442 86.62 -31.41 69.23
CA LEU E 442 88.03 -31.43 69.60
C LEU E 442 88.45 -32.84 69.99
N ASP E 443 87.73 -33.83 69.47
CA ASP E 443 88.04 -35.22 69.76
C ASP E 443 88.46 -35.92 68.49
N SER E 444 88.29 -35.21 67.38
CA SER E 444 88.65 -35.73 66.07
C SER E 444 90.08 -35.26 65.79
N ILE E 445 90.85 -35.13 66.87
CA ILE E 445 92.23 -34.69 66.81
C ILE E 445 93.10 -35.62 67.65
N TYR F 50 36.26 8.90 40.58
CA TYR F 50 37.27 9.31 41.59
C TYR F 50 37.40 10.83 41.64
N ALA F 51 37.95 11.39 40.58
CA ALA F 51 38.13 12.83 40.50
C ALA F 51 37.46 13.38 39.25
N SER F 52 37.43 14.70 39.13
CA SER F 52 36.82 15.36 37.99
C SER F 52 37.89 15.67 36.95
N PHE F 53 39.13 15.42 37.30
CA PHE F 53 40.25 15.68 36.40
C PHE F 53 40.92 14.40 35.97
N LEU F 54 40.30 13.26 36.26
CA LEU F 54 40.83 11.95 35.90
C LEU F 54 39.67 11.15 35.30
N ASN F 55 39.67 11.00 33.98
CA ASN F 55 38.58 10.29 33.33
C ASN F 55 38.97 9.05 32.54
N SER F 56 40.27 8.82 32.40
CA SER F 56 40.74 7.62 31.68
C SER F 56 41.05 6.56 32.73
N ASP F 57 40.53 5.35 32.51
CA ASP F 57 40.76 4.25 33.45
C ASP F 57 42.23 4.20 33.85
N GLY F 58 43.11 4.29 32.87
CA GLY F 58 44.52 4.23 33.16
C GLY F 58 44.92 5.24 34.21
N SER F 59 44.57 6.50 33.97
CA SER F 59 44.90 7.57 34.92
C SER F 59 44.42 7.22 36.33
N VAL F 60 43.22 6.69 36.41
CA VAL F 60 42.65 6.31 37.69
C VAL F 60 43.51 5.22 38.32
N ALA F 61 43.56 4.06 37.66
CA ALA F 61 44.36 2.95 38.14
C ALA F 61 45.64 3.42 38.81
N ILE F 62 46.22 4.50 38.28
CA ILE F 62 47.46 5.01 38.84
C ILE F 62 47.25 5.83 40.12
N HIS F 63 46.55 6.95 40.01
CA HIS F 63 46.33 7.82 41.17
C HIS F 63 45.06 7.50 41.99
N ALA F 64 44.34 6.44 41.63
CA ALA F 64 43.12 6.08 42.35
C ALA F 64 43.40 5.83 43.82
N GLY F 65 42.72 6.57 44.69
CA GLY F 65 42.89 6.41 46.11
C GLY F 65 44.29 6.76 46.61
N GLU F 66 44.91 7.75 45.98
CA GLU F 66 46.26 8.16 46.37
C GLU F 66 46.55 9.65 46.19
N ARG F 67 46.51 10.11 44.95
CA ARG F 67 46.80 11.51 44.63
C ARG F 67 46.10 12.55 45.46
N LEU F 68 44.89 12.25 45.92
CA LEU F 68 44.13 13.21 46.71
C LEU F 68 44.33 13.09 48.22
N GLY F 69 44.64 11.89 48.68
CA GLY F 69 44.84 11.69 50.11
C GLY F 69 44.90 10.21 50.41
N ARG F 70 45.54 9.85 51.51
CA ARG F 70 45.67 8.44 51.86
C ARG F 70 45.11 8.03 53.21
N GLY F 71 44.95 8.99 54.11
CA GLY F 71 44.44 8.66 55.43
C GLY F 71 45.63 8.32 56.31
N ILE F 72 46.80 8.28 55.68
CA ILE F 72 48.06 8.01 56.37
C ILE F 72 49.04 9.06 55.83
N VAL F 73 48.85 10.29 56.28
CA VAL F 73 49.65 11.44 55.86
C VAL F 73 51.14 11.21 55.69
N THR F 74 51.64 11.57 54.51
CA THR F 74 53.05 11.45 54.16
C THR F 74 53.32 12.33 52.94
N ASP F 75 54.49 12.94 52.90
CA ASP F 75 54.84 13.77 51.75
C ASP F 75 55.56 12.86 50.79
N ALA F 76 55.20 11.59 50.82
CA ALA F 76 55.81 10.59 49.95
C ALA F 76 54.91 10.39 48.74
N ILE F 77 55.50 9.93 47.65
CA ILE F 77 54.75 9.69 46.43
C ILE F 77 53.95 8.41 46.56
N THR F 78 54.65 7.33 46.88
CA THR F 78 54.02 6.03 46.99
C THR F 78 53.31 5.81 48.32
N THR F 79 52.58 4.70 48.41
CA THR F 79 51.85 4.34 49.62
C THR F 79 52.80 3.60 50.57
N PRO F 80 52.83 4.01 51.84
CA PRO F 80 53.70 3.37 52.81
C PRO F 80 53.19 2.01 53.25
N VAL F 81 54.10 1.04 53.32
CA VAL F 81 53.74 -0.31 53.75
C VAL F 81 53.71 -0.35 55.27
N VAL F 82 52.53 -0.54 55.83
CA VAL F 82 52.38 -0.59 57.28
C VAL F 82 52.38 -2.02 57.78
N ASN F 83 53.49 -2.44 58.37
CA ASN F 83 53.62 -3.80 58.89
C ASN F 83 53.24 -3.89 60.37
N THR F 84 51.95 -3.79 60.67
CA THR F 84 51.51 -3.89 62.06
C THR F 84 50.42 -4.94 62.22
N SER F 85 50.42 -5.62 63.37
CA SER F 85 49.42 -6.64 63.61
C SER F 85 48.27 -6.06 64.43
N ALA F 86 48.46 -4.83 64.91
CA ALA F 86 47.44 -4.17 65.71
C ALA F 86 47.63 -2.66 65.80
N TYR F 87 46.54 -1.96 66.10
CA TYR F 87 46.53 -0.51 66.21
C TYR F 87 46.21 -0.09 67.64
N PHE F 88 46.87 0.95 68.13
CA PHE F 88 46.65 1.40 69.49
C PHE F 88 45.71 2.58 69.65
N PHE F 89 45.60 3.07 70.88
CA PHE F 89 44.77 4.21 71.24
C PHE F 89 45.50 5.02 72.30
N ASN F 90 45.32 6.33 72.27
CA ASN F 90 45.99 7.20 73.22
C ASN F 90 45.41 7.18 74.62
N LYS F 91 44.14 6.80 74.75
CA LYS F 91 43.49 6.75 76.06
C LYS F 91 42.15 6.07 75.98
N THR F 92 41.79 5.34 77.03
CA THR F 92 40.53 4.61 77.07
C THR F 92 39.36 5.40 76.52
N SER F 93 39.35 6.70 76.79
CA SER F 93 38.29 7.58 76.31
C SER F 93 38.09 7.38 74.80
N GLU F 94 39.17 7.56 74.04
CA GLU F 94 39.14 7.39 72.59
C GLU F 94 38.69 6.00 72.21
N LEU F 95 39.32 4.99 72.81
CA LEU F 95 38.97 3.60 72.53
C LEU F 95 37.45 3.48 72.50
N ILE F 96 36.82 3.97 73.56
CA ILE F 96 35.36 3.92 73.68
C ILE F 96 34.76 4.58 72.45
N ASP F 97 35.13 5.84 72.22
CA ASP F 97 34.65 6.59 71.05
C ASP F 97 34.60 5.68 69.83
N PHE F 98 35.75 5.12 69.48
CA PHE F 98 35.82 4.23 68.33
C PHE F 98 34.78 3.13 68.49
N LYS F 99 34.81 2.47 69.64
CA LYS F 99 33.88 1.37 69.89
C LYS F 99 32.42 1.82 69.74
N GLU F 100 32.15 3.08 70.04
CA GLU F 100 30.79 3.62 69.94
C GLU F 100 30.53 4.27 68.59
N LYS F 101 31.41 4.02 67.63
CA LYS F 101 31.30 4.56 66.27
C LYS F 101 31.41 6.09 66.17
N ARG F 102 32.34 6.67 66.93
CA ARG F 102 32.55 8.12 66.95
C ARG F 102 33.95 8.44 66.41
N ARG F 103 34.76 7.39 66.31
CA ARG F 103 36.13 7.49 65.82
C ARG F 103 36.39 6.39 64.79
N ALA F 104 37.51 6.47 64.08
CA ALA F 104 37.83 5.45 63.09
C ALA F 104 39.13 4.73 63.41
N SER F 105 39.09 3.40 63.39
CA SER F 105 40.27 2.59 63.69
C SER F 105 40.06 1.18 63.19
N PHE F 106 41.15 0.55 62.77
CA PHE F 106 41.09 -0.83 62.28
C PHE F 106 41.15 -1.79 63.46
N GLU F 107 41.59 -1.26 64.61
CA GLU F 107 41.71 -2.02 65.85
C GLU F 107 42.70 -3.17 65.69
N TYR F 108 42.29 -4.22 64.98
CA TYR F 108 43.13 -5.39 64.75
C TYR F 108 43.49 -5.48 63.27
N GLY F 109 44.63 -6.09 62.98
CA GLY F 109 45.07 -6.23 61.60
C GLY F 109 44.16 -7.05 60.72
N ARG F 110 43.46 -8.01 61.32
CA ARG F 110 42.55 -8.88 60.58
C ARG F 110 41.31 -8.13 60.11
N TYR F 111 41.14 -6.92 60.63
CA TYR F 111 39.98 -6.09 60.29
C TYR F 111 40.30 -4.97 59.32
N GLY F 112 41.59 -4.64 59.18
CA GLY F 112 41.95 -3.58 58.25
C GLY F 112 43.42 -3.23 58.25
N ASN F 113 43.83 -2.36 57.33
CA ASN F 113 45.21 -1.94 57.23
C ASN F 113 45.31 -0.76 56.29
N PRO F 114 45.96 0.32 56.74
CA PRO F 114 46.12 1.55 55.96
C PRO F 114 46.73 1.38 54.58
N THR F 115 47.58 0.37 54.42
CA THR F 115 48.25 0.12 53.15
C THR F 115 47.39 -0.76 52.25
N THR F 116 46.33 -1.32 52.80
CA THR F 116 45.46 -2.20 52.04
C THR F 116 44.27 -1.42 51.51
N VAL F 117 43.69 -0.61 52.38
CA VAL F 117 42.53 0.19 52.03
C VAL F 117 42.75 0.97 50.74
N VAL F 118 43.97 1.46 50.55
CA VAL F 118 44.30 2.21 49.34
C VAL F 118 43.89 1.35 48.14
N LEU F 119 44.52 0.19 48.01
CA LEU F 119 44.20 -0.74 46.95
C LEU F 119 42.68 -0.94 46.90
N GLU F 120 42.06 -1.07 48.06
CA GLU F 120 40.62 -1.26 48.10
C GLU F 120 39.92 -0.17 47.32
N GLU F 121 40.14 1.08 47.72
CA GLU F 121 39.50 2.22 47.07
C GLU F 121 39.89 2.31 45.60
N LYS F 122 41.17 2.10 45.30
CA LYS F 122 41.64 2.15 43.92
C LYS F 122 40.76 1.28 43.02
N ILE F 123 40.66 0.00 43.38
CA ILE F 123 39.84 -0.94 42.62
C ILE F 123 38.40 -0.48 42.65
N SER F 124 37.95 -0.02 43.82
CA SER F 124 36.57 0.45 43.92
C SER F 124 36.34 1.47 42.83
N ALA F 125 37.24 2.45 42.75
CA ALA F 125 37.14 3.50 41.75
C ALA F 125 37.11 2.95 40.33
N LEU F 126 38.01 2.01 40.04
CA LEU F 126 38.10 1.39 38.72
C LEU F 126 36.77 0.76 38.29
N GLU F 127 36.29 -0.21 39.08
CA GLU F 127 35.02 -0.87 38.75
C GLU F 127 33.84 0.04 39.06
N GLY F 128 34.13 1.25 39.52
CA GLY F 128 33.08 2.21 39.85
C GLY F 128 32.14 1.69 40.92
N ALA F 129 32.69 0.94 41.88
CA ALA F 129 31.90 0.37 42.96
C ALA F 129 31.74 1.32 44.12
N GLU F 130 30.97 0.88 45.11
CA GLU F 130 30.73 1.66 46.32
C GLU F 130 31.81 1.31 47.34
N SER F 131 32.26 0.05 47.32
CA SER F 131 33.29 -0.42 48.24
C SER F 131 33.90 -1.74 47.73
N THR F 132 35.15 -2.01 48.09
CA THR F 132 35.83 -3.24 47.66
C THR F 132 36.48 -3.95 48.83
N LEU F 133 36.54 -5.27 48.76
CA LEU F 133 37.15 -6.11 49.79
C LEU F 133 38.30 -6.93 49.23
N LEU F 134 39.35 -7.10 50.02
CA LEU F 134 40.52 -7.87 49.57
C LEU F 134 40.87 -9.08 50.41
N MET F 135 40.80 -10.26 49.82
CA MET F 135 41.15 -11.48 50.52
C MET F 135 42.59 -11.89 50.24
N ALA F 136 42.99 -13.05 50.74
CA ALA F 136 44.34 -13.55 50.55
C ALA F 136 44.50 -14.23 49.20
N SER F 137 43.39 -14.70 48.64
CA SER F 137 43.43 -15.37 47.34
C SER F 137 42.06 -15.40 46.68
N GLY F 138 42.04 -15.36 45.35
CA GLY F 138 40.79 -15.38 44.62
C GLY F 138 39.83 -16.35 45.25
N MET F 139 40.23 -17.61 45.31
CA MET F 139 39.40 -18.65 45.88
C MET F 139 38.73 -18.21 47.17
N CYS F 140 39.52 -17.61 48.06
CA CYS F 140 38.98 -17.14 49.33
C CYS F 140 37.73 -16.31 49.08
N ALA F 141 37.90 -15.27 48.27
CA ALA F 141 36.80 -14.38 47.93
C ALA F 141 35.55 -15.19 47.59
N SER F 142 35.55 -15.85 46.45
CA SER F 142 34.39 -16.66 46.06
C SER F 142 33.90 -17.43 47.27
N THR F 143 34.82 -18.15 47.91
CA THR F 143 34.51 -18.95 49.07
C THR F 143 33.67 -18.20 50.08
N VAL F 144 34.28 -17.16 50.64
CA VAL F 144 33.63 -16.34 51.65
C VAL F 144 32.29 -15.85 51.14
N MET F 145 32.33 -15.20 49.98
CA MET F 145 31.14 -14.63 49.35
C MET F 145 29.95 -15.57 49.39
N LEU F 146 30.15 -16.79 48.90
CA LEU F 146 29.08 -17.77 48.89
C LEU F 146 28.63 -18.07 50.31
N LEU F 147 29.58 -18.43 51.16
CA LEU F 147 29.27 -18.73 52.55
C LEU F 147 28.58 -17.55 53.23
N ALA F 148 28.84 -16.35 52.74
CA ALA F 148 28.26 -15.14 53.31
C ALA F 148 26.86 -14.79 52.85
N LEU F 149 26.63 -14.85 51.54
CA LEU F 149 25.33 -14.48 50.99
C LEU F 149 24.29 -15.58 50.90
N VAL F 150 24.71 -16.77 50.49
CA VAL F 150 23.78 -17.88 50.35
C VAL F 150 23.37 -18.46 51.70
N PRO F 151 22.10 -18.30 52.08
CA PRO F 151 21.58 -18.81 53.35
C PRO F 151 21.59 -20.33 53.32
N ALA F 152 21.40 -20.94 54.48
CA ALA F 152 21.41 -22.39 54.58
C ALA F 152 20.21 -22.97 53.83
N GLY F 153 20.46 -24.04 53.07
CA GLY F 153 19.40 -24.67 52.31
C GLY F 153 19.02 -23.91 51.06
N GLY F 154 19.62 -22.74 50.88
CA GLY F 154 19.33 -21.90 49.73
C GLY F 154 19.73 -22.54 48.42
N HIS F 155 19.37 -21.91 47.32
CA HIS F 155 19.71 -22.42 45.99
C HIS F 155 20.55 -21.40 45.24
N ILE F 156 21.45 -21.90 44.40
CA ILE F 156 22.33 -21.05 43.62
C ILE F 156 22.38 -21.52 42.17
N VAL F 157 22.63 -20.60 41.26
CA VAL F 157 22.72 -20.93 39.84
C VAL F 157 24.02 -20.50 39.19
N THR F 158 24.76 -21.49 38.69
CA THR F 158 26.05 -21.24 38.05
C THR F 158 26.12 -21.84 36.66
N THR F 159 27.18 -21.49 35.95
CA THR F 159 27.40 -21.97 34.60
C THR F 159 28.16 -23.30 34.62
N THR F 160 28.31 -23.90 33.45
CA THR F 160 28.99 -25.17 33.33
C THR F 160 30.50 -25.00 33.23
N ASP F 161 30.94 -23.92 32.61
CA ASP F 161 32.37 -23.64 32.44
C ASP F 161 32.96 -22.94 33.65
N CYS F 162 32.75 -23.51 34.84
CA CYS F 162 33.29 -22.93 36.04
C CYS F 162 34.72 -23.38 36.19
N TYR F 163 35.48 -22.66 37.01
CA TYR F 163 36.88 -23.02 37.24
C TYR F 163 36.90 -24.23 38.16
N ARG F 164 37.65 -25.25 37.77
CA ARG F 164 37.78 -26.49 38.53
C ARG F 164 37.41 -26.39 40.00
N LYS F 165 38.32 -25.86 40.81
CA LYS F 165 38.13 -25.71 42.24
C LYS F 165 36.83 -25.01 42.63
N THR F 166 36.52 -23.89 41.98
CA THR F 166 35.29 -23.15 42.26
C THR F 166 34.13 -24.10 42.11
N ARG F 167 34.28 -25.05 41.19
CA ARG F 167 33.25 -26.04 40.97
C ARG F 167 33.13 -26.89 42.24
N ILE F 168 34.19 -27.64 42.52
CA ILE F 168 34.26 -28.50 43.69
C ILE F 168 33.64 -27.88 44.95
N PHE F 169 34.09 -26.70 45.31
CA PHE F 169 33.56 -26.05 46.51
C PHE F 169 32.04 -26.15 46.49
N ILE F 170 31.44 -25.56 45.48
CA ILE F 170 29.99 -25.54 45.33
C ILE F 170 29.34 -26.92 45.28
N GLU F 171 30.10 -27.93 44.86
CA GLU F 171 29.57 -29.29 44.75
C GLU F 171 29.85 -30.22 45.94
N THR F 172 30.79 -29.85 46.80
CA THR F 172 31.09 -30.70 47.95
C THR F 172 30.91 -30.03 49.30
N ILE F 173 31.19 -28.73 49.37
CA ILE F 173 31.04 -28.02 50.64
C ILE F 173 29.62 -27.47 50.83
N LEU F 174 29.24 -26.51 50.01
CA LEU F 174 27.91 -25.91 50.12
C LEU F 174 26.79 -26.89 50.40
N PRO F 175 26.82 -28.08 49.77
CA PRO F 175 25.74 -29.02 50.05
C PRO F 175 25.65 -29.35 51.56
N LYS F 176 26.78 -29.23 52.26
CA LYS F 176 26.82 -29.49 53.69
C LYS F 176 25.88 -28.52 54.41
N MET F 177 25.67 -27.36 53.78
CA MET F 177 24.78 -26.35 54.34
C MET F 177 23.43 -26.53 53.68
N GLY F 178 23.27 -27.65 52.99
CA GLY F 178 22.03 -27.95 52.31
C GLY F 178 21.82 -27.01 51.14
N ILE F 179 22.90 -26.40 50.65
CA ILE F 179 22.80 -25.49 49.53
C ILE F 179 22.86 -26.25 48.22
N THR F 180 21.75 -26.24 47.49
CA THR F 180 21.64 -26.92 46.20
C THR F 180 21.92 -25.93 45.07
N ALA F 181 22.41 -26.44 43.94
CA ALA F 181 22.73 -25.60 42.80
C ALA F 181 22.27 -26.17 41.47
N THR F 182 22.09 -25.27 40.51
CA THR F 182 21.66 -25.63 39.17
C THR F 182 22.70 -25.16 38.17
N VAL F 183 23.29 -26.11 37.45
CA VAL F 183 24.32 -25.78 36.48
C VAL F 183 23.78 -25.64 35.08
N ILE F 184 23.81 -24.42 34.55
CA ILE F 184 23.33 -24.14 33.22
C ILE F 184 24.48 -23.75 32.31
N ASP F 185 24.21 -23.75 31.00
CA ASP F 185 25.21 -23.37 30.02
C ASP F 185 25.22 -21.85 29.93
N PRO F 186 26.42 -21.26 29.85
CA PRO F 186 26.58 -19.80 29.76
C PRO F 186 25.56 -19.14 28.87
N ALA F 187 25.41 -19.69 27.67
CA ALA F 187 24.47 -19.14 26.69
C ALA F 187 23.02 -19.41 27.03
N ASP F 188 22.70 -20.67 27.29
CA ASP F 188 21.34 -21.09 27.61
C ASP F 188 20.59 -20.17 28.56
N VAL F 189 20.10 -19.06 28.03
CA VAL F 189 19.35 -18.11 28.85
C VAL F 189 18.06 -18.77 29.29
N GLY F 190 17.54 -19.63 28.42
CA GLY F 190 16.30 -20.33 28.73
C GLY F 190 16.35 -21.04 30.06
N ALA F 191 17.32 -21.95 30.21
CA ALA F 191 17.48 -22.70 31.44
C ALA F 191 17.48 -21.74 32.63
N LEU F 192 18.19 -20.63 32.49
CA LEU F 192 18.25 -19.66 33.57
C LEU F 192 16.84 -19.21 33.92
N GLU F 193 16.18 -18.56 32.98
CA GLU F 193 14.83 -18.06 33.18
C GLU F 193 13.97 -19.15 33.81
N LEU F 194 14.13 -20.38 33.34
CA LEU F 194 13.36 -21.50 33.87
C LEU F 194 13.66 -21.73 35.34
N ALA F 195 14.92 -22.06 35.65
CA ALA F 195 15.33 -22.29 37.02
C ALA F 195 14.87 -21.15 37.90
N LEU F 196 14.98 -19.93 37.36
CA LEU F 196 14.56 -18.74 38.08
C LEU F 196 13.15 -18.91 38.62
N ASN F 197 12.27 -19.50 37.81
CA ASN F 197 10.89 -19.72 38.21
C ASN F 197 10.67 -21.03 38.96
N GLN F 198 11.36 -22.09 38.53
CA GLN F 198 11.23 -23.38 39.18
C GLN F 198 11.52 -23.26 40.67
N LYS F 199 12.80 -23.05 40.99
CA LYS F 199 13.22 -22.92 42.37
C LYS F 199 13.38 -21.44 42.74
N LYS F 200 13.73 -21.21 44.01
CA LYS F 200 13.93 -19.85 44.52
C LYS F 200 15.42 -19.55 44.58
N VAL F 201 15.96 -19.07 43.46
CA VAL F 201 17.38 -18.74 43.37
C VAL F 201 17.81 -17.59 44.25
N ASN F 202 18.82 -17.84 45.08
CA ASN F 202 19.33 -16.82 45.98
C ASN F 202 20.34 -15.93 45.26
N LEU F 203 21.22 -16.56 44.49
CA LEU F 203 22.24 -15.82 43.76
C LEU F 203 22.77 -16.60 42.56
N PHE F 204 22.92 -15.88 41.44
CA PHE F 204 23.44 -16.47 40.21
C PHE F 204 24.88 -16.04 40.14
N PHE F 205 25.75 -17.01 39.95
CA PHE F 205 27.17 -16.72 39.91
C PHE F 205 27.83 -17.35 38.71
N THR F 206 28.72 -16.59 38.08
CA THR F 206 29.45 -17.05 36.92
C THR F 206 30.54 -16.08 36.51
N GLU F 207 31.54 -16.61 35.81
CA GLU F 207 32.67 -15.81 35.36
C GLU F 207 32.48 -15.51 33.88
N SER F 208 32.81 -14.28 33.47
CA SER F 208 32.68 -13.90 32.07
C SER F 208 33.72 -12.88 31.69
N PRO F 209 34.65 -13.25 30.79
CA PRO F 209 34.78 -14.54 30.11
C PRO F 209 34.89 -15.73 31.06
N THR F 210 34.64 -16.91 30.52
CA THR F 210 34.69 -18.18 31.25
C THR F 210 36.07 -18.83 31.11
N ASN F 211 36.25 -19.97 31.77
CA ASN F 211 37.52 -20.70 31.71
C ASN F 211 37.27 -22.15 31.33
N PRO F 212 38.02 -22.67 30.34
CA PRO F 212 39.06 -21.99 29.56
C PRO F 212 38.58 -21.56 28.18
N PHE F 213 37.33 -21.86 27.86
CA PHE F 213 36.79 -21.51 26.56
C PHE F 213 36.32 -20.07 26.43
N LEU F 214 36.70 -19.24 27.40
CA LEU F 214 36.34 -17.82 27.39
C LEU F 214 34.93 -17.48 26.95
N ARG F 215 33.97 -18.35 27.28
CA ARG F 215 32.57 -18.12 26.94
C ARG F 215 32.11 -16.88 27.70
N CYS F 216 31.17 -16.14 27.14
CA CYS F 216 30.68 -14.94 27.78
C CYS F 216 29.20 -14.92 28.05
N VAL F 217 28.83 -14.21 29.11
CA VAL F 217 27.45 -14.10 29.54
C VAL F 217 26.92 -12.69 29.32
N ASP F 218 25.74 -12.59 28.71
CA ASP F 218 25.14 -11.29 28.46
C ASP F 218 24.74 -10.72 29.82
N ILE F 219 25.73 -10.21 30.52
CA ILE F 219 25.49 -9.65 31.84
C ILE F 219 24.19 -8.86 31.95
N GLU F 220 24.08 -7.78 31.18
CA GLU F 220 22.89 -6.93 31.21
C GLU F 220 21.60 -7.73 31.18
N LEU F 221 21.52 -8.70 30.29
CA LEU F 221 20.34 -9.55 30.16
C LEU F 221 20.13 -10.37 31.43
N VAL F 222 21.10 -11.22 31.75
CA VAL F 222 21.04 -12.05 32.93
C VAL F 222 20.66 -11.22 34.14
N SER F 223 21.43 -10.17 34.39
CA SER F 223 21.18 -9.29 35.52
C SER F 223 19.68 -9.04 35.63
N LYS F 224 19.13 -8.49 34.55
CA LYS F 224 17.71 -8.16 34.47
C LYS F 224 16.83 -9.34 34.91
N LEU F 225 16.95 -10.46 34.21
CA LEU F 225 16.16 -11.64 34.54
C LEU F 225 16.26 -11.99 36.01
N CYS F 226 17.48 -12.13 36.50
CA CYS F 226 17.71 -12.46 37.90
C CYS F 226 17.02 -11.50 38.86
N HIS F 227 17.29 -10.21 38.69
CA HIS F 227 16.72 -9.19 39.56
C HIS F 227 15.20 -9.22 39.60
N GLU F 228 14.59 -9.73 38.53
CA GLU F 228 13.13 -9.81 38.44
C GLU F 228 12.60 -10.84 39.44
N LYS F 229 13.47 -11.78 39.82
CA LYS F 229 13.09 -12.83 40.75
C LYS F 229 13.81 -12.72 42.10
N GLY F 230 14.40 -11.55 42.36
CA GLY F 230 15.09 -11.35 43.62
C GLY F 230 16.42 -12.06 43.73
N ALA F 231 16.91 -12.60 42.62
CA ALA F 231 18.19 -13.29 42.63
C ALA F 231 19.33 -12.28 42.54
N LEU F 232 20.47 -12.64 43.10
CA LEU F 232 21.63 -11.77 43.06
C LEU F 232 22.55 -12.25 41.95
N VAL F 233 23.27 -11.33 41.31
CA VAL F 233 24.17 -11.72 40.24
C VAL F 233 25.61 -11.36 40.53
N CYS F 234 26.46 -12.37 40.49
CA CYS F 234 27.88 -12.17 40.75
C CYS F 234 28.68 -12.60 39.52
N ILE F 235 29.54 -11.71 39.05
CA ILE F 235 30.36 -12.02 37.89
C ILE F 235 31.85 -11.95 38.20
N ASP F 236 32.54 -13.05 37.95
CA ASP F 236 33.95 -13.14 38.19
C ASP F 236 34.65 -12.65 36.93
N GLY F 237 34.88 -11.34 36.87
CA GLY F 237 35.53 -10.75 35.71
C GLY F 237 37.03 -10.86 35.66
N THR F 238 37.58 -11.91 36.28
CA THR F 238 39.02 -12.11 36.30
C THR F 238 39.68 -11.97 34.93
N PHE F 239 39.21 -12.76 33.96
CA PHE F 239 39.75 -12.76 32.60
C PHE F 239 39.56 -11.43 31.89
N ALA F 240 38.42 -10.78 32.14
CA ALA F 240 38.12 -9.52 31.50
C ALA F 240 38.99 -8.36 31.96
N THR F 241 38.95 -8.08 33.26
CA THR F 241 39.70 -6.99 33.88
C THR F 241 38.79 -5.78 33.94
N PRO F 242 38.82 -5.02 35.04
CA PRO F 242 37.95 -3.85 35.11
C PRO F 242 38.11 -2.91 33.93
N LEU F 243 39.17 -3.12 33.14
CA LEU F 243 39.42 -2.27 31.98
C LEU F 243 38.65 -2.69 30.71
N ASN F 244 38.49 -3.99 30.53
CA ASN F 244 37.80 -4.49 29.35
C ASN F 244 36.28 -4.58 29.54
N GLN F 245 35.82 -4.36 30.77
CA GLN F 245 34.37 -4.44 31.06
C GLN F 245 34.08 -4.06 32.51
N LYS F 246 32.89 -3.55 32.75
CA LYS F 246 32.47 -3.14 34.09
C LYS F 246 31.17 -3.82 34.48
N ALA F 247 31.26 -5.10 34.83
CA ALA F 247 30.09 -5.89 35.21
C ALA F 247 29.08 -5.14 36.08
N LEU F 248 29.58 -4.34 37.02
CA LEU F 248 28.71 -3.59 37.90
C LEU F 248 27.82 -2.64 37.11
N ALA F 249 28.40 -1.99 36.10
CA ALA F 249 27.71 -1.05 35.24
C ALA F 249 26.66 -1.74 34.38
N LEU F 250 26.94 -2.96 33.96
CA LEU F 250 26.00 -3.71 33.14
C LEU F 250 24.81 -4.16 33.99
N GLY F 251 24.91 -3.91 35.30
CA GLY F 251 23.83 -4.29 36.21
C GLY F 251 24.17 -5.38 37.22
N ALA F 252 25.33 -6.01 37.08
CA ALA F 252 25.73 -7.07 38.00
C ALA F 252 25.72 -6.53 39.42
N ASP F 253 25.36 -7.41 40.37
CA ASP F 253 25.32 -6.99 41.76
C ASP F 253 26.72 -6.90 42.32
N LEU F 254 27.49 -7.97 42.10
CA LEU F 254 28.85 -8.04 42.59
C LEU F 254 29.82 -8.54 41.53
N VAL F 255 31.03 -8.03 41.56
CA VAL F 255 32.06 -8.43 40.63
C VAL F 255 33.30 -8.74 41.44
N LEU F 256 33.86 -9.91 41.24
CA LEU F 256 35.06 -10.31 41.96
C LEU F 256 36.17 -10.68 40.98
N HIS F 257 37.41 -10.46 41.41
CA HIS F 257 38.55 -10.75 40.58
C HIS F 257 39.57 -11.58 41.32
N SER F 258 40.55 -12.07 40.60
CA SER F 258 41.63 -12.84 41.16
C SER F 258 42.88 -12.04 40.83
N ALA F 259 43.11 -10.99 41.61
CA ALA F 259 44.26 -10.11 41.40
C ALA F 259 45.55 -10.88 41.18
N THR F 260 45.53 -12.17 41.48
CA THR F 260 46.70 -13.01 41.30
C THR F 260 47.15 -12.92 39.85
N LYS F 261 46.17 -12.72 38.96
CA LYS F 261 46.40 -12.65 37.53
C LYS F 261 46.76 -11.31 36.92
N PHE F 262 45.77 -10.62 36.35
CA PHE F 262 45.99 -9.33 35.69
C PHE F 262 46.31 -8.17 36.61
N LEU F 263 45.49 -7.97 37.64
CA LEU F 263 45.71 -6.87 38.58
C LEU F 263 47.16 -6.79 39.08
N GLY F 264 47.68 -7.87 39.65
CA GLY F 264 49.05 -7.86 40.10
C GLY F 264 49.94 -7.95 38.87
N GLY F 265 49.47 -8.72 37.89
CA GLY F 265 50.17 -8.91 36.63
C GLY F 265 51.67 -9.15 36.61
N HIS F 266 52.24 -9.69 37.68
CA HIS F 266 53.66 -9.93 37.67
C HIS F 266 54.01 -11.33 38.16
N ASN F 267 53.01 -12.19 38.25
CA ASN F 267 53.20 -13.58 38.68
C ASN F 267 54.04 -13.69 39.95
N ASP F 268 53.71 -12.90 40.96
CA ASP F 268 54.49 -12.94 42.19
C ASP F 268 53.64 -12.64 43.43
N VAL F 269 52.34 -12.90 43.34
CA VAL F 269 51.45 -12.64 44.46
C VAL F 269 50.05 -13.15 44.23
N LEU F 270 49.41 -13.62 45.30
CA LEU F 270 48.04 -14.12 45.23
C LEU F 270 47.17 -13.14 45.97
N ALA F 271 45.96 -12.92 45.47
CA ALA F 271 45.04 -12.01 46.13
C ALA F 271 43.66 -12.09 45.53
N GLY F 272 42.66 -12.11 46.40
CA GLY F 272 41.27 -12.16 45.97
C GLY F 272 40.76 -10.74 46.05
N CYS F 273 39.57 -10.48 45.53
CA CYS F 273 39.03 -9.12 45.56
C CYS F 273 37.58 -9.08 45.12
N ILE F 274 36.75 -8.43 45.92
CA ILE F 274 35.34 -8.31 45.58
C ILE F 274 34.87 -6.87 45.71
N SER F 275 34.27 -6.35 44.65
CA SER F 275 33.75 -4.97 44.64
C SER F 275 32.26 -4.93 44.34
N GLY F 276 31.58 -3.92 44.90
CA GLY F 276 30.14 -3.80 44.68
C GLY F 276 29.50 -2.83 45.65
N PRO F 277 28.18 -2.96 45.91
CA PRO F 277 27.45 -2.08 46.83
C PRO F 277 27.79 -2.33 48.30
N LEU F 278 27.86 -1.24 49.07
CA LEU F 278 28.19 -1.34 50.48
C LEU F 278 27.32 -2.35 51.20
N LYS F 279 26.02 -2.04 51.28
CA LYS F 279 25.06 -2.91 51.95
C LYS F 279 25.37 -4.38 51.72
N LEU F 280 25.95 -4.69 50.56
CA LEU F 280 26.30 -6.06 50.21
C LEU F 280 27.71 -6.46 50.68
N VAL F 281 28.72 -5.87 50.07
CA VAL F 281 30.12 -6.16 50.41
C VAL F 281 30.36 -6.20 51.91
N SER F 282 29.79 -5.24 52.63
CA SER F 282 29.95 -5.17 54.07
C SER F 282 29.55 -6.50 54.71
N GLU F 283 28.40 -7.02 54.34
CA GLU F 283 27.92 -8.28 54.89
C GLU F 283 28.98 -9.37 54.82
N ILE F 284 29.77 -9.35 53.75
CA ILE F 284 30.83 -10.35 53.56
C ILE F 284 32.05 -10.00 54.40
N ARG F 285 32.44 -8.72 54.37
CA ARG F 285 33.59 -8.24 55.13
C ARG F 285 33.46 -8.76 56.56
N ASN F 286 32.23 -8.75 57.06
CA ASN F 286 31.94 -9.22 58.40
C ASN F 286 32.38 -10.66 58.54
N LEU F 287 31.82 -11.53 57.70
CA LEU F 287 32.18 -12.94 57.78
C LEU F 287 33.68 -13.09 57.59
N HIS F 288 34.25 -12.24 56.75
CA HIS F 288 35.68 -12.26 56.45
C HIS F 288 36.47 -12.04 57.72
N HIS F 289 35.98 -11.16 58.57
CA HIS F 289 36.63 -10.84 59.84
C HIS F 289 36.62 -12.03 60.79
N ILE F 290 36.09 -13.16 60.33
CA ILE F 290 36.04 -14.35 61.18
C ILE F 290 36.80 -15.50 60.56
N LEU F 291 36.65 -15.65 59.25
CA LEU F 291 37.34 -16.72 58.55
C LEU F 291 38.82 -16.34 58.48
N GLY F 292 39.08 -15.05 58.69
CA GLY F 292 40.45 -14.56 58.68
C GLY F 292 41.30 -14.94 57.51
N GLY F 293 40.94 -14.41 56.34
CA GLY F 293 41.71 -14.68 55.13
C GLY F 293 42.39 -13.38 54.73
N ALA F 294 42.70 -12.57 55.74
CA ALA F 294 43.33 -11.27 55.55
C ALA F 294 44.52 -11.29 54.60
N LEU F 295 44.67 -10.20 53.86
CA LEU F 295 45.76 -10.05 52.91
C LEU F 295 46.89 -9.29 53.54
N ASN F 296 48.11 -9.79 53.39
CA ASN F 296 49.27 -9.13 53.98
C ASN F 296 49.57 -7.80 53.31
N PRO F 297 49.98 -6.80 54.08
CA PRO F 297 50.29 -5.48 53.54
C PRO F 297 51.21 -5.56 52.33
N ASN F 298 52.38 -6.16 52.52
CA ASN F 298 53.35 -6.30 51.45
C ASN F 298 52.68 -6.76 50.16
N ALA F 299 51.83 -7.77 50.26
CA ALA F 299 51.13 -8.26 49.08
C ALA F 299 50.34 -7.09 48.50
N ALA F 300 49.50 -6.48 49.33
CA ALA F 300 48.70 -5.35 48.90
C ALA F 300 49.53 -4.35 48.13
N TYR F 301 50.68 -3.97 48.69
CA TYR F 301 51.52 -3.00 48.03
C TYR F 301 51.94 -3.46 46.65
N LEU F 302 52.42 -4.69 46.56
CA LEU F 302 52.85 -5.22 45.29
C LEU F 302 51.76 -5.05 44.23
N ILE F 303 50.51 -5.27 44.62
CA ILE F 303 49.42 -5.12 43.67
C ILE F 303 49.29 -3.66 43.28
N ILE F 304 49.31 -2.77 44.27
CA ILE F 304 49.20 -1.34 44.02
C ILE F 304 50.26 -0.89 43.02
N ARG F 305 51.45 -1.50 43.12
CA ARG F 305 52.53 -1.17 42.23
C ARG F 305 52.25 -1.74 40.86
N GLY F 306 51.72 -2.96 40.84
CA GLY F 306 51.41 -3.60 39.58
C GLY F 306 50.36 -2.82 38.84
N MET F 307 49.31 -2.43 39.54
CA MET F 307 48.23 -1.68 38.92
C MET F 307 48.69 -0.34 38.38
N LYS F 308 49.85 0.14 38.84
CA LYS F 308 50.36 1.42 38.37
C LYS F 308 50.50 1.38 36.86
N THR F 309 50.62 0.17 36.31
CA THR F 309 50.75 -0.02 34.86
C THR F 309 49.74 -1.03 34.36
N LEU F 310 48.56 -1.03 34.96
CA LEU F 310 47.52 -1.95 34.57
C LEU F 310 47.17 -1.75 33.09
N HIS F 311 46.64 -0.58 32.75
CA HIS F 311 46.25 -0.31 31.37
C HIS F 311 47.33 -0.70 30.37
N LEU F 312 48.52 -0.12 30.51
CA LEU F 312 49.62 -0.42 29.60
C LEU F 312 49.79 -1.91 29.33
N ARG F 313 49.71 -2.72 30.38
CA ARG F 313 49.86 -4.16 30.23
C ARG F 313 48.67 -4.77 29.51
N VAL F 314 47.46 -4.43 29.95
CA VAL F 314 46.27 -4.99 29.32
C VAL F 314 46.26 -4.65 27.84
N GLN F 315 46.37 -3.37 27.54
CA GLN F 315 46.39 -2.88 26.16
C GLN F 315 47.19 -3.83 25.27
N GLN F 316 48.47 -3.96 25.57
CA GLN F 316 49.37 -4.82 24.81
C GLN F 316 48.87 -6.25 24.73
N GLN F 317 48.47 -6.81 25.85
CA GLN F 317 48.00 -8.18 25.87
C GLN F 317 46.72 -8.32 25.06
N ASN F 318 45.88 -7.29 25.11
CA ASN F 318 44.62 -7.30 24.37
C ASN F 318 44.90 -7.45 22.87
N SER F 319 45.95 -6.78 22.40
CA SER F 319 46.32 -6.85 21.00
C SER F 319 46.93 -8.21 20.71
N THR F 320 48.19 -8.39 21.10
CA THR F 320 48.91 -9.64 20.90
C THR F 320 47.93 -10.82 20.82
N ALA F 321 47.12 -11.00 21.86
CA ALA F 321 46.16 -12.09 21.88
C ALA F 321 45.34 -12.09 20.61
N LEU F 322 44.51 -11.07 20.43
CA LEU F 322 43.66 -10.96 19.25
C LEU F 322 44.42 -11.30 17.97
N ARG F 323 45.44 -10.50 17.65
CA ARG F 323 46.23 -10.74 16.46
C ARG F 323 46.69 -12.20 16.38
N MET F 324 47.31 -12.69 17.45
CA MET F 324 47.80 -14.06 17.48
C MET F 324 46.67 -15.07 17.33
N ALA F 325 45.47 -14.66 17.69
CA ALA F 325 44.33 -15.54 17.59
C ALA F 325 44.04 -15.78 16.12
N GLU F 326 43.75 -14.70 15.41
CA GLU F 326 43.45 -14.77 13.99
C GLU F 326 44.49 -15.62 13.29
N ILE F 327 45.76 -15.33 13.56
CA ILE F 327 46.87 -16.06 12.96
C ILE F 327 46.72 -17.56 13.20
N LEU F 328 46.40 -17.93 14.43
CA LEU F 328 46.23 -19.34 14.79
C LEU F 328 45.05 -19.96 14.06
N GLU F 329 43.89 -19.30 14.11
CA GLU F 329 42.69 -19.80 13.44
C GLU F 329 43.03 -20.17 12.00
N ALA F 330 43.72 -19.26 11.32
CA ALA F 330 44.11 -19.43 9.94
C ALA F 330 45.11 -20.56 9.74
N HIS F 331 45.88 -20.88 10.79
CA HIS F 331 46.86 -21.94 10.70
C HIS F 331 46.22 -23.30 10.43
N PRO F 332 46.81 -24.10 9.51
CA PRO F 332 46.27 -25.42 9.17
C PRO F 332 46.33 -26.45 10.29
N LYS F 333 47.41 -26.43 11.06
CA LYS F 333 47.57 -27.38 12.16
C LYS F 333 46.71 -27.05 13.38
N VAL F 334 46.12 -25.86 13.40
CA VAL F 334 45.26 -25.44 14.51
C VAL F 334 43.81 -25.79 14.22
N ARG F 335 43.33 -26.84 14.86
CA ARG F 335 41.98 -27.32 14.67
C ARG F 335 40.87 -26.31 15.02
N HIS F 336 40.97 -25.67 16.18
CA HIS F 336 39.96 -24.69 16.61
C HIS F 336 40.58 -23.64 17.50
N VAL F 337 39.96 -22.46 17.54
CA VAL F 337 40.45 -21.36 18.36
C VAL F 337 39.31 -20.70 19.09
N TYR F 338 39.48 -20.52 20.40
CA TYR F 338 38.48 -19.89 21.23
C TYR F 338 38.96 -18.52 21.67
N TYR F 339 38.18 -17.50 21.36
CA TYR F 339 38.51 -16.14 21.73
C TYR F 339 37.31 -15.26 21.42
N PRO F 340 36.84 -14.48 22.42
CA PRO F 340 35.69 -13.61 22.22
C PRO F 340 35.89 -12.63 21.07
N GLY F 341 37.14 -12.26 20.83
CA GLY F 341 37.45 -11.34 19.76
C GLY F 341 37.13 -11.87 18.37
N LEU F 342 37.40 -13.14 18.14
CA LEU F 342 37.13 -13.77 16.85
C LEU F 342 35.64 -13.78 16.54
N GLN F 343 35.31 -13.81 15.25
CA GLN F 343 33.92 -13.84 14.83
C GLN F 343 33.39 -15.24 15.02
N SER F 344 34.30 -16.21 14.97
CA SER F 344 33.94 -17.62 15.13
C SER F 344 33.44 -17.96 16.54
N HIS F 345 33.77 -17.12 17.51
CA HIS F 345 33.34 -17.37 18.88
C HIS F 345 31.82 -17.23 19.05
N PRO F 346 31.20 -18.21 19.72
CA PRO F 346 29.76 -18.29 20.00
C PRO F 346 29.10 -17.02 20.52
N GLU F 347 29.73 -16.34 21.47
CA GLU F 347 29.14 -15.12 22.01
C GLU F 347 29.91 -13.87 21.61
N HIS F 348 30.54 -13.91 20.45
CA HIS F 348 31.30 -12.77 19.94
C HIS F 348 30.44 -11.53 19.81
N HIS F 349 29.16 -11.70 19.47
CA HIS F 349 28.27 -10.55 19.33
C HIS F 349 28.04 -9.92 20.70
N ILE F 350 28.05 -10.74 21.74
CA ILE F 350 27.85 -10.26 23.12
C ILE F 350 29.13 -9.58 23.59
N ALA F 351 30.24 -10.29 23.48
CA ALA F 351 31.53 -9.75 23.88
C ALA F 351 31.72 -8.39 23.23
N LYS F 352 31.36 -8.30 21.96
CA LYS F 352 31.48 -7.06 21.20
C LYS F 352 30.60 -5.98 21.79
N LYS F 353 29.51 -6.39 22.42
CA LYS F 353 28.56 -5.45 23.01
C LYS F 353 28.84 -5.03 24.45
N GLN F 354 29.43 -5.91 25.26
CA GLN F 354 29.72 -5.57 26.65
C GLN F 354 31.19 -5.40 27.03
N MET F 355 32.10 -5.68 26.11
CA MET F 355 33.52 -5.52 26.39
C MET F 355 34.12 -4.47 25.45
N THR F 356 35.39 -4.15 25.65
CA THR F 356 36.09 -3.20 24.78
C THR F 356 37.43 -3.81 24.45
N GLY F 357 37.70 -4.96 25.08
CA GLY F 357 38.93 -5.69 24.87
C GLY F 357 38.56 -7.15 25.06
N PHE F 358 39.46 -8.08 24.80
CA PHE F 358 39.12 -9.49 24.97
C PHE F 358 40.16 -10.29 25.75
N GLY F 359 40.84 -9.64 26.68
CA GLY F 359 41.84 -10.31 27.48
C GLY F 359 43.09 -10.69 26.71
N GLY F 360 43.99 -11.42 27.37
CA GLY F 360 45.21 -11.83 26.72
C GLY F 360 45.35 -13.34 26.74
N ALA F 361 44.27 -14.02 27.12
CA ALA F 361 44.26 -15.47 27.17
C ALA F 361 43.60 -16.00 25.91
N VAL F 362 44.19 -17.04 25.34
CA VAL F 362 43.66 -17.63 24.13
C VAL F 362 43.74 -19.14 24.19
N SER F 363 42.62 -19.80 23.94
CA SER F 363 42.56 -21.25 23.96
C SER F 363 42.41 -21.76 22.54
N PHE F 364 42.99 -22.92 22.26
CA PHE F 364 42.91 -23.48 20.93
C PHE F 364 43.33 -24.93 20.92
N GLU F 365 42.58 -25.75 20.19
CA GLU F 365 42.87 -27.16 20.08
C GLU F 365 43.80 -27.39 18.91
N VAL F 366 44.82 -28.21 19.11
CA VAL F 366 45.77 -28.52 18.06
C VAL F 366 45.33 -29.77 17.28
N ASP F 367 45.70 -29.84 16.00
CA ASP F 367 45.34 -30.98 15.18
C ASP F 367 46.24 -32.18 15.47
N GLY F 368 46.01 -32.83 16.60
CA GLY F 368 46.80 -33.97 16.97
C GLY F 368 46.25 -34.63 18.21
N ASP F 369 47.10 -35.29 18.98
CA ASP F 369 46.64 -35.95 20.20
C ASP F 369 47.48 -35.53 21.40
N LEU F 370 47.20 -36.17 22.53
CA LEU F 370 47.92 -35.90 23.78
C LEU F 370 49.40 -35.67 23.52
N LEU F 371 50.10 -36.75 23.20
CA LEU F 371 51.52 -36.67 22.95
C LEU F 371 51.92 -35.63 21.92
N THR F 372 51.09 -35.47 20.89
CA THR F 372 51.39 -34.49 19.85
C THR F 372 51.25 -33.07 20.41
N THR F 373 50.10 -32.76 20.99
CA THR F 373 49.89 -31.45 21.57
C THR F 373 51.04 -31.15 22.53
N ALA F 374 51.40 -32.13 23.33
CA ALA F 374 52.49 -32.00 24.27
C ALA F 374 53.71 -31.52 23.51
N LYS F 375 54.10 -32.30 22.51
CA LYS F 375 55.26 -31.98 21.67
C LYS F 375 55.28 -30.50 21.33
N PHE F 376 54.09 -29.97 21.02
CA PHE F 376 53.97 -28.57 20.68
C PHE F 376 54.48 -27.72 21.84
N VAL F 377 53.71 -27.64 22.91
CA VAL F 377 54.08 -26.85 24.07
C VAL F 377 55.53 -27.03 24.48
N ASP F 378 56.04 -28.25 24.36
CA ASP F 378 57.42 -28.54 24.71
C ASP F 378 58.41 -27.76 23.84
N ALA F 379 58.02 -27.57 22.58
CA ALA F 379 58.84 -26.85 21.60
C ALA F 379 58.92 -25.35 21.89
N LEU F 380 57.87 -24.79 22.45
CA LEU F 380 57.84 -23.36 22.77
C LEU F 380 59.06 -23.01 23.61
N LYS F 381 59.63 -21.83 23.38
CA LYS F 381 60.83 -21.41 24.09
C LYS F 381 60.62 -20.24 25.04
N ILE F 382 59.62 -19.40 24.75
CA ILE F 382 59.36 -18.24 25.58
C ILE F 382 58.42 -18.44 26.76
N PRO F 383 57.21 -18.97 26.51
CA PRO F 383 56.32 -19.16 27.65
C PRO F 383 56.75 -20.25 28.62
N TYR F 384 56.28 -20.13 29.86
CA TYR F 384 56.58 -21.11 30.90
C TYR F 384 55.39 -22.06 30.92
N ILE F 385 55.66 -23.34 31.14
CA ILE F 385 54.58 -24.32 31.22
C ILE F 385 54.16 -24.32 32.67
N ALA F 386 53.01 -23.74 32.96
CA ALA F 386 52.56 -23.67 34.34
C ALA F 386 51.15 -23.11 34.40
N PRO F 387 50.52 -23.14 35.59
CA PRO F 387 49.15 -22.60 35.71
C PRO F 387 49.19 -21.08 35.72
N SER F 388 48.13 -20.45 36.21
CA SER F 388 48.08 -18.99 36.26
C SER F 388 48.19 -18.35 34.88
N PHE F 389 47.99 -17.03 34.85
CA PHE F 389 48.05 -16.26 33.62
C PHE F 389 47.88 -14.78 33.93
N GLY F 390 48.09 -13.93 32.92
CA GLY F 390 47.92 -12.50 33.12
C GLY F 390 49.19 -11.72 33.47
N GLY F 391 50.29 -12.42 33.68
CA GLY F 391 51.51 -11.72 34.02
C GLY F 391 52.32 -11.34 32.81
N CYS F 392 53.29 -10.46 32.99
CA CYS F 392 54.13 -10.02 31.90
C CYS F 392 54.76 -11.23 31.19
N GLU F 393 55.15 -12.22 31.97
CA GLU F 393 55.74 -13.43 31.39
C GLU F 393 54.63 -14.26 30.77
N SER F 394 54.89 -14.80 29.58
CA SER F 394 53.89 -15.62 28.91
C SER F 394 53.83 -16.99 29.56
N ILE F 395 52.66 -17.62 29.52
CA ILE F 395 52.48 -18.93 30.12
C ILE F 395 51.62 -19.86 29.26
N VAL F 396 51.95 -21.15 29.26
CA VAL F 396 51.18 -22.12 28.50
C VAL F 396 50.88 -23.33 29.36
N ASP F 397 49.85 -24.07 28.98
CA ASP F 397 49.45 -25.26 29.71
C ASP F 397 48.40 -26.07 28.95
N GLN F 398 48.36 -27.36 29.26
CA GLN F 398 47.42 -28.27 28.63
C GLN F 398 46.38 -28.66 29.70
N PRO F 399 45.38 -27.80 29.91
CA PRO F 399 44.32 -28.05 30.90
C PRO F 399 44.10 -29.53 31.17
N ALA F 400 44.03 -30.31 30.11
CA ALA F 400 43.81 -31.75 30.23
C ALA F 400 44.73 -32.33 31.29
N ILE F 401 46.01 -31.98 31.20
CA ILE F 401 46.99 -32.47 32.16
C ILE F 401 47.14 -31.50 33.31
N MET F 402 47.39 -30.24 32.97
CA MET F 402 47.59 -29.21 33.97
C MET F 402 46.57 -29.16 35.11
N SER F 403 45.31 -29.47 34.84
CA SER F 403 44.30 -29.40 35.90
C SER F 403 43.17 -30.42 35.82
N TYR F 404 43.36 -31.53 35.10
CA TYR F 404 42.32 -32.54 34.98
C TYR F 404 42.88 -33.95 34.83
N TRP F 405 44.19 -34.09 34.96
CA TRP F 405 44.83 -35.40 34.83
C TRP F 405 44.35 -36.40 35.88
N ASP F 406 43.73 -35.90 36.94
CA ASP F 406 43.23 -36.76 38.01
C ASP F 406 41.98 -37.50 37.55
N LEU F 407 41.52 -37.19 36.34
CA LEU F 407 40.32 -37.81 35.79
C LEU F 407 40.65 -38.73 34.63
N SER F 408 39.65 -39.51 34.22
CA SER F 408 39.79 -40.44 33.11
C SER F 408 39.55 -39.72 31.79
N GLN F 409 40.06 -40.29 30.70
CA GLN F 409 39.90 -39.70 29.37
C GLN F 409 38.43 -39.40 29.07
N SER F 410 37.54 -40.26 29.55
CA SER F 410 36.11 -40.08 29.34
C SER F 410 35.53 -39.00 30.23
N ASP F 411 35.84 -39.08 31.53
CA ASP F 411 35.34 -38.09 32.49
C ASP F 411 35.87 -36.70 32.14
N ARG F 412 37.04 -36.66 31.51
CA ARG F 412 37.64 -35.39 31.12
C ARG F 412 36.78 -34.76 30.04
N ALA F 413 36.54 -35.51 28.97
CA ALA F 413 35.72 -35.05 27.85
C ALA F 413 34.34 -34.62 28.33
N LYS F 414 33.95 -35.12 29.50
CA LYS F 414 32.67 -34.79 30.09
C LYS F 414 32.50 -33.27 30.15
N TYR F 415 33.59 -32.54 29.97
CA TYR F 415 33.53 -31.09 30.02
C TYR F 415 34.41 -30.37 29.02
N GLY F 416 34.27 -30.75 27.76
CA GLY F 416 35.03 -30.13 26.69
C GLY F 416 36.54 -30.30 26.74
N ILE F 417 37.09 -30.47 27.93
CA ILE F 417 38.53 -30.61 28.08
C ILE F 417 39.08 -31.72 27.18
N MET F 418 39.75 -31.33 26.11
CA MET F 418 40.32 -32.30 25.18
C MET F 418 41.82 -32.33 25.33
N ASP F 419 42.43 -33.41 24.87
CA ASP F 419 43.87 -33.56 24.95
C ASP F 419 44.58 -32.59 24.01
N ASN F 420 43.84 -32.02 23.07
CA ASN F 420 44.40 -31.06 22.14
C ASN F 420 44.39 -29.67 22.75
N LEU F 421 43.30 -29.36 23.45
CA LEU F 421 43.12 -28.07 24.09
C LEU F 421 44.38 -27.48 24.72
N VAL F 422 44.74 -26.29 24.27
CA VAL F 422 45.90 -25.59 24.79
C VAL F 422 45.43 -24.21 25.21
N ARG F 423 45.97 -23.73 26.33
CA ARG F 423 45.60 -22.41 26.84
C ARG F 423 46.83 -21.53 26.87
N PHE F 424 46.84 -20.53 26.00
CA PHE F 424 47.97 -19.62 25.93
C PHE F 424 47.65 -18.27 26.56
N SER F 425 48.45 -17.91 27.56
CA SER F 425 48.28 -16.64 28.25
C SER F 425 49.43 -15.75 27.81
N PHE F 426 49.18 -14.98 26.75
CA PHE F 426 50.19 -14.09 26.21
C PHE F 426 50.68 -13.10 27.23
N GLY F 427 52.00 -13.01 27.36
CA GLY F 427 52.59 -12.11 28.30
C GLY F 427 52.55 -10.69 27.80
N VAL F 428 53.71 -10.05 27.73
CA VAL F 428 53.81 -8.68 27.25
C VAL F 428 55.03 -8.57 26.35
N GLU F 429 55.74 -9.68 26.17
CA GLU F 429 56.90 -9.73 25.30
C GLU F 429 56.49 -9.20 23.94
N ASP F 430 57.46 -8.82 23.12
CA ASP F 430 57.15 -8.30 21.80
C ASP F 430 56.37 -9.29 20.95
N PHE F 431 55.37 -8.80 20.26
CA PHE F 431 54.53 -9.65 19.42
C PHE F 431 55.35 -10.56 18.51
N ASP F 432 56.06 -9.96 17.57
CA ASP F 432 56.88 -10.74 16.64
C ASP F 432 57.61 -11.85 17.36
N ASP F 433 58.31 -11.50 18.44
CA ASP F 433 59.06 -12.47 19.21
C ASP F 433 58.18 -13.65 19.58
N LEU F 434 56.96 -13.35 20.04
CA LEU F 434 56.02 -14.39 20.43
C LEU F 434 55.57 -15.23 19.25
N LYS F 435 55.05 -14.54 18.23
CA LYS F 435 54.55 -15.18 17.02
C LYS F 435 55.55 -16.14 16.41
N ALA F 436 56.77 -15.65 16.18
CA ALA F 436 57.82 -16.48 15.61
C ALA F 436 57.97 -17.75 16.43
N ASP F 437 57.91 -17.61 17.75
CA ASP F 437 58.03 -18.75 18.65
C ASP F 437 56.89 -19.72 18.37
N ILE F 438 55.65 -19.26 18.60
CA ILE F 438 54.47 -20.09 18.37
C ILE F 438 54.52 -20.81 17.04
N LEU F 439 54.83 -20.07 15.98
CA LEU F 439 54.92 -20.67 14.65
C LEU F 439 55.95 -21.78 14.68
N GLN F 440 57.20 -21.40 14.90
CA GLN F 440 58.29 -22.35 14.98
C GLN F 440 57.85 -23.65 15.64
N ALA F 441 57.07 -23.53 16.71
CA ALA F 441 56.58 -24.70 17.44
C ALA F 441 55.60 -25.52 16.62
N LEU F 442 54.51 -24.89 16.18
CA LEU F 442 53.50 -25.59 15.38
C LEU F 442 54.14 -26.26 14.15
N ASP F 443 55.29 -25.73 13.74
CA ASP F 443 56.02 -26.24 12.58
C ASP F 443 56.58 -27.63 12.83
N SER F 444 56.91 -27.94 14.09
CA SER F 444 57.47 -29.23 14.44
C SER F 444 56.40 -30.28 14.67
N ILE F 445 55.21 -30.05 14.11
CA ILE F 445 54.11 -31.00 14.25
C ILE F 445 53.47 -31.30 12.90
N TYR G 50 71.48 -12.47 23.88
CA TYR G 50 71.01 -13.37 24.98
C TYR G 50 70.26 -14.59 24.42
N ALA G 51 69.32 -14.35 23.52
CA ALA G 51 68.55 -15.45 22.95
C ALA G 51 68.36 -15.37 21.43
N SER G 52 68.13 -16.53 20.83
CA SER G 52 67.93 -16.65 19.39
C SER G 52 66.44 -16.62 19.09
N PHE G 53 65.64 -16.35 20.13
CA PHE G 53 64.19 -16.28 20.01
C PHE G 53 63.69 -15.02 20.69
N LEU G 54 64.62 -14.13 21.03
CA LEU G 54 64.31 -12.87 21.68
C LEU G 54 65.10 -11.80 20.96
N ASN G 55 64.47 -11.04 20.08
CA ASN G 55 65.19 -10.01 19.35
C ASN G 55 64.68 -8.61 19.64
N SER G 56 63.64 -8.52 20.45
CA SER G 56 63.09 -7.22 20.81
C SER G 56 63.54 -6.89 22.22
N ASP G 57 63.93 -5.65 22.44
CA ASP G 57 64.38 -5.24 23.76
C ASP G 57 63.35 -5.60 24.82
N GLY G 58 62.11 -5.15 24.60
CA GLY G 58 61.06 -5.43 25.56
C GLY G 58 61.05 -6.89 25.97
N SER G 59 61.12 -7.78 24.98
CA SER G 59 61.12 -9.19 25.29
C SER G 59 62.32 -9.50 26.17
N VAL G 60 63.45 -8.90 25.85
CA VAL G 60 64.66 -9.11 26.64
C VAL G 60 64.42 -8.62 28.06
N ALA G 61 64.16 -7.32 28.19
CA ALA G 61 63.91 -6.70 29.49
C ALA G 61 63.18 -7.63 30.43
N ILE G 62 62.16 -8.32 29.91
CA ILE G 62 61.38 -9.24 30.71
C ILE G 62 62.16 -10.50 31.10
N HIS G 63 62.44 -11.36 30.12
CA HIS G 63 63.16 -12.61 30.37
C HIS G 63 64.68 -12.53 30.42
N ALA G 64 65.25 -11.34 30.30
CA ALA G 64 66.69 -11.22 30.32
C ALA G 64 67.27 -11.77 31.63
N GLY G 65 68.24 -12.68 31.49
CA GLY G 65 68.89 -13.28 32.64
C GLY G 65 67.93 -13.94 33.61
N GLU G 66 66.93 -14.64 33.09
CA GLU G 66 65.95 -15.32 33.92
C GLU G 66 65.37 -16.55 33.23
N ARG G 67 64.67 -16.34 32.13
CA ARG G 67 64.04 -17.43 31.38
C ARG G 67 64.92 -18.64 31.16
N LEU G 68 66.20 -18.40 30.88
CA LEU G 68 67.11 -19.50 30.62
C LEU G 68 67.70 -20.13 31.88
N GLY G 69 67.94 -19.31 32.90
CA GLY G 69 68.51 -19.83 34.13
C GLY G 69 68.81 -18.71 35.10
N ARG G 70 68.97 -19.03 36.37
CA ARG G 70 69.24 -17.99 37.36
C ARG G 70 70.50 -18.20 38.19
N GLY G 71 70.92 -19.46 38.32
CA GLY G 71 72.10 -19.73 39.12
C GLY G 71 71.60 -20.08 40.50
N ILE G 72 70.30 -19.83 40.72
CA ILE G 72 69.64 -20.14 41.98
C ILE G 72 68.40 -20.95 41.62
N VAL G 73 68.63 -22.20 41.26
CA VAL G 73 67.58 -23.13 40.86
C VAL G 73 66.26 -23.07 41.64
N THR G 74 65.18 -22.87 40.89
CA THR G 74 63.83 -22.81 41.44
C THR G 74 62.85 -23.07 40.30
N ASP G 75 61.71 -23.67 40.62
CA ASP G 75 60.72 -23.92 39.60
C ASP G 75 59.73 -22.76 39.69
N ALA G 76 60.20 -21.64 40.24
CA ALA G 76 59.40 -20.45 40.40
C ALA G 76 59.57 -19.53 39.19
N ILE G 77 58.53 -18.80 38.83
CA ILE G 77 58.60 -17.90 37.68
C ILE G 77 59.52 -16.72 37.98
N THR G 78 59.23 -16.01 39.07
CA THR G 78 59.98 -14.83 39.46
C THR G 78 61.30 -15.17 40.10
N THR G 79 62.12 -14.14 40.31
CA THR G 79 63.41 -14.31 40.93
C THR G 79 63.22 -14.23 42.43
N PRO G 80 63.88 -15.11 43.17
CA PRO G 80 63.75 -15.11 44.63
C PRO G 80 64.60 -14.03 45.31
N VAL G 81 64.01 -13.36 46.29
CA VAL G 81 64.73 -12.33 47.03
C VAL G 81 65.53 -13.02 48.12
N VAL G 82 66.86 -12.96 48.01
CA VAL G 82 67.73 -13.59 48.99
C VAL G 82 68.21 -12.57 50.00
N ASN G 83 67.72 -12.68 51.22
CA ASN G 83 68.07 -11.77 52.28
C ASN G 83 69.16 -12.32 53.20
N THR G 84 70.40 -12.37 52.73
CA THR G 84 71.49 -12.87 53.55
C THR G 84 72.63 -11.86 53.63
N SER G 85 73.34 -11.86 54.74
CA SER G 85 74.45 -10.93 54.89
C SER G 85 75.77 -11.61 54.61
N ALA G 86 75.71 -12.92 54.32
CA ALA G 86 76.91 -13.68 54.03
C ALA G 86 76.58 -15.06 53.47
N TYR G 87 77.57 -15.71 52.88
CA TYR G 87 77.39 -17.03 52.29
C TYR G 87 78.34 -18.00 52.95
N PHE G 88 77.92 -19.25 53.10
CA PHE G 88 78.73 -20.26 53.76
C PHE G 88 79.39 -21.27 52.84
N PHE G 89 80.03 -22.27 53.44
CA PHE G 89 80.69 -23.36 52.71
C PHE G 89 80.48 -24.65 53.50
N ASN G 90 80.54 -25.78 52.82
CA ASN G 90 80.32 -27.07 53.47
C ASN G 90 81.58 -27.62 54.14
N LYS G 91 82.73 -27.11 53.73
CA LYS G 91 84.00 -27.56 54.29
C LYS G 91 85.15 -26.66 53.83
N THR G 92 86.17 -26.54 54.67
CA THR G 92 87.33 -25.70 54.36
C THR G 92 87.87 -26.02 52.97
N SER G 93 87.89 -27.30 52.63
CA SER G 93 88.37 -27.74 51.32
C SER G 93 87.76 -26.85 50.24
N GLU G 94 86.43 -26.79 50.24
CA GLU G 94 85.70 -25.99 49.27
C GLU G 94 86.07 -24.52 49.37
N LEU G 95 86.06 -24.00 50.60
CA LEU G 95 86.41 -22.60 50.81
C LEU G 95 87.68 -22.30 50.05
N ILE G 96 88.70 -23.13 50.28
CA ILE G 96 89.98 -22.96 49.61
C ILE G 96 89.75 -22.88 48.11
N ASP G 97 89.08 -23.89 47.57
CA ASP G 97 88.78 -23.94 46.14
C ASP G 97 88.31 -22.56 45.66
N PHE G 98 87.26 -22.03 46.29
CA PHE G 98 86.74 -20.72 45.90
C PHE G 98 87.83 -19.67 45.97
N LYS G 99 88.52 -19.60 47.10
CA LYS G 99 89.59 -18.63 47.30
C LYS G 99 90.69 -18.76 46.23
N GLU G 100 90.84 -19.96 45.69
CA GLU G 100 91.85 -20.22 44.66
C GLU G 100 91.22 -20.17 43.27
N LYS G 101 90.06 -19.53 43.18
CA LYS G 101 89.33 -19.37 41.94
C LYS G 101 89.00 -20.68 41.22
N ARG G 102 88.56 -21.68 41.99
CA ARG G 102 88.20 -22.98 41.43
C ARG G 102 86.71 -23.21 41.66
N ARG G 103 86.12 -22.37 42.49
CA ARG G 103 84.70 -22.47 42.80
C ARG G 103 84.11 -21.07 42.76
N ALA G 104 82.79 -20.97 42.73
CA ALA G 104 82.14 -19.66 42.68
C ALA G 104 81.32 -19.39 43.95
N SER G 105 81.48 -18.18 44.49
CA SER G 105 80.76 -17.78 45.69
C SER G 105 80.88 -16.27 45.90
N PHE G 106 79.82 -15.66 46.46
CA PHE G 106 79.85 -14.23 46.71
C PHE G 106 80.60 -13.96 48.01
N GLU G 107 80.69 -14.99 48.85
CA GLU G 107 81.38 -14.90 50.13
C GLU G 107 80.62 -13.97 51.08
N TYR G 108 80.74 -12.67 50.83
CA TYR G 108 80.08 -11.66 51.64
C TYR G 108 79.02 -10.95 50.79
N GLY G 109 77.95 -10.50 51.43
CA GLY G 109 76.90 -9.81 50.71
C GLY G 109 77.37 -8.55 50.02
N ARG G 110 78.35 -7.88 50.60
CA ARG G 110 78.87 -6.64 50.01
C ARG G 110 79.61 -6.91 48.72
N TYR G 111 79.82 -8.19 48.40
CA TYR G 111 80.54 -8.56 47.19
C TYR G 111 79.62 -9.10 46.12
N GLY G 112 78.41 -9.49 46.52
CA GLY G 112 77.46 -10.01 45.56
C GLY G 112 76.19 -10.57 46.17
N ASN G 113 75.20 -10.84 45.32
CA ASN G 113 73.93 -11.40 45.77
C ASN G 113 73.21 -12.06 44.59
N PRO G 114 72.74 -13.29 44.78
CA PRO G 114 72.04 -14.02 43.72
C PRO G 114 70.86 -13.25 43.16
N THR G 115 70.09 -12.64 44.06
CA THR G 115 68.92 -11.88 43.65
C THR G 115 69.31 -10.64 42.84
N THR G 116 70.51 -10.11 43.06
CA THR G 116 70.97 -8.92 42.36
C THR G 116 71.57 -9.22 41.00
N VAL G 117 72.53 -10.14 40.96
CA VAL G 117 73.19 -10.51 39.72
C VAL G 117 72.19 -10.64 38.57
N VAL G 118 70.99 -11.14 38.86
CA VAL G 118 69.98 -11.28 37.83
C VAL G 118 69.81 -9.90 37.22
N LEU G 119 69.44 -8.94 38.04
CA LEU G 119 69.25 -7.57 37.56
C LEU G 119 70.50 -7.11 36.81
N GLU G 120 71.66 -7.52 37.30
CA GLU G 120 72.91 -7.13 36.65
C GLU G 120 72.91 -7.63 35.20
N GLU G 121 72.85 -8.94 35.02
CA GLU G 121 72.86 -9.54 33.69
C GLU G 121 71.75 -8.98 32.80
N LYS G 122 70.55 -8.85 33.35
CA LYS G 122 69.41 -8.33 32.62
C LYS G 122 69.75 -7.01 31.91
N ILE G 123 70.23 -6.04 32.69
CA ILE G 123 70.59 -4.75 32.11
C ILE G 123 71.71 -4.95 31.10
N SER G 124 72.69 -5.78 31.46
CA SER G 124 73.81 -6.06 30.57
C SER G 124 73.26 -6.39 29.18
N ALA G 125 72.37 -7.39 29.14
CA ALA G 125 71.76 -7.80 27.89
C ALA G 125 71.17 -6.60 27.16
N LEU G 126 70.34 -5.84 27.88
CA LEU G 126 69.71 -4.68 27.27
C LEU G 126 70.76 -3.80 26.62
N GLU G 127 71.66 -3.24 27.42
CA GLU G 127 72.70 -2.37 26.88
C GLU G 127 73.67 -3.14 26.00
N GLY G 128 73.45 -4.45 25.89
CA GLY G 128 74.33 -5.26 25.07
C GLY G 128 75.77 -5.12 25.52
N ALA G 129 75.96 -5.01 26.83
CA ALA G 129 77.28 -4.85 27.43
C ALA G 129 77.90 -6.20 27.79
N GLU G 130 79.15 -6.16 28.25
CA GLU G 130 79.87 -7.37 28.65
C GLU G 130 79.51 -7.71 30.09
N SER G 131 79.38 -6.67 30.93
CA SER G 131 79.03 -6.81 32.35
C SER G 131 78.45 -5.52 32.90
N THR G 132 77.70 -5.62 33.99
CA THR G 132 77.10 -4.45 34.62
C THR G 132 77.26 -4.47 36.15
N LEU G 133 77.31 -3.28 36.74
CA LEU G 133 77.44 -3.16 38.19
C LEU G 133 76.25 -2.41 38.75
N LEU G 134 75.92 -2.64 40.02
CA LEU G 134 74.78 -1.96 40.62
C LEU G 134 75.14 -1.39 41.98
N MET G 135 75.01 -0.07 42.11
CA MET G 135 75.30 0.58 43.38
C MET G 135 73.99 0.84 44.11
N ALA G 136 74.07 1.61 45.19
CA ALA G 136 72.90 1.94 45.99
C ALA G 136 72.16 3.15 45.46
N SER G 137 72.83 3.95 44.64
CA SER G 137 72.22 5.15 44.06
C SER G 137 73.01 5.64 42.85
N GLY G 138 72.34 6.33 41.95
CA GLY G 138 73.00 6.84 40.76
C GLY G 138 74.28 7.57 41.09
N MET G 139 74.18 8.53 42.01
CA MET G 139 75.34 9.30 42.44
C MET G 139 76.49 8.38 42.84
N CYS G 140 76.18 7.37 43.63
CA CYS G 140 77.17 6.40 44.07
C CYS G 140 77.97 5.95 42.86
N ALA G 141 77.26 5.42 41.88
CA ALA G 141 77.89 4.95 40.65
C ALA G 141 78.88 5.96 40.08
N SER G 142 78.38 7.11 39.64
CA SER G 142 79.25 8.14 39.06
C SER G 142 80.46 8.37 39.96
N THR G 143 80.18 8.59 41.25
CA THR G 143 81.22 8.81 42.25
C THR G 143 82.30 7.73 42.24
N VAL G 144 81.89 6.50 42.53
CA VAL G 144 82.80 5.38 42.54
C VAL G 144 83.54 5.35 41.21
N MET G 145 82.78 5.27 40.14
CA MET G 145 83.32 5.23 38.79
C MET G 145 84.48 6.21 38.62
N LEU G 146 84.25 7.47 38.95
CA LEU G 146 85.29 8.48 38.83
C LEU G 146 86.50 8.13 39.69
N LEU G 147 86.26 7.99 41.00
CA LEU G 147 87.32 7.66 41.94
C LEU G 147 88.04 6.37 41.55
N ALA G 148 87.38 5.52 40.78
CA ALA G 148 87.96 4.26 40.35
C ALA G 148 88.82 4.33 39.09
N LEU G 149 88.38 5.09 38.10
CA LEU G 149 89.12 5.18 36.84
C LEU G 149 90.15 6.31 36.74
N VAL G 150 89.76 7.53 37.14
CA VAL G 150 90.65 8.67 37.07
C VAL G 150 91.79 8.64 38.09
N PRO G 151 93.04 8.58 37.62
CA PRO G 151 94.20 8.53 38.52
C PRO G 151 94.43 9.85 39.22
N ALA G 152 95.27 9.83 40.25
CA ALA G 152 95.60 11.02 41.02
C ALA G 152 96.26 12.02 40.09
N GLY G 153 95.83 13.27 40.17
CA GLY G 153 96.40 14.31 39.34
C GLY G 153 95.92 14.25 37.90
N GLY G 154 95.11 13.25 37.58
CA GLY G 154 94.59 13.10 36.24
C GLY G 154 93.64 14.20 35.82
N HIS G 155 93.35 14.26 34.52
CA HIS G 155 92.46 15.27 33.99
C HIS G 155 91.19 14.61 33.47
N ILE G 156 90.10 15.35 33.47
CA ILE G 156 88.83 14.82 33.00
C ILE G 156 88.09 15.89 32.19
N VAL G 157 87.19 15.45 31.33
CA VAL G 157 86.42 16.37 30.52
C VAL G 157 84.95 16.06 30.64
N THR G 158 84.18 17.09 30.95
CA THR G 158 82.75 16.94 31.08
C THR G 158 82.04 18.08 30.36
N THR G 159 80.72 18.08 30.42
CA THR G 159 79.96 19.13 29.76
C THR G 159 79.48 20.15 30.76
N THR G 160 78.88 21.22 30.27
CA THR G 160 78.40 22.28 31.12
C THR G 160 77.05 21.95 31.75
N ASP G 161 76.23 21.20 31.04
CA ASP G 161 74.90 20.83 31.53
C ASP G 161 74.91 19.61 32.43
N CYS G 162 75.86 19.55 33.36
CA CYS G 162 75.94 18.42 34.28
C CYS G 162 74.82 18.53 35.30
N TYR G 163 74.54 17.44 36.00
CA TYR G 163 73.50 17.45 37.02
C TYR G 163 74.10 18.07 38.27
N ARG G 164 73.40 19.05 38.83
CA ARG G 164 73.85 19.76 40.02
C ARG G 164 74.93 19.06 40.82
N LYS G 165 74.54 18.07 41.61
CA LYS G 165 75.49 17.35 42.46
C LYS G 165 76.69 16.77 41.74
N THR G 166 76.45 16.03 40.66
CA THR G 166 77.54 15.43 39.90
C THR G 166 78.61 16.49 39.66
N ARG G 167 78.16 17.70 39.43
CA ARG G 167 79.06 18.81 39.20
C ARG G 167 79.94 19.01 40.44
N ILE G 168 79.30 19.40 41.54
CA ILE G 168 79.97 19.65 42.82
C ILE G 168 81.06 18.65 43.16
N PHE G 169 80.73 17.36 43.10
CA PHE G 169 81.70 16.32 43.39
C PHE G 169 82.97 16.60 42.60
N ILE G 170 82.81 16.64 41.27
CA ILE G 170 83.92 16.91 40.37
C ILE G 170 84.64 18.22 40.69
N GLU G 171 83.89 19.20 41.17
CA GLU G 171 84.45 20.51 41.48
C GLU G 171 84.95 20.70 42.91
N THR G 172 84.58 19.81 43.83
CA THR G 172 85.03 19.95 45.22
C THR G 172 85.81 18.77 45.77
N ILE G 173 85.43 17.56 45.44
CA ILE G 173 86.15 16.40 45.95
C ILE G 173 87.34 16.08 45.05
N LEU G 174 87.06 15.65 43.83
CA LEU G 174 88.09 15.28 42.86
C LEU G 174 89.37 16.12 42.91
N PRO G 175 89.24 17.45 43.06
CA PRO G 175 90.45 18.27 43.12
C PRO G 175 91.36 17.88 44.28
N LYS G 176 90.77 17.32 45.33
CA LYS G 176 91.53 16.89 46.50
C LYS G 176 92.55 15.83 46.08
N MET G 177 92.22 15.14 44.98
CA MET G 177 93.09 14.11 44.43
C MET G 177 93.89 14.72 43.30
N GLY G 178 93.90 16.05 43.24
CA GLY G 178 94.63 16.76 42.21
C GLY G 178 94.07 16.51 40.83
N ILE G 179 92.83 16.04 40.77
CA ILE G 179 92.18 15.76 39.50
C ILE G 179 91.52 17.01 38.94
N THR G 180 92.11 17.56 37.88
CA THR G 180 91.59 18.77 37.25
C THR G 180 90.58 18.39 36.17
N ALA G 181 89.72 19.34 35.82
CA ALA G 181 88.70 19.10 34.81
C ALA G 181 88.44 20.28 33.88
N THR G 182 88.02 19.97 32.66
CA THR G 182 87.70 20.97 31.65
C THR G 182 86.21 20.88 31.35
N VAL G 183 85.52 22.02 31.40
CA VAL G 183 84.09 22.06 31.13
C VAL G 183 83.76 22.73 29.80
N ILE G 184 83.32 21.92 28.84
CA ILE G 184 82.97 22.41 27.52
C ILE G 184 81.48 22.28 27.29
N ASP G 185 80.98 22.95 26.26
CA ASP G 185 79.56 22.88 25.95
C ASP G 185 79.30 21.57 25.23
N PRO G 186 78.14 20.95 25.46
CA PRO G 186 77.80 19.69 24.81
C PRO G 186 78.06 19.67 23.30
N ALA G 187 77.61 20.71 22.62
CA ALA G 187 77.79 20.81 21.18
C ALA G 187 79.24 21.06 20.81
N ASP G 188 79.84 22.09 21.42
CA ASP G 188 81.21 22.48 21.17
C ASP G 188 82.22 21.34 21.09
N VAL G 189 82.26 20.67 19.94
CA VAL G 189 83.19 19.56 19.71
C VAL G 189 84.61 20.09 19.54
N GLY G 190 84.70 21.32 19.07
CA GLY G 190 86.01 21.94 18.87
C GLY G 190 86.77 21.96 20.17
N ALA G 191 86.15 22.52 21.20
CA ALA G 191 86.76 22.61 22.52
C ALA G 191 87.27 21.23 22.93
N LEU G 192 86.43 20.21 22.76
CA LEU G 192 86.82 18.86 23.10
C LEU G 192 88.08 18.50 22.35
N GLU G 193 88.01 18.53 21.02
CA GLU G 193 89.17 18.20 20.20
C GLU G 193 90.39 18.99 20.65
N LEU G 194 90.18 20.25 21.04
CA LEU G 194 91.27 21.09 21.50
C LEU G 194 91.84 20.53 22.80
N ALA G 195 91.00 20.48 23.82
CA ALA G 195 91.41 19.98 25.14
C ALA G 195 92.12 18.62 25.02
N LEU G 196 91.57 17.76 24.17
CA LEU G 196 92.13 16.45 23.95
C LEU G 196 93.63 16.54 23.66
N ASN G 197 94.02 17.60 22.95
CA ASN G 197 95.41 17.82 22.58
C ASN G 197 96.17 18.62 23.64
N GLN G 198 95.52 19.67 24.15
CA GLN G 198 96.12 20.53 25.16
C GLN G 198 96.64 19.70 26.34
N LYS G 199 95.70 19.14 27.11
CA LYS G 199 96.05 18.31 28.27
C LYS G 199 95.91 16.82 27.94
N LYS G 200 96.22 15.98 28.92
CA LYS G 200 96.13 14.53 28.75
C LYS G 200 94.85 14.04 29.40
N VAL G 201 93.79 13.92 28.62
CA VAL G 201 92.49 13.49 29.14
C VAL G 201 92.41 12.01 29.48
N ASN G 202 92.08 11.73 30.74
CA ASN G 202 91.95 10.36 31.22
C ASN G 202 90.62 9.78 30.82
N LEU G 203 89.58 10.60 30.92
CA LEU G 203 88.22 10.16 30.57
C LEU G 203 87.25 11.32 30.32
N PHE G 204 86.46 11.17 29.27
CA PHE G 204 85.46 12.16 28.94
C PHE G 204 84.16 11.63 29.54
N PHE G 205 83.45 12.49 30.26
CA PHE G 205 82.22 12.03 30.86
C PHE G 205 81.10 13.02 30.68
N THR G 206 79.91 12.52 30.37
CA THR G 206 78.77 13.39 30.17
C THR G 206 77.49 12.60 30.10
N GLU G 207 76.38 13.33 30.11
CA GLU G 207 75.05 12.75 30.05
C GLU G 207 74.35 13.21 28.77
N SER G 208 73.72 12.28 28.05
CA SER G 208 73.02 12.61 26.82
C SER G 208 71.78 11.73 26.65
N PRO G 209 70.59 12.34 26.66
CA PRO G 209 70.36 13.78 26.81
C PRO G 209 70.90 14.35 28.12
N THR G 210 70.94 15.66 28.19
CA THR G 210 71.45 16.39 29.35
C THR G 210 70.32 16.82 30.27
N ASN G 211 70.66 17.49 31.37
CA ASN G 211 69.66 17.95 32.32
C ASN G 211 69.92 19.41 32.65
N PRO G 212 68.88 20.26 32.58
CA PRO G 212 67.49 19.94 32.22
C PRO G 212 67.11 20.28 30.78
N PHE G 213 68.05 20.83 30.02
CA PHE G 213 67.77 21.21 28.64
C PHE G 213 67.91 20.07 27.65
N LEU G 214 68.00 18.86 28.18
CA LEU G 214 68.11 17.67 27.34
C LEU G 214 69.03 17.80 26.15
N ARG G 215 70.15 18.50 26.32
CA ARG G 215 71.08 18.64 25.21
C ARG G 215 71.65 17.25 24.92
N CYS G 216 72.04 16.98 23.69
CA CYS G 216 72.57 15.67 23.33
C CYS G 216 73.98 15.74 22.75
N VAL G 217 74.76 14.69 22.97
CA VAL G 217 76.14 14.64 22.47
C VAL G 217 76.26 13.60 21.37
N ASP G 218 76.93 13.96 20.27
CA ASP G 218 77.10 13.01 19.19
C ASP G 218 78.06 11.92 19.63
N ILE G 219 77.53 11.01 20.44
CA ILE G 219 78.31 9.91 20.98
C ILE G 219 79.33 9.36 20.01
N GLU G 220 78.86 8.80 18.91
CA GLU G 220 79.75 8.23 17.91
C GLU G 220 80.92 9.14 17.57
N LEU G 221 80.62 10.40 17.27
CA LEU G 221 81.67 11.34 16.95
C LEU G 221 82.64 11.44 18.11
N VAL G 222 82.16 11.95 19.25
CA VAL G 222 82.98 12.09 20.44
C VAL G 222 83.79 10.84 20.74
N SER G 223 83.11 9.69 20.77
CA SER G 223 83.77 8.42 21.01
C SER G 223 85.02 8.33 20.15
N LYS G 224 84.86 8.61 18.87
CA LYS G 224 85.96 8.55 17.93
C LYS G 224 87.13 9.42 18.37
N LEU G 225 86.88 10.71 18.52
CA LEU G 225 87.91 11.66 18.92
C LEU G 225 88.65 11.26 20.18
N CYS G 226 87.91 11.01 21.26
CA CYS G 226 88.51 10.64 22.53
C CYS G 226 89.39 9.40 22.45
N HIS G 227 88.90 8.35 21.80
CA HIS G 227 89.67 7.12 21.66
C HIS G 227 90.94 7.33 20.86
N GLU G 228 90.95 8.36 20.03
CA GLU G 228 92.12 8.67 19.22
C GLU G 228 93.25 9.17 20.12
N LYS G 229 92.87 9.74 21.26
CA LYS G 229 93.83 10.27 22.22
C LYS G 229 93.94 9.42 23.48
N GLY G 230 93.33 8.24 23.46
CA GLY G 230 93.39 7.34 24.60
C GLY G 230 92.42 7.59 25.74
N ALA G 231 91.66 8.68 25.67
CA ALA G 231 90.71 9.01 26.73
C ALA G 231 89.53 8.04 26.74
N LEU G 232 88.86 7.95 27.88
CA LEU G 232 87.73 7.06 28.02
C LEU G 232 86.44 7.86 27.98
N VAL G 233 85.37 7.26 27.45
CA VAL G 233 84.10 7.94 27.36
C VAL G 233 83.00 7.29 28.17
N CYS G 234 82.41 8.07 29.07
CA CYS G 234 81.34 7.58 29.91
C CYS G 234 80.11 8.44 29.67
N ILE G 235 79.02 7.79 29.32
CA ILE G 235 77.78 8.50 29.07
C ILE G 235 76.73 8.16 30.10
N ASP G 236 76.10 9.19 30.63
CA ASP G 236 75.04 9.01 31.59
C ASP G 236 73.74 9.04 30.78
N GLY G 237 73.31 7.88 30.30
CA GLY G 237 72.11 7.84 29.49
C GLY G 237 70.82 7.76 30.29
N THR G 238 70.86 8.24 31.53
CA THR G 238 69.69 8.19 32.40
C THR G 238 68.40 8.57 31.67
N PHE G 239 68.37 9.77 31.12
CA PHE G 239 67.20 10.29 30.43
C PHE G 239 66.82 9.49 29.19
N ALA G 240 67.83 8.94 28.53
CA ALA G 240 67.60 8.17 27.32
C ALA G 240 66.99 6.79 27.55
N THR G 241 67.59 6.02 28.45
CA THR G 241 67.13 4.67 28.76
C THR G 241 67.75 3.74 27.74
N PRO G 242 68.14 2.53 28.16
CA PRO G 242 68.76 1.58 27.21
C PRO G 242 67.86 1.26 26.00
N LEU G 243 66.61 1.69 26.05
CA LEU G 243 65.68 1.44 24.95
C LEU G 243 65.75 2.51 23.86
N ASN G 244 65.89 3.77 24.27
CA ASN G 244 65.94 4.87 23.32
C ASN G 244 67.30 5.10 22.69
N GLN G 245 68.32 4.37 23.18
CA GLN G 245 69.67 4.52 22.64
C GLN G 245 70.66 3.56 23.30
N LYS G 246 71.68 3.17 22.54
CA LYS G 246 72.69 2.25 23.04
C LYS G 246 74.05 2.89 22.98
N ALA G 247 74.37 3.71 23.96
CA ALA G 247 75.65 4.41 24.02
C ALA G 247 76.83 3.50 23.73
N LEU G 248 76.78 2.30 24.31
CA LEU G 248 77.86 1.34 24.12
C LEU G 248 78.07 1.01 22.64
N ALA G 249 76.98 0.76 21.93
CA ALA G 249 77.04 0.44 20.51
C ALA G 249 77.61 1.60 19.71
N LEU G 250 77.24 2.82 20.08
CA LEU G 250 77.72 4.00 19.37
C LEU G 250 79.21 4.24 19.59
N GLY G 251 79.82 3.43 20.45
CA GLY G 251 81.24 3.59 20.70
C GLY G 251 81.66 3.87 22.14
N ALA G 252 80.74 4.42 22.94
CA ALA G 252 81.03 4.73 24.33
C ALA G 252 81.69 3.57 25.10
N ASP G 253 82.57 3.90 26.03
CA ASP G 253 83.25 2.89 26.83
C ASP G 253 82.35 2.44 27.95
N LEU G 254 81.73 3.41 28.62
CA LEU G 254 80.84 3.13 29.73
C LEU G 254 79.56 3.95 29.70
N VAL G 255 78.46 3.28 29.99
CA VAL G 255 77.17 3.91 30.04
C VAL G 255 76.58 3.62 31.41
N LEU G 256 76.16 4.66 32.11
CA LEU G 256 75.58 4.48 33.42
C LEU G 256 74.18 5.07 33.48
N HIS G 257 73.38 4.58 34.42
CA HIS G 257 72.02 5.05 34.60
C HIS G 257 71.67 5.20 36.07
N SER G 258 70.63 5.98 36.32
CA SER G 258 70.13 6.16 37.67
C SER G 258 68.84 5.37 37.67
N ALA G 259 68.95 4.09 38.03
CA ALA G 259 67.80 3.20 38.04
C ALA G 259 66.65 3.80 38.84
N THR G 260 66.95 4.81 39.64
CA THR G 260 65.94 5.47 40.44
C THR G 260 64.80 6.02 39.59
N LYS G 261 65.12 6.41 38.35
CA LYS G 261 64.14 6.99 37.44
C LYS G 261 63.29 6.04 36.59
N PHE G 262 63.72 5.86 35.34
CA PHE G 262 63.00 5.01 34.40
C PHE G 262 63.08 3.52 34.68
N LEU G 263 64.29 3.00 34.86
CA LEU G 263 64.48 1.58 35.11
C LEU G 263 63.53 1.03 36.19
N GLY G 264 63.44 1.71 37.32
CA GLY G 264 62.53 1.28 38.37
C GLY G 264 61.16 1.87 38.06
N GLY G 265 61.20 3.05 37.44
CA GLY G 265 60.01 3.76 37.02
C GLY G 265 58.76 3.70 37.87
N HIS G 266 58.90 3.56 39.18
CA HIS G 266 57.72 3.51 40.01
C HIS G 266 57.84 4.46 41.20
N ASN G 267 58.91 5.23 41.20
CA ASN G 267 59.17 6.21 42.25
C ASN G 267 59.09 5.60 43.65
N ASP G 268 59.81 4.51 43.85
CA ASP G 268 59.83 3.85 45.14
C ASP G 268 61.13 3.12 45.37
N VAL G 269 62.22 3.63 44.82
CA VAL G 269 63.53 2.99 45.01
C VAL G 269 64.67 3.74 44.34
N LEU G 270 65.84 3.71 44.99
CA LEU G 270 67.03 4.35 44.44
C LEU G 270 67.98 3.24 44.04
N ALA G 271 68.78 3.50 43.01
CA ALA G 271 69.74 2.52 42.54
C ALA G 271 70.62 3.06 41.43
N GLY G 272 71.92 2.80 41.55
CA GLY G 272 72.88 3.24 40.55
C GLY G 272 73.13 2.04 39.67
N CYS G 273 73.65 2.28 38.46
CA CYS G 273 73.91 1.18 37.55
C CYS G 273 74.89 1.56 36.45
N ILE G 274 75.95 0.79 36.33
CA ILE G 274 76.98 1.05 35.32
C ILE G 274 77.22 -0.21 34.50
N SER G 275 77.22 -0.07 33.17
CA SER G 275 77.45 -1.21 32.28
C SER G 275 78.57 -0.94 31.30
N GLY G 276 79.23 -1.99 30.84
CA GLY G 276 80.32 -1.85 29.89
C GLY G 276 81.22 -3.07 29.78
N PRO G 277 82.46 -2.90 29.28
CA PRO G 277 83.41 -4.00 29.12
C PRO G 277 83.95 -4.50 30.45
N LEU G 278 84.09 -5.82 30.58
CA LEU G 278 84.59 -6.45 31.80
C LEU G 278 85.85 -5.77 32.35
N LYS G 279 86.94 -5.87 31.59
CA LYS G 279 88.21 -5.27 31.98
C LYS G 279 88.03 -3.92 32.65
N LEU G 280 86.99 -3.20 32.24
CA LEU G 280 86.72 -1.88 32.78
C LEU G 280 85.81 -1.91 34.01
N VAL G 281 84.59 -2.40 33.83
CA VAL G 281 83.63 -2.45 34.92
C VAL G 281 84.19 -3.12 36.18
N SER G 282 84.97 -4.20 35.99
CA SER G 282 85.56 -4.92 37.12
C SER G 282 86.45 -4.02 37.99
N GLU G 283 87.29 -3.20 37.34
CA GLU G 283 88.18 -2.29 38.05
C GLU G 283 87.38 -1.40 39.00
N ILE G 284 86.11 -1.22 38.68
CA ILE G 284 85.24 -0.40 39.50
C ILE G 284 84.62 -1.26 40.60
N ARG G 285 84.15 -2.44 40.23
CA ARG G 285 83.56 -3.35 41.19
C ARG G 285 84.49 -3.53 42.37
N ASN G 286 85.78 -3.59 42.07
CA ASN G 286 86.80 -3.76 43.10
C ASN G 286 86.68 -2.63 44.12
N LEU G 287 86.92 -1.40 43.69
CA LEU G 287 86.83 -0.27 44.60
C LEU G 287 85.44 -0.25 45.25
N HIS G 288 84.44 -0.72 44.52
CA HIS G 288 83.08 -0.76 45.03
C HIS G 288 82.99 -1.69 46.22
N HIS G 289 83.74 -2.78 46.17
CA HIS G 289 83.75 -3.76 47.26
C HIS G 289 84.35 -3.18 48.54
N ILE G 290 84.81 -1.93 48.46
CA ILE G 290 85.40 -1.27 49.62
C ILE G 290 84.57 -0.10 50.08
N LEU G 291 84.20 0.77 49.14
CA LEU G 291 83.39 1.93 49.50
C LEU G 291 82.05 1.45 50.09
N GLY G 292 81.75 0.18 49.88
CA GLY G 292 80.53 -0.41 50.40
C GLY G 292 79.22 0.31 50.15
N GLY G 293 78.85 0.47 48.88
CA GLY G 293 77.59 1.12 48.55
C GLY G 293 76.66 0.07 47.98
N ALA G 294 76.81 -1.15 48.46
CA ALA G 294 76.02 -2.28 48.01
C ALA G 294 74.53 -1.97 47.92
N LEU G 295 73.86 -2.62 46.99
CA LEU G 295 72.43 -2.43 46.78
C LEU G 295 71.67 -3.57 47.45
N ASN G 296 70.66 -3.23 48.24
CA ASN G 296 69.89 -4.24 48.94
C ASN G 296 69.08 -5.13 48.01
N PRO G 297 68.99 -6.42 48.32
CA PRO G 297 68.24 -7.38 47.50
C PRO G 297 66.83 -6.92 47.20
N ASN G 298 66.11 -6.49 48.23
CA ASN G 298 64.74 -6.03 48.06
C ASN G 298 64.65 -4.95 47.01
N ALA G 299 65.57 -3.99 47.04
CA ALA G 299 65.55 -2.92 46.06
C ALA G 299 65.76 -3.57 44.69
N ALA G 300 66.80 -4.38 44.57
CA ALA G 300 67.10 -5.06 43.32
C ALA G 300 65.85 -5.65 42.73
N TYR G 301 65.14 -6.45 43.52
CA TYR G 301 63.93 -7.09 43.03
C TYR G 301 62.92 -6.08 42.50
N LEU G 302 62.62 -5.06 43.28
CA LEU G 302 61.66 -4.05 42.86
C LEU G 302 62.01 -3.52 41.48
N ILE G 303 63.30 -3.43 41.19
CA ILE G 303 63.74 -2.96 39.89
C ILE G 303 63.47 -4.03 38.86
N ILE G 304 63.84 -5.26 39.17
CA ILE G 304 63.61 -6.37 38.26
C ILE G 304 62.14 -6.43 37.89
N ARG G 305 61.28 -6.14 38.86
CA ARG G 305 59.85 -6.14 38.66
C ARG G 305 59.44 -4.98 37.79
N GLY G 306 60.05 -3.82 38.05
CA GLY G 306 59.73 -2.63 37.27
C GLY G 306 60.10 -2.80 35.82
N MET G 307 61.31 -3.29 35.57
CA MET G 307 61.79 -3.49 34.22
C MET G 307 60.97 -4.51 33.45
N LYS G 308 60.10 -5.23 34.15
CA LYS G 308 59.26 -6.22 33.50
C LYS G 308 58.38 -5.52 32.49
N THR G 309 58.10 -4.25 32.72
CA THR G 309 57.26 -3.45 31.84
C THR G 309 57.99 -2.19 31.44
N LEU G 310 59.29 -2.30 31.22
CA LEU G 310 60.10 -1.17 30.85
C LEU G 310 59.66 -0.56 29.52
N HIS G 311 59.66 -1.37 28.47
CA HIS G 311 59.27 -0.91 27.15
C HIS G 311 57.89 -0.25 27.16
N LEU G 312 56.91 -0.97 27.67
CA LEU G 312 55.56 -0.44 27.72
C LEU G 312 55.54 0.97 28.33
N ARG G 313 56.24 1.14 29.44
CA ARG G 313 56.27 2.44 30.11
C ARG G 313 56.99 3.49 29.28
N VAL G 314 58.14 3.14 28.72
CA VAL G 314 58.89 4.09 27.92
C VAL G 314 58.07 4.50 26.69
N GLN G 315 57.56 3.50 25.99
CA GLN G 315 56.76 3.73 24.79
C GLN G 315 55.79 4.86 25.00
N GLN G 316 54.86 4.64 25.93
CA GLN G 316 53.84 5.64 26.23
C GLN G 316 54.44 7.00 26.54
N GLN G 317 55.42 7.02 27.43
CA GLN G 317 56.05 8.27 27.81
C GLN G 317 56.68 8.96 26.61
N ASN G 318 57.37 8.19 25.78
CA ASN G 318 58.00 8.75 24.59
C ASN G 318 56.97 9.50 23.75
N SER G 319 55.76 8.98 23.69
CA SER G 319 54.69 9.63 22.94
C SER G 319 54.25 10.88 23.67
N THR G 320 53.42 10.69 24.70
CA THR G 320 52.92 11.79 25.50
C THR G 320 53.87 12.97 25.47
N ALA G 321 55.12 12.71 25.84
CA ALA G 321 56.13 13.75 25.85
C ALA G 321 56.09 14.52 24.56
N LEU G 322 56.58 13.85 23.50
CA LEU G 322 56.62 14.43 22.17
C LEU G 322 55.37 15.21 21.83
N ARG G 323 54.23 14.53 21.83
CA ARG G 323 52.97 15.18 21.51
C ARG G 323 52.74 16.41 22.39
N MET G 324 52.91 16.25 23.70
CA MET G 324 52.73 17.36 24.63
C MET G 324 53.75 18.47 24.35
N ALA G 325 54.94 18.09 23.92
CA ALA G 325 55.96 19.09 23.61
C ALA G 325 55.43 20.02 22.53
N GLU G 326 55.16 19.47 21.35
CA GLU G 326 54.65 20.25 20.22
C GLU G 326 53.53 21.17 20.67
N ILE G 327 52.51 20.59 21.26
CA ILE G 327 51.36 21.36 21.72
C ILE G 327 51.85 22.57 22.51
N LEU G 328 52.81 22.34 23.40
CA LEU G 328 53.34 23.40 24.24
C LEU G 328 54.06 24.48 23.43
N GLU G 329 54.95 24.06 22.54
CA GLU G 329 55.69 25.00 21.72
C GLU G 329 54.72 25.94 21.00
N ALA G 330 53.64 25.38 20.49
CA ALA G 330 52.64 26.15 19.76
C ALA G 330 51.85 27.08 20.68
N HIS G 331 51.82 26.76 21.97
CA HIS G 331 51.08 27.57 22.92
C HIS G 331 51.65 28.98 23.04
N PRO G 332 50.77 29.99 23.10
CA PRO G 332 51.18 31.39 23.20
C PRO G 332 51.85 31.74 24.52
N LYS G 333 51.41 31.13 25.61
CA LYS G 333 51.98 31.40 26.92
C LYS G 333 53.32 30.68 27.17
N VAL G 334 53.67 29.77 26.28
CA VAL G 334 54.93 29.03 26.40
C VAL G 334 56.00 29.74 25.57
N ARG G 335 56.95 30.37 26.25
CA ARG G 335 58.01 31.11 25.59
C ARG G 335 59.04 30.24 24.86
N HIS G 336 59.35 29.07 25.40
CA HIS G 336 60.32 28.18 24.77
C HIS G 336 60.15 26.74 25.22
N VAL G 337 60.56 25.80 24.38
CA VAL G 337 60.45 24.37 24.70
C VAL G 337 61.74 23.61 24.37
N TYR G 338 62.18 22.78 25.32
CA TYR G 338 63.38 21.98 25.13
C TYR G 338 62.99 20.51 25.05
N TYR G 339 63.33 19.88 23.94
CA TYR G 339 63.02 18.47 23.73
C TYR G 339 63.72 18.01 22.45
N PRO G 340 64.59 17.00 22.55
CA PRO G 340 65.32 16.48 21.39
C PRO G 340 64.41 16.09 20.22
N GLY G 341 63.15 15.80 20.53
CA GLY G 341 62.21 15.42 19.48
C GLY G 341 61.79 16.57 18.59
N LEU G 342 61.74 17.77 19.16
CA LEU G 342 61.35 18.94 18.40
C LEU G 342 62.42 19.27 17.36
N GLN G 343 62.02 19.97 16.29
CA GLN G 343 62.95 20.36 15.25
C GLN G 343 63.69 21.60 15.74
N SER G 344 63.07 22.29 16.68
CA SER G 344 63.64 23.51 17.25
C SER G 344 64.85 23.22 18.14
N HIS G 345 64.99 21.97 18.57
CA HIS G 345 66.10 21.59 19.44
C HIS G 345 67.45 21.63 18.73
N PRO G 346 68.44 22.30 19.35
CA PRO G 346 69.80 22.45 18.83
C PRO G 346 70.46 21.18 18.28
N GLU G 347 70.28 20.05 18.94
CA GLU G 347 70.88 18.81 18.46
C GLU G 347 69.85 17.80 17.99
N HIS G 348 68.74 18.31 17.47
CA HIS G 348 67.67 17.45 16.97
C HIS G 348 68.16 16.49 15.90
N HIS G 349 69.09 16.94 15.06
CA HIS G 349 69.60 16.09 14.00
C HIS G 349 70.42 14.95 14.57
N ILE G 350 71.09 15.19 15.69
CA ILE G 350 71.88 14.16 16.34
C ILE G 350 70.95 13.20 17.06
N ALA G 351 70.01 13.76 17.81
CA ALA G 351 69.06 12.95 18.53
C ALA G 351 68.38 12.01 17.55
N LYS G 352 67.96 12.56 16.41
CA LYS G 352 67.29 11.80 15.37
C LYS G 352 68.20 10.72 14.81
N LYS G 353 69.50 10.96 14.88
CA LYS G 353 70.49 10.02 14.35
C LYS G 353 70.94 8.91 15.30
N GLN G 354 70.94 9.18 16.60
CA GLN G 354 71.38 8.17 17.56
C GLN G 354 70.28 7.62 18.46
N MET G 355 69.14 8.31 18.52
CA MET G 355 68.04 7.86 19.36
C MET G 355 66.88 7.31 18.52
N THR G 356 65.95 6.65 19.20
CA THR G 356 64.78 6.08 18.56
C THR G 356 63.56 6.64 19.27
N GLY G 357 63.83 7.30 20.39
CA GLY G 357 62.79 7.92 21.18
C GLY G 357 63.42 9.15 21.79
N PHE G 358 62.65 9.94 22.54
CA PHE G 358 63.21 11.15 23.14
C PHE G 358 62.85 11.34 24.60
N GLY G 359 62.77 10.23 25.34
CA GLY G 359 62.45 10.31 26.74
C GLY G 359 61.04 10.79 27.00
N GLY G 360 60.74 11.08 28.26
CA GLY G 360 59.43 11.55 28.61
C GLY G 360 59.54 12.85 29.37
N ALA G 361 60.76 13.34 29.50
CA ALA G 361 61.03 14.58 30.20
C ALA G 361 60.96 15.74 29.22
N VAL G 362 60.28 16.81 29.62
CA VAL G 362 60.15 17.99 28.78
C VAL G 362 60.32 19.26 29.59
N SER G 363 61.25 20.09 29.16
CA SER G 363 61.51 21.35 29.85
C SER G 363 61.02 22.49 28.98
N PHE G 364 60.43 23.51 29.60
CA PHE G 364 59.95 24.66 28.86
C PHE G 364 59.83 25.86 29.77
N GLU G 365 60.22 27.02 29.24
CA GLU G 365 60.15 28.25 29.99
C GLU G 365 58.78 28.87 29.76
N VAL G 366 58.17 29.38 30.83
CA VAL G 366 56.86 30.00 30.72
C VAL G 366 56.99 31.50 30.53
N ASP G 367 56.03 32.09 29.82
CA ASP G 367 56.04 33.53 29.56
C ASP G 367 55.54 34.31 30.79
N GLY G 368 56.43 34.45 31.76
CA GLY G 368 56.09 35.16 32.99
C GLY G 368 57.34 35.23 33.84
N ASP G 369 57.16 35.28 35.16
CA ASP G 369 58.31 35.33 36.04
C ASP G 369 58.19 34.29 37.14
N LEU G 370 59.09 34.37 38.11
CA LEU G 370 59.09 33.43 39.23
C LEU G 370 57.68 33.15 39.71
N LEU G 371 57.10 34.14 40.39
CA LEU G 371 55.75 34.01 40.93
C LEU G 371 54.73 33.52 39.90
N THR G 372 54.85 34.00 38.67
CA THR G 372 53.92 33.60 37.63
C THR G 372 54.10 32.11 37.35
N THR G 373 55.32 31.72 36.98
CA THR G 373 55.62 30.32 36.69
C THR G 373 55.08 29.43 37.80
N ALA G 374 55.35 29.84 39.03
CA ALA G 374 54.90 29.10 40.21
C ALA G 374 53.40 28.91 40.14
N LYS G 375 52.70 30.01 39.94
CA LYS G 375 51.24 30.01 39.85
C LYS G 375 50.78 28.90 38.90
N PHE G 376 51.55 28.70 37.83
CA PHE G 376 51.23 27.68 36.85
C PHE G 376 51.29 26.29 37.46
N VAL G 377 52.49 25.89 37.87
CA VAL G 377 52.67 24.59 38.47
C VAL G 377 51.65 24.37 39.58
N ASP G 378 51.42 25.39 40.40
CA ASP G 378 50.47 25.29 41.49
C ASP G 378 49.07 24.92 40.98
N ALA G 379 48.77 25.32 39.76
CA ALA G 379 47.47 25.05 39.15
C ALA G 379 47.30 23.58 38.76
N LEU G 380 48.41 22.97 38.35
CA LEU G 380 48.39 21.57 37.95
C LEU G 380 47.71 20.71 39.01
N LYS G 381 46.98 19.70 38.56
CA LYS G 381 46.26 18.83 39.48
C LYS G 381 46.76 17.40 39.50
N ILE G 382 47.37 16.96 38.41
CA ILE G 382 47.86 15.59 38.33
C ILE G 382 49.29 15.35 38.79
N PRO G 383 50.26 16.06 38.20
CA PRO G 383 51.65 15.83 38.62
C PRO G 383 51.97 16.29 40.04
N TYR G 384 52.96 15.64 40.64
CA TYR G 384 53.41 15.97 41.99
C TYR G 384 54.58 16.95 41.84
N ILE G 385 54.60 17.99 42.66
CA ILE G 385 55.69 18.95 42.60
C ILE G 385 56.82 18.35 43.42
N ALA G 386 57.84 17.82 42.76
CA ALA G 386 58.94 17.21 43.49
C ALA G 386 60.09 16.91 42.56
N PRO G 387 61.22 16.45 43.12
CA PRO G 387 62.38 16.13 42.28
C PRO G 387 62.13 14.79 41.58
N SER G 388 63.16 14.18 41.02
CA SER G 388 63.03 12.89 40.33
C SER G 388 62.13 12.92 39.08
N PHE G 389 62.07 11.79 38.37
CA PHE G 389 61.25 11.70 37.16
C PHE G 389 61.32 10.29 36.58
N GLY G 390 60.43 9.99 35.65
CA GLY G 390 60.46 8.68 35.02
C GLY G 390 59.53 7.64 35.59
N GLY G 391 58.78 8.01 36.61
CA GLY G 391 57.87 7.05 37.20
C GLY G 391 56.50 7.18 36.59
N CYS G 392 55.67 6.15 36.77
CA CYS G 392 54.32 6.18 36.25
C CYS G 392 53.62 7.45 36.68
N GLU G 393 53.95 7.93 37.88
CA GLU G 393 53.35 9.16 38.38
C GLU G 393 54.07 10.36 37.74
N SER G 394 53.27 11.31 37.25
CA SER G 394 53.83 12.49 36.61
C SER G 394 54.36 13.44 37.66
N ILE G 395 55.49 14.09 37.37
CA ILE G 395 56.11 15.03 38.29
C ILE G 395 56.57 16.31 37.62
N VAL G 396 56.43 17.42 38.34
CA VAL G 396 56.83 18.75 37.85
C VAL G 396 57.66 19.44 38.90
N ASP G 397 58.46 20.41 38.47
CA ASP G 397 59.30 21.17 39.38
C ASP G 397 59.91 22.38 38.69
N GLN G 398 60.29 23.38 39.49
CA GLN G 398 60.88 24.59 38.99
C GLN G 398 62.36 24.60 39.36
N PRO G 399 63.21 23.99 38.52
CA PRO G 399 64.65 23.91 38.73
C PRO G 399 65.22 25.07 39.53
N ALA G 400 64.82 26.28 39.16
CA ALA G 400 65.29 27.48 39.83
C ALA G 400 65.19 27.31 41.34
N ILE G 401 64.03 26.85 41.80
CA ILE G 401 63.80 26.65 43.21
C ILE G 401 64.15 25.23 43.65
N MET G 402 63.60 24.26 42.94
CA MET G 402 63.80 22.85 43.25
C MET G 402 65.23 22.41 43.50
N SER G 403 66.20 22.99 42.81
CA SER G 403 67.59 22.58 42.99
C SER G 403 68.61 23.68 42.77
N TYR G 404 68.21 24.93 42.94
CA TYR G 404 69.14 26.03 42.75
C TYR G 404 68.81 27.25 43.60
N TRP G 405 67.77 27.14 44.43
CA TRP G 405 67.37 28.25 45.29
C TRP G 405 68.48 28.70 46.23
N ASP G 406 69.49 27.87 46.42
CA ASP G 406 70.59 28.21 47.29
C ASP G 406 71.50 29.25 46.65
N LEU G 407 71.21 29.58 45.39
CA LEU G 407 72.02 30.54 44.67
C LEU G 407 71.27 31.84 44.39
N SER G 408 72.02 32.86 43.98
CA SER G 408 71.45 34.17 43.69
C SER G 408 70.87 34.20 42.28
N GLN G 409 69.91 35.09 42.05
CA GLN G 409 69.28 35.24 40.74
C GLN G 409 70.31 35.36 39.63
N SER G 410 71.44 35.99 39.93
CA SER G 410 72.51 36.18 38.96
C SER G 410 73.32 34.92 38.79
N ASP G 411 73.73 34.32 39.91
CA ASP G 411 74.50 33.09 39.89
C ASP G 411 73.66 31.99 39.25
N ARG G 412 72.34 32.10 39.39
CA ARG G 412 71.44 31.11 38.83
C ARG G 412 71.51 31.17 37.32
N ALA G 413 71.31 32.38 36.78
CA ALA G 413 71.33 32.59 35.35
C ALA G 413 72.67 32.19 34.75
N LYS G 414 73.70 32.11 35.59
CA LYS G 414 75.03 31.72 35.13
C LYS G 414 74.96 30.41 34.33
N TYR G 415 73.91 29.63 34.54
CA TYR G 415 73.78 28.36 33.85
C TYR G 415 72.41 28.12 33.24
N GLY G 416 71.89 29.14 32.57
CA GLY G 416 70.60 29.05 31.91
C GLY G 416 69.36 28.84 32.78
N ILE G 417 69.56 28.47 34.04
CA ILE G 417 68.44 28.25 34.94
C ILE G 417 67.63 29.54 35.07
N MET G 418 66.44 29.55 34.46
CA MET G 418 65.58 30.72 34.51
C MET G 418 64.44 30.49 35.49
N ASP G 419 63.84 31.58 35.96
CA ASP G 419 62.72 31.48 36.89
C ASP G 419 61.46 31.00 36.16
N ASN G 420 61.54 30.92 34.84
CA ASN G 420 60.41 30.47 34.02
C ASN G 420 60.52 28.98 33.76
N LEU G 421 61.75 28.54 33.53
CA LEU G 421 62.07 27.15 33.25
C LEU G 421 61.26 26.16 34.08
N VAL G 422 60.51 25.31 33.39
CA VAL G 422 59.69 24.30 34.04
C VAL G 422 60.02 22.94 33.45
N ARG G 423 60.35 21.98 34.32
CA ARG G 423 60.68 20.65 33.87
C ARG G 423 59.52 19.71 34.13
N PHE G 424 58.91 19.21 33.07
CA PHE G 424 57.78 18.30 33.21
C PHE G 424 58.17 16.87 32.90
N SER G 425 58.02 15.99 33.89
CA SER G 425 58.33 14.58 33.71
C SER G 425 56.99 13.88 33.55
N PHE G 426 56.61 13.65 32.31
CA PHE G 426 55.34 13.00 32.03
C PHE G 426 55.33 11.58 32.55
N GLY G 427 54.29 11.27 33.30
CA GLY G 427 54.13 9.94 33.86
C GLY G 427 53.62 8.98 32.80
N VAL G 428 52.57 8.24 33.14
CA VAL G 428 52.01 7.27 32.22
C VAL G 428 50.49 7.45 32.14
N GLU G 429 49.99 8.43 32.88
CA GLU G 429 48.56 8.72 32.88
C GLU G 429 48.12 8.91 31.43
N ASP G 430 46.83 8.79 31.16
CA ASP G 430 46.33 8.97 29.81
C ASP G 430 46.71 10.34 29.28
N PHE G 431 47.12 10.40 28.03
CA PHE G 431 47.52 11.64 27.41
C PHE G 431 46.49 12.74 27.61
N ASP G 432 45.29 12.51 27.07
CA ASP G 432 44.20 13.48 27.18
C ASP G 432 44.09 14.07 28.58
N ASP G 433 44.11 13.18 29.59
CA ASP G 433 44.00 13.60 30.98
C ASP G 433 45.11 14.57 31.35
N LEU G 434 46.33 14.28 30.88
CA LEU G 434 47.45 15.16 31.16
C LEU G 434 47.31 16.49 30.43
N LYS G 435 47.14 16.42 29.12
CA LYS G 435 47.00 17.60 28.27
C LYS G 435 45.98 18.57 28.86
N ALA G 436 44.76 18.09 29.03
CA ALA G 436 43.69 18.90 29.58
C ALA G 436 44.20 19.60 30.83
N ASP G 437 44.89 18.85 31.68
CA ASP G 437 45.43 19.41 32.91
C ASP G 437 46.42 20.53 32.62
N ILE G 438 47.49 20.23 31.89
CA ILE G 438 48.49 21.24 31.54
C ILE G 438 47.80 22.45 30.92
N LEU G 439 46.84 22.20 30.05
CA LEU G 439 46.10 23.27 29.38
C LEU G 439 45.43 24.20 30.38
N GLN G 440 44.49 23.64 31.13
CA GLN G 440 43.75 24.39 32.14
C GLN G 440 44.71 25.19 33.03
N ALA G 441 45.80 24.55 33.46
CA ALA G 441 46.79 25.19 34.32
C ALA G 441 47.51 26.33 33.62
N LEU G 442 47.40 26.37 32.30
CA LEU G 442 48.06 27.40 31.53
C LEU G 442 47.12 28.57 31.23
N ASP G 443 45.84 28.27 31.11
CA ASP G 443 44.84 29.29 30.83
C ASP G 443 44.72 30.28 31.97
N SER G 444 44.76 29.77 33.20
CA SER G 444 44.63 30.61 34.38
C SER G 444 45.82 31.57 34.54
N ILE G 445 46.58 31.77 33.47
CA ILE G 445 47.74 32.67 33.51
C ILE G 445 47.65 33.69 32.38
N TYR H 50 64.26 -33.61 64.51
CA TYR H 50 65.16 -33.10 63.43
C TYR H 50 66.54 -33.73 63.53
N ALA H 51 67.43 -33.09 64.29
CA ALA H 51 68.80 -33.57 64.45
C ALA H 51 69.07 -34.29 65.76
N SER H 52 70.34 -34.61 65.97
CA SER H 52 70.80 -35.32 67.16
C SER H 52 71.61 -34.41 68.05
N PHE H 53 72.46 -33.60 67.42
CA PHE H 53 73.30 -32.66 68.15
C PHE H 53 72.47 -31.51 68.68
N LEU H 54 71.20 -31.47 68.30
CA LEU H 54 70.29 -30.44 68.75
C LEU H 54 69.36 -31.02 69.80
N ASN H 55 69.44 -30.50 71.02
CA ASN H 55 68.63 -30.99 72.12
C ASN H 55 67.68 -29.92 72.69
N SER H 56 68.15 -28.68 72.77
CA SER H 56 67.34 -27.60 73.31
C SER H 56 66.42 -26.97 72.25
N ASP H 57 65.21 -26.62 72.67
CA ASP H 57 64.22 -26.01 71.78
C ASP H 57 64.79 -24.79 71.08
N GLY H 58 65.29 -23.83 71.87
CA GLY H 58 65.85 -22.63 71.30
C GLY H 58 66.77 -22.91 70.13
N SER H 59 67.68 -23.86 70.29
CA SER H 59 68.59 -24.21 69.23
C SER H 59 67.78 -24.62 68.01
N VAL H 60 66.74 -25.42 68.25
CA VAL H 60 65.87 -25.91 67.18
C VAL H 60 65.21 -24.72 66.50
N ALA H 61 64.38 -23.99 67.25
CA ALA H 61 63.67 -22.85 66.71
C ALA H 61 64.56 -22.14 65.69
N ILE H 62 65.83 -22.02 66.00
CA ILE H 62 66.76 -21.34 65.13
C ILE H 62 67.06 -22.09 63.84
N HIS H 63 67.74 -23.21 63.96
CA HIS H 63 68.14 -24.01 62.80
C HIS H 63 67.13 -25.03 62.32
N ALA H 64 65.96 -25.10 62.95
CA ALA H 64 64.96 -26.08 62.54
C ALA H 64 64.54 -25.93 61.08
N GLY H 65 64.73 -27.00 60.32
CA GLY H 65 64.38 -26.98 58.91
C GLY H 65 65.14 -25.90 58.17
N GLU H 66 66.45 -25.88 58.35
CA GLU H 66 67.28 -24.88 57.68
C GLU H 66 68.75 -25.28 57.64
N ARG H 67 69.36 -25.43 58.82
CA ARG H 67 70.76 -25.79 58.92
C ARG H 67 71.18 -27.01 58.11
N LEU H 68 70.31 -28.00 58.01
CA LEU H 68 70.62 -29.22 57.27
C LEU H 68 70.27 -29.15 55.78
N GLY H 69 69.31 -28.31 55.42
CA GLY H 69 68.93 -28.21 54.02
C GLY H 69 67.61 -27.50 53.89
N ARG H 70 67.33 -26.95 52.72
CA ARG H 70 66.08 -26.24 52.52
C ARG H 70 65.20 -26.73 51.37
N GLY H 71 65.79 -27.38 50.37
CA GLY H 71 65.01 -27.84 49.24
C GLY H 71 65.11 -26.80 48.15
N ILE H 72 65.65 -25.66 48.54
CA ILE H 72 65.87 -24.53 47.65
C ILE H 72 67.33 -24.18 47.87
N VAL H 73 68.19 -25.06 47.39
CA VAL H 73 69.64 -24.93 47.50
C VAL H 73 70.19 -23.52 47.39
N THR H 74 70.95 -23.13 48.41
CA THR H 74 71.56 -21.81 48.44
C THR H 74 72.73 -21.85 49.41
N ASP H 75 73.77 -21.08 49.12
CA ASP H 75 74.91 -21.02 50.02
C ASP H 75 74.66 -19.82 50.93
N ALA H 76 73.39 -19.44 51.04
CA ALA H 76 72.97 -18.33 51.87
C ALA H 76 72.57 -18.82 53.25
N ILE H 77 72.82 -18.01 54.27
CA ILE H 77 72.49 -18.38 55.66
C ILE H 77 70.98 -18.41 55.92
N THR H 78 70.31 -17.32 55.53
CA THR H 78 68.88 -17.20 55.73
C THR H 78 68.09 -17.85 54.61
N THR H 79 66.78 -17.93 54.81
CA THR H 79 65.90 -18.50 53.81
C THR H 79 65.52 -17.41 52.81
N PRO H 80 65.56 -17.75 51.52
CA PRO H 80 65.23 -16.80 50.46
C PRO H 80 63.73 -16.63 50.30
N VAL H 81 63.26 -15.38 50.26
CA VAL H 81 61.83 -15.12 50.10
C VAL H 81 61.45 -15.31 48.64
N VAL H 82 60.65 -16.33 48.37
CA VAL H 82 60.22 -16.61 47.01
C VAL H 82 58.86 -15.99 46.69
N ASN H 83 58.88 -14.98 45.84
CA ASN H 83 57.66 -14.28 45.47
C ASN H 83 57.09 -14.71 44.14
N THR H 84 56.54 -15.92 44.09
CA THR H 84 55.96 -16.41 42.85
C THR H 84 54.52 -16.83 43.06
N SER H 85 53.70 -16.66 42.03
CA SER H 85 52.30 -17.04 42.14
C SER H 85 52.08 -18.40 41.51
N ALA H 86 53.15 -18.99 40.96
CA ALA H 86 53.04 -20.31 40.34
C ALA H 86 54.41 -20.91 40.07
N TYR H 87 54.43 -22.20 39.79
CA TYR H 87 55.67 -22.92 39.51
C TYR H 87 55.58 -23.59 38.14
N PHE H 88 56.67 -23.54 37.39
CA PHE H 88 56.72 -24.09 36.03
C PHE H 88 57.33 -25.48 35.92
N PHE H 89 57.31 -26.00 34.69
CA PHE H 89 57.85 -27.31 34.36
C PHE H 89 58.69 -27.18 33.08
N ASN H 90 59.69 -28.05 32.93
CA ASN H 90 60.57 -28.00 31.77
C ASN H 90 59.98 -28.67 30.54
N LYS H 91 59.07 -29.62 30.76
CA LYS H 91 58.43 -30.34 29.66
C LYS H 91 57.23 -31.15 30.15
N THR H 92 56.20 -31.22 29.33
CA THR H 92 54.99 -31.96 29.66
C THR H 92 55.31 -33.27 30.36
N SER H 93 56.33 -33.95 29.85
CA SER H 93 56.75 -35.22 30.42
C SER H 93 56.80 -35.11 31.93
N GLU H 94 57.58 -34.16 32.44
CA GLU H 94 57.73 -33.94 33.88
C GLU H 94 56.40 -33.61 34.55
N LEU H 95 55.70 -32.60 34.02
CA LEU H 95 54.42 -32.21 34.57
C LEU H 95 53.64 -33.47 34.88
N ILE H 96 53.58 -34.36 33.90
CA ILE H 96 52.88 -35.63 34.04
C ILE H 96 53.41 -36.35 35.28
N ASP H 97 54.72 -36.55 35.32
CA ASP H 97 55.34 -37.21 36.46
C ASP H 97 54.75 -36.66 37.73
N PHE H 98 54.87 -35.35 37.93
CA PHE H 98 54.34 -34.70 39.12
C PHE H 98 52.88 -35.12 39.37
N LYS H 99 52.04 -34.87 38.38
CA LYS H 99 50.62 -35.21 38.48
C LYS H 99 50.42 -36.66 38.88
N GLU H 100 51.35 -37.52 38.45
CA GLU H 100 51.28 -38.94 38.74
C GLU H 100 52.04 -39.30 40.03
N LYS H 101 52.37 -38.29 40.81
CA LYS H 101 53.07 -38.49 42.08
C LYS H 101 54.44 -39.16 41.94
N ARG H 102 55.23 -38.72 40.97
CA ARG H 102 56.57 -39.26 40.76
C ARG H 102 57.59 -38.14 40.91
N ARG H 103 57.09 -36.91 40.97
CA ARG H 103 57.91 -35.73 41.12
C ARG H 103 57.28 -34.82 42.17
N ALA H 104 58.04 -33.84 42.66
CA ALA H 104 57.54 -32.93 43.66
C ALA H 104 57.42 -31.50 43.14
N SER H 105 56.28 -30.88 43.40
CA SER H 105 56.06 -29.50 42.97
C SER H 105 54.81 -28.90 43.60
N PHE H 106 54.90 -27.61 43.92
CA PHE H 106 53.78 -26.89 44.52
C PHE H 106 52.75 -26.53 43.45
N GLU H 107 53.18 -26.53 42.20
CA GLU H 107 52.30 -26.22 41.07
C GLU H 107 51.81 -24.78 41.14
N TYR H 108 50.90 -24.52 42.06
CA TYR H 108 50.33 -23.19 42.25
C TYR H 108 50.73 -22.68 43.61
N GLY H 109 50.71 -21.36 43.79
CA GLY H 109 51.10 -20.79 45.06
C GLY H 109 50.18 -21.13 46.22
N ARG H 110 48.88 -21.15 45.93
CA ARG H 110 47.88 -21.45 46.96
C ARG H 110 48.06 -22.84 47.54
N TYR H 111 48.93 -23.62 46.92
CA TYR H 111 49.16 -24.99 47.36
C TYR H 111 50.45 -25.16 48.15
N GLY H 112 51.35 -24.18 48.05
CA GLY H 112 52.60 -24.30 48.77
C GLY H 112 53.63 -23.30 48.32
N ASN H 113 54.71 -23.19 49.08
CA ASN H 113 55.78 -22.26 48.78
C ASN H 113 57.09 -22.67 49.45
N PRO H 114 58.21 -22.62 48.72
CA PRO H 114 59.52 -22.99 49.26
C PRO H 114 59.93 -22.20 50.49
N THR H 115 59.51 -20.93 50.55
CA THR H 115 59.86 -20.08 51.68
C THR H 115 58.96 -20.30 52.87
N THR H 116 57.81 -20.95 52.64
CA THR H 116 56.88 -21.21 53.72
C THR H 116 57.13 -22.55 54.37
N VAL H 117 57.30 -23.58 53.54
CA VAL H 117 57.53 -24.93 54.04
C VAL H 117 58.59 -24.94 55.14
N VAL H 118 59.59 -24.07 55.01
CA VAL H 118 60.64 -23.99 56.00
C VAL H 118 59.97 -23.78 57.35
N LEU H 119 59.23 -22.68 57.46
CA LEU H 119 58.51 -22.35 58.68
C LEU H 119 57.60 -23.50 59.09
N GLU H 120 57.10 -24.24 58.11
CA GLU H 120 56.22 -25.37 58.38
C GLU H 120 57.00 -26.43 59.13
N GLU H 121 58.10 -26.89 58.54
CA GLU H 121 58.94 -27.90 59.14
C GLU H 121 59.52 -27.42 60.46
N LYS H 122 59.86 -26.13 60.53
CA LYS H 122 60.42 -25.54 61.73
C LYS H 122 59.47 -25.77 62.90
N ILE H 123 58.25 -25.24 62.78
CA ILE H 123 57.26 -25.40 63.83
C ILE H 123 57.03 -26.87 64.13
N SER H 124 56.90 -27.67 63.06
CA SER H 124 56.69 -29.10 63.21
C SER H 124 57.70 -29.62 64.21
N ALA H 125 58.97 -29.36 63.93
CA ALA H 125 60.07 -29.79 64.78
C ALA H 125 59.85 -29.39 66.22
N LEU H 126 59.50 -28.12 66.43
CA LEU H 126 59.28 -27.62 67.78
C LEU H 126 58.19 -28.40 68.52
N GLU H 127 56.98 -28.42 67.96
CA GLU H 127 55.88 -29.14 68.58
C GLU H 127 56.10 -30.64 68.51
N GLY H 128 57.15 -31.04 67.81
CA GLY H 128 57.45 -32.46 67.65
C GLY H 128 56.33 -33.13 66.89
N ALA H 129 55.80 -32.42 65.90
CA ALA H 129 54.70 -32.92 65.08
C ALA H 129 55.19 -33.70 63.88
N GLU H 130 54.24 -34.24 63.13
CA GLU H 130 54.52 -35.00 61.93
C GLU H 130 54.47 -34.03 60.75
N SER H 131 53.54 -33.08 60.82
CA SER H 131 53.38 -32.08 59.78
C SER H 131 52.60 -30.86 60.27
N THR H 132 52.97 -29.69 59.78
CA THR H 132 52.30 -28.46 60.18
C THR H 132 51.76 -27.71 58.96
N LEU H 133 50.70 -26.92 59.19
CA LEU H 133 50.08 -26.13 58.14
C LEU H 133 50.09 -24.66 58.57
N LEU H 134 50.16 -23.74 57.62
CA LEU H 134 50.18 -22.33 57.97
C LEU H 134 49.11 -21.51 57.25
N MET H 135 48.19 -20.94 58.03
CA MET H 135 47.13 -20.13 57.43
C MET H 135 47.49 -18.65 57.35
N ALA H 136 46.52 -17.85 56.94
CA ALA H 136 46.73 -16.42 56.81
C ALA H 136 46.56 -15.77 58.16
N SER H 137 45.85 -16.45 59.06
CA SER H 137 45.63 -15.92 60.39
C SER H 137 45.13 -17.01 61.31
N GLY H 138 45.32 -16.83 62.62
CA GLY H 138 44.85 -17.83 63.55
C GLY H 138 43.45 -18.25 63.19
N MET H 139 42.53 -17.30 63.28
CA MET H 139 41.12 -17.52 62.97
C MET H 139 40.93 -18.41 61.75
N CYS H 140 41.68 -18.15 60.70
CA CYS H 140 41.58 -18.97 59.51
C CYS H 140 41.78 -20.42 59.91
N ALA H 141 42.88 -20.68 60.62
CA ALA H 141 43.22 -22.01 61.08
C ALA H 141 42.04 -22.71 61.74
N SER H 142 41.65 -22.22 62.92
CA SER H 142 40.54 -22.82 63.64
C SER H 142 39.39 -23.03 62.66
N THR H 143 38.96 -21.96 62.02
CA THR H 143 37.88 -22.00 61.05
C THR H 143 38.00 -23.20 60.12
N VAL H 144 39.03 -23.18 59.29
CA VAL H 144 39.26 -24.27 58.35
C VAL H 144 39.22 -25.61 59.06
N MET H 145 40.02 -25.74 60.10
CA MET H 145 40.12 -26.98 60.87
C MET H 145 38.77 -27.61 61.23
N LEU H 146 37.87 -26.81 61.80
CA LEU H 146 36.55 -27.31 62.19
C LEU H 146 35.78 -27.75 60.97
N LEU H 147 35.63 -26.84 60.02
CA LEU H 147 34.92 -27.13 58.78
C LEU H 147 35.49 -28.37 58.10
N ALA H 148 36.77 -28.63 58.36
CA ALA H 148 37.44 -29.76 57.75
C ALA H 148 37.28 -31.11 58.44
N LEU H 149 37.29 -31.11 59.77
CA LEU H 149 37.18 -32.36 60.51
C LEU H 149 35.77 -32.72 60.99
N VAL H 150 35.02 -31.71 61.43
CA VAL H 150 33.67 -31.93 61.92
C VAL H 150 32.67 -32.17 60.79
N PRO H 151 32.12 -33.40 60.72
CA PRO H 151 31.15 -33.74 59.67
C PRO H 151 29.83 -33.02 59.88
N ALA H 152 28.99 -33.07 58.86
CA ALA H 152 27.69 -32.41 58.93
C ALA H 152 26.84 -33.05 60.03
N GLY H 153 26.13 -32.22 60.77
CA GLY H 153 25.29 -32.72 61.84
C GLY H 153 26.05 -33.22 63.05
N GLY H 154 27.36 -33.41 62.89
CA GLY H 154 28.18 -33.87 64.00
C GLY H 154 28.08 -33.01 65.25
N HIS H 155 28.75 -33.44 66.30
CA HIS H 155 28.75 -32.70 67.56
C HIS H 155 30.17 -32.34 67.96
N ILE H 156 30.32 -31.26 68.69
CA ILE H 156 31.64 -30.83 69.12
C ILE H 156 31.58 -30.36 70.56
N VAL H 157 32.71 -30.35 71.24
CA VAL H 157 32.76 -29.90 72.63
C VAL H 157 33.87 -28.88 72.82
N THR H 158 33.54 -27.78 73.48
CA THR H 158 34.53 -26.75 73.73
C THR H 158 34.35 -26.20 75.12
N THR H 159 35.22 -25.27 75.49
CA THR H 159 35.15 -24.66 76.81
C THR H 159 34.41 -23.33 76.81
N THR H 160 34.11 -22.86 78.01
CA THR H 160 33.38 -21.62 78.22
C THR H 160 34.25 -20.40 77.96
N ASP H 161 35.53 -20.50 78.32
CA ASP H 161 36.46 -19.40 78.16
C ASP H 161 37.10 -19.34 76.78
N CYS H 162 36.28 -19.48 75.74
CA CYS H 162 36.79 -19.42 74.38
C CYS H 162 37.06 -17.96 74.02
N TYR H 163 37.79 -17.75 72.94
CA TYR H 163 38.10 -16.40 72.48
C TYR H 163 36.88 -15.89 71.73
N ARG H 164 36.42 -14.69 72.08
CA ARG H 164 35.24 -14.07 71.47
C ARG H 164 34.85 -14.62 70.08
N LYS H 165 35.53 -14.16 69.04
CA LYS H 165 35.22 -14.60 67.69
C LYS H 165 35.15 -16.12 67.55
N THR H 166 36.16 -16.82 68.06
CA THR H 166 36.19 -18.27 67.98
C THR H 166 34.82 -18.82 68.36
N ARG H 167 34.23 -18.21 69.37
CA ARG H 167 32.92 -18.60 69.86
C ARG H 167 31.85 -18.41 68.79
N ILE H 168 31.65 -17.16 68.40
CA ILE H 168 30.67 -16.78 67.38
C ILE H 168 30.60 -17.75 66.20
N PHE H 169 31.75 -18.06 65.61
CA PHE H 169 31.80 -18.97 64.49
C PHE H 169 31.07 -20.25 64.87
N ILE H 170 31.49 -20.82 66.00
CA ILE H 170 30.90 -22.06 66.50
C ILE H 170 29.41 -21.93 66.77
N GLU H 171 29.00 -20.77 67.27
CA GLU H 171 27.60 -20.55 67.61
C GLU H 171 26.70 -20.03 66.49
N THR H 172 27.29 -19.56 65.40
CA THR H 172 26.50 -19.01 64.30
C THR H 172 26.68 -19.71 62.96
N ILE H 173 27.92 -19.97 62.59
CA ILE H 173 28.19 -20.62 61.32
C ILE H 173 27.94 -22.11 61.41
N LEU H 174 28.77 -22.82 62.16
CA LEU H 174 28.67 -24.26 62.30
C LEU H 174 27.24 -24.80 62.36
N PRO H 175 26.35 -24.14 63.11
CA PRO H 175 24.97 -24.64 63.18
C PRO H 175 24.37 -24.82 61.80
N LYS H 176 24.80 -23.98 60.87
CA LYS H 176 24.31 -24.03 59.49
C LYS H 176 24.57 -25.40 58.88
N MET H 177 25.59 -26.08 59.39
CA MET H 177 25.94 -27.39 58.91
C MET H 177 25.34 -28.45 59.83
N GLY H 178 24.46 -27.99 60.72
CA GLY H 178 23.83 -28.88 61.68
C GLY H 178 24.80 -29.39 62.72
N ILE H 179 25.93 -28.71 62.86
CA ILE H 179 26.92 -29.09 63.84
C ILE H 179 26.64 -28.48 65.20
N THR H 180 26.23 -29.31 66.14
CA THR H 180 25.91 -28.86 67.50
C THR H 180 27.12 -28.94 68.41
N ALA H 181 27.11 -28.14 69.48
CA ALA H 181 28.21 -28.12 70.43
C ALA H 181 27.78 -28.03 71.89
N THR H 182 28.65 -28.51 72.77
CA THR H 182 28.40 -28.50 74.20
C THR H 182 29.46 -27.63 74.84
N VAL H 183 29.05 -26.67 75.66
CA VAL H 183 30.01 -25.79 76.31
C VAL H 183 30.15 -26.08 77.80
N ILE H 184 31.29 -26.67 78.16
CA ILE H 184 31.60 -27.03 79.53
C ILE H 184 32.74 -26.17 80.07
N ASP H 185 32.82 -26.09 81.40
CA ASP H 185 33.86 -25.30 82.04
C ASP H 185 35.20 -26.01 81.88
N PRO H 186 36.29 -25.24 81.66
CA PRO H 186 37.62 -25.83 81.50
C PRO H 186 37.93 -26.92 82.52
N ALA H 187 37.65 -26.64 83.78
CA ALA H 187 37.92 -27.59 84.86
C ALA H 187 36.94 -28.75 84.85
N ASP H 188 35.65 -28.44 84.81
CA ASP H 188 34.58 -29.43 84.83
C ASP H 188 34.81 -30.65 83.94
N VAL H 189 35.62 -31.59 84.41
CA VAL H 189 35.93 -32.81 83.67
C VAL H 189 34.68 -33.69 83.64
N GLY H 190 33.91 -33.66 84.72
CA GLY H 190 32.70 -34.45 84.79
C GLY H 190 31.83 -34.19 83.58
N ALA H 191 31.48 -32.93 83.36
CA ALA H 191 30.65 -32.55 82.22
C ALA H 191 31.18 -33.21 80.94
N LEU H 192 32.48 -33.06 80.70
CA LEU H 192 33.09 -33.64 79.52
C LEU H 192 32.80 -35.13 79.44
N GLU H 193 33.20 -35.87 80.48
CA GLU H 193 32.99 -37.31 80.52
C GLU H 193 31.53 -37.62 80.24
N LEU H 194 30.65 -36.81 80.82
CA LEU H 194 29.22 -37.02 80.62
C LEU H 194 28.89 -36.86 79.15
N ALA H 195 29.11 -35.66 78.61
CA ALA H 195 28.82 -35.36 77.21
C ALA H 195 29.38 -36.46 76.33
N LEU H 196 30.62 -36.85 76.61
CA LEU H 196 31.29 -37.90 75.86
C LEU H 196 30.37 -39.10 75.66
N ASN H 197 29.61 -39.42 76.70
CA ASN H 197 28.70 -40.55 76.68
C ASN H 197 27.33 -40.18 76.11
N GLN H 198 26.78 -39.06 76.58
CA GLN H 198 25.47 -38.61 76.13
C GLN H 198 25.43 -38.57 74.61
N LYS H 199 26.14 -37.61 74.02
CA LYS H 199 26.18 -37.46 72.57
C LYS H 199 27.41 -38.12 71.99
N LYS H 200 27.48 -38.14 70.65
CA LYS H 200 28.61 -38.72 69.95
C LYS H 200 29.53 -37.58 69.53
N VAL H 201 30.46 -37.24 70.42
CA VAL H 201 31.39 -36.15 70.13
C VAL H 201 32.40 -36.49 69.04
N ASN H 202 32.52 -35.57 68.08
CA ASN H 202 33.44 -35.74 66.97
C ASN H 202 34.81 -35.19 67.33
N LEU H 203 34.81 -34.03 67.98
CA LEU H 203 36.06 -33.40 68.37
C LEU H 203 35.93 -32.45 69.55
N PHE H 204 36.88 -32.54 70.47
CA PHE H 204 36.91 -31.67 71.63
C PHE H 204 37.91 -30.58 71.26
N PHE H 205 37.55 -29.32 71.49
CA PHE H 205 38.45 -28.23 71.16
C PHE H 205 38.46 -27.16 72.23
N THR H 206 39.66 -26.69 72.55
CA THR H 206 39.82 -25.65 73.56
C THR H 206 41.23 -25.08 73.56
N GLU H 207 41.41 -23.98 74.28
CA GLU H 207 42.70 -23.33 74.39
C GLU H 207 43.18 -23.43 75.83
N SER H 208 44.44 -23.83 76.00
CA SER H 208 45.03 -23.95 77.32
C SER H 208 46.47 -23.43 77.25
N PRO H 209 46.76 -22.33 77.97
CA PRO H 209 45.84 -21.59 78.82
C PRO H 209 44.66 -21.02 78.07
N THR H 210 43.71 -20.47 78.81
CA THR H 210 42.51 -19.88 78.23
C THR H 210 42.62 -18.35 78.17
N ASN H 211 41.59 -17.72 77.63
CA ASN H 211 41.57 -16.28 77.51
C ASN H 211 40.26 -15.71 78.03
N PRO H 212 40.32 -14.67 78.86
CA PRO H 212 41.54 -13.99 79.32
C PRO H 212 42.00 -14.43 80.72
N PHE H 213 41.25 -15.34 81.34
CA PHE H 213 41.60 -15.81 82.68
C PHE H 213 42.66 -16.90 82.70
N LEU H 214 43.28 -17.15 81.55
CA LEU H 214 44.34 -18.15 81.46
C LEU H 214 44.06 -19.50 82.10
N ARG H 215 42.79 -19.91 82.15
CA ARG H 215 42.46 -21.19 82.73
C ARG H 215 43.19 -22.28 81.96
N CYS H 216 43.44 -23.42 82.60
CA CYS H 216 44.14 -24.49 81.92
C CYS H 216 43.39 -25.81 81.94
N VAL H 217 43.66 -26.64 80.93
CA VAL H 217 43.00 -27.93 80.82
C VAL H 217 44.03 -29.05 81.01
N ASP H 218 43.70 -30.00 81.86
CA ASP H 218 44.61 -31.13 82.07
C ASP H 218 44.59 -31.89 80.75
N ILE H 219 45.40 -31.41 79.82
CA ILE H 219 45.47 -32.03 78.51
C ILE H 219 45.55 -33.55 78.56
N GLU H 220 46.56 -34.07 79.25
CA GLU H 220 46.72 -35.52 79.36
C GLU H 220 45.43 -36.23 79.71
N LEU H 221 44.75 -35.75 80.75
CA LEU H 221 43.51 -36.35 81.19
C LEU H 221 42.46 -36.34 80.08
N VAL H 222 42.10 -35.14 79.62
CA VAL H 222 41.11 -34.95 78.57
C VAL H 222 41.37 -35.86 77.37
N SER H 223 42.57 -35.73 76.81
CA SER H 223 42.99 -36.54 75.67
C SER H 223 42.62 -38.00 75.90
N LYS H 224 42.88 -38.49 77.11
CA LYS H 224 42.56 -39.87 77.46
C LYS H 224 41.07 -40.14 77.35
N LEU H 225 40.27 -39.40 78.12
CA LEU H 225 38.83 -39.57 78.10
C LEU H 225 38.27 -39.54 76.70
N CYS H 226 38.55 -38.45 75.98
CA CYS H 226 38.06 -38.27 74.61
C CYS H 226 38.41 -39.44 73.70
N HIS H 227 39.70 -39.74 73.60
CA HIS H 227 40.16 -40.84 72.76
C HIS H 227 39.45 -42.15 73.08
N GLU H 228 38.99 -42.29 74.31
CA GLU H 228 38.29 -43.50 74.73
C GLU H 228 36.96 -43.60 73.97
N LYS H 229 36.38 -42.44 73.64
CA LYS H 229 35.11 -42.40 72.94
C LYS H 229 35.24 -42.05 71.46
N GLY H 230 36.47 -42.06 70.94
CA GLY H 230 36.70 -41.75 69.55
C GLY H 230 36.74 -40.28 69.18
N ALA H 231 36.58 -39.40 70.17
CA ALA H 231 36.62 -37.96 69.93
C ALA H 231 38.04 -37.47 69.72
N LEU H 232 38.19 -36.45 68.90
CA LEU H 232 39.50 -35.88 68.62
C LEU H 232 39.76 -34.69 69.53
N VAL H 233 41.02 -34.44 69.83
CA VAL H 233 41.38 -33.34 70.71
C VAL H 233 42.23 -32.28 70.04
N CYS H 234 41.77 -31.03 70.08
CA CYS H 234 42.51 -29.94 69.48
C CYS H 234 42.71 -28.84 70.52
N ILE H 235 43.98 -28.53 70.79
CA ILE H 235 44.30 -27.50 71.76
C ILE H 235 44.90 -26.25 71.11
N ASP H 236 44.43 -25.10 71.56
CA ASP H 236 44.90 -23.83 71.07
C ASP H 236 45.93 -23.32 72.06
N GLY H 237 47.15 -23.84 71.96
CA GLY H 237 48.20 -23.42 72.89
C GLY H 237 48.81 -22.08 72.56
N THR H 238 48.02 -21.18 71.99
CA THR H 238 48.52 -19.86 71.62
C THR H 238 49.28 -19.21 72.76
N PHE H 239 48.60 -19.03 73.88
CA PHE H 239 49.20 -18.40 75.04
C PHE H 239 50.41 -19.16 75.55
N ALA H 240 50.31 -20.49 75.51
CA ALA H 240 51.38 -21.36 75.98
C ALA H 240 52.69 -21.23 75.21
N THR H 241 52.65 -21.46 73.91
CA THR H 241 53.83 -21.41 73.06
C THR H 241 54.41 -22.82 73.07
N PRO H 242 54.85 -23.32 71.92
CA PRO H 242 55.42 -24.67 71.89
C PRO H 242 56.56 -24.84 72.88
N LEU H 243 57.01 -23.73 73.45
CA LEU H 243 58.11 -23.78 74.41
C LEU H 243 57.66 -24.11 75.83
N ASN H 244 56.54 -23.52 76.25
CA ASN H 244 56.03 -23.74 77.60
C ASN H 244 55.19 -24.99 77.75
N GLN H 245 54.98 -25.72 76.66
CA GLN H 245 54.19 -26.95 76.71
C GLN H 245 54.09 -27.61 75.33
N LYS H 246 53.94 -28.93 75.34
CA LYS H 246 53.84 -29.70 74.11
C LYS H 246 52.55 -30.49 74.11
N ALA H 247 51.45 -29.80 73.85
CA ALA H 247 50.14 -30.42 73.82
C ALA H 247 50.18 -31.77 73.10
N LEU H 248 50.92 -31.84 72.00
CA LEU H 248 51.02 -33.07 71.22
C LEU H 248 51.60 -34.24 71.99
N ALA H 249 52.62 -33.96 72.80
CA ALA H 249 53.26 -35.00 73.59
C ALA H 249 52.34 -35.44 74.72
N LEU H 250 51.53 -34.52 75.23
CA LEU H 250 50.61 -34.82 76.30
C LEU H 250 49.48 -35.72 75.81
N GLY H 251 49.42 -35.93 74.49
CA GLY H 251 48.39 -36.80 73.94
C GLY H 251 47.41 -36.16 72.95
N ALA H 252 47.36 -34.84 72.92
CA ALA H 252 46.47 -34.11 72.02
C ALA H 252 46.63 -34.55 70.56
N ASP H 253 45.56 -34.44 69.79
CA ASP H 253 45.58 -34.83 68.38
C ASP H 253 46.10 -33.68 67.51
N LEU H 254 45.66 -32.47 67.82
CA LEU H 254 46.08 -31.29 67.07
C LEU H 254 46.29 -30.09 67.97
N VAL H 255 47.36 -29.35 67.71
CA VAL H 255 47.68 -28.16 68.48
C VAL H 255 47.81 -27.02 67.49
N LEU H 256 47.10 -25.93 67.74
CA LEU H 256 47.17 -24.80 66.83
C LEU H 256 47.57 -23.55 67.58
N HIS H 257 48.15 -22.61 66.83
CA HIS H 257 48.60 -21.35 67.41
C HIS H 257 48.27 -20.16 66.52
N SER H 258 48.35 -18.97 67.10
CA SER H 258 48.11 -17.74 66.38
C SER H 258 49.48 -17.08 66.31
N ALA H 259 50.29 -17.49 65.35
CA ALA H 259 51.63 -16.94 65.17
C ALA H 259 51.64 -15.43 65.30
N THR H 260 50.49 -14.80 65.14
CA THR H 260 50.36 -13.36 65.23
C THR H 260 50.92 -12.85 66.56
N LYS H 261 50.79 -13.68 67.58
CA LYS H 261 51.25 -13.33 68.92
C LYS H 261 52.71 -13.57 69.24
N PHE H 262 53.00 -14.71 69.85
CA PHE H 262 54.35 -15.04 70.25
C PHE H 262 55.29 -15.42 69.13
N LEU H 263 54.94 -16.45 68.36
CA LEU H 263 55.78 -16.92 67.27
C LEU H 263 56.42 -15.79 66.47
N GLY H 264 55.61 -14.86 66.00
CA GLY H 264 56.15 -13.74 65.26
C GLY H 264 56.73 -12.78 66.28
N GLY H 265 56.02 -12.66 67.39
CA GLY H 265 56.43 -11.80 68.49
C GLY H 265 56.93 -10.41 68.19
N HIS H 266 56.52 -9.80 67.09
CA HIS H 266 56.98 -8.46 66.82
C HIS H 266 55.84 -7.51 66.49
N ASN H 267 54.62 -8.04 66.58
CA ASN H 267 53.43 -7.25 66.32
C ASN H 267 53.39 -6.62 64.93
N ASP H 268 53.84 -7.35 63.93
CA ASP H 268 53.84 -6.79 62.59
C ASP H 268 53.41 -7.81 61.56
N VAL H 269 52.64 -8.81 61.99
CA VAL H 269 52.20 -9.84 61.06
C VAL H 269 51.17 -10.78 61.67
N LEU H 270 50.25 -11.26 60.85
CA LEU H 270 49.22 -12.21 61.28
C LEU H 270 49.49 -13.53 60.59
N ALA H 271 49.16 -14.63 61.26
CA ALA H 271 49.38 -15.94 60.68
C ALA H 271 48.75 -17.01 61.53
N GLY H 272 48.11 -17.97 60.88
CA GLY H 272 47.50 -19.07 61.61
C GLY H 272 48.49 -20.22 61.54
N CYS H 273 48.33 -21.22 62.40
CA CYS H 273 49.24 -22.36 62.39
C CYS H 273 48.62 -23.57 63.07
N ILE H 274 48.72 -24.73 62.42
CA ILE H 274 48.19 -25.97 62.97
C ILE H 274 49.18 -27.09 62.75
N SER H 275 49.49 -27.82 63.81
CA SER H 275 50.42 -28.92 63.70
C SER H 275 49.79 -30.20 64.23
N GLY H 276 50.26 -31.34 63.74
CA GLY H 276 49.73 -32.62 64.18
C GLY H 276 50.12 -33.79 63.28
N PRO H 277 49.43 -34.93 63.41
CA PRO H 277 49.73 -36.12 62.61
C PRO H 277 49.39 -35.86 61.14
N LEU H 278 50.13 -36.49 60.24
CA LEU H 278 49.90 -36.32 58.81
C LEU H 278 48.48 -36.64 58.42
N LYS H 279 48.08 -37.90 58.64
CA LYS H 279 46.75 -38.36 58.30
C LYS H 279 45.67 -37.33 58.61
N LEU H 280 45.91 -36.53 59.65
CA LEU H 280 44.95 -35.53 60.07
C LEU H 280 45.17 -34.20 59.36
N VAL H 281 46.29 -33.56 59.66
CA VAL H 281 46.64 -32.27 59.09
C VAL H 281 46.47 -32.18 57.57
N SER H 282 46.73 -33.26 56.86
CA SER H 282 46.59 -33.27 55.42
C SER H 282 45.12 -33.05 55.04
N GLU H 283 44.22 -33.74 55.72
CA GLU H 283 42.80 -33.62 55.45
C GLU H 283 42.38 -32.17 55.51
N ILE H 284 43.08 -31.38 56.32
CA ILE H 284 42.76 -29.97 56.45
C ILE H 284 43.39 -29.24 55.27
N ARG H 285 44.67 -29.50 55.05
CA ARG H 285 45.40 -28.89 53.98
C ARG H 285 44.58 -28.93 52.70
N ASN H 286 43.89 -30.04 52.51
CA ASN H 286 43.06 -30.22 51.32
C ASN H 286 41.99 -29.15 51.26
N LEU H 287 41.16 -29.06 52.29
CA LEU H 287 40.11 -28.06 52.31
C LEU H 287 40.74 -26.68 52.22
N HIS H 288 41.94 -26.55 52.79
CA HIS H 288 42.64 -25.28 52.79
C HIS H 288 42.97 -24.83 51.38
N HIS H 289 43.35 -25.77 50.54
CA HIS H 289 43.69 -25.45 49.16
C HIS H 289 42.50 -24.94 48.40
N ILE H 290 41.33 -24.94 49.03
CA ILE H 290 40.13 -24.45 48.35
C ILE H 290 39.70 -23.11 48.93
N LEU H 291 39.57 -23.06 50.26
CA LEU H 291 39.16 -21.83 50.91
C LEU H 291 40.17 -20.73 50.59
N GLY H 292 41.35 -21.14 50.16
CA GLY H 292 42.39 -20.20 49.79
C GLY H 292 42.77 -19.15 50.79
N GLY H 293 43.24 -19.58 51.96
CA GLY H 293 43.65 -18.66 53.00
C GLY H 293 45.16 -18.71 53.11
N ALA H 294 45.81 -18.89 51.96
CA ALA H 294 47.25 -18.99 51.86
C ALA H 294 48.01 -17.87 52.56
N LEU H 295 49.15 -18.21 53.13
CA LEU H 295 49.98 -17.24 53.81
C LEU H 295 51.06 -16.72 52.86
N ASN H 296 51.19 -15.40 52.78
CA ASN H 296 52.17 -14.78 51.90
C ASN H 296 53.61 -15.02 52.32
N PRO H 297 54.48 -15.38 51.36
CA PRO H 297 55.89 -15.64 51.64
C PRO H 297 56.51 -14.61 52.56
N ASN H 298 56.35 -13.35 52.20
CA ASN H 298 56.93 -12.27 52.99
C ASN H 298 56.56 -12.46 54.46
N ALA H 299 55.28 -12.70 54.72
CA ALA H 299 54.80 -12.91 56.09
C ALA H 299 55.56 -14.08 56.68
N ALA H 300 55.54 -15.21 55.96
CA ALA H 300 56.22 -16.41 56.39
C ALA H 300 57.64 -16.09 56.87
N TYR H 301 58.40 -15.39 56.03
CA TYR H 301 59.77 -15.06 56.40
C TYR H 301 59.81 -14.31 57.73
N LEU H 302 59.04 -13.25 57.83
CA LEU H 302 59.01 -12.45 59.05
C LEU H 302 58.85 -13.31 60.28
N ILE H 303 58.06 -14.38 60.15
CA ILE H 303 57.87 -15.29 61.27
C ILE H 303 59.14 -16.11 61.50
N ILE H 304 59.71 -16.62 60.42
CA ILE H 304 60.94 -17.40 60.53
C ILE H 304 61.99 -16.58 61.29
N ARG H 305 62.10 -15.30 60.93
CA ARG H 305 63.04 -14.39 61.55
C ARG H 305 62.69 -14.15 63.00
N GLY H 306 61.40 -14.03 63.28
CA GLY H 306 60.96 -13.78 64.64
C GLY H 306 61.26 -14.96 65.54
N MET H 307 61.06 -16.15 65.00
CA MET H 307 61.31 -17.35 65.76
C MET H 307 62.80 -17.60 65.95
N LYS H 308 63.62 -16.80 65.30
CA LYS H 308 65.06 -16.96 65.44
C LYS H 308 65.41 -16.67 66.90
N THR H 309 64.58 -15.84 67.53
CA THR H 309 64.78 -15.44 68.93
C THR H 309 63.58 -15.80 69.80
N LEU H 310 62.91 -16.89 69.46
CA LEU H 310 61.74 -17.32 70.22
C LEU H 310 62.04 -17.54 71.70
N HIS H 311 62.86 -18.53 72.00
CA HIS H 311 63.20 -18.84 73.38
C HIS H 311 63.54 -17.59 74.16
N LEU H 312 64.60 -16.90 73.74
CA LEU H 312 65.02 -15.69 74.41
C LEU H 312 63.83 -14.82 74.81
N ARG H 313 62.98 -14.50 73.84
CA ARG H 313 61.81 -13.66 74.10
C ARG H 313 60.88 -14.28 75.13
N VAL H 314 60.51 -15.53 74.94
CA VAL H 314 59.62 -16.22 75.88
C VAL H 314 60.22 -16.21 77.28
N GLN H 315 61.45 -16.70 77.38
CA GLN H 315 62.16 -16.75 78.65
C GLN H 315 61.90 -15.50 79.46
N GLN H 316 62.34 -14.36 78.92
CA GLN H 316 62.19 -13.09 79.60
C GLN H 316 60.74 -12.76 79.96
N GLN H 317 59.82 -12.97 79.02
CA GLN H 317 58.42 -12.68 79.29
C GLN H 317 57.86 -13.61 80.36
N ASN H 318 58.30 -14.87 80.34
CA ASN H 318 57.84 -15.84 81.31
C ASN H 318 58.14 -15.32 82.71
N SER H 319 59.30 -14.68 82.86
CA SER H 319 59.72 -14.13 84.15
C SER H 319 58.93 -12.89 84.50
N THR H 320 59.27 -11.77 83.86
CA THR H 320 58.60 -10.49 84.10
C THR H 320 57.15 -10.71 84.50
N ALA H 321 56.45 -11.54 83.73
CA ALA H 321 55.05 -11.86 84.00
C ALA H 321 54.91 -12.35 85.43
N LEU H 322 55.44 -13.55 85.67
CA LEU H 322 55.38 -14.16 86.99
C LEU H 322 55.71 -13.18 88.11
N ARG H 323 56.93 -12.66 88.10
CA ARG H 323 57.34 -11.72 89.12
C ARG H 323 56.34 -10.57 89.27
N MET H 324 55.99 -9.94 88.15
CA MET H 324 55.03 -8.84 88.18
C MET H 324 53.71 -9.32 88.72
N ALA H 325 53.36 -10.57 88.43
CA ALA H 325 52.11 -11.13 88.90
C ALA H 325 52.07 -11.03 90.42
N GLU H 326 52.96 -11.76 91.09
CA GLU H 326 53.06 -11.76 92.54
C GLU H 326 52.97 -10.35 93.10
N ILE H 327 53.83 -9.47 92.60
CA ILE H 327 53.84 -8.09 93.04
C ILE H 327 52.43 -7.51 93.01
N LEU H 328 51.72 -7.78 91.92
CA LEU H 328 50.36 -7.28 91.76
C LEU H 328 49.42 -7.86 92.80
N GLU H 329 49.44 -9.19 92.95
CA GLU H 329 48.59 -9.88 93.91
C GLU H 329 48.76 -9.27 95.28
N ALA H 330 50.00 -8.97 95.64
CA ALA H 330 50.32 -8.37 96.93
C ALA H 330 49.81 -6.94 97.03
N HIS H 331 49.78 -6.25 95.91
CA HIS H 331 49.32 -4.87 95.89
C HIS H 331 47.89 -4.76 96.42
N PRO H 332 47.62 -3.71 97.21
CA PRO H 332 46.31 -3.44 97.82
C PRO H 332 45.20 -3.03 96.85
N LYS H 333 45.56 -2.24 95.84
CA LYS H 333 44.58 -1.78 94.86
C LYS H 333 44.20 -2.85 93.83
N VAL H 334 44.91 -3.98 93.86
CA VAL H 334 44.65 -5.07 92.94
C VAL H 334 43.74 -6.11 93.59
N ARG H 335 42.47 -6.09 93.20
CA ARG H 335 41.46 -6.99 93.74
C ARG H 335 41.74 -8.48 93.51
N HIS H 336 42.14 -8.83 92.30
CA HIS H 336 42.42 -10.23 91.99
C HIS H 336 43.45 -10.33 90.88
N VAL H 337 44.12 -11.46 90.80
CA VAL H 337 45.13 -11.69 89.78
C VAL H 337 45.04 -13.11 89.23
N TYR H 338 44.97 -13.20 87.91
CA TYR H 338 44.88 -14.49 87.25
C TYR H 338 46.20 -14.80 86.57
N TYR H 339 46.78 -15.94 86.90
CA TYR H 339 48.03 -16.37 86.31
C TYR H 339 48.34 -17.80 86.77
N PRO H 340 48.48 -18.73 85.81
CA PRO H 340 48.77 -20.13 86.14
C PRO H 340 49.98 -20.29 87.05
N GLY H 341 50.91 -19.34 86.99
CA GLY H 341 52.09 -19.42 87.82
C GLY H 341 51.79 -19.28 89.29
N LEU H 342 50.82 -18.43 89.62
CA LEU H 342 50.45 -18.21 91.02
C LEU H 342 49.83 -19.45 91.65
N GLN H 343 49.87 -19.49 92.98
CA GLN H 343 49.31 -20.61 93.74
C GLN H 343 47.81 -20.40 93.88
N SER H 344 47.40 -19.16 93.72
CA SER H 344 46.01 -18.77 93.83
C SER H 344 45.20 -19.27 92.62
N HIS H 345 45.87 -19.46 91.48
CA HIS H 345 45.18 -19.91 90.28
C HIS H 345 44.57 -21.28 90.42
N PRO H 346 43.28 -21.42 90.04
CA PRO H 346 42.48 -22.65 90.10
C PRO H 346 43.17 -23.93 89.63
N GLU H 347 43.81 -23.88 88.46
CA GLU H 347 44.49 -25.06 87.94
C GLU H 347 46.02 -24.92 87.99
N HIS H 348 46.52 -24.27 89.04
CA HIS H 348 47.94 -24.08 89.20
C HIS H 348 48.66 -25.42 89.27
N HIS H 349 48.02 -26.40 89.89
CA HIS H 349 48.63 -27.72 90.02
C HIS H 349 48.79 -28.37 88.67
N ILE H 350 47.81 -28.17 87.80
CA ILE H 350 47.85 -28.73 86.44
C ILE H 350 48.92 -27.97 85.66
N ALA H 351 48.87 -26.65 85.75
CA ALA H 351 49.83 -25.80 85.06
C ALA H 351 51.23 -26.24 85.43
N LYS H 352 51.44 -26.46 86.71
CA LYS H 352 52.73 -26.87 87.22
C LYS H 352 53.14 -28.25 86.73
N LYS H 353 52.14 -29.06 86.39
CA LYS H 353 52.40 -30.42 85.93
C LYS H 353 52.59 -30.56 84.43
N GLN H 354 51.94 -29.70 83.63
CA GLN H 354 52.07 -29.78 82.17
C GLN H 354 52.81 -28.65 81.48
N MET H 355 53.12 -27.59 82.21
CA MET H 355 53.86 -26.49 81.63
C MET H 355 55.25 -26.34 82.25
N THR H 356 56.07 -25.50 81.66
CA THR H 356 57.42 -25.24 82.13
C THR H 356 57.54 -23.75 82.38
N GLY H 357 56.59 -23.02 81.82
CA GLY H 357 56.54 -21.58 81.97
C GLY H 357 55.07 -21.22 81.99
N PHE H 358 54.74 -19.94 82.15
CA PHE H 358 53.33 -19.56 82.19
C PHE H 358 53.00 -18.37 81.32
N GLY H 359 53.68 -18.27 80.19
CA GLY H 359 53.43 -17.18 79.26
C GLY H 359 53.78 -15.82 79.84
N GLY H 360 53.46 -14.78 79.09
CA GLY H 360 53.75 -13.42 79.54
C GLY H 360 52.47 -12.62 79.69
N ALA H 361 51.34 -13.30 79.62
CA ALA H 361 50.05 -12.66 79.73
C ALA H 361 49.55 -12.73 81.16
N VAL H 362 49.14 -11.57 81.70
CA VAL H 362 48.63 -11.51 83.06
C VAL H 362 47.39 -10.64 83.13
N SER H 363 46.31 -11.25 83.60
CA SER H 363 45.04 -10.57 83.76
C SER H 363 44.79 -10.33 85.25
N PHE H 364 44.15 -9.22 85.56
CA PHE H 364 43.85 -8.88 86.94
C PHE H 364 42.77 -7.82 87.04
N GLU H 365 41.91 -7.96 88.05
CA GLU H 365 40.83 -7.01 88.29
C GLU H 365 41.34 -5.98 89.27
N VAL H 366 41.10 -4.71 88.97
CA VAL H 366 41.54 -3.63 89.84
C VAL H 366 40.43 -3.26 90.81
N ASP H 367 40.80 -2.76 91.98
CA ASP H 367 39.81 -2.39 92.99
C ASP H 367 39.14 -1.06 92.67
N GLY H 368 38.27 -1.06 91.68
CA GLY H 368 37.57 0.14 91.29
C GLY H 368 36.42 -0.20 90.35
N ASP H 369 36.08 0.72 89.45
CA ASP H 369 35.01 0.47 88.50
C ASP H 369 35.48 0.86 87.10
N LEU H 370 34.60 0.71 86.12
CA LEU H 370 34.90 1.02 84.72
C LEU H 370 35.82 2.24 84.59
N LEU H 371 35.28 3.42 84.93
CA LEU H 371 36.04 4.67 84.85
C LEU H 371 37.34 4.63 85.66
N THR H 372 37.32 3.94 86.79
CA THR H 372 38.51 3.86 87.64
C THR H 372 39.58 3.03 86.94
N THR H 373 39.23 1.79 86.61
CA THR H 373 40.16 0.90 85.93
C THR H 373 40.74 1.64 84.74
N ALA H 374 39.88 2.30 83.99
CA ALA H 374 40.31 3.06 82.82
C ALA H 374 41.40 4.04 83.25
N LYS H 375 41.11 4.81 84.29
CA LYS H 375 42.06 5.79 84.80
C LYS H 375 43.43 5.13 84.96
N PHE H 376 43.43 3.90 85.44
CA PHE H 376 44.67 3.16 85.62
C PHE H 376 45.41 3.02 84.30
N VAL H 377 44.84 2.24 83.38
CA VAL H 377 45.44 2.01 82.08
C VAL H 377 45.88 3.29 81.38
N ASP H 378 45.09 4.35 81.52
CA ASP H 378 45.41 5.61 80.89
C ASP H 378 46.72 6.18 81.42
N ALA H 379 47.01 5.88 82.68
CA ALA H 379 48.21 6.35 83.35
C ALA H 379 49.49 5.68 82.85
N LEU H 380 49.40 4.39 82.56
CA LEU H 380 50.54 3.62 82.08
C LEU H 380 51.23 4.39 80.97
N LYS H 381 52.56 4.35 80.95
CA LYS H 381 53.31 5.07 79.95
C LYS H 381 54.03 4.20 78.93
N ILE H 382 54.28 2.95 79.28
CA ILE H 382 54.99 2.05 78.39
C ILE H 382 54.11 1.24 77.46
N PRO H 383 53.26 0.36 78.03
CA PRO H 383 52.39 -0.48 77.18
C PRO H 383 51.46 0.31 76.30
N TYR H 384 51.17 -0.24 75.12
CA TYR H 384 50.27 0.42 74.20
C TYR H 384 48.89 -0.08 74.56
N ILE H 385 47.87 0.72 74.27
CA ILE H 385 46.50 0.31 74.55
C ILE H 385 46.01 -0.24 73.22
N ALA H 386 45.88 -1.56 73.14
CA ALA H 386 45.42 -2.20 71.92
C ALA H 386 45.20 -3.69 72.12
N PRO H 387 44.62 -4.37 71.12
CA PRO H 387 44.38 -5.81 71.25
C PRO H 387 45.70 -6.56 71.07
N SER H 388 45.63 -7.85 70.78
CA SER H 388 46.83 -8.66 70.57
C SER H 388 47.72 -8.69 71.83
N PHE H 389 48.79 -9.46 71.75
CA PHE H 389 49.74 -9.64 72.85
C PHE H 389 50.86 -10.57 72.37
N GLY H 390 51.95 -10.61 73.12
CA GLY H 390 53.05 -11.49 72.74
C GLY H 390 54.20 -10.85 71.99
N GLY H 391 54.09 -9.56 71.70
CA GLY H 391 55.16 -8.88 70.99
C GLY H 391 56.17 -8.25 71.94
N CYS H 392 57.31 -7.84 71.38
CA CYS H 392 58.33 -7.22 72.19
C CYS H 392 57.77 -6.00 72.91
N GLU H 393 56.86 -5.30 72.24
CA GLU H 393 56.23 -4.13 72.83
C GLU H 393 55.15 -4.58 73.82
N SER H 394 55.10 -3.92 74.97
CA SER H 394 54.11 -4.26 75.98
C SER H 394 52.76 -3.69 75.59
N ILE H 395 51.70 -4.44 75.90
CA ILE H 395 50.35 -4.03 75.58
C ILE H 395 49.36 -4.25 76.74
N VAL H 396 48.31 -3.45 76.77
CA VAL H 396 47.28 -3.55 77.80
C VAL H 396 45.93 -3.26 77.18
N ASP H 397 44.88 -3.77 77.81
CA ASP H 397 43.52 -3.54 77.33
C ASP H 397 42.49 -3.90 78.39
N GLN H 398 41.29 -3.34 78.24
CA GLN H 398 40.19 -3.58 79.17
C GLN H 398 39.16 -4.42 78.41
N PRO H 399 39.37 -5.75 78.38
CA PRO H 399 38.51 -6.73 77.71
C PRO H 399 37.05 -6.30 77.60
N ALA H 400 36.52 -5.78 78.71
CA ALA H 400 35.15 -5.32 78.78
C ALA H 400 34.88 -4.40 77.59
N ILE H 401 35.73 -3.39 77.45
CA ILE H 401 35.60 -2.44 76.35
C ILE H 401 36.24 -2.97 75.08
N MET H 402 37.53 -3.31 75.20
CA MET H 402 38.32 -3.81 74.08
C MET H 402 37.65 -4.84 73.18
N SER H 403 36.88 -5.74 73.75
CA SER H 403 36.24 -6.75 72.92
C SER H 403 34.88 -7.19 73.43
N TYR H 404 34.23 -6.35 74.23
CA TYR H 404 32.93 -6.71 74.75
C TYR H 404 32.00 -5.52 74.94
N TRP H 405 32.42 -4.36 74.43
CA TRP H 405 31.61 -3.17 74.57
C TRP H 405 30.30 -3.26 73.78
N ASP H 406 30.26 -4.17 72.83
CA ASP H 406 29.05 -4.35 72.02
C ASP H 406 27.95 -5.02 72.83
N LEU H 407 28.25 -5.36 74.08
CA LEU H 407 27.26 -6.00 74.95
C LEU H 407 26.89 -5.17 76.16
N SER H 408 25.82 -5.60 76.83
CA SER H 408 25.30 -4.92 78.01
C SER H 408 26.05 -5.33 79.28
N GLN H 409 26.10 -4.41 80.24
CA GLN H 409 26.79 -4.65 81.51
C GLN H 409 26.40 -6.00 82.08
N SER H 410 25.14 -6.37 81.88
CA SER H 410 24.63 -7.64 82.38
C SER H 410 25.14 -8.79 81.51
N ASP H 411 24.92 -8.68 80.20
CA ASP H 411 25.36 -9.72 79.29
C ASP H 411 26.88 -9.89 79.31
N ARG H 412 27.59 -8.83 79.74
CA ARG H 412 29.05 -8.84 79.83
C ARG H 412 29.48 -9.73 80.99
N ALA H 413 28.89 -9.48 82.15
CA ALA H 413 29.19 -10.25 83.36
C ALA H 413 28.80 -11.71 83.14
N LYS H 414 27.98 -11.95 82.12
CA LYS H 414 27.52 -13.29 81.80
C LYS H 414 28.72 -14.23 81.58
N TYR H 415 29.90 -13.65 81.39
CA TYR H 415 31.09 -14.45 81.17
C TYR H 415 32.34 -13.93 81.90
N GLY H 416 32.16 -13.56 83.16
CA GLY H 416 33.25 -13.07 83.98
C GLY H 416 33.86 -11.73 83.58
N ILE H 417 33.61 -11.29 82.35
CA ILE H 417 34.16 -10.03 81.87
C ILE H 417 33.71 -8.86 82.71
N MET H 418 34.58 -8.42 83.61
CA MET H 418 34.29 -7.31 84.49
C MET H 418 34.89 -6.01 83.97
N ASP H 419 34.39 -4.89 84.48
CA ASP H 419 34.88 -3.59 84.07
C ASP H 419 36.26 -3.34 84.69
N ASN H 420 36.58 -4.12 85.73
CA ASN H 420 37.88 -3.99 86.42
C ASN H 420 38.94 -4.79 85.67
N LEU H 421 38.51 -5.96 85.20
CA LEU H 421 39.38 -6.87 84.47
C LEU H 421 40.32 -6.17 83.53
N VAL H 422 41.60 -6.38 83.74
CA VAL H 422 42.62 -5.79 82.90
C VAL H 422 43.55 -6.88 82.42
N ARG H 423 43.92 -6.80 81.15
CA ARG H 423 44.81 -7.79 80.59
C ARG H 423 46.13 -7.10 80.27
N PHE H 424 47.19 -7.59 80.87
CA PHE H 424 48.51 -7.02 80.63
C PHE H 424 49.41 -8.02 79.93
N SER H 425 49.77 -7.70 78.71
CA SER H 425 50.67 -8.56 77.95
C SER H 425 52.04 -7.95 78.10
N PHE H 426 52.85 -8.55 78.95
CA PHE H 426 54.18 -8.03 79.17
C PHE H 426 55.05 -8.21 77.96
N GLY H 427 55.64 -7.10 77.51
CA GLY H 427 56.52 -7.14 76.35
C GLY H 427 57.86 -7.72 76.73
N VAL H 428 58.93 -7.07 76.29
CA VAL H 428 60.27 -7.55 76.57
C VAL H 428 61.12 -6.47 77.24
N GLU H 429 60.53 -5.29 77.41
CA GLU H 429 61.23 -4.18 78.05
C GLU H 429 61.77 -4.64 79.40
N ASP H 430 62.75 -3.92 79.93
CA ASP H 430 63.34 -4.28 81.21
C ASP H 430 62.27 -4.36 82.28
N PHE H 431 62.44 -5.31 83.20
CA PHE H 431 61.48 -5.51 84.27
C PHE H 431 61.26 -4.26 85.10
N ASP H 432 62.31 -3.83 85.78
CA ASP H 432 62.22 -2.65 86.61
C ASP H 432 61.42 -1.56 85.92
N ASP H 433 61.82 -1.27 84.68
CA ASP H 433 61.14 -0.25 83.91
C ASP H 433 59.64 -0.46 83.89
N LEU H 434 59.22 -1.70 83.62
CA LEU H 434 57.80 -2.02 83.57
C LEU H 434 57.15 -1.89 84.94
N LYS H 435 57.74 -2.57 85.92
CA LYS H 435 57.25 -2.54 87.29
C LYS H 435 57.03 -1.09 87.70
N ALA H 436 58.08 -0.29 87.62
CA ALA H 436 58.00 1.12 87.98
C ALA H 436 56.79 1.77 87.33
N ASP H 437 56.56 1.45 86.06
CA ASP H 437 55.42 2.02 85.34
C ASP H 437 54.13 1.58 86.00
N ILE H 438 53.91 0.27 86.02
CA ILE H 438 52.71 -0.29 86.60
C ILE H 438 52.44 0.29 87.99
N LEU H 439 53.49 0.35 88.82
CA LEU H 439 53.39 0.88 90.18
C LEU H 439 52.96 2.34 90.21
N GLN H 440 53.82 3.19 89.66
CA GLN H 440 53.55 4.62 89.59
C GLN H 440 52.13 4.86 89.10
N ALA H 441 51.58 3.88 88.41
CA ALA H 441 50.23 3.98 87.87
C ALA H 441 49.18 3.66 88.93
N LEU H 442 49.33 2.51 89.59
CA LEU H 442 48.38 2.11 90.63
C LEU H 442 48.51 3.00 91.85
N ASP H 443 49.07 4.19 91.66
CA ASP H 443 49.25 5.15 92.74
C ASP H 443 48.35 6.35 92.52
N SER H 444 48.26 6.78 91.27
CA SER H 444 47.44 7.92 90.91
C SER H 444 45.95 7.62 91.10
N ILE H 445 45.67 6.48 91.72
CA ILE H 445 44.30 6.05 91.98
C ILE H 445 44.17 5.40 93.37
N TYR I 50 49.89 64.35 -45.40
CA TYR I 50 49.27 63.17 -46.09
C TYR I 50 48.49 62.31 -45.10
N ALA I 51 49.20 61.47 -44.36
CA ALA I 51 48.58 60.58 -43.39
C ALA I 51 48.89 60.98 -41.96
N SER I 52 47.97 60.61 -41.07
CA SER I 52 48.10 60.89 -39.63
C SER I 52 49.00 59.86 -38.99
N PHE I 53 49.10 58.69 -39.62
CA PHE I 53 49.93 57.61 -39.10
C PHE I 53 51.33 57.58 -39.72
N LEU I 54 51.70 58.65 -40.41
CA LEU I 54 53.02 58.73 -41.04
C LEU I 54 53.66 60.06 -40.72
N ASN I 55 54.39 60.11 -39.61
CA ASN I 55 55.06 61.33 -39.17
C ASN I 55 56.52 61.38 -39.59
N SER I 56 57.15 60.22 -39.69
CA SER I 56 58.56 60.17 -40.10
C SER I 56 58.68 60.30 -41.62
N ASP I 57 59.53 61.22 -42.06
CA ASP I 57 59.74 61.48 -43.49
C ASP I 57 59.89 60.19 -44.31
N GLY I 58 60.75 59.29 -43.85
CA GLY I 58 60.97 58.04 -44.55
C GLY I 58 59.69 57.28 -44.81
N SER I 59 58.85 57.14 -43.78
CA SER I 59 57.60 56.43 -43.94
C SER I 59 56.81 57.09 -45.06
N VAL I 60 56.82 58.43 -45.06
CA VAL I 60 56.11 59.20 -46.08
C VAL I 60 56.69 58.84 -47.44
N ALA I 61 57.95 59.19 -47.66
CA ALA I 61 58.64 58.91 -48.91
C ALA I 61 58.22 57.58 -49.51
N ILE I 62 57.86 56.63 -48.66
CA ILE I 62 57.45 55.31 -49.14
C ILE I 62 55.99 55.26 -49.56
N HIS I 63 55.11 55.56 -48.61
CA HIS I 63 53.68 55.49 -48.91
C HIS I 63 53.06 56.81 -49.34
N ALA I 64 53.86 57.86 -49.44
CA ALA I 64 53.33 59.17 -49.84
C ALA I 64 52.64 59.12 -51.21
N GLY I 65 51.36 59.51 -51.22
CA GLY I 65 50.61 59.51 -52.46
C GLY I 65 50.46 58.14 -53.10
N GLU I 66 50.27 57.11 -52.27
CA GLU I 66 50.13 55.76 -52.77
C GLU I 66 49.28 54.88 -51.86
N ARG I 67 49.70 54.71 -50.61
CA ARG I 67 48.99 53.87 -49.65
C ARG I 67 47.50 54.14 -49.53
N LEU I 68 47.11 55.41 -49.57
CA LEU I 68 45.70 55.76 -49.44
C LEU I 68 44.92 55.71 -50.75
N GLY I 69 45.61 55.91 -51.86
CA GLY I 69 44.93 55.89 -53.15
C GLY I 69 45.83 56.43 -54.24
N ARG I 70 45.47 56.17 -55.50
CA ARG I 70 46.30 56.63 -56.59
C ARG I 70 45.57 57.38 -57.70
N GLY I 71 44.28 57.15 -57.83
CA GLY I 71 43.53 57.81 -58.88
C GLY I 71 43.49 56.89 -60.08
N ILE I 72 44.23 55.79 -59.97
CA ILE I 72 44.28 54.78 -61.00
C ILE I 72 44.10 53.44 -60.31
N VAL I 73 42.87 53.19 -59.86
CA VAL I 73 42.50 51.98 -59.16
C VAL I 73 43.17 50.66 -59.57
N THR I 74 43.84 50.03 -58.60
CA THR I 74 44.52 48.76 -58.80
C THR I 74 44.71 48.09 -57.45
N ASP I 75 44.66 46.77 -57.44
CA ASP I 75 44.86 46.01 -56.21
C ASP I 75 46.34 45.65 -56.16
N ALA I 76 47.14 46.38 -56.93
CA ALA I 76 48.58 46.16 -57.00
C ALA I 76 49.27 46.99 -55.93
N ILE I 77 50.44 46.55 -55.49
CA ILE I 77 51.18 47.28 -54.47
C ILE I 77 51.83 48.52 -55.05
N THR I 78 52.60 48.35 -56.11
CA THR I 78 53.29 49.44 -56.76
C THR I 78 52.43 50.25 -57.71
N THR I 79 52.99 51.36 -58.17
CA THR I 79 52.30 52.22 -59.10
C THR I 79 52.47 51.65 -60.51
N PRO I 80 51.40 51.63 -61.30
CA PRO I 80 51.50 51.09 -62.66
C PRO I 80 52.07 52.14 -63.60
N VAL I 81 52.98 51.72 -64.47
CA VAL I 81 53.57 52.64 -65.43
C VAL I 81 52.63 52.79 -66.61
N VAL I 82 52.11 54.01 -66.81
CA VAL I 82 51.19 54.26 -67.91
C VAL I 82 51.91 54.88 -69.10
N ASN I 83 52.10 54.08 -70.14
CA ASN I 83 52.79 54.50 -71.35
C ASN I 83 51.81 54.94 -72.42
N THR I 84 51.21 56.12 -72.25
CA THR I 84 50.24 56.64 -73.20
C THR I 84 50.64 58.03 -73.67
N SER I 85 50.31 58.35 -74.91
CA SER I 85 50.63 59.67 -75.44
C SER I 85 49.42 60.58 -75.40
N ALA I 86 48.26 60.00 -75.11
CA ALA I 86 47.02 60.78 -75.04
C ALA I 86 45.97 60.01 -74.25
N TYR I 87 44.92 60.72 -73.85
CA TYR I 87 43.83 60.10 -73.09
C TYR I 87 42.54 60.33 -73.86
N PHE I 88 41.64 59.36 -73.78
CA PHE I 88 40.36 59.43 -74.51
C PHE I 88 39.14 59.78 -73.68
N PHE I 89 38.01 59.91 -74.36
CA PHE I 89 36.73 60.21 -73.73
C PHE I 89 35.67 59.27 -74.30
N ASN I 90 34.67 58.96 -73.49
CA ASN I 90 33.60 58.06 -73.91
C ASN I 90 32.58 58.71 -74.84
N LYS I 91 32.42 60.02 -74.72
CA LYS I 91 31.48 60.75 -75.56
C LYS I 91 31.68 62.26 -75.45
N THR I 92 31.49 62.95 -76.57
CA THR I 92 31.66 64.40 -76.62
C THR I 92 31.12 65.07 -75.37
N SER I 93 29.95 64.62 -74.92
CA SER I 93 29.32 65.18 -73.74
C SER I 93 30.34 65.33 -72.61
N GLU I 94 31.05 64.25 -72.32
CA GLU I 94 32.06 64.22 -71.27
C GLU I 94 33.21 65.17 -71.57
N LEU I 95 33.75 65.07 -72.79
CA LEU I 95 34.85 65.95 -73.20
C LEU I 95 34.50 67.37 -72.81
N ILE I 96 33.32 67.81 -73.22
CA ILE I 96 32.85 69.16 -72.90
C ILE I 96 33.01 69.39 -71.41
N ASP I 97 32.38 68.53 -70.61
CA ASP I 97 32.47 68.64 -69.17
C ASP I 97 33.90 68.95 -68.74
N PHE I 98 34.84 68.13 -69.19
CA PHE I 98 36.24 68.33 -68.84
C PHE I 98 36.68 69.72 -69.26
N LYS I 99 36.47 70.05 -70.52
CA LYS I 99 36.85 71.35 -71.05
C LYS I 99 36.20 72.48 -70.27
N GLU I 100 35.05 72.20 -69.65
CA GLU I 100 34.33 73.20 -68.87
C GLU I 100 34.65 73.09 -67.39
N LYS I 101 35.70 72.33 -67.07
CA LYS I 101 36.16 72.14 -65.70
C LYS I 101 35.16 71.44 -64.79
N ARG I 102 34.46 70.44 -65.33
CA ARG I 102 33.49 69.69 -64.55
C ARG I 102 33.97 68.26 -64.38
N ARG I 103 35.00 67.91 -65.14
CA ARG I 103 35.58 66.57 -65.11
C ARG I 103 37.11 66.70 -65.06
N ALA I 104 37.79 65.63 -64.68
CA ALA I 104 39.24 65.63 -64.57
C ALA I 104 39.91 64.72 -65.59
N SER I 105 40.89 65.26 -66.32
CA SER I 105 41.61 64.50 -67.34
C SER I 105 42.88 65.20 -67.78
N PHE I 106 43.91 64.42 -68.07
CA PHE I 106 45.19 64.97 -68.50
C PHE I 106 45.13 65.39 -69.96
N GLU I 107 44.15 64.84 -70.67
CA GLU I 107 43.94 65.13 -72.09
C GLU I 107 45.11 64.63 -72.94
N TYR I 108 46.22 65.35 -72.87
CA TYR I 108 47.40 65.00 -73.63
C TYR I 108 48.51 64.62 -72.66
N GLY I 109 49.41 63.76 -73.12
CA GLY I 109 50.52 63.31 -72.29
C GLY I 109 51.45 64.41 -71.82
N ARG I 110 51.58 65.48 -72.60
CA ARG I 110 52.45 66.60 -72.25
C ARG I 110 51.85 67.44 -71.12
N TYR I 111 50.60 67.16 -70.77
CA TYR I 111 49.91 67.90 -69.72
C TYR I 111 49.83 67.17 -68.38
N GLY I 112 50.01 65.85 -68.40
CA GLY I 112 49.95 65.10 -67.17
C GLY I 112 50.01 63.61 -67.41
N ASN I 113 50.21 62.85 -66.35
CA ASN I 113 50.28 61.40 -66.45
C ASN I 113 49.99 60.77 -65.11
N PRO I 114 49.13 59.74 -65.09
CA PRO I 114 48.76 59.03 -63.87
C PRO I 114 49.94 58.48 -63.08
N THR I 115 50.92 57.98 -63.81
CA THR I 115 52.11 57.41 -63.20
C THR I 115 53.06 58.47 -62.68
N THR I 116 52.90 59.71 -63.14
CA THR I 116 53.78 60.79 -62.70
C THR I 116 53.20 61.50 -61.47
N VAL I 117 51.97 61.97 -61.60
CA VAL I 117 51.28 62.68 -60.52
C VAL I 117 51.59 62.05 -59.16
N VAL I 118 51.67 60.72 -59.13
CA VAL I 118 51.99 60.01 -57.89
C VAL I 118 53.26 60.62 -57.34
N LEU I 119 54.35 60.46 -58.09
CA LEU I 119 55.63 61.01 -57.68
C LEU I 119 55.44 62.47 -57.31
N GLU I 120 54.61 63.17 -58.08
CA GLU I 120 54.35 64.57 -57.83
C GLU I 120 53.84 64.76 -56.40
N GLU I 121 52.73 64.13 -56.06
CA GLU I 121 52.14 64.23 -54.73
C GLU I 121 53.12 63.79 -53.66
N LYS I 122 53.85 62.71 -53.95
CA LYS I 122 54.82 62.17 -53.01
C LYS I 122 55.80 63.24 -52.54
N ILE I 123 56.52 63.84 -53.48
CA ILE I 123 57.47 64.89 -53.14
C ILE I 123 56.75 66.02 -52.45
N SER I 124 55.58 66.39 -52.97
CA SER I 124 54.78 67.45 -52.37
C SER I 124 54.74 67.19 -50.87
N ALA I 125 54.22 66.02 -50.50
CA ALA I 125 54.09 65.62 -49.11
C ALA I 125 55.41 65.74 -48.36
N LEU I 126 56.48 65.28 -48.98
CA LEU I 126 57.80 65.33 -48.35
C LEU I 126 58.22 66.74 -47.97
N GLU I 127 58.25 67.64 -48.94
CA GLU I 127 58.64 69.02 -48.68
C GLU I 127 57.50 69.77 -48.00
N GLY I 128 56.35 69.11 -47.88
CA GLY I 128 55.20 69.72 -47.24
C GLY I 128 54.65 70.87 -48.05
N ALA I 129 54.65 70.70 -49.38
CA ALA I 129 54.17 71.73 -50.28
C ALA I 129 52.72 71.56 -50.66
N GLU I 130 52.21 72.53 -51.42
CA GLU I 130 50.83 72.51 -51.87
C GLU I 130 50.77 71.69 -53.14
N SER I 131 51.78 71.85 -53.98
CA SER I 131 51.84 71.13 -55.25
C SER I 131 53.24 71.10 -55.82
N THR I 132 53.55 70.04 -56.57
CA THR I 132 54.87 69.90 -57.16
C THR I 132 54.78 69.64 -58.66
N LEU I 133 55.82 70.07 -59.37
CA LEU I 133 55.89 69.89 -60.81
C LEU I 133 57.11 69.03 -61.13
N LEU I 134 57.03 68.24 -62.20
CA LEU I 134 58.15 67.40 -62.57
C LEU I 134 58.60 67.59 -64.02
N MET I 135 59.82 68.07 -64.21
CA MET I 135 60.37 68.31 -65.55
C MET I 135 61.25 67.16 -66.01
N ALA I 136 61.83 67.32 -67.20
CA ALA I 136 62.70 66.30 -67.77
C ALA I 136 64.10 66.31 -67.19
N SER I 137 64.48 67.42 -66.55
CA SER I 137 65.79 67.54 -65.95
C SER I 137 65.85 68.77 -65.07
N GLY I 138 66.76 68.77 -64.10
CA GLY I 138 66.88 69.90 -63.19
C GLY I 138 66.93 71.23 -63.93
N MET I 139 67.88 71.35 -64.85
CA MET I 139 68.08 72.56 -65.65
C MET I 139 66.74 73.01 -66.25
N CYS I 140 65.99 72.06 -66.79
CA CYS I 140 64.69 72.35 -67.36
C CYS I 140 63.93 73.19 -66.33
N ALA I 141 63.69 72.59 -65.16
CA ALA I 141 62.98 73.26 -64.06
C ALA I 141 63.42 74.70 -63.79
N SER I 142 64.69 74.89 -63.48
CA SER I 142 65.20 76.24 -63.20
C SER I 142 64.89 77.15 -64.36
N THR I 143 65.22 76.67 -65.56
CA THR I 143 65.00 77.39 -66.81
C THR I 143 63.57 77.89 -66.88
N VAL I 144 62.65 76.95 -67.03
CA VAL I 144 61.24 77.26 -67.10
C VAL I 144 60.85 78.19 -65.98
N MET I 145 61.01 77.74 -64.75
CA MET I 145 60.68 78.53 -63.57
C MET I 145 61.10 80.00 -63.73
N LEU I 146 62.32 80.23 -64.19
CA LEU I 146 62.79 81.59 -64.38
C LEU I 146 61.96 82.27 -65.45
N LEU I 147 61.98 81.69 -66.64
CA LEU I 147 61.23 82.24 -67.77
C LEU I 147 59.77 82.50 -67.42
N ALA I 148 59.24 81.72 -66.48
CA ALA I 148 57.86 81.84 -66.07
C ALA I 148 57.54 82.92 -65.06
N LEU I 149 58.40 83.08 -64.06
CA LEU I 149 58.18 84.06 -62.99
C LEU I 149 58.76 85.45 -63.17
N VAL I 150 59.96 85.53 -63.74
CA VAL I 150 60.59 86.81 -63.95
C VAL I 150 60.05 87.51 -65.19
N PRO I 151 59.38 88.66 -65.00
CA PRO I 151 58.83 89.39 -66.14
C PRO I 151 59.97 89.90 -67.01
N ALA I 152 59.62 90.46 -68.17
CA ALA I 152 60.62 91.01 -69.08
C ALA I 152 61.19 92.27 -68.49
N GLY I 153 62.50 92.43 -68.59
CA GLY I 153 63.13 93.60 -68.03
C GLY I 153 63.22 93.58 -66.51
N GLY I 154 62.65 92.54 -65.91
CA GLY I 154 62.67 92.40 -64.47
C GLY I 154 64.06 92.10 -63.96
N HIS I 155 64.25 92.26 -62.65
CA HIS I 155 65.54 92.02 -62.01
C HIS I 155 65.50 90.79 -61.10
N ILE I 156 66.62 90.09 -61.04
CA ILE I 156 66.72 88.90 -60.21
C ILE I 156 68.01 88.94 -59.42
N VAL I 157 68.03 88.24 -58.29
CA VAL I 157 69.22 88.20 -57.43
C VAL I 157 69.64 86.77 -57.15
N THR I 158 70.91 86.47 -57.41
CA THR I 158 71.44 85.14 -57.16
C THR I 158 72.79 85.19 -56.47
N THR I 159 73.29 84.02 -56.08
CA THR I 159 74.56 83.93 -55.38
C THR I 159 75.70 83.69 -56.36
N THR I 160 76.93 83.82 -55.86
CA THR I 160 78.11 83.65 -56.68
C THR I 160 78.42 82.19 -56.94
N ASP I 161 78.10 81.34 -55.96
CA ASP I 161 78.36 79.92 -56.10
C ASP I 161 77.24 79.15 -56.78
N CYS I 162 76.84 79.63 -57.95
CA CYS I 162 75.79 78.98 -58.71
C CYS I 162 76.41 77.82 -59.47
N TYR I 163 75.57 76.92 -59.97
CA TYR I 163 76.05 75.78 -60.74
C TYR I 163 76.34 76.28 -62.15
N ARG I 164 77.51 75.91 -62.67
CA ARG I 164 77.95 76.34 -64.00
C ARG I 164 76.84 76.75 -64.97
N LYS I 165 76.16 75.77 -65.57
CA LYS I 165 75.10 76.05 -66.53
C LYS I 165 74.06 77.04 -66.01
N THR I 166 73.51 76.78 -64.84
CA THR I 166 72.50 77.66 -64.26
C THR I 166 72.93 79.11 -64.35
N ARG I 167 74.24 79.32 -64.27
CA ARG I 167 74.81 80.66 -64.35
C ARG I 167 74.65 81.17 -65.78
N ILE I 168 75.28 80.47 -66.71
CA ILE I 168 75.24 80.81 -68.12
C ILE I 168 73.85 81.25 -68.58
N PHE I 169 72.84 80.45 -68.29
CA PHE I 169 71.48 80.77 -68.68
C PHE I 169 71.14 82.19 -68.23
N ILE I 170 71.31 82.44 -66.94
CA ILE I 170 71.03 83.73 -66.35
C ILE I 170 71.87 84.86 -66.92
N GLU I 171 73.07 84.54 -67.38
CA GLU I 171 73.97 85.55 -67.92
C GLU I 171 73.90 85.73 -69.43
N THR I 172 73.39 84.73 -70.15
CA THR I 172 73.32 84.82 -71.60
C THR I 172 71.90 84.81 -72.22
N ILE I 173 70.96 84.10 -71.61
CA ILE I 173 69.62 84.06 -72.15
C ILE I 173 68.69 85.13 -71.57
N LEU I 174 68.50 85.09 -70.26
CA LEU I 174 67.64 86.07 -69.59
C LEU I 174 67.88 87.50 -70.05
N PRO I 175 69.14 87.90 -70.25
CA PRO I 175 69.38 89.29 -70.70
C PRO I 175 68.64 89.59 -71.99
N LYS I 176 68.37 88.56 -72.79
CA LYS I 176 67.67 88.72 -74.05
C LYS I 176 66.27 89.23 -73.77
N MET I 177 65.78 88.95 -72.56
CA MET I 177 64.46 89.39 -72.14
C MET I 177 64.59 90.64 -71.30
N GLY I 178 65.77 91.26 -71.37
CA GLY I 178 66.02 92.47 -70.61
C GLY I 178 66.03 92.22 -69.12
N ILE I 179 66.15 90.95 -68.74
CA ILE I 179 66.19 90.60 -67.32
C ILE I 179 67.61 90.70 -66.79
N THR I 180 67.83 91.70 -65.95
CA THR I 180 69.14 91.94 -65.34
C THR I 180 69.22 91.24 -63.98
N ALA I 181 70.43 90.91 -63.56
CA ALA I 181 70.62 90.22 -62.29
C ALA I 181 71.76 90.77 -61.44
N THR I 182 71.69 90.49 -60.14
CA THR I 182 72.70 90.92 -59.19
C THR I 182 73.30 89.68 -58.52
N VAL I 183 74.61 89.53 -58.61
CA VAL I 183 75.29 88.39 -58.03
C VAL I 183 76.01 88.73 -56.72
N ILE I 184 75.45 88.27 -55.61
CA ILE I 184 76.01 88.53 -54.28
C ILE I 184 76.59 87.27 -53.67
N ASP I 185 77.42 87.42 -52.64
CA ASP I 185 78.01 86.26 -51.98
C ASP I 185 76.94 85.67 -51.06
N PRO I 186 76.89 84.33 -50.97
CA PRO I 186 75.90 83.63 -50.14
C PRO I 186 75.76 84.20 -48.73
N ALA I 187 76.90 84.51 -48.11
CA ALA I 187 76.89 85.05 -46.76
C ALA I 187 76.48 86.52 -46.73
N ASP I 188 77.09 87.31 -47.61
CA ASP I 188 76.82 88.75 -47.69
C ASP I 188 75.34 89.13 -47.70
N VAL I 189 74.74 89.18 -46.51
CA VAL I 189 73.33 89.53 -46.40
C VAL I 189 73.14 91.02 -46.62
N GLY I 190 74.20 91.79 -46.40
CA GLY I 190 74.11 93.22 -46.60
C GLY I 190 73.82 93.52 -48.06
N ALA I 191 74.60 92.91 -48.95
CA ALA I 191 74.44 93.08 -50.38
C ALA I 191 72.99 92.83 -50.74
N LEU I 192 72.45 91.71 -50.30
CA LEU I 192 71.07 91.39 -50.59
C LEU I 192 70.17 92.52 -50.14
N GLU I 193 70.25 92.87 -48.86
CA GLU I 193 69.43 93.94 -48.29
C GLU I 193 69.58 95.22 -49.08
N LEU I 194 70.79 95.48 -49.56
CA LEU I 194 71.04 96.69 -50.34
C LEU I 194 70.31 96.60 -51.67
N ALA I 195 70.68 95.60 -52.46
CA ALA I 195 70.07 95.38 -53.76
C ALA I 195 68.54 95.41 -53.64
N LEU I 196 68.03 94.82 -52.57
CA LEU I 196 66.60 94.79 -52.33
C LEU I 196 66.02 96.19 -52.37
N ASN I 197 66.80 97.17 -51.93
CA ASN I 197 66.36 98.56 -51.91
C ASN I 197 66.73 99.32 -53.17
N GLN I 198 67.91 99.06 -53.70
CA GLN I 198 68.35 99.74 -54.91
C GLN I 198 67.39 99.49 -56.07
N LYS I 199 67.42 98.29 -56.63
CA LYS I 199 66.55 97.95 -57.74
C LYS I 199 65.27 97.30 -57.23
N LYS I 200 64.42 96.88 -58.16
CA LYS I 200 63.16 96.23 -57.81
C LYS I 200 63.30 94.75 -58.12
N VAL I 201 63.77 93.97 -57.13
CA VAL I 201 63.96 92.54 -57.30
C VAL I 201 62.67 91.75 -57.48
N ASN I 202 62.62 90.93 -58.52
CA ASN I 202 61.44 90.13 -58.81
C ASN I 202 61.53 88.80 -58.09
N LEU I 203 62.75 88.27 -57.96
CA LEU I 203 62.95 87.00 -57.28
C LEU I 203 64.41 86.75 -56.91
N PHE I 204 64.60 86.19 -55.73
CA PHE I 204 65.94 85.86 -55.26
C PHE I 204 66.05 84.36 -55.42
N PHE I 205 67.10 83.91 -56.09
CA PHE I 205 67.25 82.48 -56.32
C PHE I 205 68.64 82.01 -56.01
N THR I 206 68.73 80.89 -55.30
CA THR I 206 70.01 80.31 -54.95
C THR I 206 69.86 78.92 -54.41
N GLU I 207 70.98 78.22 -54.35
CA GLU I 207 70.99 76.86 -53.86
C GLU I 207 71.68 76.81 -52.50
N SER I 208 71.16 75.98 -51.61
CA SER I 208 71.75 75.85 -50.29
C SER I 208 71.53 74.42 -49.78
N PRO I 209 72.61 73.65 -49.58
CA PRO I 209 74.01 74.05 -49.81
C PRO I 209 74.30 74.43 -51.24
N THR I 210 75.44 75.07 -51.43
CA THR I 210 75.91 75.53 -52.72
C THR I 210 76.85 74.53 -53.37
N ASN I 211 77.23 74.81 -54.60
CA ASN I 211 78.14 73.95 -55.35
C ASN I 211 79.35 74.73 -55.84
N PRO I 212 80.55 74.18 -55.63
CA PRO I 212 80.80 72.90 -54.99
C PRO I 212 81.24 73.07 -53.54
N PHE I 213 81.33 74.31 -53.09
CA PHE I 213 81.76 74.57 -51.72
C PHE I 213 80.68 74.40 -50.67
N LEU I 214 79.51 73.94 -51.10
CA LEU I 214 78.40 73.71 -50.19
C LEU I 214 78.12 74.85 -49.23
N ARG I 215 78.21 76.08 -49.70
CA ARG I 215 77.93 77.22 -48.83
C ARG I 215 76.42 77.19 -48.56
N CYS I 216 76.00 77.78 -47.45
CA CYS I 216 74.58 77.78 -47.12
C CYS I 216 74.02 79.19 -46.90
N VAL I 217 72.73 79.34 -47.19
CA VAL I 217 72.04 80.61 -47.04
C VAL I 217 71.02 80.57 -45.92
N ASP I 218 71.09 81.54 -45.00
CA ASP I 218 70.15 81.59 -43.90
C ASP I 218 68.78 81.82 -44.50
N ILE I 219 68.19 80.75 -45.01
CA ILE I 219 66.88 80.79 -45.66
C ILE I 219 65.87 81.66 -44.92
N GLU I 220 65.59 81.30 -43.67
CA GLU I 220 64.63 82.05 -42.86
C GLU I 220 64.90 83.54 -42.89
N LEU I 221 66.16 83.92 -42.73
CA LEU I 221 66.54 85.31 -42.74
C LEU I 221 66.25 85.91 -44.10
N VAL I 222 66.95 85.42 -45.11
CA VAL I 222 66.78 85.90 -46.46
C VAL I 222 65.30 86.03 -46.79
N SER I 223 64.58 84.92 -46.67
CA SER I 223 63.14 84.89 -46.93
C SER I 223 62.45 86.12 -46.35
N LYS I 224 62.72 86.40 -45.08
CA LYS I 224 62.13 87.54 -44.40
C LYS I 224 62.43 88.82 -45.14
N LEU I 225 63.72 89.05 -45.36
CA LEU I 225 64.18 90.26 -46.05
C LEU I 225 63.50 90.44 -47.41
N CYS I 226 63.61 89.42 -48.25
CA CYS I 226 63.02 89.48 -49.58
C CYS I 226 61.53 89.77 -49.51
N HIS I 227 60.79 88.95 -48.78
CA HIS I 227 59.35 89.14 -48.68
C HIS I 227 58.93 90.54 -48.22
N GLU I 228 59.87 91.28 -47.63
CA GLU I 228 59.58 92.63 -47.15
C GLU I 228 59.53 93.60 -48.33
N LYS I 229 60.20 93.24 -49.41
CA LYS I 229 60.26 94.07 -50.60
C LYS I 229 59.47 93.47 -51.77
N GLY I 230 58.72 92.40 -51.51
CA GLY I 230 57.92 91.78 -52.54
C GLY I 230 58.64 90.79 -53.44
N ALA I 231 59.91 90.53 -53.16
CA ALA I 231 60.70 89.60 -53.95
C ALA I 231 60.31 88.15 -53.64
N LEU I 232 60.53 87.26 -54.60
CA LEU I 232 60.23 85.85 -54.42
C LEU I 232 61.51 85.09 -54.12
N VAL I 233 61.41 84.05 -53.30
CA VAL I 233 62.59 83.28 -52.94
C VAL I 233 62.53 81.85 -53.40
N CYS I 234 63.54 81.44 -54.15
CA CYS I 234 63.60 80.08 -54.65
C CYS I 234 64.93 79.46 -54.25
N ILE I 235 64.86 78.35 -53.52
CA ILE I 235 66.06 77.67 -53.07
C ILE I 235 66.23 76.34 -53.77
N ASP I 236 67.43 76.09 -54.27
CA ASP I 236 67.73 74.84 -54.95
C ASP I 236 68.35 73.88 -53.94
N GLY I 237 67.50 73.23 -53.15
CA GLY I 237 67.97 72.31 -52.14
C GLY I 237 68.41 70.95 -52.65
N THR I 238 68.93 70.92 -53.86
CA THR I 238 69.37 69.66 -54.43
C THR I 238 70.23 68.90 -53.43
N PHE I 239 71.37 69.49 -53.09
CA PHE I 239 72.33 68.90 -52.16
C PHE I 239 71.72 68.56 -50.80
N ALA I 240 70.81 69.41 -50.35
CA ALA I 240 70.17 69.22 -49.07
C ALA I 240 69.30 67.98 -49.02
N THR I 241 68.33 67.91 -49.91
CA THR I 241 67.38 66.81 -49.97
C THR I 241 66.23 67.17 -49.06
N PRO I 242 64.99 66.95 -49.50
CA PRO I 242 63.85 67.28 -48.64
C PRO I 242 63.98 66.74 -47.22
N LEU I 243 64.89 65.78 -47.03
CA LEU I 243 65.09 65.16 -45.73
C LEU I 243 65.99 65.96 -44.77
N ASN I 244 67.07 66.53 -45.29
CA ASN I 244 67.98 67.28 -44.44
C ASN I 244 67.55 68.72 -44.18
N GLN I 245 66.44 69.13 -44.79
CA GLN I 245 65.96 70.51 -44.59
C GLN I 245 64.65 70.76 -45.32
N LYS I 246 63.90 71.73 -44.82
CA LYS I 246 62.63 72.08 -45.43
C LYS I 246 62.59 73.57 -45.75
N ALA I 247 63.21 73.93 -46.88
CA ALA I 247 63.26 75.31 -47.30
C ALA I 247 61.90 75.96 -47.26
N LEU I 248 60.89 75.25 -47.74
CA LEU I 248 59.54 75.79 -47.76
C LEU I 248 59.12 76.19 -46.35
N ALA I 249 59.43 75.33 -45.39
CA ALA I 249 59.08 75.57 -44.00
C ALA I 249 59.80 76.79 -43.45
N LEU I 250 61.06 76.96 -43.86
CA LEU I 250 61.87 78.08 -43.40
C LEU I 250 61.45 79.41 -44.02
N GLY I 251 60.37 79.40 -44.81
CA GLY I 251 59.87 80.62 -45.42
C GLY I 251 60.04 80.79 -46.92
N ALA I 252 60.86 79.94 -47.54
CA ALA I 252 61.08 80.03 -48.98
C ALA I 252 59.79 79.86 -49.77
N ASP I 253 59.70 80.55 -50.90
CA ASP I 253 58.51 80.47 -51.74
C ASP I 253 58.53 79.23 -52.61
N LEU I 254 59.71 78.88 -53.10
CA LEU I 254 59.85 77.73 -53.98
C LEU I 254 61.15 76.98 -53.74
N VAL I 255 61.04 75.66 -53.77
CA VAL I 255 62.20 74.81 -53.60
C VAL I 255 62.21 73.84 -54.78
N LEU I 256 63.34 73.78 -55.46
CA LEU I 256 63.45 72.88 -56.60
C LEU I 256 64.64 71.95 -56.41
N HIS I 257 64.54 70.76 -56.97
CA HIS I 257 65.59 69.78 -56.86
C HIS I 257 65.92 69.19 -58.21
N SER I 258 67.08 68.55 -58.29
CA SER I 258 67.50 67.87 -59.50
C SER I 258 67.41 66.39 -59.14
N ALA I 259 66.20 65.84 -59.25
CA ALA I 259 65.96 64.45 -58.91
C ALA I 259 67.00 63.52 -59.49
N THR I 260 67.79 64.03 -60.43
CA THR I 260 68.84 63.28 -61.07
C THR I 260 69.84 62.75 -60.04
N LYS I 261 69.95 63.46 -58.93
CA LYS I 261 70.90 63.10 -57.89
C LYS I 261 70.40 62.16 -56.79
N PHE I 262 70.03 62.72 -55.65
CA PHE I 262 69.57 61.95 -54.49
C PHE I 262 68.20 61.28 -54.64
N LEU I 263 67.18 62.05 -55.01
CA LEU I 263 65.84 61.52 -55.15
C LEU I 263 65.81 60.19 -55.91
N GLY I 264 66.44 60.14 -57.07
CA GLY I 264 66.46 58.90 -57.81
C GLY I 264 67.58 58.06 -57.23
N GLY I 265 68.61 58.76 -56.79
CA GLY I 265 69.77 58.12 -56.15
C GLY I 265 70.35 56.86 -56.72
N HIS I 266 70.09 56.54 -57.99
CA HIS I 266 70.64 55.33 -58.56
C HIS I 266 71.46 55.57 -59.82
N ASN I 267 71.69 56.84 -60.12
CA ASN I 267 72.48 57.22 -61.27
C ASN I 267 71.99 56.56 -62.55
N ASP I 268 70.69 56.63 -62.81
CA ASP I 268 70.15 56.01 -64.01
C ASP I 268 68.91 56.74 -64.53
N VAL I 269 68.83 58.04 -64.27
CA VAL I 269 67.67 58.81 -64.70
C VAL I 269 67.83 60.29 -64.38
N LEU I 270 67.39 61.14 -65.30
CA LEU I 270 67.46 62.58 -65.07
C LEU I 270 66.05 63.07 -64.77
N ALA I 271 65.95 64.17 -64.04
CA ALA I 271 64.65 64.71 -63.71
C ALA I 271 64.73 66.01 -62.93
N GLY I 272 63.89 66.95 -63.31
CA GLY I 272 63.83 68.22 -62.63
C GLY I 272 62.60 68.19 -61.76
N CYS I 273 62.57 69.01 -60.72
CA CYS I 273 61.45 69.03 -59.82
C CYS I 273 61.32 70.37 -59.11
N ILE I 274 60.10 70.86 -58.98
CA ILE I 274 59.85 72.12 -58.32
C ILE I 274 58.59 72.01 -57.47
N SER I 275 58.71 72.38 -56.21
CA SER I 275 57.57 72.30 -55.30
C SER I 275 57.32 73.68 -54.68
N GLY I 276 56.06 73.95 -54.36
CA GLY I 276 55.71 75.23 -53.76
C GLY I 276 54.21 75.44 -53.70
N PRO I 277 53.77 76.70 -53.54
CA PRO I 277 52.34 77.03 -53.46
C PRO I 277 51.67 76.92 -54.81
N LEU I 278 50.43 76.45 -54.81
CA LEU I 278 49.67 76.29 -56.04
C LEU I 278 49.69 77.55 -56.91
N LYS I 279 49.12 78.63 -56.40
CA LYS I 279 49.07 79.89 -57.14
C LYS I 279 50.37 80.19 -57.88
N LEU I 280 51.48 79.66 -57.39
CA LEU I 280 52.78 79.90 -58.01
C LEU I 280 53.19 78.81 -58.98
N VAL I 281 53.36 77.60 -58.46
CA VAL I 281 53.78 76.47 -59.27
C VAL I 281 52.91 76.36 -60.51
N SER I 282 51.60 76.51 -60.33
CA SER I 282 50.67 76.44 -61.45
C SER I 282 51.10 77.36 -62.59
N GLU I 283 51.46 78.59 -62.25
CA GLU I 283 51.89 79.55 -63.25
C GLU I 283 53.05 78.99 -64.07
N ILE I 284 53.83 78.10 -63.46
CA ILE I 284 54.96 77.48 -64.14
C ILE I 284 54.50 76.30 -65.00
N ARG I 285 53.63 75.48 -64.44
CA ARG I 285 53.08 74.33 -65.12
C ARG I 285 52.50 74.76 -66.47
N ASN I 286 51.92 75.95 -66.50
CA ASN I 286 51.32 76.47 -67.73
C ASN I 286 52.36 76.65 -68.83
N LEU I 287 53.42 77.39 -68.52
CA LEU I 287 54.48 77.61 -69.47
C LEU I 287 55.12 76.28 -69.80
N HIS I 288 55.14 75.39 -68.82
CA HIS I 288 55.74 74.06 -69.01
C HIS I 288 54.93 73.28 -70.04
N HIS I 289 53.64 73.56 -70.10
CA HIS I 289 52.78 72.89 -71.04
C HIS I 289 53.04 73.37 -72.46
N ILE I 290 53.99 74.29 -72.61
CA ILE I 290 54.33 74.82 -73.92
C ILE I 290 55.76 74.47 -74.32
N LEU I 291 56.71 74.72 -73.44
CA LEU I 291 58.10 74.40 -73.74
C LEU I 291 58.28 72.91 -73.91
N GLY I 292 57.26 72.15 -73.48
CA GLY I 292 57.28 70.71 -73.60
C GLY I 292 58.49 69.96 -73.07
N GLY I 293 58.70 70.03 -71.77
CA GLY I 293 59.83 69.34 -71.17
C GLY I 293 59.30 68.18 -70.33
N ALA I 294 58.16 67.65 -70.76
CA ALA I 294 57.50 66.56 -70.05
C ALA I 294 58.46 65.45 -69.66
N LEU I 295 58.15 64.81 -68.53
CA LEU I 295 58.95 63.70 -68.00
C LEU I 295 58.29 62.38 -68.39
N ASN I 296 59.08 61.45 -68.90
CA ASN I 296 58.55 60.14 -69.32
C ASN I 296 58.11 59.29 -68.12
N PRO I 297 56.99 58.57 -68.28
CA PRO I 297 56.45 57.73 -67.20
C PRO I 297 57.48 56.78 -66.62
N ASN I 298 58.20 56.08 -67.49
CA ASN I 298 59.21 55.13 -67.05
C ASN I 298 60.21 55.80 -66.13
N ALA I 299 60.59 57.02 -66.46
CA ALA I 299 61.53 57.77 -65.64
C ALA I 299 60.88 58.02 -64.29
N ALA I 300 59.67 58.57 -64.34
CA ALA I 300 58.92 58.86 -63.12
C ALA I 300 58.90 57.66 -62.21
N TYR I 301 58.55 56.50 -62.75
CA TYR I 301 58.50 55.30 -61.94
C TYR I 301 59.83 55.05 -61.25
N LEU I 302 60.90 54.98 -62.03
CA LEU I 302 62.22 54.73 -61.48
C LEU I 302 62.52 55.61 -60.27
N ILE I 303 62.03 56.85 -60.30
CA ILE I 303 62.25 57.77 -59.19
C ILE I 303 61.38 57.36 -58.01
N ILE I 304 60.15 56.97 -58.29
CA ILE I 304 59.24 56.55 -57.23
C ILE I 304 59.93 55.39 -56.51
N ARG I 305 60.42 54.45 -57.31
CA ARG I 305 61.09 53.28 -56.78
C ARG I 305 62.30 53.70 -55.96
N GLY I 306 63.05 54.67 -56.48
CA GLY I 306 64.24 55.13 -55.79
C GLY I 306 63.97 55.77 -54.44
N MET I 307 62.91 56.57 -54.37
CA MET I 307 62.56 57.26 -53.13
C MET I 307 62.02 56.29 -52.08
N LYS I 308 61.68 55.08 -52.51
CA LYS I 308 61.17 54.07 -51.60
C LYS I 308 62.20 53.85 -50.51
N THR I 309 63.45 54.18 -50.81
CA THR I 309 64.53 54.01 -49.84
C THR I 309 65.33 55.31 -49.76
N LEU I 310 64.62 56.44 -49.79
CA LEU I 310 65.27 57.74 -49.72
C LEU I 310 65.97 57.93 -48.39
N HIS I 311 65.21 57.89 -47.31
CA HIS I 311 65.76 58.06 -45.98
C HIS I 311 66.97 57.17 -45.75
N LEU I 312 66.79 55.86 -45.94
CA LEU I 312 67.87 54.91 -45.74
C LEU I 312 69.18 55.37 -46.40
N ARG I 313 69.09 55.70 -47.69
CA ARG I 313 70.26 56.13 -48.44
C ARG I 313 70.88 57.40 -47.87
N VAL I 314 70.07 58.45 -47.78
CA VAL I 314 70.53 59.73 -47.24
C VAL I 314 71.25 59.51 -45.91
N GLN I 315 70.53 58.89 -44.96
CA GLN I 315 71.07 58.60 -43.64
C GLN I 315 72.52 58.15 -43.71
N GLN I 316 72.75 57.03 -44.39
CA GLN I 316 74.09 56.46 -44.53
C GLN I 316 75.08 57.44 -45.14
N GLN I 317 74.65 58.15 -46.18
CA GLN I 317 75.52 59.10 -46.84
C GLN I 317 75.85 60.24 -45.89
N ASN I 318 74.82 60.74 -45.22
CA ASN I 318 74.98 61.82 -44.26
C ASN I 318 76.12 61.50 -43.31
N SER I 319 76.20 60.26 -42.85
CA SER I 319 77.24 59.82 -41.92
C SER I 319 78.58 59.73 -42.62
N THR I 320 78.76 58.69 -43.42
CA THR I 320 80.00 58.48 -44.15
C THR I 320 80.63 59.82 -44.45
N ALA I 321 79.88 60.67 -45.14
CA ALA I 321 80.35 62.00 -45.50
C ALA I 321 81.01 62.64 -44.29
N LEU I 322 80.19 63.07 -43.34
CA LEU I 322 80.68 63.72 -42.12
C LEU I 322 81.93 63.06 -41.55
N ARG I 323 81.81 61.82 -41.13
CA ARG I 323 82.96 61.12 -40.57
C ARG I 323 84.16 61.28 -41.48
N MET I 324 83.98 60.93 -42.75
CA MET I 324 85.06 61.04 -43.72
C MET I 324 85.60 62.45 -43.77
N ALA I 325 84.71 63.41 -43.63
CA ALA I 325 85.09 64.81 -43.67
C ALA I 325 86.18 65.03 -42.63
N GLU I 326 85.78 64.95 -41.36
CA GLU I 326 86.71 65.15 -40.26
C GLU I 326 88.01 64.42 -40.50
N ILE I 327 87.94 63.13 -40.82
CA ILE I 327 89.15 62.37 -41.05
C ILE I 327 90.02 63.07 -42.08
N LEU I 328 89.39 63.61 -43.11
CA LEU I 328 90.14 64.30 -44.15
C LEU I 328 90.76 65.59 -43.64
N GLU I 329 89.96 66.42 -42.99
CA GLU I 329 90.47 67.68 -42.47
C GLU I 329 91.71 67.43 -41.62
N ALA I 330 91.68 66.35 -40.84
CA ALA I 330 92.80 66.01 -39.97
C ALA I 330 94.01 65.50 -40.75
N HIS I 331 93.75 64.95 -41.95
CA HIS I 331 94.82 64.43 -42.79
C HIS I 331 95.80 65.53 -43.15
N PRO I 332 97.11 65.22 -43.13
CA PRO I 332 98.14 66.21 -43.45
C PRO I 332 98.16 66.63 -44.91
N LYS I 333 97.95 65.66 -45.81
CA LYS I 333 97.96 65.94 -47.23
C LYS I 333 96.71 66.66 -47.71
N VAL I 334 95.76 66.88 -46.79
CA VAL I 334 94.52 67.57 -47.14
C VAL I 334 94.59 69.03 -46.71
N ARG I 335 94.82 69.90 -47.68
CA ARG I 335 94.93 71.33 -47.42
C ARG I 335 93.69 71.96 -46.76
N HIS I 336 92.52 71.65 -47.29
CA HIS I 336 91.28 72.23 -46.77
C HIS I 336 90.09 71.30 -47.02
N VAL I 337 89.01 71.50 -46.28
CA VAL I 337 87.83 70.66 -46.44
C VAL I 337 86.54 71.45 -46.29
N TYR I 338 85.69 71.38 -47.30
CA TYR I 338 84.42 72.08 -47.30
C TYR I 338 83.28 71.14 -46.99
N TYR I 339 82.57 71.42 -45.90
CA TYR I 339 81.43 70.63 -45.48
C TYR I 339 80.70 71.37 -44.37
N PRO I 340 79.41 71.63 -44.55
CA PRO I 340 78.60 72.34 -43.57
C PRO I 340 78.63 71.70 -42.19
N GLY I 341 78.94 70.41 -42.15
CA GLY I 341 78.99 69.69 -40.91
C GLY I 341 80.18 70.06 -40.05
N LEU I 342 81.30 70.35 -40.68
CA LEU I 342 82.51 70.73 -39.95
C LEU I 342 82.31 72.09 -39.28
N GLN I 343 83.07 72.33 -38.21
CA GLN I 343 82.98 73.59 -37.49
C GLN I 343 83.74 74.62 -38.29
N SER I 344 84.70 74.15 -39.06
CA SER I 344 85.53 75.01 -39.88
C SER I 344 84.73 75.69 -40.98
N HIS I 345 83.61 75.09 -41.36
CA HIS I 345 82.77 75.65 -42.41
C HIS I 345 82.19 77.01 -42.03
N PRO I 346 82.33 78.01 -42.93
CA PRO I 346 81.84 79.38 -42.78
C PRO I 346 80.44 79.55 -42.20
N GLU I 347 79.47 78.83 -42.74
CA GLU I 347 78.10 78.96 -42.25
C GLU I 347 77.66 77.75 -41.44
N HIS I 348 78.62 77.07 -40.83
CA HIS I 348 78.31 75.90 -40.03
C HIS I 348 77.22 76.15 -39.01
N HIS I 349 77.21 77.35 -38.42
CA HIS I 349 76.18 77.67 -37.43
C HIS I 349 74.79 77.73 -38.06
N ILE I 350 74.73 78.13 -39.33
CA ILE I 350 73.44 78.21 -40.01
C ILE I 350 73.01 76.80 -40.40
N ALA I 351 73.95 76.04 -40.94
CA ALA I 351 73.68 74.67 -41.35
C ALA I 351 73.11 73.93 -40.17
N LYS I 352 73.75 74.15 -39.03
CA LYS I 352 73.36 73.53 -37.77
C LYS I 352 71.97 74.00 -37.35
N LYS I 353 71.59 75.18 -37.79
CA LYS I 353 70.30 75.75 -37.40
C LYS I 353 69.13 75.42 -38.33
N GLN I 354 69.40 75.20 -39.60
CA GLN I 354 68.31 74.89 -40.52
C GLN I 354 68.33 73.47 -41.07
N MET I 355 69.47 72.80 -40.95
CA MET I 355 69.60 71.43 -41.45
C MET I 355 69.58 70.40 -40.34
N THR I 356 69.46 69.13 -40.71
CA THR I 356 69.43 68.05 -39.75
C THR I 356 70.53 67.07 -40.14
N GLY I 357 71.01 67.25 -41.36
CA GLY I 357 72.08 66.43 -41.90
C GLY I 357 72.95 67.38 -42.71
N PHE I 358 73.89 66.87 -43.48
CA PHE I 358 74.74 67.75 -44.27
C PHE I 358 75.11 67.17 -45.63
N GLY I 359 74.23 66.34 -46.17
CA GLY I 359 74.48 65.75 -47.47
C GLY I 359 75.56 64.69 -47.43
N GLY I 360 75.92 64.17 -48.59
CA GLY I 360 76.95 63.14 -48.66
C GLY I 360 78.07 63.60 -49.56
N ALA I 361 77.97 64.85 -50.00
CA ALA I 361 78.98 65.43 -50.87
C ALA I 361 80.00 66.17 -50.03
N VAL I 362 81.28 65.97 -50.33
CA VAL I 362 82.34 66.62 -49.60
C VAL I 362 83.38 67.12 -50.58
N SER I 363 83.78 68.38 -50.42
CA SER I 363 84.78 68.96 -51.29
C SER I 363 86.00 69.27 -50.45
N PHE I 364 87.17 69.09 -51.03
CA PHE I 364 88.41 69.36 -50.33
C PHE I 364 89.59 69.53 -51.28
N GLU I 365 90.42 70.51 -51.00
CA GLU I 365 91.60 70.78 -51.83
C GLU I 365 92.77 69.95 -51.33
N VAL I 366 93.48 69.33 -52.25
CA VAL I 366 94.63 68.50 -51.89
C VAL I 366 95.92 69.31 -51.86
N ASP I 367 96.86 68.91 -51.00
CA ASP I 367 98.14 69.61 -50.90
C ASP I 367 99.05 69.26 -52.08
N GLY I 368 98.75 69.83 -53.24
CA GLY I 368 99.53 69.59 -54.43
C GLY I 368 99.08 70.47 -55.57
N ASP I 369 99.28 70.02 -56.80
CA ASP I 369 98.85 70.80 -57.94
C ASP I 369 97.99 69.96 -58.86
N LEU I 370 97.64 70.51 -60.01
CA LEU I 370 96.81 69.81 -60.98
C LEU I 370 97.22 68.34 -61.06
N LEU I 371 98.35 68.08 -61.69
CA LEU I 371 98.85 66.73 -61.88
C LEU I 371 98.88 65.91 -60.59
N THR I 372 99.22 66.56 -59.48
CA THR I 372 99.27 65.86 -58.19
C THR I 372 97.88 65.41 -57.78
N THR I 373 96.95 66.37 -57.74
CA THR I 373 95.57 66.06 -57.37
C THR I 373 95.04 64.95 -58.26
N ALA I 374 95.34 65.05 -59.56
CA ALA I 374 94.90 64.04 -60.52
C ALA I 374 95.40 62.68 -60.09
N LYS I 375 96.71 62.59 -59.86
CA LYS I 375 97.33 61.35 -59.42
C LYS I 375 96.51 60.74 -58.28
N PHE I 376 95.96 61.61 -57.44
CA PHE I 376 95.16 61.15 -56.31
C PHE I 376 93.92 60.41 -56.82
N VAL I 377 93.01 61.14 -57.44
CA VAL I 377 91.78 60.56 -57.95
C VAL I 377 92.01 59.33 -58.81
N ASP I 378 93.12 59.32 -59.57
CA ASP I 378 93.44 58.20 -60.43
C ASP I 378 93.72 56.94 -59.60
N ALA I 379 94.18 57.15 -58.37
CA ALA I 379 94.51 56.05 -57.48
C ALA I 379 93.27 55.40 -56.83
N LEU I 380 92.22 56.19 -56.61
CA LEU I 380 91.00 55.67 -56.01
C LEU I 380 90.51 54.48 -56.80
N LYS I 381 89.98 53.48 -56.10
CA LYS I 381 89.50 52.27 -56.75
C LYS I 381 87.99 52.06 -56.76
N ILE I 382 87.29 52.64 -55.80
CA ILE I 382 85.85 52.47 -55.71
C ILE I 382 85.01 53.49 -56.47
N PRO I 383 85.22 54.79 -56.20
CA PRO I 383 84.41 55.77 -56.92
C PRO I 383 84.72 55.85 -58.42
N TYR I 384 83.71 56.28 -59.19
CA TYR I 384 83.83 56.45 -60.63
C TYR I 384 84.20 57.90 -60.88
N ILE I 385 85.09 58.15 -61.83
CA ILE I 385 85.45 59.53 -62.16
C ILE I 385 84.41 60.06 -63.13
N ALA I 386 83.46 60.85 -62.63
CA ALA I 386 82.41 61.38 -63.49
C ALA I 386 81.62 62.51 -62.83
N PRO I 387 80.73 63.17 -63.59
CA PRO I 387 79.94 64.25 -62.99
C PRO I 387 78.81 63.64 -62.17
N SER I 388 77.84 64.46 -61.79
CA SER I 388 76.72 63.98 -60.99
C SER I 388 77.14 63.53 -59.59
N PHE I 389 76.15 63.20 -58.77
CA PHE I 389 76.39 62.77 -57.40
C PHE I 389 75.08 62.39 -56.73
N GLY I 390 75.18 61.70 -55.59
CA GLY I 390 73.97 61.32 -54.87
C GLY I 390 73.50 59.90 -55.07
N GLY I 391 74.14 59.15 -55.96
CA GLY I 391 73.72 57.78 -56.20
C GLY I 391 74.46 56.82 -55.28
N CYS I 392 73.96 55.60 -55.21
CA CYS I 392 74.57 54.57 -54.38
C CYS I 392 76.03 54.37 -54.73
N GLU I 393 76.38 54.56 -56.00
CA GLU I 393 77.76 54.42 -56.44
C GLU I 393 78.51 55.69 -56.08
N SER I 394 79.73 55.53 -55.59
CA SER I 394 80.53 56.67 -55.22
C SER I 394 81.13 57.31 -56.46
N ILE I 395 81.22 58.63 -56.47
CA ILE I 395 81.76 59.36 -57.61
C ILE I 395 82.72 60.47 -57.20
N VAL I 396 83.75 60.68 -58.01
CA VAL I 396 84.74 61.73 -57.75
C VAL I 396 85.03 62.52 -59.02
N ASP I 397 85.49 63.75 -58.84
CA ASP I 397 85.81 64.59 -59.99
C ASP I 397 86.59 65.81 -59.58
N GLN I 398 87.30 66.39 -60.54
CA GLN I 398 88.11 67.59 -60.30
C GLN I 398 87.42 68.73 -61.05
N PRO I 399 86.45 69.37 -60.40
CA PRO I 399 85.70 70.49 -60.99
C PRO I 399 86.51 71.30 -61.99
N ALA I 400 87.75 71.62 -61.61
CA ALA I 400 88.63 72.39 -62.47
C ALA I 400 88.56 71.83 -63.88
N ILE I 401 88.79 70.53 -63.98
CA ILE I 401 88.77 69.82 -65.25
C ILE I 401 87.36 69.41 -65.63
N MET I 402 86.72 68.68 -64.74
CA MET I 402 85.38 68.18 -64.96
C MET I 402 84.39 69.15 -65.57
N SER I 403 84.39 70.41 -65.12
CA SER I 403 83.45 71.37 -65.67
C SER I 403 83.96 72.81 -65.78
N TYR I 404 85.27 72.98 -65.95
CA TYR I 404 85.83 74.32 -66.06
C TYR I 404 87.10 74.31 -66.90
N TRP I 405 87.38 73.18 -67.53
CA TRP I 405 88.58 73.08 -68.34
C TRP I 405 88.53 74.00 -69.55
N ASP I 406 87.32 74.47 -69.87
CA ASP I 406 87.15 75.35 -71.01
C ASP I 406 87.63 76.76 -70.71
N LEU I 407 88.04 77.00 -69.47
CA LEU I 407 88.54 78.32 -69.09
C LEU I 407 90.03 78.31 -68.76
N SER I 408 90.61 79.50 -68.66
CA SER I 408 92.04 79.63 -68.36
C SER I 408 92.30 79.50 -66.87
N GLN I 409 93.53 79.12 -66.53
CA GLN I 409 93.93 78.96 -65.13
C GLN I 409 93.51 80.17 -64.30
N SER I 410 93.63 81.36 -64.88
CA SER I 410 93.28 82.61 -64.20
C SER I 410 91.77 82.80 -64.09
N ASP I 411 91.07 82.57 -65.21
CA ASP I 411 89.62 82.71 -65.26
C ASP I 411 88.97 81.67 -64.35
N ARG I 412 89.66 80.56 -64.15
CA ARG I 412 89.17 79.48 -63.31
C ARG I 412 89.16 79.97 -61.88
N ALA I 413 90.34 80.37 -61.40
CA ALA I 413 90.48 80.89 -60.04
C ALA I 413 89.52 82.04 -59.78
N LYS I 414 89.03 82.65 -60.85
CA LYS I 414 88.08 83.75 -60.73
C LYS I 414 86.90 83.34 -59.87
N TYR I 415 86.75 82.03 -59.67
CA TYR I 415 85.64 81.53 -58.87
C TYR I 415 86.01 80.38 -57.95
N GLY I 416 87.09 80.58 -57.20
CA GLY I 416 87.55 79.58 -56.25
C GLY I 416 87.97 78.24 -56.81
N ILE I 417 87.55 77.92 -58.03
CA ILE I 417 87.90 76.64 -58.65
C ILE I 417 89.41 76.43 -58.75
N MET I 418 89.93 75.63 -57.82
CA MET I 418 91.36 75.35 -57.77
C MET I 418 91.66 74.01 -58.41
N ASP I 419 92.91 73.84 -58.84
CA ASP I 419 93.35 72.60 -59.45
C ASP I 419 93.42 71.53 -58.39
N ASN I 420 93.43 71.95 -57.13
CA ASN I 420 93.50 71.00 -56.02
C ASN I 420 92.10 70.50 -55.70
N LEU I 421 91.16 71.42 -55.69
CA LEU I 421 89.76 71.12 -55.39
C LEU I 421 89.27 69.79 -55.92
N VAL I 422 88.76 68.97 -55.03
CA VAL I 422 88.22 67.67 -55.37
C VAL I 422 86.84 67.57 -54.75
N ARG I 423 85.89 67.01 -55.51
CA ARG I 423 84.53 66.87 -55.02
C ARG I 423 84.21 65.40 -54.90
N PHE I 424 83.98 64.96 -53.67
CA PHE I 424 83.66 63.56 -53.42
C PHE I 424 82.20 63.40 -53.05
N SER I 425 81.50 62.58 -53.81
CA SER I 425 80.09 62.32 -53.58
C SER I 425 79.98 60.92 -53.05
N PHE I 426 80.15 60.78 -51.74
CA PHE I 426 80.09 59.47 -51.12
C PHE I 426 78.85 58.70 -51.48
N GLY I 427 79.05 57.46 -51.89
CA GLY I 427 77.93 56.62 -52.26
C GLY I 427 77.23 56.03 -51.07
N VAL I 428 77.06 54.71 -51.08
CA VAL I 428 76.39 54.01 -50.01
C VAL I 428 77.22 52.79 -49.60
N GLU I 429 78.36 52.64 -50.27
CA GLU I 429 79.25 51.54 -49.96
C GLU I 429 79.64 51.64 -48.49
N ASP I 430 80.08 50.53 -47.91
CA ASP I 430 80.49 50.51 -46.51
C ASP I 430 81.55 51.55 -46.21
N PHE I 431 81.40 52.22 -45.07
CA PHE I 431 82.33 53.27 -44.66
C PHE I 431 83.78 52.82 -44.71
N ASP I 432 84.14 51.85 -43.88
CA ASP I 432 85.50 51.36 -43.85
C ASP I 432 86.07 51.15 -45.24
N ASP I 433 85.30 50.48 -46.09
CA ASP I 433 85.73 50.21 -47.46
C ASP I 433 86.14 51.51 -48.15
N LEU I 434 85.27 52.51 -48.06
CA LEU I 434 85.56 53.80 -48.67
C LEU I 434 86.81 54.41 -48.04
N LYS I 435 86.77 54.62 -46.72
CA LYS I 435 87.88 55.21 -45.99
C LYS I 435 89.23 54.59 -46.35
N ALA I 436 89.29 53.25 -46.29
CA ALA I 436 90.52 52.56 -46.63
C ALA I 436 90.97 53.00 -48.02
N ASP I 437 90.00 53.07 -48.94
CA ASP I 437 90.26 53.48 -50.31
C ASP I 437 90.87 54.89 -50.33
N ILE I 438 90.11 55.85 -49.85
CA ILE I 438 90.55 57.23 -49.80
C ILE I 438 91.96 57.34 -49.22
N LEU I 439 92.14 56.75 -48.04
CA LEU I 439 93.43 56.78 -47.36
C LEU I 439 94.56 56.27 -48.25
N GLN I 440 94.46 55.01 -48.65
CA GLN I 440 95.47 54.40 -49.49
C GLN I 440 95.75 55.26 -50.71
N ALA I 441 94.68 55.75 -51.34
CA ALA I 441 94.81 56.58 -52.52
C ALA I 441 95.67 57.80 -52.23
N LEU I 442 95.49 58.39 -51.06
CA LEU I 442 96.25 59.57 -50.67
C LEU I 442 97.70 59.19 -50.39
N ASP I 443 97.92 57.95 -49.99
CA ASP I 443 99.27 57.49 -49.68
C ASP I 443 100.13 57.32 -50.92
N SER I 444 99.52 57.48 -52.09
CA SER I 444 100.24 57.36 -53.34
C SER I 444 100.65 58.75 -53.82
N ILE I 445 100.49 59.72 -52.92
CA ILE I 445 100.85 61.11 -53.18
C ILE I 445 101.90 61.55 -52.14
N TYR J 50 34.99 38.58 -80.60
CA TYR J 50 35.18 39.76 -79.73
C TYR J 50 33.95 40.66 -79.80
N ALA J 51 33.87 41.43 -80.88
CA ALA J 51 32.74 42.33 -81.08
C ALA J 51 32.46 42.46 -82.57
N SER J 52 31.19 42.69 -82.90
CA SER J 52 30.75 42.83 -84.29
C SER J 52 31.50 43.87 -85.14
N PHE J 53 31.73 45.06 -84.59
CA PHE J 53 32.42 46.10 -85.34
C PHE J 53 33.89 45.79 -85.54
N LEU J 54 34.21 44.50 -85.54
CA LEU J 54 35.56 44.02 -85.75
C LEU J 54 35.42 42.64 -86.37
N ASN J 55 35.72 42.52 -87.65
CA ASN J 55 35.60 41.23 -88.33
C ASN J 55 36.89 40.73 -88.97
N SER J 56 37.83 41.64 -89.21
CA SER J 56 39.11 41.26 -89.79
C SER J 56 40.10 40.98 -88.67
N ASP J 57 40.94 39.97 -88.86
CA ASP J 57 41.94 39.61 -87.84
C ASP J 57 42.75 40.82 -87.39
N GLY J 58 43.44 41.46 -88.32
CA GLY J 58 44.24 42.63 -87.99
C GLY J 58 43.57 43.55 -87.01
N SER J 59 42.35 43.98 -87.31
CA SER J 59 41.60 44.87 -86.44
C SER J 59 41.54 44.28 -85.04
N VAL J 60 41.35 42.96 -84.99
CA VAL J 60 41.27 42.28 -83.70
C VAL J 60 42.61 42.37 -83.01
N ALA J 61 43.64 41.88 -83.68
CA ALA J 61 44.99 41.91 -83.13
C ALA J 61 45.27 43.23 -82.41
N ILE J 62 44.74 44.32 -82.94
CA ILE J 62 44.96 45.63 -82.34
C ILE J 62 44.12 45.92 -81.11
N HIS J 63 42.80 45.96 -81.27
CA HIS J 63 41.92 46.27 -80.14
C HIS J 63 41.41 45.06 -79.36
N ALA J 64 41.86 43.86 -79.70
CA ALA J 64 41.41 42.66 -79.01
C ALA J 64 41.74 42.72 -77.52
N GLY J 65 40.69 42.64 -76.70
CA GLY J 65 40.89 42.68 -75.25
C GLY J 65 41.45 44.00 -74.75
N GLU J 66 41.00 45.11 -75.35
CA GLU J 66 41.46 46.42 -74.97
C GLU J 66 40.42 47.51 -75.20
N ARG J 67 40.08 47.73 -76.46
CA ARG J 67 39.11 48.74 -76.84
C ARG J 67 37.83 48.77 -76.02
N LEU J 68 37.32 47.60 -75.67
CA LEU J 68 36.08 47.51 -74.91
C LEU J 68 36.27 47.63 -73.41
N GLY J 69 37.44 47.26 -72.92
CA GLY J 69 37.70 47.34 -71.50
C GLY J 69 38.97 46.60 -71.14
N ARG J 70 39.50 46.83 -69.95
CA ARG J 70 40.73 46.17 -69.55
C ARG J 70 40.67 45.51 -68.19
N GLY J 71 39.77 45.96 -67.33
CA GLY J 71 39.67 45.38 -66.00
C GLY J 71 40.51 46.23 -65.08
N ILE J 72 41.31 47.11 -65.69
CA ILE J 72 42.17 48.03 -64.97
C ILE J 72 41.85 49.41 -65.56
N VAL J 73 40.68 49.92 -65.21
CA VAL J 73 40.19 51.20 -65.68
C VAL J 73 41.22 52.32 -65.85
N THR J 74 41.25 52.91 -67.03
CA THR J 74 42.15 54.01 -67.33
C THR J 74 41.65 54.73 -68.57
N ASP J 75 41.85 56.04 -68.59
CA ASP J 75 41.44 56.83 -69.73
C ASP J 75 42.65 56.92 -70.66
N ALA J 76 43.51 55.91 -70.59
CA ALA J 76 44.69 55.85 -71.42
C ALA J 76 44.39 54.98 -72.65
N ILE J 77 45.16 55.16 -73.71
CA ILE J 77 44.94 54.38 -74.92
C ILE J 77 45.54 53.00 -74.76
N THR J 78 46.81 52.96 -74.37
CA THR J 78 47.55 51.72 -74.19
C THR J 78 47.30 50.98 -72.87
N THR J 79 47.79 49.74 -72.80
CA THR J 79 47.65 48.93 -71.60
C THR J 79 48.78 49.31 -70.64
N PRO J 80 48.45 49.58 -69.37
CA PRO J 80 49.46 49.96 -68.38
C PRO J 80 50.28 48.80 -67.85
N VAL J 81 51.60 48.97 -67.83
CA VAL J 81 52.49 47.93 -67.34
C VAL J 81 52.51 47.87 -65.82
N VAL J 82 51.84 46.87 -65.26
CA VAL J 82 51.79 46.74 -63.81
C VAL J 82 52.97 45.92 -63.31
N ASN J 83 53.88 46.59 -62.60
CA ASN J 83 55.05 45.95 -62.06
C ASN J 83 54.87 45.64 -60.57
N THR J 84 54.11 44.61 -60.26
CA THR J 84 53.89 44.23 -58.87
C THR J 84 54.16 42.74 -58.67
N SER J 85 54.63 42.39 -57.47
CA SER J 85 54.92 40.99 -57.17
C SER J 85 53.78 40.38 -56.38
N ALA J 86 52.80 41.21 -56.03
CA ALA J 86 51.66 40.75 -55.27
C ALA J 86 50.52 41.75 -55.27
N TYR J 87 49.33 41.29 -54.92
CA TYR J 87 48.14 42.13 -54.88
C TYR J 87 47.59 42.13 -53.46
N PHE J 88 47.08 43.28 -53.02
CA PHE J 88 46.57 43.38 -51.67
C PHE J 88 45.05 43.32 -51.53
N PHE J 89 44.59 43.39 -50.29
CA PHE J 89 43.17 43.37 -49.97
C PHE J 89 42.91 44.48 -48.94
N ASN J 90 41.68 45.00 -48.94
CA ASN J 90 41.30 46.08 -48.04
C ASN J 90 40.92 45.60 -46.65
N LYS J 91 40.56 44.33 -46.54
CA LYS J 91 40.17 43.74 -45.26
C LYS J 91 39.99 42.23 -45.37
N THR J 92 40.32 41.54 -44.29
CA THR J 92 40.21 40.08 -44.25
C THR J 92 38.90 39.62 -44.88
N SER J 93 37.83 40.32 -44.55
CA SER J 93 36.51 40.01 -45.07
C SER J 93 36.60 39.73 -46.57
N GLU J 94 37.13 40.70 -47.31
CA GLU J 94 37.27 40.56 -48.75
C GLU J 94 38.15 39.39 -49.14
N LEU J 95 39.35 39.31 -48.56
CA LEU J 95 40.28 38.23 -48.87
C LEU J 95 39.57 36.88 -48.81
N ILE J 96 38.71 36.72 -47.80
CA ILE J 96 37.96 35.48 -47.65
C ILE J 96 37.10 35.32 -48.89
N ASP J 97 36.32 36.35 -49.20
CA ASP J 97 35.44 36.34 -50.36
C ASP J 97 36.20 35.75 -51.55
N PHE J 98 37.37 36.31 -51.83
CA PHE J 98 38.19 35.84 -52.94
C PHE J 98 38.51 34.36 -52.78
N LYS J 99 39.04 34.00 -51.62
CA LYS J 99 39.40 32.63 -51.34
C LYS J 99 38.20 31.70 -51.50
N GLU J 100 37.01 32.25 -51.28
CA GLU J 100 35.77 31.47 -51.41
C GLU J 100 35.12 31.65 -52.78
N LYS J 101 35.89 32.16 -53.74
CA LYS J 101 35.43 32.37 -55.11
C LYS J 101 34.21 33.29 -55.22
N ARG J 102 34.24 34.40 -54.49
CA ARG J 102 33.15 35.38 -54.53
C ARG J 102 33.67 36.69 -55.07
N ARG J 103 34.99 36.79 -55.17
CA ARG J 103 35.67 37.99 -55.67
C ARG J 103 36.76 37.56 -56.63
N ALA J 104 37.34 38.51 -57.34
CA ALA J 104 38.39 38.21 -58.30
C ALA J 104 39.71 38.86 -57.92
N SER J 105 40.79 38.08 -57.94
CA SER J 105 42.12 38.59 -57.60
C SER J 105 43.22 37.64 -58.03
N PHE J 106 44.34 38.19 -58.48
CA PHE J 106 45.48 37.40 -58.90
C PHE J 106 46.27 36.94 -57.68
N GLU J 107 46.02 37.59 -56.55
CA GLU J 107 46.69 37.26 -55.30
C GLU J 107 48.20 37.43 -55.40
N TYR J 108 48.86 36.49 -56.07
CA TYR J 108 50.31 36.53 -56.24
C TYR J 108 50.63 36.74 -57.71
N GLY J 109 51.77 37.37 -57.98
CA GLY J 109 52.16 37.62 -59.35
C GLY J 109 52.33 36.38 -60.18
N ARG J 110 52.84 35.32 -59.57
CA ARG J 110 53.06 34.06 -60.28
C ARG J 110 51.76 33.44 -60.75
N TYR J 111 50.64 33.99 -60.28
CA TYR J 111 49.33 33.46 -60.64
C TYR J 111 48.62 34.30 -61.70
N GLY J 112 49.01 35.56 -61.83
CA GLY J 112 48.39 36.40 -62.84
C GLY J 112 48.85 37.84 -62.77
N ASN J 113 48.51 38.61 -63.80
CA ASN J 113 48.89 40.02 -63.89
C ASN J 113 47.94 40.77 -64.82
N PRO J 114 47.46 41.94 -64.38
CA PRO J 114 46.55 42.76 -65.18
C PRO J 114 47.09 43.14 -66.56
N THR J 115 48.39 43.37 -66.62
CA THR J 115 49.03 43.75 -67.87
C THR J 115 49.26 42.56 -68.79
N THR J 116 49.12 41.35 -68.25
CA THR J 116 49.32 40.14 -69.04
C THR J 116 48.01 39.57 -69.57
N VAL J 117 47.00 39.50 -68.71
CA VAL J 117 45.70 38.97 -69.11
C VAL J 117 45.23 39.60 -70.42
N VAL J 118 45.57 40.87 -70.62
CA VAL J 118 45.18 41.57 -71.83
C VAL J 118 45.69 40.74 -73.00
N LEU J 119 46.99 40.58 -73.07
CA LEU J 119 47.62 39.80 -74.13
C LEU J 119 46.95 38.44 -74.22
N GLU J 120 46.68 37.84 -73.06
CA GLU J 120 46.03 36.53 -72.98
C GLU J 120 44.71 36.52 -73.76
N GLU J 121 43.82 37.45 -73.42
CA GLU J 121 42.53 37.55 -74.08
C GLU J 121 42.70 37.90 -75.55
N LYS J 122 43.63 38.81 -75.82
CA LYS J 122 43.90 39.22 -77.19
C LYS J 122 44.15 38.01 -78.09
N ILE J 123 45.16 37.23 -77.75
CA ILE J 123 45.49 36.04 -78.53
C ILE J 123 44.29 35.10 -78.56
N SER J 124 43.61 34.99 -77.42
CA SER J 124 42.44 34.13 -77.32
C SER J 124 41.51 34.48 -78.48
N ALA J 125 41.17 35.76 -78.56
CA ALA J 125 40.29 36.26 -79.62
C ALA J 125 40.81 35.87 -80.99
N LEU J 126 42.09 36.12 -81.22
CA LEU J 126 42.71 35.80 -82.50
C LEU J 126 42.50 34.34 -82.92
N GLU J 127 42.98 33.42 -82.09
CA GLU J 127 42.85 31.99 -82.37
C GLU J 127 41.40 31.54 -82.21
N GLY J 128 40.57 32.42 -81.68
CA GLY J 128 39.16 32.08 -81.48
C GLY J 128 39.06 31.03 -80.40
N ALA J 129 39.91 31.16 -79.38
CA ALA J 129 39.95 30.22 -78.27
C ALA J 129 39.09 30.64 -77.08
N GLU J 130 38.91 29.71 -76.15
CA GLU J 130 38.11 29.95 -74.96
C GLU J 130 38.98 30.66 -73.94
N SER J 131 40.26 30.29 -73.90
CA SER J 131 41.22 30.87 -72.98
C SER J 131 42.64 30.59 -73.44
N THR J 132 43.56 31.48 -73.08
CA THR J 132 44.96 31.32 -73.46
C THR J 132 45.88 31.51 -72.27
N LEU J 133 47.07 30.90 -72.34
CA LEU J 133 48.04 31.00 -71.27
C LEU J 133 49.35 31.55 -71.82
N LEU J 134 50.14 32.17 -70.96
CA LEU J 134 51.41 32.75 -71.38
C LEU J 134 52.59 32.41 -70.48
N MET J 135 53.52 31.63 -71.02
CA MET J 135 54.70 31.21 -70.27
C MET J 135 55.85 32.19 -70.52
N ALA J 136 57.03 31.83 -70.00
CA ALA J 136 58.22 32.65 -70.15
C ALA J 136 58.91 32.44 -71.49
N SER J 137 58.63 31.30 -72.11
CA SER J 137 59.22 30.96 -73.41
C SER J 137 58.46 29.81 -74.04
N GLY J 138 58.55 29.70 -75.36
CA GLY J 138 57.86 28.62 -76.04
C GLY J 138 58.09 27.29 -75.38
N MET J 139 59.36 26.91 -75.31
CA MET J 139 59.77 25.66 -74.70
C MET J 139 58.98 25.40 -73.42
N CYS J 140 58.97 26.39 -72.53
CA CYS J 140 58.25 26.29 -71.28
C CYS J 140 56.86 25.71 -71.53
N ALA J 141 56.11 26.37 -72.40
CA ALA J 141 54.77 25.94 -72.74
C ALA J 141 54.71 24.45 -73.06
N SER J 142 55.33 24.06 -74.18
CA SER J 142 55.33 22.65 -74.57
C SER J 142 55.66 21.81 -73.34
N THR J 143 56.74 22.16 -72.68
CA THR J 143 57.19 21.49 -71.48
C THR J 143 56.03 21.31 -70.51
N VAL J 144 55.57 22.42 -69.95
CA VAL J 144 54.46 22.39 -69.00
C VAL J 144 53.29 21.59 -69.54
N MET J 145 52.81 21.98 -70.71
CA MET J 145 51.68 21.32 -71.36
C MET J 145 51.77 19.79 -71.32
N LEU J 146 52.90 19.24 -71.75
CA LEU J 146 53.12 17.80 -71.76
C LEU J 146 53.01 17.27 -70.34
N LEU J 147 53.89 17.74 -69.46
CA LEU J 147 53.90 17.33 -68.07
C LEU J 147 52.52 17.44 -67.43
N ALA J 148 51.71 18.33 -67.97
CA ALA J 148 50.38 18.57 -67.43
C ALA J 148 49.29 17.64 -67.93
N LEU J 149 49.30 17.36 -69.23
CA LEU J 149 48.25 16.52 -69.81
C LEU J 149 48.55 15.03 -69.90
N VAL J 150 49.78 14.69 -70.24
CA VAL J 150 50.18 13.30 -70.37
C VAL J 150 50.40 12.64 -69.00
N PRO J 151 49.57 11.65 -68.65
CA PRO J 151 49.70 10.96 -67.36
C PRO J 151 50.98 10.14 -67.32
N ALA J 152 51.33 9.65 -66.13
CA ALA J 152 52.53 8.85 -65.98
C ALA J 152 52.34 7.55 -66.76
N GLY J 153 53.41 7.08 -67.40
CA GLY J 153 53.32 5.85 -68.15
C GLY J 153 52.50 5.95 -69.42
N GLY J 154 51.83 7.09 -69.61
CA GLY J 154 51.01 7.27 -70.80
C GLY J 154 51.81 7.26 -72.09
N HIS J 155 51.11 7.27 -73.22
CA HIS J 155 51.76 7.28 -74.53
C HIS J 155 51.41 8.54 -75.31
N ILE J 156 52.37 9.00 -76.12
CA ILE J 156 52.19 10.20 -76.92
C ILE J 156 52.66 9.97 -78.34
N VAL J 157 52.10 10.74 -79.28
CA VAL J 157 52.48 10.62 -80.68
C VAL J 157 52.89 11.97 -81.27
N THR J 158 54.08 12.00 -81.86
CA THR J 158 54.60 13.22 -82.48
C THR J 158 55.18 12.87 -83.84
N THR J 159 55.58 13.91 -84.56
CA THR J 159 56.17 13.71 -85.88
C THR J 159 57.68 13.59 -85.78
N THR J 160 58.33 13.42 -86.92
CA THR J 160 59.77 13.28 -86.97
C THR J 160 60.47 14.63 -87.07
N ASP J 161 59.80 15.59 -87.70
CA ASP J 161 60.38 16.92 -87.89
C ASP J 161 60.15 17.85 -86.70
N CYS J 162 60.34 17.32 -85.50
CA CYS J 162 60.17 18.10 -84.28
C CYS J 162 61.32 19.11 -84.20
N TYR J 163 61.16 20.14 -83.37
CA TYR J 163 62.22 21.13 -83.19
C TYR J 163 63.21 20.51 -82.20
N ARG J 164 64.49 20.51 -82.58
CA ARG J 164 65.56 19.93 -81.76
C ARG J 164 65.24 19.68 -80.28
N LYS J 165 65.26 20.74 -79.48
CA LYS J 165 65.00 20.65 -78.04
C LYS J 165 63.68 19.98 -77.69
N THR J 166 62.59 20.40 -78.32
CA THR J 166 61.29 19.80 -78.05
C THR J 166 61.47 18.28 -78.09
N ARG J 167 62.27 17.83 -79.06
CA ARG J 167 62.54 16.40 -79.23
C ARG J 167 63.16 15.82 -77.98
N ILE J 168 64.35 16.31 -77.65
CA ILE J 168 65.09 15.87 -76.47
C ILE J 168 64.22 15.71 -75.22
N PHE J 169 63.45 16.73 -74.89
CA PHE J 169 62.58 16.68 -73.72
C PHE J 169 61.78 15.39 -73.76
N ILE J 170 61.03 15.22 -74.84
CA ILE J 170 60.20 14.05 -75.05
C ILE J 170 61.00 12.75 -75.02
N GLU J 171 62.24 12.80 -75.47
CA GLU J 171 63.09 11.62 -75.53
C GLU J 171 63.94 11.35 -74.29
N THR J 172 64.14 12.35 -73.43
CA THR J 172 64.96 12.16 -72.25
C THR J 172 64.28 12.38 -70.91
N ILE J 173 63.40 13.36 -70.83
CA ILE J 173 62.70 13.62 -69.58
C ILE J 173 61.45 12.75 -69.43
N LEU J 174 60.49 12.94 -70.35
CA LEU J 174 59.24 12.19 -70.32
C LEU J 174 59.40 10.71 -69.99
N PRO J 175 60.42 10.05 -70.54
CA PRO J 175 60.58 8.62 -70.23
C PRO J 175 60.72 8.38 -68.73
N LYS J 176 61.26 9.37 -68.02
CA LYS J 176 61.43 9.27 -66.58
C LYS J 176 60.07 9.06 -65.92
N MET J 177 59.02 9.52 -66.59
CA MET J 177 57.67 9.37 -66.07
C MET J 177 57.02 8.15 -66.71
N GLY J 178 57.83 7.36 -67.40
CA GLY J 178 57.33 6.18 -68.05
C GLY J 178 56.46 6.50 -69.25
N ILE J 179 56.56 7.74 -69.70
CA ILE J 179 55.78 8.19 -70.85
C ILE J 179 56.50 7.85 -72.15
N THR J 180 55.95 6.87 -72.87
CA THR J 180 56.52 6.41 -74.13
C THR J 180 55.90 7.16 -75.31
N ALA J 181 56.66 7.29 -76.40
CA ALA J 181 56.19 8.00 -77.58
C ALA J 181 56.44 7.30 -78.92
N THR J 182 55.61 7.63 -79.90
CA THR J 182 55.70 7.08 -81.24
C THR J 182 56.01 8.21 -82.21
N VAL J 183 57.09 8.08 -82.97
CA VAL J 183 57.48 9.12 -83.93
C VAL J 183 57.14 8.73 -85.36
N ILE J 184 56.12 9.37 -85.92
CA ILE J 184 55.68 9.09 -87.28
C ILE J 184 56.00 10.27 -88.19
N ASP J 185 55.97 10.03 -89.50
CA ASP J 185 56.24 11.10 -90.45
C ASP J 185 55.00 11.97 -90.54
N PRO J 186 55.18 13.29 -90.71
CA PRO J 186 54.05 14.23 -90.80
C PRO J 186 52.95 13.79 -91.77
N ALA J 187 53.36 13.32 -92.95
CA ALA J 187 52.43 12.88 -93.96
C ALA J 187 51.80 11.51 -93.66
N ASP J 188 52.64 10.56 -93.28
CA ASP J 188 52.19 9.19 -92.97
C ASP J 188 50.99 9.10 -92.03
N VAL J 189 49.79 9.27 -92.58
CA VAL J 189 48.57 9.20 -91.78
C VAL J 189 48.26 7.75 -91.37
N GLY J 190 48.77 6.80 -92.16
CA GLY J 190 48.56 5.40 -91.85
C GLY J 190 49.17 5.06 -90.51
N ALA J 191 50.46 5.36 -90.36
CA ALA J 191 51.17 5.10 -89.12
C ALA J 191 50.36 5.63 -87.94
N LEU J 192 49.88 6.87 -88.05
CA LEU J 192 49.10 7.47 -87.00
C LEU J 192 47.90 6.58 -86.70
N GLU J 193 47.06 6.36 -87.72
CA GLU J 193 45.88 5.53 -87.55
C GLU J 193 46.25 4.19 -86.93
N LEU J 194 47.41 3.68 -87.30
CA LEU J 194 47.86 2.41 -86.76
C LEU J 194 48.12 2.55 -85.27
N ALA J 195 49.12 3.38 -84.94
CA ALA J 195 49.48 3.64 -83.56
C ALA J 195 48.23 3.88 -82.72
N LEU J 196 47.34 4.70 -83.24
CA LEU J 196 46.10 5.03 -82.54
C LEU J 196 45.42 3.77 -82.01
N ASN J 197 45.45 2.71 -82.81
CA ASN J 197 44.83 1.44 -82.44
C ASN J 197 45.76 0.53 -81.64
N GLN J 198 47.04 0.51 -82.03
CA GLN J 198 48.02 -0.32 -81.34
C GLN J 198 48.05 -0.01 -79.86
N LYS J 199 48.60 1.15 -79.52
CA LYS J 199 48.69 1.58 -78.12
C LYS J 199 47.55 2.54 -77.79
N LYS J 200 47.54 3.00 -76.55
CA LYS J 200 46.52 3.94 -76.10
C LYS J 200 47.13 5.33 -76.07
N VAL J 201 47.02 6.05 -77.18
CA VAL J 201 47.57 7.38 -77.29
C VAL J 201 46.80 8.38 -76.43
N ASN J 202 47.54 9.12 -75.60
CA ASN J 202 46.97 10.12 -74.72
C ASN J 202 46.84 11.47 -75.42
N LEU J 203 47.84 11.79 -76.24
CA LEU J 203 47.84 13.06 -76.96
C LEU J 203 48.76 13.02 -78.17
N PHE J 204 48.29 13.62 -79.26
CA PHE J 204 49.09 13.71 -80.47
C PHE J 204 49.60 15.13 -80.51
N PHE J 205 50.91 15.28 -80.67
CA PHE J 205 51.49 16.61 -80.69
C PHE J 205 52.45 16.80 -81.84
N THR J 206 52.35 17.97 -82.48
CA THR J 206 53.22 18.31 -83.60
C THR J 206 53.05 19.76 -84.04
N GLU J 207 53.97 20.21 -84.86
CA GLU J 207 53.97 21.57 -85.38
C GLU J 207 53.71 21.57 -86.89
N SER J 208 52.83 22.45 -87.34
CA SER J 208 52.51 22.54 -88.75
C SER J 208 52.25 23.98 -89.17
N PRO J 209 53.10 24.53 -90.04
CA PRO J 209 54.26 23.91 -90.66
C PRO J 209 55.27 23.35 -89.67
N THR J 210 56.17 22.53 -90.19
CA THR J 210 57.20 21.89 -89.40
C THR J 210 58.51 22.64 -89.52
N ASN J 211 59.51 22.21 -88.75
CA ASN J 211 60.84 22.85 -88.76
C ASN J 211 61.93 21.83 -89.06
N PRO J 212 62.83 22.14 -90.02
CA PRO J 212 62.87 23.36 -90.82
C PRO J 212 62.30 23.16 -92.23
N PHE J 213 61.77 21.96 -92.49
CA PHE J 213 61.22 21.66 -93.80
C PHE J 213 59.77 22.09 -93.97
N LEU J 214 59.28 22.86 -93.01
CA LEU J 214 57.91 23.36 -93.05
C LEU J 214 56.87 22.35 -93.53
N ARG J 215 57.05 21.08 -93.17
CA ARG J 215 56.07 20.07 -93.54
C ARG J 215 54.75 20.42 -92.86
N CYS J 216 53.64 20.05 -93.49
CA CYS J 216 52.33 20.36 -92.93
C CYS J 216 51.50 19.11 -92.65
N VAL J 217 50.68 19.20 -91.62
CA VAL J 217 49.83 18.11 -91.21
C VAL J 217 48.38 18.45 -91.48
N ASP J 218 47.65 17.53 -92.11
CA ASP J 218 46.26 17.76 -92.42
C ASP J 218 45.47 17.80 -91.11
N ILE J 219 45.65 18.90 -90.38
CA ILE J 219 44.99 19.09 -89.10
C ILE J 219 43.59 18.52 -89.04
N GLU J 220 42.70 19.00 -89.89
CA GLU J 220 41.32 18.52 -89.90
C GLU J 220 41.27 17.00 -89.86
N LEU J 221 42.05 16.36 -90.72
CA LEU J 221 42.07 14.90 -90.79
C LEU J 221 42.55 14.27 -89.50
N VAL J 222 43.81 14.55 -89.14
CA VAL J 222 44.41 14.02 -87.92
C VAL J 222 43.44 14.18 -86.77
N SER J 223 43.05 15.42 -86.52
CA SER J 223 42.10 15.74 -85.45
C SER J 223 41.00 14.70 -85.39
N LYS J 224 40.35 14.46 -86.53
CA LYS J 224 39.26 13.50 -86.62
C LYS J 224 39.69 12.12 -86.14
N LEU J 225 40.73 11.58 -86.77
CA LEU J 225 41.23 10.27 -86.40
C LEU J 225 41.47 10.17 -84.89
N CYS J 226 42.31 11.06 -84.37
CA CYS J 226 42.64 11.08 -82.95
C CYS J 226 41.42 11.08 -82.06
N HIS J 227 40.56 12.08 -82.25
CA HIS J 227 39.35 12.20 -81.43
C HIS J 227 38.49 10.94 -81.44
N GLU J 228 38.66 10.10 -82.46
CA GLU J 228 37.88 8.87 -82.55
C GLU J 228 38.38 7.89 -81.51
N LYS J 229 39.64 8.03 -81.13
CA LYS J 229 40.24 7.13 -80.15
C LYS J 229 40.45 7.79 -78.78
N GLY J 230 39.94 9.01 -78.62
CA GLY J 230 40.07 9.72 -77.35
C GLY J 230 41.36 10.51 -77.17
N ALA J 231 42.23 10.49 -78.18
CA ALA J 231 43.50 11.21 -78.13
C ALA J 231 43.30 12.71 -78.28
N LEU J 232 44.22 13.48 -77.70
CA LEU J 232 44.15 14.93 -77.76
C LEU J 232 45.13 15.41 -78.81
N VAL J 233 44.77 16.49 -79.49
CA VAL J 233 45.64 17.03 -80.52
C VAL J 233 46.16 18.41 -80.17
N CYS J 234 47.47 18.57 -80.30
CA CYS J 234 48.11 19.84 -80.00
C CYS J 234 48.98 20.21 -81.19
N ILE J 235 48.73 21.38 -81.75
CA ILE J 235 49.48 21.85 -82.90
C ILE J 235 50.32 23.08 -82.57
N ASP J 236 51.59 23.00 -82.94
CA ASP J 236 52.49 24.10 -82.71
C ASP J 236 52.50 24.93 -83.98
N GLY J 237 51.56 25.86 -84.08
CA GLY J 237 51.48 26.69 -85.27
C GLY J 237 52.40 27.90 -85.23
N THR J 238 53.52 27.78 -84.54
CA THR J 238 54.46 28.88 -84.44
C THR J 238 54.74 29.49 -85.81
N PHE J 239 55.19 28.66 -86.75
CA PHE J 239 55.50 29.12 -88.09
C PHE J 239 54.32 29.70 -88.84
N ALA J 240 53.14 29.14 -88.60
CA ALA J 240 51.95 29.61 -89.28
C ALA J 240 51.49 30.97 -88.82
N THR J 241 51.22 31.11 -87.53
CA THR J 241 50.74 32.37 -86.96
C THR J 241 49.22 32.29 -86.96
N PRO J 242 48.57 32.76 -85.90
CA PRO J 242 47.11 32.70 -85.88
C PRO J 242 46.48 33.30 -87.13
N LEU J 243 47.23 34.14 -87.81
CA LEU J 243 46.73 34.78 -89.01
C LEU J 243 46.68 33.86 -90.23
N ASN J 244 47.73 33.06 -90.43
CA ASN J 244 47.78 32.17 -91.58
C ASN J 244 46.98 30.87 -91.44
N GLN J 245 46.42 30.63 -90.25
CA GLN J 245 45.64 29.42 -90.02
C GLN J 245 45.03 29.39 -88.62
N LYS J 246 43.95 28.64 -88.47
CA LYS J 246 43.26 28.52 -87.18
C LYS J 246 43.14 27.05 -86.75
N ALA J 247 44.27 26.49 -86.33
CA ALA J 247 44.31 25.09 -85.91
C ALA J 247 43.09 24.73 -85.08
N LEU J 248 42.73 25.58 -84.13
CA LEU J 248 41.58 25.30 -83.27
C LEU J 248 40.32 25.10 -84.08
N ALA J 249 40.14 25.96 -85.09
CA ALA J 249 38.96 25.86 -85.95
C ALA J 249 39.00 24.56 -86.75
N LEU J 250 40.19 24.12 -87.12
CA LEU J 250 40.36 22.89 -87.89
C LEU J 250 40.09 21.65 -87.04
N GLY J 251 39.71 21.86 -85.78
CA GLY J 251 39.41 20.74 -84.90
C GLY J 251 40.42 20.45 -83.81
N ALA J 252 41.63 20.99 -83.93
CA ALA J 252 42.68 20.77 -82.94
C ALA J 252 42.21 21.14 -81.53
N ASP J 253 42.71 20.40 -80.55
CA ASP J 253 42.32 20.65 -79.16
C ASP J 253 43.12 21.82 -78.61
N LEU J 254 44.43 21.80 -78.81
CA LEU J 254 45.29 22.85 -78.32
C LEU J 254 46.29 23.34 -79.37
N VAL J 255 46.48 24.65 -79.42
CA VAL J 255 47.42 25.25 -80.34
C VAL J 255 48.34 26.10 -79.51
N LEU J 256 49.63 25.97 -79.74
CA LEU J 256 50.59 26.76 -78.99
C LEU J 256 51.54 27.48 -79.92
N HIS J 257 52.06 28.60 -79.45
CA HIS J 257 52.99 29.41 -80.23
C HIS J 257 54.18 29.88 -79.42
N SER J 258 55.24 30.22 -80.14
CA SER J 258 56.43 30.73 -79.54
C SER J 258 56.39 32.21 -79.92
N ALA J 259 55.72 33.02 -79.09
CA ALA J 259 55.57 34.45 -79.33
C ALA J 259 56.92 35.13 -79.54
N THR J 260 58.00 34.41 -79.24
CA THR J 260 59.34 34.91 -79.41
C THR J 260 59.60 35.28 -80.87
N LYS J 261 58.92 34.59 -81.77
CA LYS J 261 59.08 34.82 -83.21
C LYS J 261 58.20 35.91 -83.82
N PHE J 262 57.08 35.51 -84.40
CA PHE J 262 56.17 36.44 -85.07
C PHE J 262 55.34 37.34 -84.14
N LEU J 263 54.63 36.75 -83.19
CA LEU J 263 53.79 37.52 -82.28
C LEU J 263 54.46 38.78 -81.75
N GLY J 264 55.69 38.66 -81.25
CA GLY J 264 56.40 39.82 -80.77
C GLY J 264 57.08 40.45 -81.96
N GLY J 265 57.50 39.58 -82.88
CA GLY J 265 58.15 39.99 -84.11
C GLY J 265 59.10 41.17 -84.12
N HIS J 266 59.93 41.30 -83.11
CA HIS J 266 60.88 42.41 -83.09
C HIS J 266 62.22 41.93 -82.57
N ASN J 267 62.32 40.63 -82.38
CA ASN J 267 63.54 40.01 -81.89
C ASN J 267 64.08 40.66 -80.63
N ASP J 268 63.21 40.83 -79.64
CA ASP J 268 63.63 41.45 -78.39
C ASP J 268 62.86 40.90 -77.19
N VAL J 269 62.34 39.68 -77.31
CA VAL J 269 61.60 39.09 -76.22
C VAL J 269 61.20 37.65 -76.48
N LEU J 270 61.24 36.84 -75.42
CA LEU J 270 60.86 35.42 -75.49
C LEU J 270 59.53 35.31 -74.79
N ALA J 271 58.73 34.31 -75.17
CA ALA J 271 57.42 34.12 -74.55
C ALA J 271 56.72 32.90 -75.10
N GLY J 272 56.18 32.09 -74.18
CA GLY J 272 55.45 30.89 -74.57
C GLY J 272 53.98 31.24 -74.59
N CYS J 273 53.19 30.51 -75.37
CA CYS J 273 51.76 30.80 -75.44
C CYS J 273 50.94 29.60 -75.87
N ILE J 274 49.90 29.30 -75.11
CA ILE J 274 49.03 28.17 -75.41
C ILE J 274 47.57 28.58 -75.31
N SER J 275 46.81 28.28 -76.35
CA SER J 275 45.40 28.62 -76.38
C SER J 275 44.57 27.36 -76.61
N GLY J 276 43.33 27.39 -76.13
CA GLY J 276 42.45 26.24 -76.29
C GLY J 276 41.23 26.30 -75.37
N PRO J 277 40.48 25.20 -75.23
CA PRO J 277 39.30 25.19 -74.36
C PRO J 277 39.64 25.35 -72.89
N LEU J 278 38.74 26.00 -72.15
CA LEU J 278 38.96 26.22 -70.73
C LEU J 278 39.32 24.96 -69.97
N LYS J 279 38.37 24.04 -69.88
CA LYS J 279 38.58 22.77 -69.18
C LYS J 279 39.98 22.18 -69.39
N LEU J 280 40.60 22.52 -70.53
CA LEU J 280 41.93 22.00 -70.83
C LEU J 280 43.06 22.91 -70.40
N VAL J 281 43.11 24.11 -70.98
CA VAL J 281 44.15 25.07 -70.65
C VAL J 281 44.29 25.29 -69.15
N SER J 282 43.16 25.33 -68.46
CA SER J 282 43.16 25.55 -67.01
C SER J 282 44.00 24.49 -66.30
N GLU J 283 43.82 23.23 -66.69
CA GLU J 283 44.56 22.13 -66.10
C GLU J 283 46.06 22.40 -66.19
N ILE J 284 46.48 23.12 -67.23
CA ILE J 284 47.89 23.43 -67.40
C ILE J 284 48.27 24.62 -66.54
N ARG J 285 47.40 25.63 -66.55
CA ARG J 285 47.63 26.83 -65.76
C ARG J 285 47.95 26.45 -64.32
N ASN J 286 47.22 25.47 -63.80
CA ASN J 286 47.44 25.00 -62.44
C ASN J 286 48.87 24.54 -62.24
N LEU J 287 49.31 23.63 -63.10
CA LEU J 287 50.67 23.13 -63.00
C LEU J 287 51.64 24.28 -63.22
N HIS J 288 51.26 25.21 -64.09
CA HIS J 288 52.09 26.37 -64.39
C HIS J 288 52.25 27.23 -63.14
N HIS J 289 51.24 27.20 -62.27
CA HIS J 289 51.29 27.98 -61.05
C HIS J 289 52.29 27.39 -60.06
N ILE J 290 52.91 26.28 -60.43
CA ILE J 290 53.88 25.64 -59.54
C ILE J 290 55.27 25.66 -60.15
N LEU J 291 55.38 25.27 -61.41
CA LEU J 291 56.68 25.27 -62.07
C LEU J 291 57.20 26.69 -62.16
N GLY J 292 56.30 27.64 -61.93
CA GLY J 292 56.65 29.04 -61.95
C GLY J 292 57.45 29.50 -63.15
N GLY J 293 56.80 29.51 -64.31
CA GLY J 293 57.47 29.97 -65.52
C GLY J 293 56.80 31.26 -65.95
N ALA J 294 56.28 31.99 -64.96
CA ALA J 294 55.58 33.24 -65.20
C ALA J 294 56.27 34.17 -66.18
N LEU J 295 55.47 34.95 -66.88
CA LEU J 295 55.99 35.91 -67.85
C LEU J 295 55.95 37.30 -67.22
N ASN J 296 57.05 38.04 -67.36
CA ASN J 296 57.15 39.37 -66.79
C ASN J 296 56.23 40.36 -67.50
N PRO J 297 55.61 41.27 -66.73
CA PRO J 297 54.70 42.28 -67.28
C PRO J 297 55.31 43.03 -68.45
N ASN J 298 56.54 43.47 -68.26
CA ASN J 298 57.23 44.21 -69.30
C ASN J 298 57.30 43.42 -70.60
N ALA J 299 57.64 42.13 -70.49
CA ALA J 299 57.70 41.31 -71.69
C ALA J 299 56.31 41.31 -72.33
N ALA J 300 55.31 41.00 -71.51
CA ALA J 300 53.92 40.96 -71.97
C ALA J 300 53.60 42.17 -72.82
N TYR J 301 53.83 43.35 -72.27
CA TYR J 301 53.56 44.59 -72.99
C TYR J 301 54.22 44.59 -74.36
N LEU J 302 55.55 44.44 -74.37
CA LEU J 302 56.27 44.44 -75.62
C LEU J 302 55.55 43.63 -76.68
N ILE J 303 55.00 42.48 -76.28
CA ILE J 303 54.29 41.62 -77.22
C ILE J 303 53.00 42.30 -77.67
N ILE J 304 52.27 42.85 -76.72
CA ILE J 304 51.03 43.53 -77.04
C ILE J 304 51.32 44.60 -78.08
N ARG J 305 52.41 45.32 -77.88
CA ARG J 305 52.83 46.38 -78.79
C ARG J 305 53.25 45.81 -80.13
N GLY J 306 53.89 44.66 -80.11
CA GLY J 306 54.32 44.05 -81.36
C GLY J 306 53.12 43.58 -82.15
N MET J 307 52.16 42.99 -81.46
CA MET J 307 50.96 42.49 -82.11
C MET J 307 50.11 43.63 -82.67
N LYS J 308 50.40 44.84 -82.23
CA LYS J 308 49.65 46.01 -82.70
C LYS J 308 49.78 46.10 -84.23
N THR J 309 50.84 45.49 -84.76
CA THR J 309 51.09 45.47 -86.19
C THR J 309 51.40 44.06 -86.67
N LEU J 310 50.68 43.09 -86.12
CA LEU J 310 50.89 41.69 -86.50
C LEU J 310 50.61 41.47 -87.98
N HIS J 311 49.34 41.65 -88.35
CA HIS J 311 48.93 41.48 -89.74
C HIS J 311 49.88 42.16 -90.69
N LEU J 312 50.04 43.46 -90.55
CA LEU J 312 50.93 44.22 -91.41
C LEU J 312 52.25 43.48 -91.64
N ARG J 313 52.85 43.02 -90.56
CA ARG J 313 54.12 42.30 -90.65
C ARG J 313 53.99 40.96 -91.36
N VAL J 314 53.01 40.15 -90.96
CA VAL J 314 52.80 38.84 -91.58
C VAL J 314 52.59 39.02 -93.10
N GLN J 315 51.58 39.82 -93.45
CA GLN J 315 51.25 40.12 -94.84
C GLN J 315 52.50 40.24 -95.69
N GLN J 316 53.30 41.25 -95.38
CA GLN J 316 54.53 41.51 -96.13
C GLN J 316 55.45 40.32 -96.20
N GLN J 317 55.68 39.66 -95.07
CA GLN J 317 56.56 38.50 -95.03
C GLN J 317 55.99 37.37 -95.88
N ASN J 318 54.69 37.14 -95.76
CA ASN J 318 54.02 36.08 -96.52
C ASN J 318 54.37 36.23 -98.00
N SER J 319 54.40 37.47 -98.47
CA SER J 319 54.71 37.77 -99.87
C SER J 319 56.19 37.55 -100.15
N THR J 320 57.02 38.47 -99.67
CA THR J 320 58.47 38.38 -99.86
C THR J 320 58.92 36.93 -99.90
N ALA J 321 58.52 36.17 -98.87
CA ALA J 321 58.89 34.77 -98.79
C ALA J 321 58.52 34.07 -100.08
N LEU J 322 57.22 33.92 -100.32
CA LEU J 322 56.69 33.27 -101.52
C LEU J 322 57.46 33.66 -102.77
N ARG J 323 57.35 34.92 -103.17
CA ARG J 323 58.04 35.41 -104.35
C ARG J 323 59.52 35.02 -104.34
N MET J 324 60.18 35.28 -103.22
CA MET J 324 61.59 34.93 -103.09
C MET J 324 61.78 33.43 -103.26
N ALA J 325 60.77 32.67 -102.86
CA ALA J 325 60.84 31.23 -102.97
C ALA J 325 60.98 30.84 -104.43
N GLU J 326 59.93 31.11 -105.20
CA GLU J 326 59.92 30.80 -106.63
C GLU J 326 61.24 31.20 -107.26
N ILE J 327 61.62 32.46 -107.06
CA ILE J 327 62.86 32.97 -107.62
C ILE J 327 64.03 32.04 -107.32
N LEU J 328 64.05 31.54 -106.08
CA LEU J 328 65.12 30.64 -105.66
C LEU J 328 65.03 29.28 -106.34
N GLU J 329 63.83 28.72 -106.40
CA GLU J 329 63.61 27.43 -107.04
C GLU J 329 64.13 27.45 -108.48
N ALA J 330 63.83 28.55 -109.17
CA ALA J 330 64.24 28.73 -110.55
C ALA J 330 65.76 28.90 -110.67
N HIS J 331 66.38 29.42 -109.62
CA HIS J 331 67.82 29.63 -109.63
C HIS J 331 68.56 28.31 -109.89
N PRO J 332 69.63 28.35 -110.71
CA PRO J 332 70.44 27.18 -111.05
C PRO J 332 71.25 26.64 -109.89
N LYS J 333 71.81 27.56 -109.10
CA LYS J 333 72.64 27.19 -107.95
C LYS J 333 71.80 26.71 -106.76
N VAL J 334 70.48 26.81 -106.88
CA VAL J 334 69.59 26.37 -105.81
C VAL J 334 69.11 24.95 -106.09
N ARG J 335 69.73 23.99 -105.42
CA ARG J 335 69.39 22.58 -105.58
C ARG J 335 67.94 22.25 -105.24
N HIS J 336 67.45 22.79 -104.13
CA HIS J 336 66.07 22.53 -103.71
C HIS J 336 65.55 23.66 -102.85
N VAL J 337 64.23 23.75 -102.75
CA VAL J 337 63.58 24.79 -101.95
C VAL J 337 62.34 24.22 -101.26
N TYR J 338 62.22 24.48 -99.96
CA TYR J 338 61.09 24.00 -99.19
C TYR J 338 60.22 25.15 -98.77
N TYR J 339 58.94 25.07 -99.11
CA TYR J 339 57.98 26.11 -98.77
C TYR J 339 56.57 25.67 -99.16
N PRO J 340 55.66 25.64 -98.18
CA PRO J 340 54.27 25.21 -98.43
C PRO J 340 53.62 25.93 -99.59
N GLY J 341 54.07 27.13 -99.89
CA GLY J 341 53.51 27.91 -100.98
C GLY J 341 53.78 27.31 -102.35
N LEU J 342 54.98 26.77 -102.55
CA LEU J 342 55.35 26.18 -103.82
C LEU J 342 54.54 24.94 -104.12
N GLN J 343 54.38 24.65 -105.41
CA GLN J 343 53.65 23.47 -105.85
C GLN J 343 54.53 22.24 -105.65
N SER J 344 55.85 22.47 -105.57
CA SER J 344 56.80 21.40 -105.38
C SER J 344 56.76 20.81 -103.98
N HIS J 345 56.18 21.57 -103.04
CA HIS J 345 56.08 21.09 -101.65
C HIS J 345 55.13 19.91 -101.47
N PRO J 346 55.62 18.83 -100.83
CA PRO J 346 54.87 17.60 -100.56
C PRO J 346 53.43 17.77 -100.11
N GLU J 347 53.17 18.65 -99.15
CA GLU J 347 51.80 18.84 -98.68
C GLU J 347 51.22 20.18 -99.14
N HIS J 348 51.70 20.67 -100.28
CA HIS J 348 51.22 21.93 -100.81
C HIS J 348 49.70 21.95 -100.89
N HIS J 349 49.10 20.85 -101.32
CA HIS J 349 47.64 20.79 -101.44
C HIS J 349 46.99 20.97 -100.07
N ILE J 350 47.62 20.44 -99.03
CA ILE J 350 47.08 20.58 -97.68
C ILE J 350 47.25 22.02 -97.24
N ALA J 351 48.45 22.56 -97.47
CA ALA J 351 48.74 23.94 -97.08
C ALA J 351 47.70 24.86 -97.74
N LYS J 352 47.47 24.63 -99.02
CA LYS J 352 46.51 25.41 -99.80
C LYS J 352 45.09 25.27 -99.28
N LYS J 353 44.81 24.16 -98.61
CA LYS J 353 43.47 23.90 -98.09
C LYS J 353 43.23 24.41 -96.66
N GLN J 354 44.27 24.44 -95.84
CA GLN J 354 44.09 24.89 -94.46
C GLN J 354 44.74 26.22 -94.10
N MET J 355 45.60 26.72 -94.99
CA MET J 355 46.26 27.98 -94.73
C MET J 355 45.77 29.08 -95.64
N THR J 356 46.17 30.30 -95.35
CA THR J 356 45.80 31.46 -96.14
C THR J 356 47.10 32.16 -96.55
N GLY J 357 48.18 31.74 -95.89
CA GLY J 357 49.49 32.29 -96.19
C GLY J 357 50.46 31.16 -95.96
N PHE J 358 51.76 31.44 -96.05
CA PHE J 358 52.74 30.38 -95.85
C PHE J 358 53.96 30.80 -95.06
N GLY J 359 53.77 31.75 -94.14
CA GLY J 359 54.87 32.23 -93.32
C GLY J 359 55.94 32.97 -94.10
N GLY J 360 57.00 33.38 -93.43
CA GLY J 360 58.05 34.11 -94.09
C GLY J 360 59.37 33.37 -93.99
N ALA J 361 59.30 32.15 -93.48
CA ALA J 361 60.49 31.33 -93.34
C ALA J 361 60.61 30.48 -94.59
N VAL J 362 61.81 30.42 -95.14
CA VAL J 362 62.04 29.62 -96.34
C VAL J 362 63.33 28.82 -96.21
N SER J 363 63.24 27.53 -96.46
CA SER J 363 64.40 26.65 -96.39
C SER J 363 64.77 26.17 -97.79
N PHE J 364 66.06 26.05 -98.06
CA PHE J 364 66.50 25.61 -99.37
C PHE J 364 67.94 25.12 -99.33
N GLU J 365 68.19 24.02 -100.03
CA GLU J 365 69.53 23.46 -100.08
C GLU J 365 70.27 24.12 -101.23
N VAL J 366 71.55 24.40 -101.01
CA VAL J 366 72.39 25.04 -102.02
C VAL J 366 73.23 24.01 -102.75
N ASP J 367 73.49 24.24 -104.04
CA ASP J 367 74.28 23.33 -104.86
C ASP J 367 75.77 23.45 -104.53
N GLY J 368 76.15 22.88 -103.38
CA GLY J 368 77.54 22.90 -102.94
C GLY J 368 77.69 22.07 -101.68
N ASP J 369 78.73 22.35 -100.90
CA ASP J 369 78.96 21.61 -99.67
C ASP J 369 79.01 22.55 -98.47
N LEU J 370 79.38 22.00 -97.31
CA LEU J 370 79.48 22.79 -96.09
C LEU J 370 80.14 24.13 -96.33
N LEU J 371 81.45 24.10 -96.60
CA LEU J 371 82.22 25.31 -96.85
C LEU J 371 81.63 26.20 -97.93
N THR J 372 81.05 25.59 -98.95
CA THR J 372 80.44 26.35 -100.03
C THR J 372 79.20 27.07 -99.52
N THR J 373 78.25 26.32 -98.96
CA THR J 373 77.03 26.91 -98.44
C THR J 373 77.40 28.07 -97.50
N ALA J 374 78.39 27.83 -96.65
CA ALA J 374 78.84 28.84 -95.70
C ALA J 374 79.18 30.10 -96.48
N LYS J 375 80.07 29.95 -97.45
CA LYS J 375 80.50 31.05 -98.28
C LYS J 375 79.30 31.89 -98.71
N PHE J 376 78.19 31.22 -99.02
CA PHE J 376 76.97 31.90 -99.44
C PHE J 376 76.50 32.84 -98.35
N VAL J 377 76.01 32.27 -97.25
CA VAL J 377 75.50 33.05 -96.14
C VAL J 377 76.47 34.15 -95.74
N ASP J 378 77.76 33.86 -95.78
CA ASP J 378 78.77 34.83 -95.42
C ASP J 378 78.68 36.07 -96.33
N ALA J 379 78.27 35.84 -97.56
CA ALA J 379 78.17 36.91 -98.55
C ALA J 379 77.00 37.85 -98.27
N LEU J 380 75.90 37.30 -97.73
CA LEU J 380 74.72 38.09 -97.43
C LEU J 380 75.11 39.31 -96.59
N LYS J 381 74.45 40.43 -96.85
CA LYS J 381 74.74 41.68 -96.15
C LYS J 381 73.62 42.17 -95.24
N ILE J 382 72.39 41.79 -95.57
CA ILE J 382 71.24 42.20 -94.79
C ILE J 382 70.89 41.31 -93.61
N PRO J 383 70.55 40.04 -93.86
CA PRO J 383 70.20 39.18 -92.73
C PRO J 383 71.33 38.96 -91.75
N TYR J 384 70.97 38.72 -90.50
CA TYR J 384 71.92 38.47 -89.43
C TYR J 384 72.07 36.96 -89.35
N ILE J 385 73.27 36.48 -89.06
CA ILE J 385 73.47 35.04 -88.94
C ILE J 385 73.14 34.69 -87.50
N ALA J 386 71.99 34.06 -87.27
CA ALA J 386 71.60 33.71 -85.90
C ALA J 386 70.37 32.81 -85.89
N PRO J 387 70.01 32.27 -84.70
CA PRO J 387 68.83 31.41 -84.62
C PRO J 387 67.60 32.31 -84.64
N SER J 388 66.47 31.79 -84.19
CA SER J 388 65.23 32.57 -84.17
C SER J 388 64.79 33.01 -85.57
N PHE J 389 63.58 33.58 -85.65
CA PHE J 389 63.01 34.04 -86.91
C PHE J 389 61.66 34.72 -86.67
N GLY J 390 61.16 35.44 -87.67
CA GLY J 390 59.87 36.09 -87.54
C GLY J 390 59.91 37.57 -87.16
N GLY J 391 61.11 38.10 -86.99
CA GLY J 391 61.25 39.50 -86.62
C GLY J 391 61.42 40.38 -87.84
N CYS J 392 61.20 41.68 -87.66
CA CYS J 392 61.33 42.63 -88.74
C CYS J 392 62.72 42.52 -89.37
N GLU J 393 63.72 42.21 -88.55
CA GLU J 393 65.06 42.05 -89.08
C GLU J 393 65.14 40.67 -89.71
N SER J 394 65.88 40.56 -90.81
CA SER J 394 66.03 39.29 -91.50
C SER J 394 67.17 38.46 -90.91
N ILE J 395 66.93 37.15 -90.82
CA ILE J 395 67.91 36.23 -90.26
C ILE J 395 68.15 35.00 -91.13
N VAL J 396 69.38 34.49 -91.09
CA VAL J 396 69.77 33.30 -91.85
C VAL J 396 70.58 32.39 -90.95
N ASP J 397 70.61 31.11 -91.28
CA ASP J 397 71.39 30.15 -90.51
C ASP J 397 71.51 28.82 -91.23
N GLN J 398 72.54 28.06 -90.86
CA GLN J 398 72.82 26.74 -91.43
C GLN J 398 72.52 25.71 -90.35
N PRO J 399 71.24 25.32 -90.20
CA PRO J 399 70.80 24.35 -89.21
C PRO J 399 71.88 23.33 -88.86
N ALA J 400 72.51 22.78 -89.88
CA ALA J 400 73.56 21.80 -89.70
C ALA J 400 74.52 22.28 -88.62
N ILE J 401 74.98 23.53 -88.77
CA ILE J 401 75.91 24.12 -87.82
C ILE J 401 75.17 24.80 -86.68
N MET J 402 74.21 25.64 -87.03
CA MET J 402 73.43 26.40 -86.06
C MET J 402 72.80 25.60 -84.93
N SER J 403 72.36 24.37 -85.19
CA SER J 403 71.72 23.59 -84.13
C SER J 403 71.89 22.08 -84.26
N TYR J 404 72.99 21.64 -84.85
CA TYR J 404 73.23 20.20 -85.00
C TYR J 404 74.71 19.90 -85.11
N TRP J 405 75.55 20.92 -84.95
CA TRP J 405 76.98 20.74 -85.04
C TRP J 405 77.50 19.78 -83.98
N ASP J 406 76.69 19.55 -82.95
CA ASP J 406 77.07 18.66 -81.88
C ASP J 406 76.99 17.20 -82.33
N LEU J 407 76.50 16.99 -83.55
CA LEU J 407 76.37 15.64 -84.07
C LEU J 407 77.31 15.36 -85.24
N SER J 408 77.48 14.08 -85.56
CA SER J 408 78.33 13.66 -86.65
C SER J 408 77.65 13.84 -87.99
N GLN J 409 78.44 14.00 -89.04
CA GLN J 409 77.91 14.20 -90.39
C GLN J 409 76.87 13.13 -90.72
N SER J 410 77.08 11.91 -90.21
CA SER J 410 76.17 10.80 -90.45
C SER J 410 74.92 10.96 -89.60
N ASP J 411 75.10 11.13 -88.29
CA ASP J 411 73.98 11.29 -87.38
C ASP J 411 73.15 12.51 -87.76
N ARG J 412 73.77 13.48 -88.43
CA ARG J 412 73.06 14.69 -88.85
C ARG J 412 72.09 14.34 -89.97
N ALA J 413 72.60 13.66 -90.99
CA ALA J 413 71.79 13.25 -92.12
C ALA J 413 70.67 12.33 -91.69
N LYS J 414 70.80 11.75 -90.51
CA LYS J 414 69.78 10.85 -89.99
C LYS J 414 68.43 11.57 -89.99
N TYR J 415 68.47 12.90 -90.09
CA TYR J 415 67.25 13.68 -90.08
C TYR J 415 67.19 14.79 -91.12
N GLY J 416 67.50 14.43 -92.35
CA GLY J 416 67.48 15.40 -93.45
C GLY J 416 68.41 16.59 -93.36
N ILE J 417 68.84 16.94 -92.16
CA ILE J 417 69.73 18.08 -91.99
C ILE J 417 70.97 17.93 -92.87
N MET J 418 71.02 18.72 -93.94
CA MET J 418 72.14 18.68 -94.86
C MET J 418 73.05 19.88 -94.66
N ASP J 419 74.29 19.75 -95.13
CA ASP J 419 75.25 20.83 -94.99
C ASP J 419 74.91 21.95 -95.97
N ASN J 420 74.01 21.65 -96.91
CA ASN J 420 73.59 22.63 -97.89
C ASN J 420 72.43 23.42 -97.32
N LEU J 421 71.52 22.69 -96.68
CA LEU J 421 70.32 23.29 -96.09
C LEU J 421 70.54 24.65 -95.47
N VAL J 422 69.76 25.62 -95.94
CA VAL J 422 69.82 26.98 -95.45
C VAL J 422 68.42 27.43 -95.12
N ARG J 423 68.25 28.00 -93.93
CA ARG J 423 66.96 28.47 -93.49
C ARG J 423 66.96 29.99 -93.49
N PHE J 424 66.15 30.57 -94.36
CA PHE J 424 66.05 32.02 -94.46
C PHE J 424 64.74 32.52 -93.87
N SER J 425 64.84 33.37 -92.85
CA SER J 425 63.66 33.94 -92.23
C SER J 425 63.57 35.36 -92.73
N PHE J 426 62.72 35.57 -93.72
CA PHE J 426 62.59 36.89 -94.30
C PHE J 426 62.02 37.90 -93.33
N GLY J 427 62.74 39.00 -93.18
CA GLY J 427 62.31 40.06 -92.28
C GLY J 427 61.17 40.85 -92.89
N VAL J 428 61.25 42.17 -92.77
CA VAL J 428 60.23 43.05 -93.29
C VAL J 428 60.81 44.07 -94.27
N GLU J 429 62.13 44.03 -94.41
CA GLU J 429 62.83 44.93 -95.33
C GLU J 429 62.18 44.88 -96.71
N ASP J 430 62.46 45.87 -97.55
CA ASP J 430 61.88 45.93 -98.90
C ASP J 430 62.31 44.73 -99.74
N PHE J 431 61.35 44.16 -100.46
CA PHE J 431 61.62 42.99 -101.29
C PHE J 431 62.86 43.12 -102.17
N ASP J 432 62.83 44.06 -103.10
CA ASP J 432 63.95 44.29 -104.01
C ASP J 432 65.28 44.27 -103.28
N ASP J 433 65.35 45.01 -102.18
CA ASP J 433 66.57 45.09 -101.38
C ASP J 433 67.03 43.67 -101.00
N LEU J 434 66.08 42.86 -100.52
CA LEU J 434 66.38 41.50 -100.11
C LEU J 434 66.84 40.66 -101.27
N LYS J 435 65.97 40.58 -102.30
CA LYS J 435 66.26 39.83 -103.51
C LYS J 435 67.66 40.16 -104.01
N ALA J 436 67.87 41.44 -104.29
CA ALA J 436 69.17 41.88 -104.76
C ALA J 436 70.27 41.26 -103.90
N ASP J 437 70.12 41.39 -102.58
CA ASP J 437 71.08 40.83 -101.66
C ASP J 437 71.25 39.34 -101.94
N ILE J 438 70.21 38.57 -101.67
CA ILE J 438 70.25 37.15 -101.89
C ILE J 438 70.93 36.82 -103.22
N LEU J 439 70.36 37.31 -104.32
CA LEU J 439 70.94 37.06 -105.64
C LEU J 439 72.43 37.35 -105.65
N GLN J 440 72.78 38.59 -105.34
CA GLN J 440 74.18 38.99 -105.31
C GLN J 440 75.01 37.98 -104.54
N ALA J 441 74.45 37.45 -103.47
CA ALA J 441 75.15 36.47 -102.66
C ALA J 441 75.42 35.21 -103.48
N LEU J 442 74.35 34.51 -103.83
CA LEU J 442 74.47 33.29 -104.62
C LEU J 442 75.36 33.46 -105.83
N ASP J 443 75.22 34.59 -106.52
CA ASP J 443 76.03 34.89 -107.70
C ASP J 443 77.52 34.82 -107.39
N SER J 444 77.84 34.58 -106.13
CA SER J 444 79.23 34.50 -105.70
C SER J 444 79.69 33.06 -105.48
N ILE J 445 79.10 32.12 -106.23
CA ILE J 445 79.48 30.72 -106.13
C ILE J 445 79.45 30.03 -107.50
N TYR K 50 73.19 55.97 -95.99
CA TYR K 50 73.66 55.08 -94.89
C TYR K 50 74.48 53.92 -95.45
N ALA K 51 73.85 53.09 -96.26
CA ALA K 51 74.52 51.95 -96.85
C ALA K 51 74.07 51.67 -98.28
N SER K 52 74.93 51.01 -99.05
CA SER K 52 74.66 50.68 -100.44
C SER K 52 73.55 49.67 -100.66
N PHE K 53 73.68 48.49 -100.07
CA PHE K 53 72.69 47.43 -100.23
C PHE K 53 71.27 47.77 -99.75
N LEU K 54 71.11 48.96 -99.18
CA LEU K 54 69.80 49.39 -98.70
C LEU K 54 69.40 50.65 -99.46
N ASN K 55 68.40 50.51 -100.33
CA ASN K 55 67.94 51.63 -101.14
C ASN K 55 66.59 52.15 -100.67
N SER K 56 65.63 51.24 -100.44
CA SER K 56 64.30 51.62 -100.00
C SER K 56 64.30 52.24 -98.62
N ASP K 57 63.41 53.21 -98.42
CA ASP K 57 63.28 53.88 -97.14
C ASP K 57 63.00 52.86 -96.04
N GLY K 58 61.98 52.05 -96.26
CA GLY K 58 61.60 51.04 -95.29
C GLY K 58 62.77 50.25 -94.76
N SER K 59 63.60 49.73 -95.66
CA SER K 59 64.77 48.96 -95.26
C SER K 59 65.68 49.80 -94.37
N VAL K 60 65.78 51.08 -94.70
CA VAL K 60 66.60 51.98 -93.91
C VAL K 60 66.00 52.10 -92.51
N ALA K 61 64.77 52.60 -92.46
CA ALA K 61 64.05 52.77 -91.19
C ALA K 61 64.31 51.63 -90.21
N ILE K 62 64.55 50.44 -90.75
CA ILE K 62 64.81 49.26 -89.93
C ILE K 62 66.26 49.13 -89.46
N HIS K 63 67.18 49.04 -90.42
CA HIS K 63 68.59 48.87 -90.09
C HIS K 63 69.40 50.15 -90.03
N ALA K 64 68.74 51.29 -90.18
CA ALA K 64 69.45 52.57 -90.15
C ALA K 64 70.15 52.82 -88.80
N GLY K 65 71.46 52.97 -88.84
CA GLY K 65 72.24 53.22 -87.64
C GLY K 65 72.24 52.05 -86.68
N GLU K 66 72.28 50.84 -87.22
CA GLU K 66 72.28 49.65 -86.39
C GLU K 66 73.03 48.51 -87.03
N ARG K 67 72.49 48.00 -88.14
CA ARG K 67 73.09 46.86 -88.84
C ARG K 67 74.60 46.94 -89.04
N LEU K 68 75.12 48.13 -89.28
CA LEU K 68 76.55 48.27 -89.49
C LEU K 68 77.34 48.42 -88.21
N GLY K 69 76.78 49.11 -87.23
CA GLY K 69 77.47 49.31 -85.97
C GLY K 69 76.66 50.21 -85.08
N ARG K 70 76.97 50.21 -83.78
CA ARG K 70 76.20 51.05 -82.87
C ARG K 70 77.08 51.95 -81.99
N GLY K 71 78.34 51.56 -81.83
CA GLY K 71 79.24 52.34 -81.00
C GLY K 71 79.22 51.75 -79.60
N ILE K 72 78.24 50.86 -79.37
CA ILE K 72 78.08 50.18 -78.09
C ILE K 72 78.05 48.68 -78.43
N VAL K 73 79.22 48.17 -78.79
CA VAL K 73 79.41 46.78 -79.17
C VAL K 73 78.56 45.73 -78.45
N THR K 74 77.85 44.93 -79.23
CA THR K 74 77.02 43.85 -78.70
C THR K 74 76.68 42.87 -79.82
N ASP K 75 76.63 41.58 -79.49
CA ASP K 75 76.28 40.60 -80.49
C ASP K 75 74.76 40.45 -80.43
N ALA K 76 74.11 41.50 -79.95
CA ALA K 76 72.66 41.52 -79.83
C ALA K 76 72.04 42.13 -81.08
N ILE K 77 70.85 41.67 -81.43
CA ILE K 77 70.15 42.18 -82.59
C ILE K 77 69.65 43.62 -82.36
N THR K 78 68.91 43.81 -81.28
CA THR K 78 68.35 45.11 -80.96
C THR K 78 69.32 46.01 -80.22
N THR K 79 68.94 47.28 -80.10
CA THR K 79 69.74 48.29 -79.42
C THR K 79 69.49 48.21 -77.91
N PRO K 80 70.56 48.17 -77.12
CA PRO K 80 70.45 48.09 -75.66
C PRO K 80 70.02 49.40 -75.01
N VAL K 81 69.03 49.34 -74.12
CA VAL K 81 68.56 50.53 -73.43
C VAL K 81 69.53 50.86 -72.31
N VAL K 82 70.25 51.97 -72.47
CA VAL K 82 71.23 52.38 -71.47
C VAL K 82 70.62 53.38 -70.49
N ASN K 83 70.36 52.91 -69.27
CA ASN K 83 69.77 53.74 -68.22
C ASN K 83 70.83 54.33 -67.30
N THR K 84 71.51 55.37 -67.75
CA THR K 84 72.53 55.99 -66.90
C THR K 84 72.34 57.50 -66.85
N SER K 85 72.75 58.09 -65.74
CA SER K 85 72.62 59.52 -65.57
C SER K 85 73.96 60.19 -65.80
N ALA K 86 74.99 59.39 -66.01
CA ALA K 86 76.31 59.94 -66.25
C ALA K 86 77.28 58.88 -66.78
N TYR K 87 78.38 59.33 -67.37
CA TYR K 87 79.38 58.42 -67.92
C TYR K 87 80.72 58.66 -67.25
N PHE K 88 81.45 57.58 -66.99
CA PHE K 88 82.72 57.71 -66.29
C PHE K 88 83.96 57.65 -67.16
N PHE K 89 85.11 57.76 -66.49
CA PHE K 89 86.40 57.72 -67.14
C PHE K 89 87.32 56.83 -66.32
N ASN K 90 88.30 56.22 -66.99
CA ASN K 90 89.24 55.33 -66.33
C ASN K 90 90.37 56.08 -65.62
N LYS K 91 90.63 57.31 -66.03
CA LYS K 91 91.67 58.10 -65.40
C LYS K 91 91.65 59.54 -65.88
N THR K 92 92.06 60.45 -65.01
CA THR K 92 92.09 61.87 -65.32
C THR K 92 92.68 62.13 -66.71
N SER K 93 93.76 61.43 -67.03
CA SER K 93 94.42 61.58 -68.32
C SER K 93 93.38 61.57 -69.43
N GLU K 94 92.58 60.50 -69.47
CA GLU K 94 91.55 60.36 -70.50
C GLU K 94 90.55 61.51 -70.42
N LEU K 95 90.00 61.75 -69.25
CA LEU K 95 89.04 62.82 -69.07
C LEU K 95 89.55 64.05 -69.79
N ILE K 96 90.81 64.40 -69.55
CA ILE K 96 91.42 65.55 -70.18
C ILE K 96 91.28 65.41 -71.69
N ASP K 97 91.74 64.27 -72.20
CA ASP K 97 91.66 64.00 -73.62
C ASP K 97 90.29 64.41 -74.13
N PHE K 98 89.25 63.81 -73.56
CA PHE K 98 87.89 64.11 -73.95
C PHE K 98 87.63 65.61 -73.93
N LYS K 99 87.94 66.24 -72.81
CA LYS K 99 87.75 67.67 -72.67
C LYS K 99 88.49 68.45 -73.75
N GLU K 100 89.61 67.89 -74.21
CA GLU K 100 90.41 68.54 -75.24
C GLU K 100 90.07 68.05 -76.65
N LYS K 101 88.89 67.47 -76.79
CA LYS K 101 88.41 66.95 -78.07
C LYS K 101 89.32 65.92 -78.73
N ARG K 102 89.87 65.02 -77.93
CA ARG K 102 90.74 63.98 -78.45
C ARG K 102 90.07 62.63 -78.22
N ARG K 103 88.99 62.64 -77.46
CA ARG K 103 88.24 61.42 -77.15
C ARG K 103 86.74 61.72 -77.22
N ALA K 104 85.93 60.66 -77.32
CA ALA K 104 84.48 60.84 -77.40
C ALA K 104 83.76 60.31 -76.16
N SER K 105 82.85 61.12 -75.63
CA SER K 105 82.11 60.73 -74.44
C SER K 105 80.95 61.69 -74.23
N PHE K 106 79.83 61.16 -73.78
CA PHE K 106 78.66 61.99 -73.54
C PHE K 106 78.83 62.77 -72.25
N GLU K 107 79.70 62.26 -71.38
CA GLU K 107 79.95 62.90 -70.09
C GLU K 107 78.71 62.85 -69.19
N TYR K 108 77.74 63.71 -69.46
CA TYR K 108 76.50 63.76 -68.69
C TYR K 108 75.33 63.31 -69.55
N GLY K 109 74.32 62.74 -68.92
CA GLY K 109 73.17 62.25 -69.67
C GLY K 109 72.41 63.32 -70.45
N ARG K 110 72.38 64.53 -69.92
CA ARG K 110 71.67 65.61 -70.58
C ARG K 110 72.32 66.00 -71.89
N TYR K 111 73.53 65.48 -72.12
CA TYR K 111 74.26 65.80 -73.33
C TYR K 111 74.23 64.71 -74.40
N GLY K 112 73.97 63.47 -74.00
CA GLY K 112 73.94 62.40 -74.97
C GLY K 112 73.70 61.04 -74.36
N ASN K 113 73.27 60.09 -75.18
CA ASN K 113 73.02 58.73 -74.72
C ASN K 113 73.20 57.72 -75.85
N PRO K 114 73.96 56.65 -75.59
CA PRO K 114 74.21 55.62 -76.60
C PRO K 114 72.93 55.06 -77.23
N THR K 115 71.93 54.83 -76.39
CA THR K 115 70.67 54.29 -76.86
C THR K 115 69.87 55.33 -77.64
N THR K 116 70.23 56.60 -77.49
CA THR K 116 69.52 57.65 -78.20
C THR K 116 70.16 57.94 -79.54
N VAL K 117 71.47 58.15 -79.55
CA VAL K 117 72.19 58.46 -80.78
C VAL K 117 71.76 57.55 -81.92
N VAL K 118 71.43 56.30 -81.60
CA VAL K 118 70.99 55.36 -82.62
C VAL K 118 69.81 55.99 -83.33
N LEU K 119 68.72 56.19 -82.59
CA LEU K 119 67.52 56.79 -83.15
C LEU K 119 67.87 58.06 -83.89
N GLU K 120 68.85 58.79 -83.38
CA GLU K 120 69.28 60.03 -84.01
C GLU K 120 69.77 59.73 -85.44
N GLU K 121 70.82 58.92 -85.53
CA GLU K 121 71.39 58.56 -86.82
C GLU K 121 70.36 57.93 -87.74
N LYS K 122 69.49 57.12 -87.17
CA LYS K 122 68.45 56.45 -87.92
C LYS K 122 67.62 57.48 -88.70
N ILE K 123 66.97 58.38 -87.98
CA ILE K 123 66.16 59.40 -88.61
C ILE K 123 67.01 60.22 -89.57
N SER K 124 68.23 60.54 -89.16
CA SER K 124 69.13 61.32 -90.01
C SER K 124 69.14 60.68 -91.37
N ALA K 125 69.48 59.39 -91.41
CA ALA K 125 69.53 58.64 -92.65
C ALA K 125 68.23 58.80 -93.44
N LEU K 126 67.10 58.52 -92.79
CA LEU K 126 65.80 58.64 -93.42
C LEU K 126 65.66 59.96 -94.17
N GLU K 127 65.65 61.06 -93.42
CA GLU K 127 65.52 62.38 -94.01
C GLU K 127 66.75 62.75 -94.82
N GLY K 128 67.73 61.86 -94.84
CA GLY K 128 68.96 62.14 -95.57
C GLY K 128 69.61 63.42 -95.06
N ALA K 129 69.64 63.58 -93.74
CA ALA K 129 70.23 64.76 -93.11
C ALA K 129 71.66 64.50 -92.68
N GLU K 130 72.31 65.57 -92.24
CA GLU K 130 73.68 65.53 -91.78
C GLU K 130 73.69 65.11 -90.30
N SER K 131 72.69 65.59 -89.57
CA SER K 131 72.57 65.29 -88.14
C SER K 131 71.15 65.60 -87.64
N THR K 132 70.73 64.87 -86.61
CA THR K 132 69.41 65.04 -86.03
C THR K 132 69.47 65.15 -84.50
N LEU K 133 68.50 65.86 -83.92
CA LEU K 133 68.43 66.06 -82.48
C LEU K 133 67.09 65.53 -81.95
N LEU K 134 67.10 65.01 -80.73
CA LEU K 134 65.86 64.49 -80.16
C LEU K 134 65.51 65.14 -78.83
N MET K 135 64.36 65.80 -78.78
CA MET K 135 63.89 66.47 -77.58
C MET K 135 62.91 65.58 -76.83
N ALA K 136 62.35 66.11 -75.75
CA ALA K 136 61.40 65.37 -74.94
C ALA K 136 60.02 65.34 -75.58
N SER K 137 59.76 66.29 -76.47
CA SER K 137 58.49 66.35 -77.17
C SER K 137 58.56 67.30 -78.36
N GLY K 138 57.62 67.18 -79.29
CA GLY K 138 57.63 68.06 -80.44
C GLY K 138 57.77 69.50 -79.99
N MET K 139 56.78 69.96 -79.25
CA MET K 139 56.76 71.33 -78.74
C MET K 139 58.13 71.79 -78.28
N CYS K 140 58.83 70.92 -77.56
CA CYS K 140 60.15 71.24 -77.07
C CYS K 140 61.04 71.64 -78.24
N ALA K 141 61.11 70.76 -79.24
CA ALA K 141 61.92 71.00 -80.43
C ALA K 141 61.69 72.38 -81.05
N SER K 142 60.47 72.63 -81.51
CA SER K 142 60.15 73.93 -82.11
C SER K 142 60.61 75.05 -81.19
N THR K 143 60.17 74.97 -79.94
CA THR K 143 60.51 75.94 -78.91
C THR K 143 62.01 76.26 -78.90
N VAL K 144 62.81 75.25 -78.58
CA VAL K 144 64.25 75.39 -78.52
C VAL K 144 64.77 75.96 -79.83
N MET K 145 64.40 75.30 -80.92
CA MET K 145 64.81 75.71 -82.25
C MET K 145 64.64 77.22 -82.47
N LEU K 146 63.45 77.73 -82.20
CA LEU K 146 63.22 79.15 -82.38
C LEU K 146 64.17 79.92 -81.49
N LEU K 147 64.06 79.71 -80.17
CA LEU K 147 64.89 80.37 -79.18
C LEU K 147 66.38 80.32 -79.52
N ALA K 148 66.77 79.26 -80.22
CA ALA K 148 68.15 79.08 -80.58
C ALA K 148 68.60 79.86 -81.81
N LEU K 149 67.78 79.84 -82.85
CA LEU K 149 68.13 80.51 -84.10
C LEU K 149 67.73 81.98 -84.23
N VAL K 150 66.48 82.31 -83.94
CA VAL K 150 66.02 83.68 -84.05
C VAL K 150 66.66 84.59 -83.02
N PRO K 151 67.49 85.55 -83.48
CA PRO K 151 68.16 86.49 -82.58
C PRO K 151 67.16 87.41 -81.92
N ALA K 152 67.62 88.13 -80.90
CA ALA K 152 66.76 89.06 -80.18
C ALA K 152 66.30 90.17 -81.11
N GLY K 153 65.01 90.50 -81.05
CA GLY K 153 64.49 91.55 -81.91
C GLY K 153 64.41 91.18 -83.37
N GLY K 154 64.80 89.95 -83.71
CA GLY K 154 64.74 89.51 -85.09
C GLY K 154 63.31 89.33 -85.55
N HIS K 155 63.14 89.04 -86.83
CA HIS K 155 61.80 88.83 -87.38
C HIS K 155 61.65 87.41 -87.88
N ILE K 156 60.43 86.89 -87.81
CA ILE K 156 60.15 85.53 -88.24
C ILE K 156 58.86 85.50 -89.06
N VAL K 157 58.76 84.55 -89.99
CA VAL K 157 57.58 84.42 -90.83
C VAL K 157 57.02 83.00 -90.77
N THR K 158 55.72 82.93 -90.51
CA THR K 158 55.04 81.65 -90.43
C THR K 158 53.70 81.69 -91.17
N THR K 159 53.01 80.56 -91.17
CA THR K 159 51.72 80.45 -91.84
C THR K 159 50.58 80.72 -90.88
N THR K 160 49.37 80.74 -91.41
CA THR K 160 48.19 81.00 -90.60
C THR K 160 47.64 79.72 -89.96
N ASP K 161 47.88 78.59 -90.62
CA ASP K 161 47.40 77.30 -90.13
C ASP K 161 48.39 76.62 -89.19
N CYS K 162 48.97 77.39 -88.28
CA CYS K 162 49.93 76.84 -87.34
C CYS K 162 49.16 76.03 -86.30
N TYR K 163 49.88 75.18 -85.57
CA TYR K 163 49.25 74.37 -84.53
C TYR K 163 49.05 75.26 -83.31
N ARG K 164 47.85 75.20 -82.74
CA ARG K 164 47.48 76.00 -81.57
C ARG K 164 48.66 76.49 -80.73
N LYS K 165 49.21 75.63 -79.89
CA LYS K 165 50.32 75.99 -79.01
C LYS K 165 51.49 76.63 -79.72
N THR K 166 52.02 75.98 -80.74
CA THR K 166 53.14 76.54 -81.50
C THR K 166 52.87 78.02 -81.74
N ARG K 167 51.62 78.32 -82.07
CA ARG K 167 51.20 79.69 -82.33
C ARG K 167 51.47 80.53 -81.10
N ILE K 168 50.75 80.22 -80.02
CA ILE K 168 50.87 80.93 -78.75
C ILE K 168 52.30 81.31 -78.37
N PHE K 169 53.20 80.34 -78.37
CA PHE K 169 54.59 80.61 -78.03
C PHE K 169 55.14 81.77 -78.85
N ILE K 170 54.99 81.68 -80.16
CA ILE K 170 55.48 82.72 -81.06
C ILE K 170 54.80 84.06 -80.84
N GLU K 171 53.56 84.02 -80.35
CA GLU K 171 52.78 85.23 -80.12
C GLU K 171 52.89 85.82 -78.70
N THR K 172 53.29 85.02 -77.73
CA THR K 172 53.38 85.50 -76.36
C THR K 172 54.77 85.50 -75.73
N ILE K 173 55.60 84.51 -76.04
CA ILE K 173 56.94 84.44 -75.48
C ILE K 173 57.97 85.17 -76.35
N LEU K 174 58.10 84.75 -77.60
CA LEU K 174 59.05 85.36 -78.51
C LEU K 174 59.04 86.89 -78.48
N PRO K 175 57.84 87.49 -78.40
CA PRO K 175 57.81 88.96 -78.37
C PRO K 175 58.62 89.51 -77.21
N LYS K 176 58.71 88.73 -76.12
CA LYS K 176 59.46 89.15 -74.94
C LYS K 176 60.91 89.42 -75.32
N MET K 177 61.39 88.73 -76.34
CA MET K 177 62.76 88.91 -76.81
C MET K 177 62.74 89.92 -77.95
N GLY K 178 61.61 90.60 -78.11
CA GLY K 178 61.49 91.57 -79.17
C GLY K 178 61.44 90.93 -80.56
N ILE K 179 61.18 89.62 -80.59
CA ILE K 179 61.10 88.90 -81.85
C ILE K 179 59.70 89.04 -82.45
N THR K 180 59.62 89.78 -83.55
CA THR K 180 58.35 90.01 -84.22
C THR K 180 58.13 88.98 -85.34
N ALA K 181 56.86 88.73 -85.65
CA ALA K 181 56.51 87.77 -86.68
C ALA K 181 55.45 88.27 -87.66
N THR K 182 55.46 87.69 -88.85
CA THR K 182 54.49 88.02 -89.89
C THR K 182 53.76 86.74 -90.24
N VAL K 183 52.43 86.79 -90.21
CA VAL K 183 51.62 85.61 -90.51
C VAL K 183 50.94 85.69 -91.88
N ILE K 184 51.41 84.88 -92.80
CA ILE K 184 50.88 84.84 -94.16
C ILE K 184 50.13 83.53 -94.37
N ASP K 185 49.32 83.47 -95.43
CA ASP K 185 48.59 82.25 -95.74
C ASP K 185 49.56 81.28 -96.43
N PRO K 186 49.43 79.97 -96.16
CA PRO K 186 50.30 78.96 -96.75
C PRO K 186 50.53 79.15 -98.25
N ALA K 187 49.45 79.37 -98.98
CA ALA K 187 49.52 79.55 -100.42
C ALA K 187 50.11 80.90 -100.81
N ASP K 188 49.60 81.97 -100.22
CA ASP K 188 50.04 83.34 -100.48
C ASP K 188 51.55 83.54 -100.58
N VAL K 189 52.13 83.13 -101.71
CA VAL K 189 53.57 83.27 -101.92
C VAL K 189 53.93 84.75 -102.08
N GLY K 190 52.97 85.53 -102.54
CA GLY K 190 53.20 86.94 -102.74
C GLY K 190 53.55 87.59 -101.41
N ALA K 191 52.69 87.37 -100.41
CA ALA K 191 52.90 87.92 -99.07
C ALA K 191 54.31 87.59 -98.59
N LEU K 192 54.72 86.35 -98.80
CA LEU K 192 56.05 85.91 -98.39
C LEU K 192 57.13 86.72 -99.09
N GLU K 193 57.05 86.77 -100.42
CA GLU K 193 58.02 87.51 -101.23
C GLU K 193 58.06 88.97 -100.79
N LEU K 194 56.90 89.52 -100.46
CA LEU K 194 56.81 90.92 -100.02
C LEU K 194 57.49 91.10 -98.66
N ALA K 195 57.06 90.29 -97.69
CA ALA K 195 57.62 90.34 -96.34
C ALA K 195 59.13 90.16 -96.40
N LEU K 196 59.55 89.26 -97.25
CA LEU K 196 60.97 88.97 -97.44
C LEU K 196 61.75 90.26 -97.70
N ASN K 197 61.14 91.18 -98.45
CA ASN K 197 61.77 92.46 -98.80
C ASN K 197 61.47 93.57 -97.79
N GLN K 198 60.23 93.60 -97.29
CA GLN K 198 59.82 94.61 -96.32
C GLN K 198 60.75 94.60 -95.10
N LYS K 199 60.64 93.56 -94.29
CA LYS K 199 61.47 93.42 -93.10
C LYS K 199 62.62 92.45 -93.36
N LYS K 200 63.48 92.29 -92.37
CA LYS K 200 64.62 91.40 -92.48
C LYS K 200 64.26 90.08 -91.79
N VAL K 201 63.72 89.14 -92.56
CA VAL K 201 63.32 87.83 -92.04
C VAL K 201 64.51 86.96 -91.68
N ASN K 202 64.53 86.47 -90.45
CA ASN K 202 65.60 85.61 -89.95
C ASN K 202 65.35 84.17 -90.34
N LEU K 203 64.10 83.75 -90.23
CA LEU K 203 63.73 82.38 -90.56
C LEU K 203 62.24 82.23 -90.88
N PHE K 204 61.95 81.43 -91.91
CA PHE K 204 60.58 81.16 -92.29
C PHE K 204 60.29 79.78 -91.72
N PHE K 205 59.19 79.69 -90.99
CA PHE K 205 58.82 78.43 -90.36
C PHE K 205 57.37 78.07 -90.59
N THR K 206 57.15 76.82 -90.96
CA THR K 206 55.79 76.33 -91.19
C THR K 206 55.74 74.82 -91.35
N GLU K 207 54.52 74.29 -91.18
CA GLU K 207 54.27 72.87 -91.31
C GLU K 207 53.53 72.56 -92.62
N SER K 208 53.96 71.50 -93.30
CA SER K 208 53.34 71.10 -94.55
C SER K 208 53.40 69.58 -94.68
N PRO K 209 52.24 68.91 -94.70
CA PRO K 209 50.90 69.51 -94.61
C PRO K 209 50.67 70.28 -93.31
N THR K 210 49.63 71.11 -93.35
CA THR K 210 49.24 71.94 -92.22
C THR K 210 48.22 71.23 -91.32
N ASN K 211 47.83 71.90 -90.23
CA ASN K 211 46.85 71.35 -89.31
C ASN K 211 45.77 72.39 -89.07
N PRO K 212 44.49 72.00 -89.14
CA PRO K 212 44.02 70.64 -89.44
C PRO K 212 43.58 70.52 -90.89
N PHE K 213 43.75 71.59 -91.66
CA PHE K 213 43.33 71.59 -93.07
C PHE K 213 44.37 71.00 -94.01
N LEU K 214 45.44 70.46 -93.45
CA LEU K 214 46.49 69.84 -94.24
C LEU K 214 46.89 70.64 -95.47
N ARG K 215 46.95 71.95 -95.33
CA ARG K 215 47.36 72.79 -96.45
C ARG K 215 48.84 72.51 -96.69
N CYS K 216 49.29 72.66 -97.93
CA CYS K 216 50.69 72.41 -98.24
C CYS K 216 51.42 73.60 -98.83
N VAL K 217 52.71 73.70 -98.51
CA VAL K 217 53.54 74.80 -99.00
C VAL K 217 54.52 74.28 -100.03
N ASP K 218 54.64 75.00 -101.14
CA ASP K 218 55.55 74.60 -102.19
C ASP K 218 56.97 74.80 -101.67
N ILE K 219 57.40 73.86 -100.83
CA ILE K 219 58.71 73.92 -100.21
C ILE K 219 59.79 74.43 -101.16
N GLU K 220 60.05 73.68 -102.23
CA GLU K 220 61.08 74.06 -103.20
C GLU K 220 61.02 75.55 -103.56
N LEU K 221 59.81 76.02 -103.87
CA LEU K 221 59.63 77.42 -104.24
C LEU K 221 60.06 78.32 -103.09
N VAL K 222 59.32 78.21 -102.00
CA VAL K 222 59.58 79.01 -100.80
C VAL K 222 61.07 78.99 -100.49
N SER K 223 61.61 77.79 -100.33
CA SER K 223 63.03 77.61 -100.04
C SER K 223 63.87 78.55 -100.89
N LYS K 224 63.61 78.54 -102.18
CA LYS K 224 64.33 79.38 -103.13
C LYS K 224 64.20 80.86 -102.80
N LEU K 225 62.97 81.31 -102.62
CA LEU K 225 62.71 82.71 -102.31
C LEU K 225 63.46 83.16 -101.05
N CYS K 226 63.18 82.48 -99.94
CA CYS K 226 63.79 82.81 -98.67
C CYS K 226 65.32 82.83 -98.72
N HIS K 227 65.90 81.79 -99.29
CA HIS K 227 67.35 81.71 -99.37
C HIS K 227 67.96 82.87 -100.15
N GLU K 228 67.13 83.50 -100.98
CA GLU K 228 67.60 84.64 -101.77
C GLU K 228 67.81 85.84 -100.86
N LYS K 229 67.04 85.90 -99.78
CA LYS K 229 67.11 87.00 -98.83
C LYS K 229 67.84 86.66 -97.52
N GLY K 230 68.47 85.49 -97.47
CA GLY K 230 69.20 85.09 -96.28
C GLY K 230 68.37 84.47 -95.16
N ALA K 231 67.07 84.29 -95.39
CA ALA K 231 66.19 83.70 -94.39
C ALA K 231 66.33 82.18 -94.33
N LEU K 232 66.05 81.61 -93.17
CA LEU K 232 66.16 80.17 -92.99
C LEU K 232 64.79 79.57 -93.13
N VAL K 233 64.73 78.33 -93.61
CA VAL K 233 63.45 77.68 -93.77
C VAL K 233 63.34 76.44 -92.91
N CYS K 234 62.26 76.37 -92.13
CA CYS K 234 62.03 75.23 -91.27
C CYS K 234 60.63 74.69 -91.56
N ILE K 235 60.56 73.40 -91.86
CA ILE K 235 59.29 72.74 -92.16
C ILE K 235 58.95 71.64 -91.19
N ASP K 236 57.76 71.74 -90.60
CA ASP K 236 57.29 70.76 -89.66
C ASP K 236 56.56 69.67 -90.44
N GLY K 237 57.32 68.71 -90.94
CA GLY K 237 56.73 67.64 -91.72
C GLY K 237 56.09 66.52 -90.92
N THR K 238 55.67 66.83 -89.70
CA THR K 238 55.04 65.85 -88.83
C THR K 238 54.02 65.00 -89.56
N PHE K 239 52.99 65.66 -90.11
CA PHE K 239 51.91 65.01 -90.85
C PHE K 239 52.42 64.23 -92.06
N ALA K 240 53.46 64.75 -92.68
CA ALA K 240 54.01 64.12 -93.86
C ALA K 240 54.69 62.81 -93.57
N THR K 241 55.72 62.84 -92.72
CA THR K 241 56.51 61.66 -92.37
C THR K 241 57.67 61.66 -93.36
N PRO K 242 58.90 61.38 -92.88
CA PRO K 242 60.05 61.35 -93.77
C PRO K 242 59.85 60.45 -94.98
N LEU K 243 58.81 59.63 -94.93
CA LEU K 243 58.50 58.71 -96.02
C LEU K 243 57.73 59.34 -97.17
N ASN K 244 56.73 60.15 -96.84
CA ASN K 244 55.90 60.80 -97.85
C ASN K 244 56.50 62.06 -98.47
N GLN K 245 57.66 62.50 -97.97
CA GLN K 245 58.31 63.70 -98.50
C GLN K 245 59.66 63.94 -97.87
N LYS K 246 60.52 64.67 -98.57
CA LYS K 246 61.84 64.98 -98.06
C LYS K 246 62.11 66.48 -98.15
N ALA K 247 61.52 67.23 -97.22
CA ALA K 247 61.67 68.69 -97.17
C ALA K 247 63.12 69.10 -97.32
N LEU K 248 64.01 68.38 -96.66
CA LEU K 248 65.43 68.69 -96.73
C LEU K 248 65.90 68.64 -98.16
N ALA K 249 65.46 67.61 -98.89
CA ALA K 249 65.85 67.45 -100.28
C ALA K 249 65.23 68.56 -101.14
N LEU K 250 64.02 68.99 -100.80
CA LEU K 250 63.35 70.04 -101.53
C LEU K 250 63.99 71.39 -101.29
N GLY K 251 65.07 71.40 -100.50
CA GLY K 251 65.77 72.64 -100.22
C GLY K 251 65.65 73.22 -98.83
N ALA K 252 64.61 72.83 -98.08
CA ALA K 252 64.40 73.32 -96.72
C ALA K 252 65.67 73.19 -95.89
N ASP K 253 65.86 74.14 -94.98
CA ASP K 253 67.05 74.13 -94.13
C ASP K 253 66.90 73.16 -92.97
N LEU K 254 65.72 73.17 -92.37
CA LEU K 254 65.46 72.30 -91.24
C LEU K 254 64.07 71.70 -91.27
N VAL K 255 64.01 70.39 -91.02
CA VAL K 255 62.75 69.67 -90.98
C VAL K 255 62.61 69.09 -89.58
N LEU K 256 61.47 69.34 -88.95
CA LEU K 256 61.23 68.82 -87.61
C LEU K 256 59.94 68.04 -87.56
N HIS K 257 59.92 67.04 -86.68
CA HIS K 257 58.75 66.20 -86.52
C HIS K 257 58.37 66.08 -85.07
N SER K 258 57.22 65.46 -84.84
CA SER K 258 56.71 65.21 -83.51
C SER K 258 56.60 63.69 -83.48
N ALA K 259 57.71 63.04 -83.19
CA ALA K 259 57.77 61.59 -83.12
C ALA K 259 56.60 61.02 -82.33
N THR K 260 55.97 61.86 -81.52
CA THR K 260 54.83 61.45 -80.74
C THR K 260 53.76 60.80 -81.61
N LYS K 261 53.69 61.25 -82.86
CA LYS K 261 52.69 60.74 -83.80
C LYS K 261 53.07 59.49 -84.59
N PHE K 262 53.42 59.68 -85.86
CA PHE K 262 53.77 58.59 -86.74
C PHE K 262 55.03 57.81 -86.37
N LEU K 263 56.16 58.50 -86.27
CA LEU K 263 57.43 57.85 -85.94
C LEU K 263 57.30 56.78 -84.85
N GLY K 264 56.64 57.12 -83.75
CA GLY K 264 56.45 56.16 -82.68
C GLY K 264 55.23 55.34 -83.02
N GLY K 265 54.31 55.98 -83.73
CA GLY K 265 53.07 55.35 -84.15
C GLY K 265 52.41 54.33 -83.25
N HIS K 266 52.58 54.44 -81.93
CA HIS K 266 51.96 53.48 -81.04
C HIS K 266 51.22 54.14 -79.86
N ASN K 267 51.05 55.45 -79.98
CA ASN K 267 50.35 56.25 -78.97
C ASN K 267 50.76 55.93 -77.53
N ASP K 268 52.06 55.81 -77.30
CA ASP K 268 52.56 55.49 -75.97
C ASP K 268 53.87 56.19 -75.65
N VAL K 269 54.13 57.32 -76.31
CA VAL K 269 55.37 58.04 -76.07
C VAL K 269 55.41 59.39 -76.78
N LEU K 270 56.00 60.38 -76.11
CA LEU K 270 56.15 61.71 -76.67
C LEU K 270 57.62 61.90 -77.01
N ALA K 271 57.91 62.77 -77.98
CA ALA K 271 59.29 63.02 -78.36
C ALA K 271 59.38 64.00 -79.52
N GLY K 272 60.30 64.94 -79.40
CA GLY K 272 60.51 65.92 -80.45
C GLY K 272 61.67 65.44 -81.29
N CYS K 273 61.89 66.05 -82.45
CA CYS K 273 62.99 65.63 -83.30
C CYS K 273 63.23 66.63 -84.41
N ILE K 274 64.48 67.06 -84.54
CA ILE K 274 64.86 68.03 -85.57
C ILE K 274 66.07 67.53 -86.34
N SER K 275 65.96 67.51 -87.67
CA SER K 275 67.05 67.05 -88.51
C SER K 275 67.46 68.14 -89.48
N GLY K 276 68.73 68.22 -89.81
CA GLY K 276 69.22 69.25 -90.71
C GLY K 276 70.73 69.27 -90.81
N PRO K 277 71.32 70.37 -91.30
CA PRO K 277 72.78 70.48 -91.43
C PRO K 277 73.46 70.63 -90.08
N LEU K 278 74.62 70.03 -89.92
CA LEU K 278 75.36 70.11 -88.67
C LEU K 278 75.46 71.54 -88.17
N LYS K 279 76.24 72.35 -88.87
CA LYS K 279 76.44 73.76 -88.52
C LYS K 279 75.18 74.39 -87.92
N LEU K 280 74.03 73.91 -88.36
CA LEU K 280 72.77 74.45 -87.89
C LEU K 280 72.23 73.73 -86.66
N VAL K 281 71.96 72.44 -86.81
CA VAL K 281 71.42 71.64 -85.72
C VAL K 281 72.26 71.73 -84.45
N SER K 282 73.57 71.78 -84.60
CA SER K 282 74.48 71.86 -83.46
C SER K 282 74.20 73.10 -82.61
N GLU K 283 74.04 74.24 -83.27
CA GLU K 283 73.77 75.49 -82.57
C GLU K 283 72.55 75.33 -81.67
N ILE K 284 71.69 74.37 -82.01
CA ILE K 284 70.49 74.12 -81.23
C ILE K 284 70.81 73.17 -80.09
N ARG K 285 71.52 72.10 -80.42
CA ARG K 285 71.91 71.10 -79.44
C ARG K 285 72.55 71.79 -78.25
N ASN K 286 73.32 72.84 -78.54
CA ASN K 286 74.00 73.59 -77.50
C ASN K 286 73.00 74.19 -76.52
N LEU K 287 72.04 74.93 -77.05
CA LEU K 287 71.02 75.53 -76.20
C LEU K 287 70.20 74.43 -75.55
N HIS K 288 70.08 73.30 -76.25
CA HIS K 288 69.31 72.18 -75.74
C HIS K 288 69.99 71.59 -74.51
N HIS K 289 71.32 71.70 -74.49
CA HIS K 289 72.09 71.19 -73.37
C HIS K 289 71.90 72.05 -72.15
N ILE K 290 71.11 73.12 -72.30
CA ILE K 290 70.87 74.02 -71.19
C ILE K 290 69.43 73.99 -70.73
N LEU K 291 68.49 74.09 -71.68
CA LEU K 291 67.09 74.06 -71.32
C LEU K 291 66.73 72.68 -70.80
N GLY K 292 67.65 71.74 -70.99
CA GLY K 292 67.47 70.38 -70.51
C GLY K 292 66.13 69.73 -70.79
N GLY K 293 65.85 69.45 -72.05
CA GLY K 293 64.61 68.79 -72.40
C GLY K 293 64.94 67.40 -72.88
N ALA K 294 66.05 66.88 -72.38
CA ALA K 294 66.53 65.55 -72.75
C ALA K 294 65.44 64.51 -72.87
N LEU K 295 65.66 63.54 -73.76
CA LEU K 295 64.71 62.46 -73.95
C LEU K 295 65.22 61.24 -73.20
N ASN K 296 64.33 60.55 -72.50
CA ASN K 296 64.71 59.37 -71.74
C ASN K 296 65.02 58.19 -72.65
N PRO K 297 66.06 57.43 -72.34
CA PRO K 297 66.43 56.27 -73.17
C PRO K 297 65.24 55.37 -73.49
N ASN K 298 64.51 54.95 -72.46
CA ASN K 298 63.35 54.09 -72.65
C ASN K 298 62.43 54.61 -73.75
N ALA K 299 62.17 55.91 -73.72
CA ALA K 299 61.34 56.53 -74.73
C ALA K 299 62.02 56.27 -76.06
N ALA K 300 63.28 56.70 -76.16
CA ALA K 300 64.07 56.54 -77.37
C ALA K 300 63.85 55.16 -77.96
N TYR K 301 64.14 54.13 -77.18
CA TYR K 301 63.99 52.77 -77.64
C TYR K 301 62.61 52.49 -78.23
N LEU K 302 61.56 52.85 -77.49
CA LEU K 302 60.21 52.63 -77.96
C LEU K 302 60.02 53.20 -79.36
N ILE K 303 60.68 54.31 -79.64
CA ILE K 303 60.57 54.93 -80.96
C ILE K 303 61.32 54.07 -81.97
N ILE K 304 62.55 53.71 -81.63
CA ILE K 304 63.36 52.87 -82.51
C ILE K 304 62.54 51.64 -82.87
N ARG K 305 61.93 51.03 -81.86
CA ARG K 305 61.11 49.86 -82.05
C ARG K 305 59.91 50.16 -82.94
N GLY K 306 59.28 51.31 -82.70
CA GLY K 306 58.12 51.68 -83.49
C GLY K 306 58.50 51.90 -84.94
N MET K 307 59.67 52.50 -85.17
CA MET K 307 60.11 52.78 -86.52
C MET K 307 60.49 51.51 -87.27
N LYS K 308 60.65 50.41 -86.55
CA LYS K 308 61.00 49.16 -87.22
C LYS K 308 59.95 48.86 -88.28
N THR K 309 58.73 49.31 -88.02
CA THR K 309 57.64 49.09 -88.95
C THR K 309 57.02 50.41 -89.42
N LEU K 310 57.87 51.40 -89.64
CA LEU K 310 57.41 52.71 -90.08
C LEU K 310 56.70 52.63 -91.43
N HIS K 311 57.44 52.22 -92.46
CA HIS K 311 56.88 52.11 -93.80
C HIS K 311 55.55 51.37 -93.77
N LEU K 312 55.58 50.12 -93.32
CA LEU K 312 54.36 49.32 -93.26
C LEU K 312 53.16 50.09 -92.72
N ARG K 313 53.37 50.80 -91.61
CA ARG K 313 52.30 51.56 -90.99
C ARG K 313 51.83 52.72 -91.85
N VAL K 314 52.79 53.47 -92.41
CA VAL K 314 52.48 54.61 -93.26
C VAL K 314 51.71 54.15 -94.49
N GLN K 315 52.30 53.21 -95.22
CA GLN K 315 51.72 52.62 -96.41
C GLN K 315 50.22 52.41 -96.22
N GLN K 316 49.87 51.54 -95.27
CA GLN K 316 48.47 51.23 -95.01
C GLN K 316 47.63 52.47 -94.75
N GLN K 317 48.11 53.34 -93.88
CA GLN K 317 47.40 54.54 -93.55
C GLN K 317 47.25 55.45 -94.76
N ASN K 318 48.32 55.58 -95.55
CA ASN K 318 48.30 56.41 -96.75
C ASN K 318 47.10 56.02 -97.61
N SER K 319 46.85 54.72 -97.69
CA SER K 319 45.75 54.19 -98.46
C SER K 319 44.43 54.48 -97.77
N THR K 320 44.12 53.68 -96.75
CA THR K 320 42.89 53.85 -96.01
C THR K 320 42.38 55.28 -96.07
N ALA K 321 43.26 56.22 -95.70
CA ALA K 321 42.93 57.65 -95.69
C ALA K 321 42.38 58.08 -97.05
N LEU K 322 43.26 58.06 -98.04
CA LEU K 322 42.89 58.44 -99.39
C LEU K 322 41.52 57.88 -99.74
N ARG K 323 41.43 56.55 -99.85
CA ARG K 323 40.19 55.88 -100.18
C ARG K 323 39.02 56.39 -99.33
N MET K 324 39.19 56.39 -98.01
CA MET K 324 38.14 56.85 -97.11
C MET K 324 37.82 58.29 -97.45
N ALA K 325 38.83 59.05 -97.85
CA ALA K 325 38.61 60.45 -98.19
C ALA K 325 37.56 60.51 -99.29
N GLU K 326 37.92 60.01 -100.47
CA GLU K 326 37.04 60.00 -101.63
C GLU K 326 35.64 59.59 -101.24
N ILE K 327 35.53 58.44 -100.59
CA ILE K 327 34.25 57.92 -100.15
C ILE K 327 33.47 59.00 -99.42
N LEU K 328 34.16 59.71 -98.54
CA LEU K 328 33.56 60.77 -97.74
C LEU K 328 33.10 61.95 -98.58
N GLU K 329 33.95 62.38 -99.51
CA GLU K 329 33.62 63.50 -100.38
C GLU K 329 32.33 63.24 -101.13
N ALA K 330 32.17 62.01 -101.61
CA ALA K 330 30.98 61.62 -102.35
C ALA K 330 29.76 61.49 -101.44
N HIS K 331 30.00 61.27 -100.15
CA HIS K 331 28.91 61.14 -99.20
C HIS K 331 28.05 62.41 -99.16
N PRO K 332 26.71 62.26 -99.10
CA PRO K 332 25.79 63.39 -99.06
C PRO K 332 25.84 64.20 -97.77
N LYS K 333 25.97 63.51 -96.64
CA LYS K 333 26.00 64.17 -95.34
C LYS K 333 27.34 64.88 -95.06
N VAL K 334 28.34 64.61 -95.90
CA VAL K 334 29.66 65.22 -95.75
C VAL K 334 29.72 66.48 -96.60
N ARG K 335 29.70 67.64 -95.93
CA ARG K 335 29.73 68.93 -96.61
C ARG K 335 31.04 69.25 -97.36
N HIS K 336 32.18 68.94 -96.74
CA HIS K 336 33.48 69.21 -97.35
C HIS K 336 34.57 68.28 -96.82
N VAL K 337 35.60 68.05 -97.62
CA VAL K 337 36.70 67.17 -97.23
C VAL K 337 38.06 67.76 -97.57
N TYR K 338 38.96 67.78 -96.58
CA TYR K 338 40.31 68.31 -96.75
C TYR K 338 41.33 67.20 -96.74
N TYR K 339 42.03 67.04 -97.87
CA TYR K 339 43.04 66.01 -97.99
C TYR K 339 43.85 66.28 -99.25
N PRO K 340 45.18 66.39 -99.11
CA PRO K 340 46.06 66.65 -100.25
C PRO K 340 45.94 65.62 -101.36
N GLY K 341 45.38 64.47 -101.05
CA GLY K 341 45.22 63.44 -102.06
C GLY K 341 44.10 63.76 -103.03
N LEU K 342 43.06 64.43 -102.53
CA LEU K 342 41.92 64.80 -103.35
C LEU K 342 42.26 65.87 -104.38
N GLN K 343 41.51 65.90 -105.47
CA GLN K 343 41.72 66.89 -106.53
C GLN K 343 41.12 68.21 -106.08
N SER K 344 40.16 68.10 -105.18
CA SER K 344 39.47 69.27 -104.64
C SER K 344 40.38 70.14 -103.79
N HIS K 345 41.41 69.54 -103.20
CA HIS K 345 42.35 70.27 -102.35
C HIS K 345 43.09 71.40 -103.07
N PRO K 346 43.05 72.60 -102.49
CA PRO K 346 43.70 73.81 -103.02
C PRO K 346 45.10 73.63 -103.56
N GLU K 347 45.96 72.93 -102.83
CA GLU K 347 47.34 72.73 -103.29
C GLU K 347 47.61 71.30 -103.74
N HIS K 348 46.57 70.60 -104.16
CA HIS K 348 46.73 69.22 -104.62
C HIS K 348 47.86 69.08 -105.65
N HIS K 349 48.00 70.08 -106.51
CA HIS K 349 49.04 70.02 -107.54
C HIS K 349 50.43 70.04 -106.91
N ILE K 350 50.55 70.72 -105.78
CA ILE K 350 51.83 70.81 -105.09
C ILE K 350 52.06 69.50 -104.35
N ALA K 351 51.03 69.06 -103.64
CA ALA K 351 51.12 67.81 -102.90
C ALA K 351 51.57 66.73 -103.86
N LYS K 352 50.94 66.69 -105.02
CA LYS K 352 51.26 65.71 -106.05
C LYS K 352 52.68 65.87 -106.55
N LYS K 353 53.21 67.08 -106.47
CA LYS K 353 54.55 67.36 -106.95
C LYS K 353 55.68 67.14 -105.95
N GLN K 354 55.41 67.30 -104.66
CA GLN K 354 56.47 67.11 -103.66
C GLN K 354 56.29 65.89 -102.75
N MET K 355 55.07 65.36 -102.69
CA MET K 355 54.79 64.19 -101.86
C MET K 355 54.67 62.94 -102.70
N THR K 356 54.63 61.79 -102.02
CA THR K 356 54.49 60.51 -102.70
C THR K 356 53.33 59.83 -102.00
N GLY K 357 52.93 60.41 -100.86
CA GLY K 357 51.82 59.91 -100.07
C GLY K 357 51.08 61.12 -99.53
N PHE K 358 49.99 60.90 -98.78
CA PHE K 358 49.24 62.04 -98.26
C PHE K 358 48.86 61.91 -96.79
N GLY K 359 49.67 61.17 -96.05
CA GLY K 359 49.40 60.97 -94.63
C GLY K 359 48.16 60.15 -94.41
N GLY K 360 47.76 60.00 -93.15
CA GLY K 360 46.59 59.22 -92.83
C GLY K 360 45.55 60.08 -92.14
N ALA K 361 45.86 61.37 -92.03
CA ALA K 361 44.95 62.31 -91.38
C ALA K 361 43.99 62.88 -92.41
N VAL K 362 42.72 62.93 -92.06
CA VAL K 362 41.68 63.45 -92.95
C VAL K 362 40.70 64.32 -92.17
N SER K 363 40.54 65.54 -92.63
CA SER K 363 39.62 66.49 -92.01
C SER K 363 38.42 66.65 -92.92
N PHE K 364 37.24 66.85 -92.32
CA PHE K 364 36.04 67.02 -93.11
C PHE K 364 34.91 67.59 -92.28
N GLU K 365 34.20 68.55 -92.84
CA GLU K 365 33.08 69.17 -92.16
C GLU K 365 31.82 68.35 -92.43
N VAL K 366 31.00 68.20 -91.40
CA VAL K 366 29.76 67.45 -91.49
C VAL K 366 28.57 68.36 -91.75
N ASP K 367 27.58 67.88 -92.50
CA ASP K 367 26.40 68.67 -92.80
C ASP K 367 25.45 68.73 -91.61
N GLY K 368 25.84 69.49 -90.58
CA GLY K 368 25.02 69.64 -89.39
C GLY K 368 25.62 70.75 -88.54
N ASP K 369 25.38 70.70 -87.23
CA ASP K 369 25.94 71.71 -86.35
C ASP K 369 26.70 71.05 -85.22
N LEU K 370 27.08 71.85 -84.22
CA LEU K 370 27.82 71.35 -83.07
C LEU K 370 27.27 70.02 -82.58
N LEU K 371 26.09 70.08 -81.96
CA LEU K 371 25.44 68.90 -81.43
C LEU K 371 25.29 67.77 -82.46
N THR K 372 25.07 68.14 -83.71
CA THR K 372 24.90 67.15 -84.78
C THR K 372 26.24 66.45 -85.06
N THR K 373 27.28 67.24 -85.30
CA THR K 373 28.62 66.71 -85.57
C THR K 373 29.03 65.83 -84.40
N ALA K 374 28.71 66.28 -83.20
CA ALA K 374 29.03 65.54 -82.00
C ALA K 374 28.37 64.17 -82.12
N LYS K 375 27.05 64.19 -82.32
CA LYS K 375 26.27 62.98 -82.46
C LYS K 375 26.98 61.97 -83.35
N PHE K 376 27.65 62.46 -84.39
CA PHE K 376 28.38 61.62 -85.32
C PHE K 376 29.53 60.88 -84.65
N VAL K 377 30.49 61.65 -84.17
CA VAL K 377 31.66 61.06 -83.50
C VAL K 377 31.24 60.11 -82.38
N ASP K 378 30.21 60.50 -81.64
CA ASP K 378 29.72 59.69 -80.54
C ASP K 378 29.29 58.31 -81.03
N ALA K 379 28.81 58.26 -82.27
CA ALA K 379 28.35 57.01 -82.86
C ALA K 379 29.51 56.10 -83.26
N LEU K 380 30.65 56.68 -83.63
CA LEU K 380 31.80 55.88 -84.02
C LEU K 380 32.10 54.87 -82.93
N LYS K 381 32.50 53.66 -83.33
CA LYS K 381 32.79 52.60 -82.38
C LYS K 381 34.26 52.18 -82.32
N ILE K 382 34.98 52.36 -83.42
CA ILE K 382 36.39 51.98 -83.46
C ILE K 382 37.37 53.04 -82.97
N PRO K 383 37.31 54.26 -83.53
CA PRO K 383 38.25 55.28 -83.08
C PRO K 383 37.98 55.81 -81.67
N TYR K 384 39.07 56.24 -81.02
CA TYR K 384 39.00 56.81 -79.68
C TYR K 384 38.86 58.31 -79.84
N ILE K 385 37.99 58.93 -79.06
CA ILE K 385 37.84 60.37 -79.14
C ILE K 385 38.95 60.96 -78.28
N ALA K 386 39.98 61.50 -78.91
CA ALA K 386 41.09 62.08 -78.17
C ALA K 386 42.03 62.84 -79.10
N PRO K 387 42.95 63.63 -78.54
CA PRO K 387 43.88 64.39 -79.40
C PRO K 387 44.87 63.43 -80.04
N SER K 388 46.02 63.95 -80.47
CA SER K 388 47.04 63.12 -81.09
C SER K 388 46.56 62.38 -82.35
N PHE K 389 47.50 61.73 -83.04
CA PHE K 389 47.20 60.99 -84.25
C PHE K 389 48.46 60.30 -84.79
N GLY K 390 48.29 59.36 -85.72
CA GLY K 390 49.44 58.68 -86.29
C GLY K 390 49.74 57.31 -85.71
N GLY K 391 48.92 56.89 -84.76
CA GLY K 391 49.14 55.59 -84.15
C GLY K 391 48.29 54.50 -84.75
N CYS K 392 48.64 53.24 -84.46
CA CYS K 392 47.89 52.10 -84.98
C CYS K 392 46.41 52.18 -84.62
N GLU K 393 46.11 52.75 -83.47
CA GLU K 393 44.71 52.89 -83.06
C GLU K 393 44.17 54.11 -83.79
N SER K 394 42.90 54.07 -84.17
CA SER K 394 42.30 55.20 -84.88
C SER K 394 41.77 56.22 -83.88
N ILE K 395 41.88 57.50 -84.22
CA ILE K 395 41.43 58.57 -83.35
C ILE K 395 40.62 59.65 -84.05
N VAL K 396 39.62 60.17 -83.36
CA VAL K 396 38.77 61.24 -83.90
C VAL K 396 38.63 62.35 -82.88
N ASP K 397 38.32 63.55 -83.35
CA ASP K 397 38.14 64.70 -82.48
C ASP K 397 37.50 65.87 -83.21
N GLN K 398 36.88 66.76 -82.44
CA GLN K 398 36.24 67.95 -82.99
C GLN K 398 37.08 69.16 -82.60
N PRO K 399 38.13 69.45 -83.36
CA PRO K 399 39.03 70.58 -83.07
C PRO K 399 38.33 71.76 -82.37
N ALA K 400 37.12 72.07 -82.83
CA ALA K 400 36.37 73.18 -82.24
C ALA K 400 36.36 73.01 -80.73
N ILE K 401 36.01 71.81 -80.28
CA ILE K 401 35.94 71.52 -78.86
C ILE K 401 37.29 71.04 -78.37
N MET K 402 37.81 70.01 -79.02
CA MET K 402 39.08 69.41 -78.64
C MET K 402 40.21 70.37 -78.30
N SER K 403 40.32 71.48 -79.00
CA SER K 403 41.43 72.40 -78.73
C SER K 403 41.15 73.87 -79.02
N TYR K 404 39.90 74.28 -78.86
CA TYR K 404 39.54 75.67 -79.13
C TYR K 404 38.29 76.08 -78.35
N TRP K 405 37.74 75.15 -77.59
CA TRP K 405 36.54 75.43 -76.81
C TRP K 405 36.76 76.63 -75.91
N ASP K 406 38.03 76.97 -75.68
CA ASP K 406 38.36 78.10 -74.82
C ASP K 406 38.02 79.43 -75.47
N LEU K 407 37.61 79.37 -76.73
CA LEU K 407 37.27 80.59 -77.45
C LEU K 407 35.78 80.69 -77.74
N SER K 408 35.36 81.86 -78.21
CA SER K 408 33.97 82.13 -78.53
C SER K 408 33.64 81.63 -79.92
N GLN K 409 32.36 81.42 -80.20
CA GLN K 409 31.92 80.94 -81.50
C GLN K 409 32.48 81.81 -82.62
N SER K 410 32.56 83.11 -82.37
CA SER K 410 33.08 84.04 -83.37
C SER K 410 34.60 83.96 -83.48
N ASP K 411 35.28 84.12 -82.35
CA ASP K 411 36.73 84.06 -82.34
C ASP K 411 37.20 82.71 -82.92
N ARG K 412 36.37 81.68 -82.75
CA ARG K 412 36.69 80.36 -83.25
C ARG K 412 36.73 80.42 -84.78
N ALA K 413 35.62 80.82 -85.38
CA ALA K 413 35.53 80.92 -86.82
C ALA K 413 36.63 81.83 -87.38
N LYS K 414 37.26 82.59 -86.48
CA LYS K 414 38.33 83.49 -86.87
C LYS K 414 39.44 82.72 -87.60
N TYR K 415 39.45 81.41 -87.41
CA TYR K 415 40.47 80.58 -88.05
C TYR K 415 39.94 79.29 -88.67
N GLY K 416 38.81 79.42 -89.38
CA GLY K 416 38.20 78.29 -90.05
C GLY K 416 37.61 77.20 -89.18
N ILE K 417 38.09 77.11 -87.94
CA ILE K 417 37.61 76.09 -87.02
C ILE K 417 36.08 76.14 -86.90
N MET K 418 35.42 75.19 -87.54
CA MET K 418 33.97 75.12 -87.52
C MET K 418 33.49 74.03 -86.58
N ASP K 419 32.24 74.16 -86.13
CA ASP K 419 31.66 73.17 -85.23
C ASP K 419 31.39 71.86 -85.97
N ASN K 420 31.52 71.89 -87.29
CA ASN K 420 31.31 70.70 -88.11
C ASN K 420 32.63 69.98 -88.28
N LEU K 421 33.68 70.76 -88.53
CA LEU K 421 35.02 70.22 -88.76
C LEU K 421 35.35 69.03 -87.87
N VAL K 422 35.69 67.93 -88.52
CA VAL K 422 36.05 66.69 -87.84
C VAL K 422 37.40 66.25 -88.36
N ARG K 423 38.28 65.85 -87.47
CA ARG K 423 39.59 65.40 -87.89
C ARG K 423 39.69 63.92 -87.62
N PHE K 424 39.82 63.13 -88.68
CA PHE K 424 39.93 61.69 -88.52
C PHE K 424 41.34 61.21 -88.74
N SER K 425 41.90 60.57 -87.72
CA SER K 425 43.25 60.03 -87.80
C SER K 425 43.12 58.52 -87.96
N PHE K 426 43.02 58.07 -89.20
CA PHE K 426 42.89 56.64 -89.49
C PHE K 426 44.06 55.84 -88.95
N GLY K 427 43.73 54.84 -88.13
CA GLY K 427 44.74 53.99 -87.53
C GLY K 427 45.38 53.04 -88.53
N VAL K 428 45.38 51.75 -88.22
CA VAL K 428 45.95 50.73 -89.10
C VAL K 428 44.95 49.57 -89.25
N GLU K 429 43.82 49.69 -88.54
CA GLU K 429 42.77 48.69 -88.59
C GLU K 429 42.42 48.38 -90.05
N ASP K 430 41.67 47.30 -90.28
CA ASP K 430 41.28 46.93 -91.64
C ASP K 430 40.35 47.95 -92.26
N PHE K 431 40.64 48.32 -93.50
CA PHE K 431 39.84 49.31 -94.19
C PHE K 431 38.35 49.07 -94.06
N ASP K 432 37.88 47.96 -94.61
CA ASP K 432 36.46 47.62 -94.57
C ASP K 432 35.86 47.84 -93.19
N ASP K 433 36.59 47.41 -92.16
CA ASP K 433 36.12 47.56 -90.78
C ASP K 433 35.91 49.03 -90.43
N LEU K 434 36.88 49.86 -90.81
CA LEU K 434 36.82 51.29 -90.55
C LEU K 434 35.66 51.89 -91.34
N LYS K 435 35.69 51.69 -92.66
CA LYS K 435 34.67 52.21 -93.54
C LYS K 435 33.28 51.91 -92.97
N ALA K 436 32.99 50.63 -92.79
CA ALA K 436 31.69 50.22 -92.24
C ALA K 436 31.35 51.06 -91.02
N ASP K 437 32.34 51.29 -90.17
CA ASP K 437 32.15 52.09 -88.97
C ASP K 437 31.75 53.51 -89.35
N ILE K 438 32.64 54.20 -90.05
CA ILE K 438 32.39 55.57 -90.48
C ILE K 438 31.02 55.71 -91.16
N LEU K 439 30.73 54.81 -92.09
CA LEU K 439 29.46 54.83 -92.81
C LEU K 439 28.28 54.67 -91.85
N GLN K 440 28.22 53.52 -91.20
CA GLN K 440 27.16 53.24 -90.23
C GLN K 440 27.09 54.47 -89.33
N ALA K 441 28.24 55.09 -89.15
CA ALA K 441 28.36 56.28 -88.32
C ALA K 441 27.54 57.38 -88.94
N LEU K 442 27.87 57.72 -90.20
CA LEU K 442 27.16 58.77 -90.92
C LEU K 442 25.79 58.26 -91.33
N ASP K 443 25.10 57.62 -90.40
CA ASP K 443 23.78 57.07 -90.64
C ASP K 443 22.88 57.42 -89.47
N SER K 444 23.43 57.31 -88.27
CA SER K 444 22.69 57.60 -87.05
C SER K 444 22.17 59.04 -87.12
N ILE K 445 22.81 59.84 -87.95
CA ILE K 445 22.42 61.23 -88.12
C ILE K 445 21.52 61.41 -89.35
N TYR L 50 85.67 38.34 -55.10
CA TYR L 50 85.53 39.40 -56.14
C TYR L 50 86.64 40.44 -56.05
N ALA L 51 86.39 41.51 -55.29
CA ALA L 51 87.36 42.57 -55.12
C ALA L 51 87.99 42.57 -53.74
N SER L 52 89.29 42.87 -53.69
CA SER L 52 90.02 42.93 -52.44
C SER L 52 89.71 44.24 -51.75
N PHE L 53 89.55 45.30 -52.55
CA PHE L 53 89.25 46.62 -52.02
C PHE L 53 87.79 46.74 -51.56
N LEU L 54 87.10 45.61 -51.52
CA LEU L 54 85.70 45.57 -51.08
C LEU L 54 85.55 44.41 -50.10
N ASN L 55 85.62 44.71 -48.82
CA ASN L 55 85.50 43.67 -47.80
C ASN L 55 84.10 43.49 -47.24
N SER L 56 83.33 44.56 -47.23
CA SER L 56 81.97 44.49 -46.71
C SER L 56 80.98 44.01 -47.75
N ASP L 57 80.02 43.18 -47.32
CA ASP L 57 79.00 42.65 -48.21
C ASP L 57 78.27 43.78 -48.94
N GLY L 58 77.88 44.81 -48.18
CA GLY L 58 77.18 45.94 -48.76
C GLY L 58 77.92 46.51 -49.96
N SER L 59 79.21 46.80 -49.79
CA SER L 59 80.03 47.32 -50.86
C SER L 59 79.95 46.40 -52.09
N VAL L 60 80.02 45.10 -51.83
CA VAL L 60 79.94 44.12 -52.90
C VAL L 60 78.60 44.24 -53.62
N ALA L 61 77.52 43.92 -52.91
CA ALA L 61 76.18 44.00 -53.48
C ALA L 61 76.08 45.14 -54.49
N ILE L 62 76.69 46.27 -54.17
CA ILE L 62 76.64 47.41 -55.06
C ILE L 62 77.51 47.19 -56.29
N HIS L 63 78.82 47.16 -56.11
CA HIS L 63 79.72 47.00 -57.24
C HIS L 63 80.03 45.58 -57.71
N ALA L 64 79.46 44.57 -57.07
CA ALA L 64 79.72 43.20 -57.47
C ALA L 64 79.40 42.97 -58.94
N GLY L 65 80.38 42.44 -59.67
CA GLY L 65 80.19 42.18 -61.09
C GLY L 65 79.81 43.40 -61.88
N GLU L 66 80.47 44.52 -61.62
CA GLU L 66 80.18 45.77 -62.33
C GLU L 66 81.37 46.74 -62.34
N ARG L 67 81.75 47.20 -61.16
CA ARG L 67 82.85 48.16 -61.06
C ARG L 67 84.10 47.80 -61.88
N LEU L 68 84.45 46.53 -61.89
CA LEU L 68 85.64 46.09 -62.61
C LEU L 68 85.45 45.86 -64.11
N GLY L 69 84.28 45.33 -64.48
CA GLY L 69 84.01 45.07 -65.88
C GLY L 69 82.68 44.36 -66.04
N ARG L 70 82.10 44.42 -67.23
CA ARG L 70 80.79 43.81 -67.45
C ARG L 70 80.73 42.79 -68.59
N GLY L 71 81.63 42.90 -69.56
CA GLY L 71 81.62 41.98 -70.68
C GLY L 71 80.85 42.63 -71.81
N ILE L 72 80.24 43.77 -71.48
CA ILE L 72 79.48 44.56 -72.43
C ILE L 72 79.97 46.00 -72.22
N VAL L 73 81.16 46.27 -72.73
CA VAL L 73 81.83 47.57 -72.61
C VAL L 73 80.95 48.82 -72.76
N THR L 74 81.00 49.67 -71.74
CA THR L 74 80.25 50.92 -71.70
C THR L 74 80.85 51.88 -70.69
N ASP L 75 80.91 53.14 -71.04
CA ASP L 75 81.44 54.14 -70.13
C ASP L 75 80.23 54.61 -69.30
N ALA L 76 79.26 53.71 -69.17
CA ALA L 76 78.06 54.01 -68.40
C ALA L 76 78.21 53.44 -67.00
N ILE L 77 77.63 54.12 -66.02
CA ILE L 77 77.71 53.67 -64.64
C ILE L 77 76.94 52.37 -64.42
N THR L 78 75.64 52.42 -64.72
CA THR L 78 74.76 51.29 -64.56
C THR L 78 74.90 50.24 -65.67
N THR L 79 74.24 49.10 -65.47
CA THR L 79 74.26 48.02 -66.44
C THR L 79 73.18 48.28 -67.47
N PRO L 80 73.52 48.15 -68.76
CA PRO L 80 72.53 48.39 -69.81
C PRO L 80 71.59 47.21 -69.95
N VAL L 81 70.32 47.50 -70.14
CA VAL L 81 69.31 46.46 -70.32
C VAL L 81 69.31 46.02 -71.78
N VAL L 82 69.74 44.79 -72.04
CA VAL L 82 69.78 44.27 -73.40
C VAL L 82 68.51 43.49 -73.73
N ASN L 83 67.69 44.06 -74.61
CA ASN L 83 66.44 43.43 -75.01
C ASN L 83 66.55 42.69 -76.33
N THR L 84 67.21 41.55 -76.33
CA THR L 84 67.37 40.76 -77.54
C THR L 84 66.90 39.32 -77.33
N SER L 85 66.37 38.71 -78.38
CA SER L 85 65.89 37.35 -78.28
C SER L 85 66.95 36.42 -78.81
N ALA L 86 67.97 36.98 -79.43
CA ALA L 86 69.05 36.18 -79.99
C ALA L 86 70.34 36.97 -80.18
N TYR L 87 71.41 36.27 -80.47
CA TYR L 87 72.70 36.90 -80.68
C TYR L 87 73.23 36.45 -82.05
N PHE L 88 73.87 37.37 -82.76
CA PHE L 88 74.39 37.06 -84.09
C PHE L 88 75.88 36.80 -84.15
N PHE L 89 76.36 36.49 -85.35
CA PHE L 89 77.76 36.22 -85.62
C PHE L 89 78.15 36.96 -86.88
N ASN L 90 79.42 37.32 -87.00
CA ASN L 90 79.88 38.05 -88.16
C ASN L 90 80.14 37.15 -89.37
N LYS L 91 80.42 35.87 -89.12
CA LYS L 91 80.69 34.93 -90.19
C LYS L 91 80.68 33.49 -89.69
N THR L 92 80.21 32.58 -90.53
CA THR L 92 80.13 31.17 -90.17
C THR L 92 81.39 30.75 -89.43
N SER L 93 82.53 31.21 -89.92
CA SER L 93 83.81 30.89 -89.30
C SER L 93 83.70 31.01 -87.79
N GLU L 94 83.29 32.18 -87.33
CA GLU L 94 83.15 32.46 -85.91
C GLU L 94 82.15 31.52 -85.26
N LEU L 95 80.94 31.45 -85.82
CA LEU L 95 79.91 30.56 -85.29
C LEU L 95 80.51 29.21 -84.93
N ILE L 96 81.27 28.65 -85.86
CA ILE L 96 81.92 27.37 -85.65
C ILE L 96 82.76 27.44 -84.38
N ASP L 97 83.65 28.43 -84.33
CA ASP L 97 84.51 28.62 -83.17
C ASP L 97 83.69 28.47 -81.90
N PHE L 98 82.64 29.28 -81.79
CA PHE L 98 81.77 29.23 -80.62
C PHE L 98 81.30 27.79 -80.37
N LYS L 99 80.68 27.21 -81.39
CA LYS L 99 80.17 25.86 -81.28
C LYS L 99 81.27 24.90 -80.85
N GLU L 100 82.51 25.22 -81.21
CA GLU L 100 83.64 24.37 -80.87
C GLU L 100 84.33 24.85 -79.59
N LYS L 101 83.60 25.62 -78.79
CA LYS L 101 84.10 26.15 -77.52
C LYS L 101 85.41 26.94 -77.59
N ARG L 102 85.57 27.75 -78.62
CA ARG L 102 86.78 28.56 -78.78
C ARG L 102 86.41 30.04 -78.61
N ARG L 103 85.12 30.31 -78.69
CA ARG L 103 84.59 31.66 -78.56
C ARG L 103 83.44 31.65 -77.56
N ALA L 104 83.02 32.83 -77.13
CA ALA L 104 81.94 32.95 -76.16
C ALA L 104 80.70 33.66 -76.72
N SER L 105 79.53 33.05 -76.52
CA SER L 105 78.28 33.64 -76.99
C SER L 105 77.06 32.96 -76.39
N PHE L 106 76.03 33.76 -76.11
CA PHE L 106 74.80 33.24 -75.53
C PHE L 106 73.99 32.55 -76.61
N GLU L 107 74.26 32.87 -77.86
CA GLU L 107 73.55 32.28 -78.98
C GLU L 107 72.08 32.68 -78.94
N TYR L 108 71.32 32.03 -78.07
CA TYR L 108 69.90 32.30 -77.92
C TYR L 108 69.66 33.00 -76.59
N GLY L 109 68.56 33.74 -76.49
CA GLY L 109 68.27 34.44 -75.25
C GLY L 109 67.96 33.48 -74.12
N ARG L 110 67.34 32.35 -74.45
CA ARG L 110 66.97 31.37 -73.43
C ARG L 110 68.19 30.73 -72.76
N TYR L 111 69.36 30.96 -73.32
CA TYR L 111 70.58 30.39 -72.75
C TYR L 111 71.43 31.40 -71.98
N GLY L 112 71.12 32.69 -72.13
CA GLY L 112 71.89 33.69 -71.42
C GLY L 112 71.60 35.11 -71.88
N ASN L 113 72.06 36.07 -71.10
CA ASN L 113 71.85 37.47 -71.41
C ASN L 113 72.89 38.33 -70.69
N PRO L 114 73.51 39.27 -71.42
CA PRO L 114 74.53 40.16 -70.83
C PRO L 114 74.04 40.94 -69.62
N THR L 115 72.78 41.36 -69.69
CA THR L 115 72.17 42.13 -68.61
C THR L 115 71.75 41.22 -67.45
N THR L 116 71.80 39.92 -67.66
CA THR L 116 71.43 38.99 -66.60
C THR L 116 72.68 38.50 -65.89
N VAL L 117 73.65 38.05 -66.67
CA VAL L 117 74.91 37.54 -66.12
C VAL L 117 75.45 38.43 -65.01
N VAL L 118 75.35 39.74 -65.18
CA VAL L 118 75.82 40.67 -64.18
C VAL L 118 75.22 40.23 -62.85
N LEU L 119 73.90 40.28 -62.76
CA LEU L 119 73.20 39.89 -61.54
C LEU L 119 73.65 38.51 -61.07
N GLU L 120 73.93 37.64 -62.02
CA GLU L 120 74.37 36.29 -61.70
C GLU L 120 75.67 36.36 -60.92
N GLU L 121 76.67 37.02 -61.50
CA GLU L 121 77.96 37.15 -60.85
C GLU L 121 77.80 37.88 -59.55
N LYS L 122 76.97 38.92 -59.56
CA LYS L 122 76.74 39.71 -58.36
C LYS L 122 76.38 38.81 -57.19
N ILE L 123 75.29 38.05 -57.34
CA ILE L 123 74.84 37.15 -56.30
C ILE L 123 75.93 36.14 -55.93
N SER L 124 76.60 35.60 -56.93
CA SER L 124 77.65 34.64 -56.69
C SER L 124 78.63 35.24 -55.69
N ALA L 125 79.14 36.42 -55.98
CA ALA L 125 80.08 37.09 -55.11
C ALA L 125 79.54 37.14 -53.68
N LEU L 126 78.31 37.62 -53.53
CA LEU L 126 77.68 37.75 -52.23
C LEU L 126 77.73 36.45 -51.44
N GLU L 127 77.10 35.41 -51.96
CA GLU L 127 77.09 34.13 -51.27
C GLU L 127 78.46 33.47 -51.33
N GLY L 128 79.38 34.08 -52.07
CA GLY L 128 80.72 33.52 -52.20
C GLY L 128 80.67 32.17 -52.90
N ALA L 129 79.89 32.10 -53.96
CA ALA L 129 79.74 30.87 -54.71
C ALA L 129 80.59 30.85 -55.98
N GLU L 130 80.60 29.69 -56.63
CA GLU L 130 81.37 29.50 -57.85
C GLU L 130 80.57 30.01 -59.04
N SER L 131 79.25 29.85 -58.97
CA SER L 131 78.36 30.30 -60.04
C SER L 131 76.91 30.32 -59.59
N THR L 132 76.12 31.20 -60.20
CA THR L 132 74.71 31.33 -59.85
C THR L 132 73.81 31.28 -61.08
N LEU L 133 72.58 30.84 -60.89
CA LEU L 133 71.61 30.73 -61.96
C LEU L 133 70.36 31.53 -61.60
N LEU L 134 69.70 32.11 -62.60
CA LEU L 134 68.51 32.90 -62.34
C LEU L 134 67.30 32.47 -63.16
N MET L 135 66.27 31.99 -62.45
CA MET L 135 65.04 31.54 -63.07
C MET L 135 64.02 32.66 -63.11
N ALA L 136 62.83 32.33 -63.60
CA ALA L 136 61.75 33.29 -63.70
C ALA L 136 61.09 33.52 -62.34
N SER L 137 61.22 32.54 -61.45
CA SER L 137 60.61 32.65 -60.13
C SER L 137 61.20 31.63 -59.19
N GLY L 138 61.13 31.93 -57.88
CA GLY L 138 61.67 31.02 -56.89
C GLY L 138 61.23 29.58 -57.14
N MET L 139 59.92 29.38 -57.23
CA MET L 139 59.35 28.07 -57.47
C MET L 139 60.08 27.39 -58.62
N CYS L 140 60.28 28.14 -59.70
CA CYS L 140 60.98 27.63 -60.88
C CYS L 140 62.30 26.99 -60.46
N ALA L 141 63.09 27.76 -59.71
CA ALA L 141 64.38 27.33 -59.20
C ALA L 141 64.31 25.96 -58.52
N SER L 142 63.66 25.91 -57.35
CA SER L 142 63.52 24.66 -56.62
C SER L 142 63.07 23.56 -57.58
N THR L 143 61.96 23.81 -58.26
CA THR L 143 61.40 22.87 -59.22
C THR L 143 62.51 22.31 -60.11
N VAL L 144 63.07 23.17 -60.94
CA VAL L 144 64.13 22.77 -61.84
C VAL L 144 65.20 22.01 -61.08
N MET L 145 65.74 22.64 -60.05
CA MET L 145 66.79 22.05 -59.22
C MET L 145 66.52 20.62 -58.82
N LEU L 146 65.32 20.35 -58.32
CA LEU L 146 64.98 18.99 -57.92
C LEU L 146 65.00 18.08 -59.15
N LEU L 147 64.20 18.45 -60.15
CA LEU L 147 64.11 17.68 -61.38
C LEU L 147 65.46 17.42 -62.02
N ALA L 148 66.44 18.26 -61.69
CA ALA L 148 67.77 18.14 -62.27
C ALA L 148 68.76 17.26 -61.50
N LEU L 149 68.75 17.36 -60.17
CA LEU L 149 69.68 16.59 -59.35
C LEU L 149 69.19 15.22 -58.88
N VAL L 150 67.93 15.15 -58.47
CA VAL L 150 67.34 13.90 -57.99
C VAL L 150 67.03 12.92 -59.13
N PRO L 151 67.76 11.79 -59.19
CA PRO L 151 67.53 10.80 -60.24
C PRO L 151 66.17 10.15 -60.08
N ALA L 152 65.75 9.38 -61.08
CA ALA L 152 64.46 8.70 -61.03
C ALA L 152 64.50 7.61 -59.96
N GLY L 153 63.41 7.50 -59.21
CA GLY L 153 63.35 6.50 -58.16
C GLY L 153 64.18 6.88 -56.95
N GLY L 154 64.96 7.95 -57.09
CA GLY L 154 65.79 8.41 -56.00
C GLY L 154 65.01 8.84 -54.78
N HIS L 155 65.71 9.04 -53.67
CA HIS L 155 65.07 9.46 -52.42
C HIS L 155 65.57 10.85 -52.02
N ILE L 156 64.71 11.61 -51.35
CA ILE L 156 65.06 12.95 -50.92
C ILE L 156 64.56 13.15 -49.49
N VAL L 157 65.14 14.12 -48.79
CA VAL L 157 64.73 14.38 -47.42
C VAL L 157 64.51 15.86 -47.19
N THR L 158 63.33 16.21 -46.68
CA THR L 158 63.03 17.61 -46.41
C THR L 158 62.48 17.79 -45.01
N THR L 159 62.11 19.01 -44.70
CA THR L 159 61.58 19.32 -43.39
C THR L 159 60.05 19.39 -43.40
N THR L 160 59.47 19.56 -42.22
CA THR L 160 58.03 19.63 -42.07
C THR L 160 57.48 21.03 -42.36
N ASP L 161 58.29 22.05 -42.12
CA ASP L 161 57.87 23.42 -42.33
C ASP L 161 58.18 23.95 -43.72
N CYS L 162 57.92 23.13 -44.74
CA CYS L 162 58.17 23.53 -46.11
C CYS L 162 57.16 24.60 -46.49
N TYR L 163 57.43 25.31 -47.58
CA TYR L 163 56.51 26.34 -48.05
C TYR L 163 55.43 25.60 -48.83
N ARG L 164 54.17 25.95 -48.57
CA ARG L 164 53.03 25.30 -49.22
C ARG L 164 53.32 24.64 -50.56
N LYS L 165 53.39 25.44 -51.62
CA LYS L 165 53.62 24.92 -52.97
C LYS L 165 54.83 23.99 -53.08
N THR L 166 55.97 24.39 -52.54
CA THR L 166 57.17 23.55 -52.60
C THR L 166 56.83 22.13 -52.14
N ARG L 167 55.98 22.05 -51.13
CA ARG L 167 55.54 20.76 -50.58
C ARG L 167 54.83 19.97 -51.65
N ILE L 168 53.71 20.52 -52.13
CA ILE L 168 52.90 19.90 -53.17
C ILE L 168 53.73 19.31 -54.29
N PHE L 169 54.63 20.11 -54.87
CA PHE L 169 55.46 19.62 -55.95
C PHE L 169 56.08 18.30 -55.55
N ILE L 170 56.79 18.33 -54.43
CA ILE L 170 57.47 17.15 -53.92
C ILE L 170 56.52 15.98 -53.63
N GLU L 171 55.30 16.30 -53.22
CA GLU L 171 54.32 15.28 -52.88
C GLU L 171 53.46 14.76 -54.04
N THR L 172 53.37 15.52 -55.12
CA THR L 172 52.53 15.10 -56.24
C THR L 172 53.25 14.87 -57.57
N ILE L 173 54.25 15.68 -57.86
CA ILE L 173 54.97 15.52 -59.11
C ILE L 173 56.09 14.51 -58.98
N LEU L 174 57.09 14.83 -58.16
CA LEU L 174 58.24 13.94 -57.97
C LEU L 174 57.88 12.46 -57.93
N PRO L 175 56.83 12.10 -57.18
CA PRO L 175 56.45 10.69 -57.11
C PRO L 175 56.21 10.08 -58.49
N LYS L 176 55.82 10.90 -59.46
CA LYS L 176 55.59 10.42 -60.82
C LYS L 176 56.89 9.84 -61.36
N MET L 177 58.01 10.38 -60.89
CA MET L 177 59.33 9.92 -61.32
C MET L 177 59.85 8.86 -60.36
N GLY L 178 58.97 8.36 -59.50
CA GLY L 178 59.36 7.35 -58.55
C GLY L 178 60.27 7.88 -57.46
N ILE L 179 60.30 9.20 -57.30
CA ILE L 179 61.13 9.80 -56.28
C ILE L 179 60.35 9.87 -54.97
N THR L 180 60.82 9.13 -53.98
CA THR L 180 60.16 9.10 -52.68
C THR L 180 60.87 10.07 -51.73
N ALA L 181 60.17 10.56 -50.71
CA ALA L 181 60.76 11.52 -49.78
C ALA L 181 60.45 11.25 -48.33
N THR L 182 61.33 11.75 -47.46
CA THR L 182 61.18 11.60 -46.01
C THR L 182 61.05 12.99 -45.38
N VAL L 183 59.97 13.19 -44.65
CA VAL L 183 59.72 14.48 -44.00
C VAL L 183 60.04 14.45 -42.53
N ILE L 184 61.09 15.16 -42.15
CA ILE L 184 61.51 15.22 -40.76
C ILE L 184 61.37 16.63 -40.20
N ASP L 185 61.32 16.75 -38.88
CA ASP L 185 61.21 18.04 -38.23
C ASP L 185 62.57 18.73 -38.38
N PRO L 186 62.57 20.06 -38.58
CA PRO L 186 63.81 20.82 -38.74
C PRO L 186 64.83 20.54 -37.65
N ALA L 187 64.37 20.46 -36.40
CA ALA L 187 65.24 20.20 -35.27
C ALA L 187 65.68 18.73 -35.16
N ASP L 188 64.73 17.82 -35.30
CA ASP L 188 65.00 16.38 -35.22
C ASP L 188 66.17 15.91 -36.08
N VAL L 189 67.38 16.02 -35.55
CA VAL L 189 68.56 15.59 -36.29
C VAL L 189 68.62 14.08 -36.32
N GLY L 190 68.12 13.47 -35.25
CA GLY L 190 68.11 12.03 -35.17
C GLY L 190 67.44 11.43 -36.38
N ALA L 191 66.22 11.88 -36.66
CA ALA L 191 65.46 11.38 -37.80
C ALA L 191 66.31 11.46 -39.06
N LEU L 192 67.00 12.58 -39.24
CA LEU L 192 67.85 12.77 -40.41
C LEU L 192 68.95 11.71 -40.44
N GLU L 193 69.70 11.59 -39.35
CA GLU L 193 70.76 10.60 -39.27
C GLU L 193 70.21 9.21 -39.55
N LEU L 194 69.03 8.94 -39.02
CA LEU L 194 68.39 7.65 -39.23
C LEU L 194 68.15 7.42 -40.71
N ALA L 195 67.29 8.27 -41.29
CA ALA L 195 66.95 8.18 -42.70
C ALA L 195 68.22 8.04 -43.54
N LEU L 196 69.23 8.81 -43.20
CA LEU L 196 70.50 8.78 -43.91
C LEU L 196 70.99 7.34 -44.06
N ASN L 197 70.80 6.55 -43.00
CA ASN L 197 71.23 5.16 -42.97
C ASN L 197 70.19 4.19 -43.51
N GLN L 198 68.92 4.46 -43.24
CA GLN L 198 67.84 3.59 -43.70
C GLN L 198 67.83 3.50 -45.23
N LYS L 199 67.45 4.59 -45.89
CA LYS L 199 67.40 4.63 -47.35
C LYS L 199 68.66 5.28 -47.90
N LYS L 200 68.70 5.43 -49.22
CA LYS L 200 69.84 6.05 -49.87
C LYS L 200 69.44 7.45 -50.31
N VAL L 201 69.64 8.43 -49.43
CA VAL L 201 69.28 9.81 -49.74
C VAL L 201 70.13 10.43 -50.84
N ASN L 202 69.47 11.02 -51.83
CA ASN L 202 70.15 11.66 -52.95
C ASN L 202 70.46 13.11 -52.59
N LEU L 203 69.54 13.75 -51.88
CA LEU L 203 69.72 15.13 -51.50
C LEU L 203 68.79 15.52 -50.36
N PHE L 204 69.29 16.34 -49.45
CA PHE L 204 68.50 16.84 -48.33
C PHE L 204 68.20 18.27 -48.72
N PHE L 205 66.95 18.68 -48.56
CA PHE L 205 66.57 20.02 -48.94
C PHE L 205 65.64 20.66 -47.93
N THR L 206 65.96 21.90 -47.56
CA THR L 206 65.14 22.64 -46.61
C THR L 206 65.48 24.11 -46.62
N GLU L 207 64.59 24.90 -46.02
CA GLU L 207 64.78 26.34 -45.93
C GLU L 207 65.08 26.70 -44.47
N SER L 208 66.02 27.63 -44.28
CA SER L 208 66.38 28.06 -42.94
C SER L 208 66.80 29.51 -42.95
N PRO L 209 66.05 30.38 -42.25
CA PRO L 209 64.85 30.06 -41.48
C PRO L 209 63.76 29.38 -42.31
N THR L 210 62.78 28.85 -41.60
CA THR L 210 61.67 28.16 -42.22
C THR L 210 60.46 29.08 -42.35
N ASN L 211 59.40 28.58 -42.98
CA ASN L 211 58.18 29.36 -43.16
C ASN L 211 56.99 28.60 -42.59
N PRO L 212 56.16 29.27 -41.77
CA PRO L 212 56.28 30.65 -41.34
C PRO L 212 56.87 30.78 -39.93
N PHE L 213 57.11 29.64 -39.28
CA PHE L 213 57.65 29.64 -37.92
C PHE L 213 59.15 29.91 -37.86
N LEU L 214 59.71 30.33 -38.99
CA LEU L 214 61.12 30.67 -39.07
C LEU L 214 62.06 29.72 -38.34
N ARG L 215 61.71 28.43 -38.29
CA ARG L 215 62.58 27.46 -37.62
C ARG L 215 63.92 27.44 -38.35
N CYS L 216 64.98 27.05 -37.65
CA CYS L 216 66.30 27.04 -38.27
C CYS L 216 66.97 25.69 -38.18
N VAL L 217 67.77 25.38 -39.19
CA VAL L 217 68.49 24.12 -39.24
C VAL L 217 69.97 24.35 -39.01
N ASP L 218 70.60 23.51 -38.20
CA ASP L 218 72.02 23.64 -37.95
C ASP L 218 72.73 23.19 -39.22
N ILE L 219 72.79 24.08 -40.19
CA ILE L 219 73.42 23.80 -41.47
C ILE L 219 74.74 23.05 -41.33
N GLU L 220 75.70 23.68 -40.66
CA GLU L 220 77.00 23.05 -40.47
C GLU L 220 76.88 21.60 -40.05
N LEU L 221 76.03 21.35 -39.07
CA LEU L 221 75.84 19.99 -38.59
C LEU L 221 75.28 19.13 -39.70
N VAL L 222 74.06 19.45 -40.13
CA VAL L 222 73.39 18.70 -41.18
C VAL L 222 74.32 18.42 -42.36
N SER L 223 74.95 19.48 -42.85
CA SER L 223 75.88 19.37 -43.96
C SER L 223 76.89 18.26 -43.71
N LYS L 224 77.39 18.21 -42.47
CA LYS L 224 78.37 17.18 -42.10
C LYS L 224 77.78 15.79 -42.23
N LEU L 225 76.65 15.57 -41.56
CA LEU L 225 75.97 14.28 -41.58
C LEU L 225 75.68 13.79 -43.00
N CYS L 226 74.98 14.62 -43.76
CA CYS L 226 74.61 14.28 -45.14
C CYS L 226 75.78 13.92 -46.02
N HIS L 227 76.80 14.76 -46.02
CA HIS L 227 77.99 14.53 -46.84
C HIS L 227 78.68 13.23 -46.50
N GLU L 228 78.46 12.76 -45.27
CA GLU L 228 79.06 11.51 -44.82
C GLU L 228 78.42 10.33 -45.54
N LYS L 229 77.19 10.54 -46.02
CA LYS L 229 76.45 9.50 -46.72
C LYS L 229 76.22 9.79 -48.21
N GLY L 230 76.95 10.77 -48.75
CA GLY L 230 76.82 11.09 -50.16
C GLY L 230 75.65 11.98 -50.52
N ALA L 231 74.79 12.29 -49.55
CA ALA L 231 73.63 13.12 -49.79
C ALA L 231 74.01 14.57 -50.06
N LEU L 232 73.21 15.25 -50.88
CA LEU L 232 73.44 16.65 -51.22
C LEU L 232 72.60 17.55 -50.32
N VAL L 233 73.12 18.74 -50.00
CA VAL L 233 72.40 19.66 -49.14
C VAL L 233 72.04 20.96 -49.84
N CYS L 234 70.75 21.25 -49.89
CA CYS L 234 70.28 22.48 -50.51
C CYS L 234 69.47 23.29 -49.51
N ILE L 235 69.93 24.50 -49.22
CA ILE L 235 69.24 25.36 -48.28
C ILE L 235 68.56 26.54 -48.93
N ASP L 236 67.28 26.72 -48.58
CA ASP L 236 66.50 27.82 -49.09
C ASP L 236 66.58 28.95 -48.07
N GLY L 237 67.63 29.75 -48.17
CA GLY L 237 67.83 30.85 -47.24
C GLY L 237 67.11 32.12 -47.64
N THR L 238 65.96 31.96 -48.28
CA THR L 238 65.16 33.10 -48.71
C THR L 238 65.01 34.13 -47.62
N PHE L 239 64.45 33.68 -46.50
CA PHE L 239 64.20 34.53 -45.34
C PHE L 239 65.46 35.13 -44.75
N ALA L 240 66.54 34.37 -44.84
CA ALA L 240 67.81 34.81 -44.28
C ALA L 240 68.41 35.95 -45.07
N THR L 241 68.66 35.68 -46.35
CA THR L 241 69.28 36.64 -47.26
C THR L 241 70.79 36.37 -47.19
N PRO L 242 71.49 36.46 -48.32
CA PRO L 242 72.93 36.22 -48.29
C PRO L 242 73.67 37.05 -47.24
N LEU L 243 73.02 38.10 -46.76
CA LEU L 243 73.65 38.97 -45.79
C LEU L 243 73.63 38.45 -44.36
N ASN L 244 72.51 37.86 -43.95
CA ASN L 244 72.38 37.37 -42.59
C ASN L 244 72.97 35.98 -42.36
N GLN L 245 73.41 35.32 -43.43
CA GLN L 245 74.02 33.99 -43.30
C GLN L 245 74.56 33.48 -44.62
N LYS L 246 75.58 32.62 -44.56
CA LYS L 246 76.20 32.09 -45.76
C LYS L 246 76.16 30.56 -45.80
N ALA L 247 74.99 30.02 -46.12
CA ALA L 247 74.78 28.58 -46.18
C ALA L 247 75.95 27.87 -46.84
N LEU L 248 76.41 28.40 -47.96
CA LEU L 248 77.52 27.79 -48.68
C LEU L 248 78.74 27.67 -47.79
N ALA L 249 79.03 28.74 -47.04
CA ALA L 249 80.18 28.74 -46.16
C ALA L 249 80.00 27.74 -45.04
N LEU L 250 78.76 27.53 -44.61
CA LEU L 250 78.50 26.59 -43.54
C LEU L 250 78.57 25.16 -44.04
N GLY L 251 78.94 25.00 -45.30
CA GLY L 251 79.06 23.66 -45.86
C GLY L 251 77.98 23.22 -46.81
N ALA L 252 76.88 23.97 -46.88
CA ALA L 252 75.79 23.62 -47.78
C ALA L 252 76.32 23.45 -49.19
N ASP L 253 75.68 22.58 -49.96
CA ASP L 253 76.09 22.34 -51.33
C ASP L 253 75.48 23.42 -52.21
N LEU L 254 74.19 23.66 -52.02
CA LEU L 254 73.46 24.64 -52.81
C LEU L 254 72.56 25.50 -51.96
N VAL L 255 72.53 26.79 -52.28
CA VAL L 255 71.69 27.74 -51.59
C VAL L 255 70.86 28.44 -52.64
N LEU L 256 69.56 28.51 -52.41
CA LEU L 256 68.67 29.16 -53.36
C LEU L 256 67.81 30.18 -52.66
N HIS L 257 67.42 31.21 -53.41
CA HIS L 257 66.60 32.28 -52.86
C HIS L 257 65.44 32.61 -53.80
N SER L 258 64.49 33.35 -53.26
CA SER L 258 63.35 33.81 -54.03
C SER L 258 63.57 35.31 -54.12
N ALA L 259 64.35 35.74 -55.11
CA ALA L 259 64.68 37.16 -55.30
C ALA L 259 63.43 38.02 -55.32
N THR L 260 62.27 37.40 -55.38
CA THR L 260 61.00 38.12 -55.36
C THR L 260 60.84 38.87 -54.06
N LYS L 261 61.45 38.35 -53.00
CA LYS L 261 61.36 38.93 -51.67
C LYS L 261 62.36 40.02 -51.32
N PHE L 262 63.44 39.64 -50.64
CA PHE L 262 64.45 40.60 -50.22
C PHE L 262 65.36 41.14 -51.31
N LEU L 263 65.96 40.25 -52.09
CA LEU L 263 66.85 40.66 -53.17
C LEU L 263 66.28 41.79 -54.02
N GLY L 264 65.06 41.63 -54.49
CA GLY L 264 64.43 42.68 -55.27
C GLY L 264 63.96 43.75 -54.30
N GLY L 265 63.48 43.30 -53.16
CA GLY L 265 63.02 44.19 -52.11
C GLY L 265 62.09 45.33 -52.44
N HIS L 266 61.43 45.32 -53.58
CA HIS L 266 60.53 46.42 -53.92
C HIS L 266 59.12 45.98 -54.33
N ASN L 267 58.84 44.68 -54.18
CA ASN L 267 57.53 44.11 -54.50
C ASN L 267 57.04 44.44 -55.91
N ASP L 268 57.90 44.31 -56.89
CA ASP L 268 57.51 44.60 -58.26
C ASP L 268 58.16 43.67 -59.27
N VAL L 269 58.64 42.53 -58.80
CA VAL L 269 59.30 41.57 -59.68
C VAL L 269 59.46 40.21 -59.04
N LEU L 270 59.34 39.16 -59.86
CA LEU L 270 59.50 37.79 -59.41
C LEU L 270 60.80 37.23 -60.00
N ALA L 271 61.44 36.33 -59.28
CA ALA L 271 62.69 35.75 -59.77
C ALA L 271 63.24 34.65 -58.87
N GLY L 272 63.71 33.58 -59.48
CA GLY L 272 64.29 32.49 -58.72
C GLY L 272 65.79 32.66 -58.77
N CYS L 273 66.52 31.99 -57.89
CA CYS L 273 67.97 32.13 -57.87
C CYS L 273 68.61 30.98 -57.12
N ILE L 274 69.66 30.41 -57.70
CA ILE L 274 70.37 29.29 -57.10
C ILE L 274 71.86 29.48 -57.29
N SER L 275 72.61 29.37 -56.21
CA SER L 275 74.05 29.54 -56.30
C SER L 275 74.76 28.33 -55.70
N GLY L 276 76.01 28.12 -56.10
CA GLY L 276 76.76 26.99 -55.60
C GLY L 276 77.95 26.63 -56.48
N PRO L 277 78.48 25.40 -56.36
CA PRO L 277 79.62 24.96 -57.16
C PRO L 277 79.25 24.78 -58.63
N LEU L 278 80.18 25.07 -59.51
CA LEU L 278 79.95 24.97 -60.95
C LEU L 278 79.48 23.58 -61.38
N LYS L 279 80.32 22.58 -61.12
CA LYS L 279 80.01 21.19 -61.46
C LYS L 279 78.54 20.85 -61.18
N LEU L 280 77.97 21.51 -60.18
CA LEU L 280 76.59 21.27 -59.78
C LEU L 280 75.62 22.19 -60.50
N VAL L 281 75.68 23.48 -60.20
CA VAL L 281 74.79 24.46 -60.81
C VAL L 281 74.67 24.29 -62.32
N SER L 282 75.79 24.02 -62.98
CA SER L 282 75.78 23.82 -64.44
C SER L 282 74.80 22.74 -64.85
N GLU L 283 74.84 21.60 -64.14
CA GLU L 283 73.95 20.49 -64.43
C GLU L 283 72.49 20.94 -64.43
N ILE L 284 72.19 21.96 -63.64
CA ILE L 284 70.83 22.48 -63.57
C ILE L 284 70.60 23.41 -64.75
N ARG L 285 71.56 24.30 -64.96
CA ARG L 285 71.49 25.26 -66.05
C ARG L 285 71.14 24.54 -67.34
N ASN L 286 71.68 23.33 -67.50
CA ASN L 286 71.41 22.54 -68.69
C ASN L 286 69.94 22.20 -68.82
N LEU L 287 69.37 21.63 -67.77
CA LEU L 287 67.94 21.30 -67.79
C LEU L 287 67.13 22.57 -67.92
N HIS L 288 67.65 23.67 -67.35
CA HIS L 288 66.97 24.95 -67.40
C HIS L 288 66.83 25.44 -68.84
N HIS L 289 67.88 25.21 -69.63
CA HIS L 289 67.89 25.61 -71.03
C HIS L 289 66.85 24.87 -71.84
N ILE L 290 66.09 24.00 -71.18
CA ILE L 290 65.07 23.25 -71.88
C ILE L 290 63.71 23.60 -71.31
N LEU L 291 63.58 23.57 -69.99
CA LEU L 291 62.30 23.88 -69.39
C LEU L 291 61.92 25.31 -69.73
N GLY L 292 62.91 26.08 -70.16
CA GLY L 292 62.67 27.46 -70.56
C GLY L 292 61.97 28.39 -69.58
N GLY L 293 62.56 28.56 -68.40
CA GLY L 293 61.99 29.46 -67.41
C GLY L 293 62.90 30.67 -67.29
N ALA L 294 63.57 31.00 -68.39
CA ALA L 294 64.49 32.14 -68.44
C ALA L 294 63.91 33.41 -67.85
N LEU L 295 64.79 34.25 -67.34
CA LEU L 295 64.37 35.51 -66.73
C LEU L 295 64.54 36.66 -67.70
N ASN L 296 63.52 37.52 -67.77
CA ASN L 296 63.56 38.68 -68.66
C ASN L 296 64.59 39.71 -68.21
N PRO L 297 65.34 40.29 -69.15
CA PRO L 297 66.36 41.29 -68.82
C PRO L 297 65.83 42.39 -67.90
N ASN L 298 64.75 43.03 -68.32
CA ASN L 298 64.17 44.10 -67.53
C ASN L 298 64.06 43.66 -66.06
N ALA L 299 63.51 42.47 -65.83
CA ALA L 299 63.36 41.95 -64.47
C ALA L 299 64.73 41.92 -63.83
N ALA L 300 65.69 41.34 -64.54
CA ALA L 300 67.05 41.24 -64.05
C ALA L 300 67.54 42.58 -63.55
N TYR L 301 67.49 43.58 -64.41
CA TYR L 301 67.94 44.91 -64.06
C TYR L 301 67.28 45.40 -62.77
N LEU L 302 65.95 45.30 -62.72
CA LEU L 302 65.21 45.74 -61.53
C LEU L 302 65.77 45.14 -60.25
N ILE L 303 66.27 43.91 -60.32
CA ILE L 303 66.84 43.29 -59.14
C ILE L 303 68.21 43.91 -58.88
N ILE L 304 69.01 44.02 -59.93
CA ILE L 304 70.32 44.62 -59.78
C ILE L 304 70.15 45.96 -59.08
N ARG L 305 69.18 46.73 -59.54
CA ARG L 305 68.90 48.03 -58.98
C ARG L 305 68.50 47.93 -57.52
N GLY L 306 67.67 46.93 -57.22
CA GLY L 306 67.23 46.74 -55.84
C GLY L 306 68.36 46.32 -54.93
N MET L 307 69.25 45.47 -55.45
CA MET L 307 70.36 44.99 -54.66
C MET L 307 71.38 46.08 -54.40
N LYS L 308 71.21 47.21 -55.09
CA LYS L 308 72.12 48.33 -54.91
C LYS L 308 72.02 48.81 -53.48
N THR L 309 70.85 48.61 -52.88
CA THR L 309 70.59 49.03 -51.51
C THR L 309 70.13 47.85 -50.69
N LEU L 310 70.74 46.69 -50.93
CA LEU L 310 70.38 45.48 -50.20
C LEU L 310 70.69 45.60 -48.71
N HIS L 311 71.95 45.85 -48.38
CA HIS L 311 72.34 45.95 -46.99
C HIS L 311 71.48 46.95 -46.23
N LEU L 312 71.44 48.19 -46.71
CA LEU L 312 70.65 49.23 -46.04
C LEU L 312 69.26 48.74 -45.67
N ARG L 313 68.58 48.10 -46.61
CA ARG L 313 67.23 47.62 -46.37
C ARG L 313 67.21 46.49 -45.33
N VAL L 314 68.11 45.52 -45.47
CA VAL L 314 68.15 44.41 -44.52
C VAL L 314 68.41 44.97 -43.13
N GLN L 315 69.50 45.72 -43.00
CA GLN L 315 69.90 46.32 -41.74
C GLN L 315 68.69 46.87 -41.00
N GLN L 316 67.97 47.78 -41.64
CA GLN L 316 66.80 48.39 -41.02
C GLN L 316 65.77 47.35 -40.63
N GLN L 317 65.50 46.42 -41.54
CA GLN L 317 64.49 45.39 -41.30
C GLN L 317 64.90 44.45 -40.18
N ASN L 318 66.18 44.11 -40.13
CA ASN L 318 66.68 43.22 -39.09
C ASN L 318 66.38 43.79 -37.72
N SER L 319 66.50 45.11 -37.60
CA SER L 319 66.22 45.78 -36.34
C SER L 319 64.72 45.80 -36.09
N THR L 320 64.03 46.73 -36.73
CA THR L 320 62.59 46.86 -36.58
C THR L 320 61.97 45.53 -36.14
N ALA L 321 62.19 44.49 -36.93
CA ALA L 321 61.66 43.17 -36.63
C ALA L 321 61.98 42.77 -35.19
N LEU L 322 63.26 42.55 -34.93
CA LEU L 322 63.74 42.17 -33.61
C LEU L 322 63.07 43.00 -32.51
N ARG L 323 63.30 44.31 -32.54
CA ARG L 323 62.72 45.19 -31.55
C ARG L 323 61.20 45.00 -31.44
N MET L 324 60.52 45.06 -32.58
CA MET L 324 59.08 44.89 -32.60
C MET L 324 58.70 43.54 -31.99
N ALA L 325 59.51 42.53 -32.28
CA ALA L 325 59.27 41.19 -31.77
C ALA L 325 59.18 41.23 -30.25
N GLU L 326 60.28 41.61 -29.62
CA GLU L 326 60.33 41.70 -28.17
C GLU L 326 59.10 42.42 -27.63
N ILE L 327 58.79 43.57 -28.21
CA ILE L 327 57.64 44.35 -27.78
C ILE L 327 56.36 43.52 -27.86
N LEU L 328 56.25 42.70 -28.90
CA LEU L 328 55.08 41.86 -29.07
C LEU L 328 55.01 40.77 -28.03
N GLU L 329 56.13 40.08 -27.83
CA GLU L 329 56.19 38.99 -26.85
C GLU L 329 55.74 39.47 -25.48
N ALA L 330 56.11 40.70 -25.14
CA ALA L 330 55.76 41.27 -23.86
C ALA L 330 54.29 41.68 -23.82
N HIS L 331 53.73 41.94 -24.99
CA HIS L 331 52.32 42.35 -25.05
C HIS L 331 51.41 41.26 -24.47
N PRO L 332 50.38 41.67 -23.71
CA PRO L 332 49.42 40.74 -23.09
C PRO L 332 48.49 40.05 -24.07
N LYS L 333 48.10 40.77 -25.12
CA LYS L 333 47.20 40.21 -26.12
C LYS L 333 47.93 39.29 -27.11
N VAL L 334 49.26 39.25 -27.02
CA VAL L 334 50.05 38.41 -27.91
C VAL L 334 50.34 37.09 -27.23
N ARG L 335 49.67 36.03 -27.68
CA ARG L 335 49.84 34.71 -27.10
C ARG L 335 51.23 34.09 -27.29
N HIS L 336 51.78 34.19 -28.49
CA HIS L 336 53.10 33.62 -28.78
C HIS L 336 53.80 34.35 -29.93
N VAL L 337 55.13 34.37 -29.90
CA VAL L 337 55.88 35.04 -30.95
C VAL L 337 57.01 34.18 -31.44
N TYR L 338 57.11 34.05 -32.76
CA TYR L 338 58.15 33.26 -33.40
C TYR L 338 59.15 34.21 -34.04
N TYR L 339 60.43 34.01 -33.72
CA TYR L 339 61.50 34.84 -34.27
C TYR L 339 62.84 34.35 -33.73
N PRO L 340 63.73 33.91 -34.61
CA PRO L 340 65.06 33.42 -34.23
C PRO L 340 65.83 34.36 -33.31
N GLY L 341 65.54 35.65 -33.42
CA GLY L 341 66.24 36.63 -32.60
C GLY L 341 65.94 36.47 -31.12
N LEU L 342 64.68 36.18 -30.81
CA LEU L 342 64.25 35.99 -29.43
C LEU L 342 64.91 34.78 -28.77
N GLN L 343 64.94 34.80 -27.44
CA GLN L 343 65.52 33.73 -26.67
C GLN L 343 64.51 32.61 -26.53
N SER L 344 63.24 32.95 -26.72
CA SER L 344 62.16 31.98 -26.62
C SER L 344 62.10 31.02 -27.81
N HIS L 345 62.73 31.41 -28.92
CA HIS L 345 62.73 30.55 -30.10
C HIS L 345 63.53 29.26 -29.89
N PRO L 346 62.94 28.12 -30.27
CA PRO L 346 63.54 26.79 -30.16
C PRO L 346 65.00 26.68 -30.59
N GLU L 347 65.35 27.21 -31.76
CA GLU L 347 66.72 27.13 -32.25
C GLU L 347 67.49 28.44 -32.16
N HIS L 348 67.11 29.29 -31.22
CA HIS L 348 67.76 30.57 -31.02
C HIS L 348 69.29 30.42 -30.91
N HIS L 349 69.74 29.39 -30.21
CA HIS L 349 71.16 29.17 -30.04
C HIS L 349 71.81 28.93 -31.39
N ILE L 350 71.12 28.21 -32.26
CA ILE L 350 71.64 27.91 -33.59
C ILE L 350 71.66 29.18 -34.42
N ALA L 351 70.53 29.88 -34.43
CA ALA L 351 70.42 31.12 -35.17
C ALA L 351 71.55 32.04 -34.75
N LYS L 352 71.76 32.15 -33.45
CA LYS L 352 72.80 33.00 -32.94
C LYS L 352 74.17 32.55 -33.41
N LYS L 353 74.29 31.26 -33.68
CA LYS L 353 75.58 30.70 -34.11
C LYS L 353 75.87 30.74 -35.60
N GLN L 354 74.85 30.72 -36.44
CA GLN L 354 75.07 30.75 -37.89
C GLN L 354 74.60 32.00 -38.60
N MET L 355 73.81 32.83 -37.93
CA MET L 355 73.31 34.06 -38.53
C MET L 355 73.96 35.28 -37.92
N THR L 356 73.68 36.44 -38.51
CA THR L 356 74.22 37.71 -38.03
C THR L 356 73.06 38.69 -37.87
N GLY L 357 71.89 38.28 -38.33
CA GLY L 357 70.70 39.08 -38.26
C GLY L 357 69.60 38.06 -38.28
N PHE L 358 68.35 38.46 -38.10
CA PHE L 358 67.27 37.48 -38.10
C PHE L 358 66.13 37.78 -39.04
N GLY L 359 66.44 38.37 -40.19
CA GLY L 359 65.41 38.69 -41.16
C GLY L 359 64.53 39.83 -40.71
N GLY L 360 63.37 39.97 -41.36
CA GLY L 360 62.47 41.03 -41.00
C GLY L 360 61.07 40.48 -40.86
N ALA L 361 60.96 39.18 -41.02
CA ALA L 361 59.67 38.53 -40.92
C ALA L 361 59.43 38.11 -39.47
N VAL L 362 58.24 38.40 -38.97
CA VAL L 362 57.90 38.03 -37.61
C VAL L 362 56.51 37.41 -37.54
N SER L 363 56.44 36.20 -37.00
CA SER L 363 55.17 35.50 -36.89
C SER L 363 54.77 35.48 -35.43
N PHE L 364 53.47 35.55 -35.16
CA PHE L 364 52.99 35.53 -33.80
C PHE L 364 51.51 35.22 -33.72
N GLU L 365 51.12 34.44 -32.72
CA GLU L 365 49.73 34.07 -32.54
C GLU L 365 49.06 35.10 -31.65
N VAL L 366 47.84 35.50 -32.01
CA VAL L 366 47.11 36.49 -31.23
C VAL L 366 46.13 35.81 -30.28
N ASP L 367 45.97 36.40 -29.10
CA ASP L 367 45.06 35.87 -28.09
C ASP L 367 43.61 36.05 -28.51
N GLY L 368 43.18 35.23 -29.46
CA GLY L 368 41.83 35.31 -29.96
C GLY L 368 41.56 34.17 -30.92
N ASP L 369 40.55 34.34 -31.77
CA ASP L 369 40.22 33.32 -32.74
C ASP L 369 40.26 33.91 -34.14
N LEU L 370 39.77 33.15 -35.10
CA LEU L 370 39.74 33.60 -36.49
C LEU L 370 39.28 35.05 -36.59
N LEU L 371 37.98 35.25 -36.43
CA LEU L 371 37.38 36.58 -36.52
C LEU L 371 38.11 37.66 -35.71
N THR L 372 38.60 37.30 -34.53
CA THR L 372 39.31 38.27 -33.70
C THR L 372 40.65 38.66 -34.33
N THR L 373 41.47 37.66 -34.62
CA THR L 373 42.76 37.90 -35.25
C THR L 373 42.53 38.77 -36.47
N ALA L 374 41.51 38.41 -37.25
CA ALA L 374 41.16 39.16 -38.45
C ALA L 374 40.92 40.61 -38.11
N LYS L 375 40.13 40.85 -37.07
CA LYS L 375 39.82 42.19 -36.62
C LYS L 375 41.12 42.96 -36.40
N PHE L 376 42.13 42.27 -35.91
CA PHE L 376 43.40 42.90 -35.66
C PHE L 376 43.97 43.43 -36.95
N VAL L 377 44.41 42.54 -37.82
CA VAL L 377 45.00 42.93 -39.10
C VAL L 377 44.18 44.00 -39.81
N ASP L 378 42.85 43.87 -39.77
CA ASP L 378 41.96 44.81 -40.42
C ASP L 378 42.16 46.22 -39.87
N ALA L 379 42.57 46.29 -38.61
CA ALA L 379 42.80 47.56 -37.94
C ALA L 379 44.10 48.23 -38.37
N LEU L 380 45.09 47.43 -38.75
CA LEU L 380 46.38 47.95 -39.19
C LEU L 380 46.22 48.95 -40.32
N LYS L 381 46.98 50.03 -40.28
CA LYS L 381 46.88 51.07 -41.29
C LYS L 381 48.02 51.15 -42.29
N ILE L 382 49.21 50.73 -41.89
CA ILE L 382 50.37 50.78 -42.78
C ILE L 382 50.60 49.57 -43.67
N PRO L 383 50.70 48.37 -43.07
CA PRO L 383 50.93 47.21 -43.92
C PRO L 383 49.79 46.85 -44.87
N TYR L 384 50.15 46.25 -45.99
CA TYR L 384 49.18 45.82 -46.98
C TYR L 384 48.84 44.38 -46.67
N ILE L 385 47.57 44.01 -46.78
CA ILE L 385 47.17 42.62 -46.52
C ILE L 385 47.41 41.83 -47.81
N ALA L 386 48.52 41.11 -47.86
CA ALA L 386 48.83 40.34 -49.06
C ALA L 386 49.97 39.34 -48.86
N PRO L 387 50.15 38.42 -49.82
CA PRO L 387 51.23 37.45 -49.70
C PRO L 387 52.57 38.14 -49.87
N SER L 388 53.63 37.37 -50.09
CA SER L 388 54.97 37.92 -50.26
C SER L 388 55.49 38.63 -49.02
N PHE L 389 56.75 39.08 -49.09
CA PHE L 389 57.39 39.76 -47.96
C PHE L 389 58.83 40.15 -48.31
N GLY L 390 59.37 41.12 -47.59
CA GLY L 390 60.74 41.53 -47.82
C GLY L 390 60.92 42.86 -48.51
N GLY L 391 59.82 43.43 -49.00
CA GLY L 391 59.91 44.71 -49.69
C GLY L 391 59.79 45.89 -48.75
N CYS L 392 60.17 47.06 -49.23
CA CYS L 392 60.09 48.28 -48.43
C CYS L 392 58.71 48.44 -47.81
N GLU L 393 57.66 48.14 -48.59
CA GLU L 393 56.30 48.25 -48.09
C GLU L 393 56.05 47.14 -47.07
N SER L 394 55.35 47.47 -45.98
CA SER L 394 55.09 46.47 -44.97
C SER L 394 53.89 45.62 -45.40
N ILE L 395 53.94 44.33 -45.06
CA ILE L 395 52.86 43.41 -45.43
C ILE L 395 52.47 42.49 -44.27
N VAL L 396 51.20 42.15 -44.21
CA VAL L 396 50.66 41.27 -43.17
C VAL L 396 49.68 40.28 -43.77
N ASP L 397 49.57 39.10 -43.16
CA ASP L 397 48.67 38.09 -43.65
C ASP L 397 48.37 37.03 -42.60
N GLN L 398 47.25 36.35 -42.76
CA GLN L 398 46.83 35.30 -41.84
C GLN L 398 46.96 33.96 -42.57
N PRO L 399 48.19 33.41 -42.64
CA PRO L 399 48.48 32.15 -43.31
C PRO L 399 47.30 31.19 -43.36
N ALA L 400 46.58 31.10 -42.24
CA ALA L 400 45.42 30.22 -42.16
C ALA L 400 44.51 30.47 -43.35
N ILE L 401 44.22 31.73 -43.60
CA ILE L 401 43.36 32.14 -44.70
C ILE L 401 44.15 32.41 -45.97
N MET L 402 45.20 33.21 -45.85
CA MET L 402 46.04 33.58 -46.98
C MET L 402 46.53 32.43 -47.87
N SER L 403 46.92 31.31 -47.26
CA SER L 403 47.43 30.19 -48.05
C SER L 403 47.03 28.79 -47.57
N TYR L 404 45.92 28.69 -46.86
CA TYR L 404 45.49 27.38 -46.36
C TYR L 404 43.98 27.31 -46.19
N TRP L 405 43.26 28.32 -46.68
CA TRP L 405 41.82 28.34 -46.54
C TRP L 405 41.15 27.22 -47.32
N ASP L 406 41.89 26.59 -48.22
CA ASP L 406 41.35 25.50 -49.02
C ASP L 406 41.26 24.22 -48.20
N LEU L 407 41.76 24.26 -46.97
CA LEU L 407 41.73 23.10 -46.07
C LEU L 407 40.80 23.27 -44.88
N SER L 408 40.52 22.16 -44.20
CA SER L 408 39.63 22.15 -43.03
C SER L 408 40.33 22.58 -41.75
N GLN L 409 39.56 23.12 -40.82
CA GLN L 409 40.10 23.58 -39.54
C GLN L 409 41.00 22.52 -38.95
N SER L 410 40.62 21.26 -39.14
CA SER L 410 41.39 20.13 -38.63
C SER L 410 42.66 19.91 -39.45
N ASP L 411 42.50 19.75 -40.76
CA ASP L 411 43.63 19.53 -41.65
C ASP L 411 44.61 20.72 -41.59
N ARG L 412 44.10 21.87 -41.15
CA ARG L 412 44.92 23.08 -41.04
C ARG L 412 45.88 22.94 -39.86
N ALA L 413 45.31 22.65 -38.70
CA ALA L 413 46.10 22.48 -37.48
C ALA L 413 47.09 21.34 -37.67
N LYS L 414 46.86 20.55 -38.72
CA LYS L 414 47.73 19.43 -39.02
C LYS L 414 49.16 19.93 -39.19
N TYR L 415 49.32 21.24 -39.37
CA TYR L 415 50.64 21.82 -39.55
C TYR L 415 50.86 23.15 -38.86
N GLY L 416 50.54 23.19 -37.58
CA GLY L 416 50.71 24.40 -36.78
C GLY L 416 49.93 25.61 -37.20
N ILE L 417 49.47 25.64 -38.45
CA ILE L 417 48.72 26.78 -38.94
C ILE L 417 47.46 27.01 -38.10
N MET L 418 47.51 28.03 -37.24
CA MET L 418 46.41 28.38 -36.37
C MET L 418 45.65 29.58 -36.94
N ASP L 419 44.42 29.77 -36.48
CA ASP L 419 43.63 30.90 -36.93
C ASP L 419 44.15 32.18 -36.28
N ASN L 420 45.02 32.02 -35.28
CA ASN L 420 45.59 33.17 -34.58
C ASN L 420 46.86 33.64 -35.29
N LEU L 421 47.63 32.66 -35.75
CA LEU L 421 48.89 32.94 -36.44
C LEU L 421 48.84 34.12 -37.41
N VAL L 422 49.77 35.04 -37.20
CA VAL L 422 49.88 36.23 -38.02
C VAL L 422 51.33 36.36 -38.46
N ARG L 423 51.53 36.66 -39.73
CA ARG L 423 52.88 36.81 -40.28
C ARG L 423 53.12 38.25 -40.69
N PHE L 424 53.93 38.96 -39.91
CA PHE L 424 54.24 40.35 -40.20
C PHE L 424 55.58 40.51 -40.89
N SER L 425 55.55 41.00 -42.12
CA SER L 425 56.78 41.23 -42.87
C SER L 425 57.07 42.71 -42.76
N PHE L 426 57.84 43.08 -41.76
CA PHE L 426 58.14 44.48 -41.58
C PHE L 426 58.84 45.07 -42.79
N GLY L 427 58.33 46.21 -43.24
CA GLY L 427 58.89 46.88 -44.39
C GLY L 427 60.12 47.68 -44.01
N VAL L 428 60.19 48.93 -44.47
CA VAL L 428 61.32 49.80 -44.18
C VAL L 428 60.85 51.11 -43.56
N GLU L 429 59.53 51.26 -43.43
CA GLU L 429 58.96 52.45 -42.83
C GLU L 429 59.60 52.67 -41.47
N ASP L 430 59.50 53.89 -40.95
CA ASP L 430 60.07 54.20 -39.65
C ASP L 430 59.52 53.29 -38.57
N PHE L 431 60.38 52.87 -37.65
CA PHE L 431 59.98 52.00 -36.56
C PHE L 431 58.82 52.57 -35.77
N ASP L 432 59.06 53.70 -35.10
CA ASP L 432 58.03 54.33 -34.31
C ASP L 432 56.69 54.31 -35.03
N ASP L 433 56.71 54.70 -36.29
CA ASP L 433 55.51 54.72 -37.10
C ASP L 433 54.85 53.34 -37.14
N LEU L 434 55.65 52.30 -37.31
CA LEU L 434 55.13 50.94 -37.37
C LEU L 434 54.59 50.51 -36.02
N LYS L 435 55.44 50.62 -35.00
CA LYS L 435 55.07 50.24 -33.64
C LYS L 435 53.72 50.84 -33.26
N ALA L 436 53.63 52.17 -33.36
CA ALA L 436 52.40 52.87 -33.03
C ALA L 436 51.22 52.20 -33.72
N ASP L 437 51.39 51.86 -34.98
CA ASP L 437 50.34 51.21 -35.76
C ASP L 437 50.01 49.90 -35.09
N ILE L 438 50.96 48.99 -35.11
CA ILE L 438 50.77 47.67 -34.52
C ILE L 438 50.04 47.77 -33.20
N LEU L 439 50.58 48.56 -32.28
CA LEU L 439 49.97 48.72 -30.98
C LEU L 439 48.53 49.19 -31.13
N GLN L 440 48.35 50.30 -31.84
CA GLN L 440 47.04 50.88 -32.05
C GLN L 440 46.01 49.81 -32.45
N ALA L 441 46.36 48.93 -33.36
CA ALA L 441 45.42 47.89 -33.76
C ALA L 441 45.18 46.97 -32.55
N LEU L 442 46.26 46.39 -32.03
CA LEU L 442 46.20 45.50 -30.88
C LEU L 442 45.32 46.05 -29.78
N ASP L 443 45.06 47.35 -29.82
CA ASP L 443 44.23 47.98 -28.81
C ASP L 443 42.76 47.86 -29.13
N SER L 444 42.41 47.92 -30.40
CA SER L 444 41.01 47.82 -30.82
C SER L 444 40.42 46.49 -30.33
N ILE L 445 41.25 45.67 -29.70
CA ILE L 445 40.83 44.39 -29.17
C ILE L 445 40.62 44.47 -27.66
#